data_7LRT
#
_entry.id   7LRT
#
_cell.length_a   1.00
_cell.length_b   1.00
_cell.length_c   1.00
_cell.angle_alpha   90.00
_cell.angle_beta   90.00
_cell.angle_gamma   90.00
#
_symmetry.space_group_name_H-M   'P 1'
#
loop_
_entity.id
_entity.type
_entity.pdbx_description
1 polymer 'antibody A23-58.1 heavy chain'
2 polymer 'antibody A23-58.1 light chain'
3 polymer 'SARS-CoV-2 spike glycoprotein'
4 branched beta-D-mannopyranose-(1-4)-2-acetamido-2-deoxy-beta-D-glucopyranose-(1-4)-2-acetamido-2-deoxy-beta-D-glucopyranose
5 branched 2-acetamido-2-deoxy-beta-D-glucopyranose-(1-4)-2-acetamido-2-deoxy-beta-D-glucopyranose
6 branched alpha-D-mannopyranose-(1-3)-[alpha-D-mannopyranose-(1-6)]beta-D-mannopyranose-(1-4)-2-acetamido-2-deoxy-beta-D-glucopyranose-(1-4)-2-acetamido-2-deoxy-beta-D-glucopyranose
7 non-polymer 2-acetamido-2-deoxy-beta-D-glucopyranose
#
loop_
_entity_poly.entity_id
_entity_poly.type
_entity_poly.pdbx_seq_one_letter_code
_entity_poly.pdbx_strand_id
1 'polypeptide(L)'
;QMQLVQSGPEVKKPGTSVKVSCKASGFTFTSSAVQWVRQARGQRLEWIGWIVVGSGNTNYAQKFQERVTITRDMSTSTAY
MELSSLRSEDTAVYYCAAPNCSNVVCYDGFDIWGQGTMVTVSSASTKGPSVFPLAPSSKSTSGGTAALGCLVKDYFPEPV
TVSWNSGALTSGVHTFPAVLQSSGLYSLSSVVTVPSSSLGTQTYICNVNHKPSNTKVDKKVEPKSCDK
;
F,H,D
2 'polypeptide(L)'
;EIVLTQSPGTLSLSPGERATLSCRASQSVSSSYLAWYQQKPGQAPRLLIYSASSRATGIPDRFSGSGSGTDFTLTISRLE
PEDFAVYFCQQYGTSPWTFGQGTKVEIKRTVAAPSVFIFPPSDEQLKSGTASVVCLLNNFYPREAKVQWKVDNALQSGNS
QESVTEQDSKDSTYSLSSTLTLSKADYEKHKVYACEVTHQGLSSPVTKSFNRGEC
;
G,L,E
3 'polypeptide(L)'
;QCVNLTTRTQLPPAYTNSFTRGVYYPDKVFRSSVLHSTQDLFLPFFSNVTWFHAIHVSGTNGTKRFDNPVLPFNDGVYFA
STEKSNIIRGWIFGTTLDSKTQSLLIVNNATNVVIKVCEFQFCNDPFLGVYYHKNNKSWMESEFRVYSSANNCTFEYVSQ
PFLMDLEGKQGNFKNLREFVFKNIDGYFKIYSKHTPINLVRDLPQGFSALEPLVDLPIGINITRFQTLLALHRSYLTPGD
SSSGWTAGAAAYYVGYLQPRTFLLKYNENGTITDAVDCALDPLSETKCTLKSFTVEKGIYQTSNFRVQPTESIVRFPNIT
NLCPFGEVFNATRFASVYAWNRKRISNCVADYSVLYNSASFSTFKCYGVSPTKLNDLCFTNVYADSFVIRGDEVRQIAPG
QTGKIADYNYKLPDDFTGCVIAWNSNNLDSKVGGNYNYLYRLFRKSNLKPFERDISTEIYQAGSTPCNGVEGFNCYFPLQ
SYGFQPTNGVGYQPYRVVVLSFELLHAPATVCGPKKSTNLVKNKCVNFNFNGLTGTGVLTESNKKFLPFQQFGRDIADTT
DAVRDPQTLEILDITPCSFGGVSVITPGTNTSNQVAVLYQDVNCTEVPVAIHADQLTPTWRVYSTGSNVFQTRAGCLIGA
EHVNNSYECDIPIGAGICASYQTQTNSPGSASSVASQSIIAYTMSLGAENSVAYSNNSIAIPTNFTISVTTEILPVSMTK
TSVDCTMYICGDSTECSNLLLQYGSFCTQLNRALTGIAVEQDKNTQEVFAQVKQIYKTPPIKDFGGFNFSQILPDPSKPS
KRSPIEDLLFNKVTLADAGFIKQYGDCLGDIAARDLICAQKFNGLTVLPPLLTDEMIAQYTSALLAGTITSGWTFGAGPA
LQIPFPMQMAYRFNGIGVTQNVLYENQKLIANQFNSAIGKIQDSLSSTPSALGKLQDVVNQNAQALNTLVKQLSSNFGAI
SSVLNDILSRLDPPEAEVQIDRLITGRLQSLQTYVTQQLIRAAEIRASANLAATKMSECVLGQSKRVDFCGKGYHLMSFP
QSAPHGVVFLHVTYVPAQEKNFTTAPAICHDGKAHFPREGVFVSNGTHWFVTQRNFYEPQIITTDNTFVSGNCDVVIGIV
NNTVYDPLQPELDSFKEELDKYFKNHTSPDVDLGDISGINASVVNIQKEIDRLNEVAKNLNESLIDLQELGKYEQ
;
A,B,C
#
loop_
_chem_comp.id
_chem_comp.type
_chem_comp.name
_chem_comp.formula
BMA D-saccharide, beta linking beta-D-mannopyranose 'C6 H12 O6'
MAN D-saccharide, alpha linking alpha-D-mannopyranose 'C6 H12 O6'
NAG D-saccharide, beta linking 2-acetamido-2-deoxy-beta-D-glucopyranose 'C8 H15 N O6'
#
# COMPACT_ATOMS: atom_id res chain seq x y z
N GLN A 1 -45.71 -20.89 53.28
CA GLN A 1 -46.69 -21.76 52.63
C GLN A 1 -47.85 -20.97 52.05
N MET A 2 -48.83 -21.68 51.51
CA MET A 2 -49.98 -21.08 50.86
C MET A 2 -51.21 -21.24 51.73
N GLN A 3 -51.91 -20.13 52.00
CA GLN A 3 -53.09 -20.15 52.86
C GLN A 3 -53.94 -18.93 52.52
N LEU A 4 -55.15 -18.91 53.08
CA LEU A 4 -56.08 -17.81 52.91
C LEU A 4 -56.53 -17.33 54.28
N VAL A 5 -56.77 -16.02 54.39
CA VAL A 5 -57.12 -15.38 55.65
C VAL A 5 -58.49 -14.74 55.51
N GLN A 6 -59.31 -14.83 56.55
CA GLN A 6 -60.63 -14.22 56.58
C GLN A 6 -60.71 -13.22 57.71
N SER A 7 -61.75 -12.38 57.66
CA SER A 7 -61.93 -11.32 58.64
C SER A 7 -62.40 -11.90 59.98
N GLY A 8 -62.67 -11.00 60.92
CA GLY A 8 -63.15 -11.40 62.22
C GLY A 8 -64.66 -11.49 62.28
N PRO A 9 -65.20 -12.01 63.38
CA PRO A 9 -66.65 -12.10 63.53
C PRO A 9 -67.29 -10.73 63.66
N GLU A 10 -68.55 -10.64 63.26
CA GLU A 10 -69.30 -9.39 63.29
C GLU A 10 -70.56 -9.54 64.13
N VAL A 11 -70.78 -8.56 65.01
CA VAL A 11 -72.01 -8.46 65.77
C VAL A 11 -72.69 -7.16 65.35
N LYS A 12 -73.91 -7.27 64.83
CA LYS A 12 -74.61 -6.13 64.26
C LYS A 12 -76.03 -6.00 64.79
N LYS A 13 -76.81 -5.12 64.20
CA LYS A 13 -78.19 -4.85 64.56
C LYS A 13 -79.06 -5.01 63.33
N PRO A 14 -80.35 -5.32 63.51
CA PRO A 14 -81.25 -5.44 62.36
C PRO A 14 -81.35 -4.13 61.58
N GLY A 15 -80.91 -4.17 60.33
CA GLY A 15 -80.96 -3.00 59.47
C GLY A 15 -79.61 -2.40 59.13
N THR A 16 -78.59 -3.25 58.97
CA THR A 16 -77.26 -2.80 58.61
C THR A 16 -76.61 -3.85 57.71
N SER A 17 -75.35 -3.62 57.37
CA SER A 17 -74.62 -4.48 56.44
C SER A 17 -73.30 -4.91 57.07
N VAL A 18 -72.72 -5.97 56.49
CA VAL A 18 -71.44 -6.52 56.94
C VAL A 18 -70.52 -6.68 55.74
N LYS A 19 -69.22 -6.75 56.02
CA LYS A 19 -68.22 -6.99 55.01
C LYS A 19 -67.27 -8.08 55.50
N VAL A 20 -67.01 -9.06 54.64
CA VAL A 20 -66.11 -10.17 54.95
C VAL A 20 -65.02 -10.19 53.89
N SER A 21 -63.77 -10.30 54.33
CA SER A 21 -62.61 -10.25 53.45
C SER A 21 -62.03 -11.64 53.27
N CYS A 22 -61.54 -11.92 52.07
CA CYS A 22 -60.86 -13.18 51.73
C CYS A 22 -59.50 -12.82 51.14
N LYS A 23 -58.50 -12.69 52.01
CA LYS A 23 -57.13 -12.34 51.58
C LYS A 23 -56.43 -13.62 51.16
N ALA A 24 -56.14 -13.71 49.88
CA ALA A 24 -55.44 -14.88 49.34
C ALA A 24 -53.94 -14.65 49.33
N SER A 25 -53.19 -15.74 49.49
CA SER A 25 -51.74 -15.67 49.50
C SER A 25 -51.17 -17.02 49.09
N GLY A 26 -49.97 -16.98 48.52
CA GLY A 26 -49.23 -18.18 48.18
C GLY A 26 -49.56 -18.82 46.86
N PHE A 27 -50.50 -18.26 46.09
CA PHE A 27 -50.87 -18.83 44.80
C PHE A 27 -51.31 -17.70 43.87
N THR A 28 -51.49 -18.06 42.60
CA THR A 28 -51.94 -17.11 41.59
C THR A 28 -53.43 -16.85 41.78
N PHE A 29 -53.74 -15.78 42.53
CA PHE A 29 -55.13 -15.38 42.74
C PHE A 29 -55.76 -14.73 41.52
N THR A 30 -54.93 -14.25 40.58
CA THR A 30 -55.46 -13.55 39.42
C THR A 30 -56.35 -14.45 38.57
N SER A 31 -55.90 -15.67 38.30
CA SER A 31 -56.67 -16.64 37.52
C SER A 31 -57.33 -17.61 38.49
N SER A 32 -58.44 -17.16 39.06
CA SER A 32 -59.16 -17.94 40.07
C SER A 32 -60.55 -17.36 40.24
N ALA A 33 -61.30 -17.92 41.18
CA ALA A 33 -62.63 -17.46 41.52
C ALA A 33 -62.89 -17.75 42.99
N VAL A 34 -63.85 -17.05 43.57
CA VAL A 34 -64.20 -17.25 44.98
C VAL A 34 -65.70 -17.51 45.10
N GLN A 35 -66.05 -18.53 45.88
CA GLN A 35 -67.42 -18.92 46.14
C GLN A 35 -67.79 -18.60 47.58
N TRP A 36 -68.92 -17.94 47.76
CA TRP A 36 -69.42 -17.56 49.08
C TRP A 36 -70.63 -18.40 49.42
N VAL A 37 -70.58 -19.05 50.58
CA VAL A 37 -71.66 -19.89 51.08
C VAL A 37 -72.05 -19.41 52.47
N ARG A 38 -73.06 -20.06 53.05
CA ARG A 38 -73.54 -19.72 54.38
C ARG A 38 -73.89 -21.00 55.12
N GLN A 39 -73.39 -21.15 56.35
CA GLN A 39 -73.75 -22.23 57.24
C GLN A 39 -74.27 -21.68 58.55
N ALA A 40 -75.33 -22.29 59.07
CA ALA A 40 -75.88 -21.90 60.35
C ALA A 40 -75.25 -22.76 61.46
N ARG A 41 -75.82 -22.70 62.67
CA ARG A 41 -75.27 -23.43 63.81
C ARG A 41 -75.66 -24.91 63.66
N GLY A 42 -74.75 -25.68 63.05
CA GLY A 42 -74.97 -27.10 62.86
C GLY A 42 -76.13 -27.43 61.94
N GLN A 43 -76.22 -26.73 60.82
CA GLN A 43 -77.30 -26.91 59.86
C GLN A 43 -76.71 -27.32 58.51
N ARG A 44 -77.58 -27.42 57.51
CA ARG A 44 -77.15 -27.79 56.17
C ARG A 44 -76.40 -26.64 55.51
N LEU A 45 -75.40 -27.00 54.70
CA LEU A 45 -74.66 -26.01 53.93
C LEU A 45 -75.57 -25.37 52.88
N GLU A 46 -75.40 -24.06 52.70
CA GLU A 46 -76.19 -23.29 51.76
C GLU A 46 -75.26 -22.69 50.71
N TRP A 47 -75.82 -21.84 49.85
CA TRP A 47 -75.08 -21.15 48.81
C TRP A 47 -75.49 -19.69 48.76
N ILE A 48 -74.51 -18.81 48.61
CA ILE A 48 -74.77 -17.38 48.49
C ILE A 48 -74.44 -16.94 47.07
N GLY A 49 -73.37 -17.49 46.50
CA GLY A 49 -73.04 -17.20 45.12
C GLY A 49 -71.55 -17.37 44.87
N TRP A 50 -71.07 -16.77 43.78
CA TRP A 50 -69.64 -16.77 43.51
C TRP A 50 -69.31 -15.66 42.53
N ILE A 51 -68.02 -15.33 42.48
CA ILE A 51 -67.50 -14.32 41.57
C ILE A 51 -66.15 -14.81 41.03
N VAL A 52 -65.72 -14.19 39.93
CA VAL A 52 -64.46 -14.52 39.27
C VAL A 52 -63.49 -13.37 39.51
N VAL A 53 -62.29 -13.71 39.98
CA VAL A 53 -61.26 -12.70 40.22
C VAL A 53 -60.83 -12.03 38.91
N GLY A 54 -60.80 -12.79 37.82
CA GLY A 54 -60.48 -12.21 36.52
C GLY A 54 -61.48 -11.20 35.99
N SER A 55 -62.51 -10.88 36.78
CA SER A 55 -63.47 -9.81 36.48
C SER A 55 -64.39 -10.18 35.31
N GLY A 56 -65.60 -9.61 35.32
CA GLY A 56 -66.53 -9.82 34.24
C GLY A 56 -67.46 -11.00 34.40
N ASN A 57 -67.59 -11.54 35.62
CA ASN A 57 -68.47 -12.69 35.84
C ASN A 57 -68.86 -12.72 37.31
N THR A 58 -70.15 -12.55 37.58
CA THR A 58 -70.72 -12.72 38.90
C THR A 58 -71.88 -13.70 38.81
N ASN A 59 -72.23 -14.33 39.93
CA ASN A 59 -73.40 -15.19 39.97
C ASN A 59 -73.95 -15.22 41.38
N TYR A 60 -75.26 -15.10 41.50
CA TYR A 60 -75.95 -15.11 42.77
C TYR A 60 -77.08 -16.13 42.73
N ALA A 61 -77.40 -16.69 43.90
CA ALA A 61 -78.52 -17.60 44.01
C ALA A 61 -79.83 -16.84 43.82
N GLN A 62 -80.88 -17.59 43.48
CA GLN A 62 -82.18 -16.96 43.26
C GLN A 62 -82.71 -16.34 44.54
N LYS A 63 -82.51 -17.00 45.69
CA LYS A 63 -82.94 -16.44 46.96
C LYS A 63 -82.15 -15.18 47.30
N PHE A 64 -80.88 -15.12 46.91
CA PHE A 64 -80.02 -13.98 47.17
C PHE A 64 -79.73 -13.19 45.90
N GLN A 65 -80.75 -13.02 45.05
CA GLN A 65 -80.60 -12.18 43.87
C GLN A 65 -80.33 -10.73 44.28
N GLU A 66 -81.00 -10.27 45.33
CA GLU A 66 -80.77 -8.94 45.90
C GLU A 66 -80.14 -9.09 47.29
N ARG A 67 -79.96 -7.96 47.95
CA ARG A 67 -79.46 -7.84 49.32
C ARG A 67 -78.00 -8.27 49.46
N VAL A 68 -77.34 -8.70 48.39
CA VAL A 68 -75.95 -9.13 48.46
C VAL A 68 -75.21 -8.59 47.23
N THR A 69 -74.00 -8.08 47.46
CA THR A 69 -73.13 -7.60 46.39
C THR A 69 -71.73 -8.16 46.62
N ILE A 70 -71.11 -8.62 45.55
CA ILE A 70 -69.75 -9.17 45.62
C ILE A 70 -68.83 -8.19 44.90
N THR A 71 -67.95 -7.55 45.66
CA THR A 71 -66.88 -6.74 45.10
C THR A 71 -65.57 -7.52 45.16
N ARG A 72 -64.72 -7.30 44.15
CA ARG A 72 -63.51 -8.08 43.99
C ARG A 72 -62.25 -7.32 44.42
N ASP A 73 -62.03 -6.12 43.87
CA ASP A 73 -60.82 -5.33 44.08
C ASP A 73 -59.59 -6.04 43.51
N MET A 74 -58.56 -5.28 43.17
CA MET A 74 -57.33 -5.84 42.61
C MET A 74 -56.06 -5.34 43.27
N SER A 75 -56.08 -4.15 43.88
CA SER A 75 -54.87 -3.63 44.52
C SER A 75 -54.41 -4.51 45.67
N THR A 76 -55.35 -4.97 46.49
CA THR A 76 -55.04 -5.82 47.63
C THR A 76 -55.16 -7.30 47.32
N SER A 77 -55.66 -7.66 46.13
CA SER A 77 -55.77 -9.06 45.69
C SER A 77 -56.55 -9.91 46.69
N THR A 78 -57.66 -9.39 47.18
CA THR A 78 -58.53 -10.09 48.10
C THR A 78 -59.92 -10.27 47.48
N ALA A 79 -60.85 -10.78 48.28
CA ALA A 79 -62.24 -10.94 47.87
C ALA A 79 -63.14 -10.34 48.95
N TYR A 80 -64.18 -9.63 48.52
CA TYR A 80 -65.05 -8.91 49.43
C TYR A 80 -66.51 -9.32 49.22
N MET A 81 -67.27 -9.24 50.31
CA MET A 81 -68.69 -9.55 50.32
C MET A 81 -69.42 -8.48 51.11
N GLU A 82 -70.57 -8.03 50.60
CA GLU A 82 -71.41 -7.08 51.31
C GLU A 82 -72.85 -7.54 51.22
N LEU A 83 -73.46 -7.84 52.36
CA LEU A 83 -74.85 -8.25 52.45
C LEU A 83 -75.63 -7.14 53.15
N SER A 84 -76.68 -6.64 52.51
CA SER A 84 -77.45 -5.52 53.01
C SER A 84 -78.79 -5.99 53.56
N SER A 85 -79.41 -5.12 54.37
CA SER A 85 -80.70 -5.38 55.00
C SER A 85 -80.64 -6.67 55.85
N LEU A 86 -79.78 -6.63 56.86
CA LEU A 86 -79.58 -7.78 57.73
C LEU A 86 -80.83 -8.05 58.56
N ARG A 87 -81.15 -9.33 58.71
CA ARG A 87 -82.30 -9.78 59.48
C ARG A 87 -81.86 -10.77 60.55
N SER A 88 -82.71 -10.96 61.55
CA SER A 88 -82.36 -11.85 62.67
C SER A 88 -82.22 -13.30 62.23
N GLU A 89 -82.73 -13.67 61.06
CA GLU A 89 -82.52 -14.99 60.52
C GLU A 89 -81.17 -15.15 59.86
N ASP A 90 -80.39 -14.07 59.76
CA ASP A 90 -79.07 -14.10 59.14
C ASP A 90 -77.94 -14.32 60.15
N THR A 91 -78.26 -14.50 61.43
CA THR A 91 -77.24 -14.84 62.42
C THR A 91 -76.71 -16.23 62.11
N ALA A 92 -75.51 -16.30 61.55
CA ALA A 92 -74.98 -17.56 61.04
C ALA A 92 -73.47 -17.42 60.89
N VAL A 93 -72.87 -18.38 60.19
CA VAL A 93 -71.43 -18.42 59.96
C VAL A 93 -71.18 -18.40 58.46
N TYR A 94 -70.35 -17.46 58.02
CA TYR A 94 -70.01 -17.29 56.61
C TYR A 94 -68.60 -17.79 56.36
N TYR A 95 -68.43 -18.55 55.28
CA TYR A 95 -67.15 -19.15 54.91
C TYR A 95 -66.66 -18.55 53.60
N CYS A 96 -65.54 -19.08 53.12
CA CYS A 96 -64.90 -18.60 51.90
C CYS A 96 -64.37 -19.79 51.12
N ALA A 97 -64.19 -19.60 49.81
CA ALA A 97 -63.71 -20.68 48.97
C ALA A 97 -62.84 -20.10 47.86
N ALA A 98 -61.91 -20.93 47.38
CA ALA A 98 -61.00 -20.59 46.29
C ALA A 98 -60.23 -21.82 45.82
N PRO A 99 -59.96 -21.95 44.53
CA PRO A 99 -59.15 -23.06 44.04
C PRO A 99 -57.67 -22.73 44.02
N ASN A 100 -56.86 -23.77 44.18
CA ASN A 100 -55.40 -23.62 44.18
C ASN A 100 -54.90 -23.66 42.74
N CYS A 101 -55.09 -22.54 42.04
CA CYS A 101 -54.64 -22.42 40.67
C CYS A 101 -53.20 -21.91 40.63
N SER A 102 -52.40 -22.48 39.72
CA SER A 102 -51.00 -22.12 39.56
C SER A 102 -50.75 -21.82 38.08
N ASN A 103 -51.02 -20.58 37.67
CA ASN A 103 -50.71 -20.09 36.34
C ASN A 103 -51.37 -20.92 35.25
N VAL A 104 -50.62 -21.87 34.68
CA VAL A 104 -51.10 -22.61 33.52
C VAL A 104 -52.27 -23.52 33.88
N VAL A 105 -52.25 -24.11 35.08
CA VAL A 105 -53.26 -25.07 35.49
C VAL A 105 -53.99 -24.54 36.71
N CYS A 106 -55.32 -24.62 36.67
CA CYS A 106 -56.17 -24.26 37.80
C CYS A 106 -56.74 -25.53 38.41
N TYR A 107 -56.64 -25.64 39.73
CA TYR A 107 -57.18 -26.80 40.43
C TYR A 107 -58.69 -26.85 40.28
N ASP A 108 -59.22 -28.06 40.13
CA ASP A 108 -60.64 -28.25 39.82
C ASP A 108 -61.53 -28.21 41.05
N GLY A 109 -60.96 -28.04 42.25
CA GLY A 109 -61.74 -27.94 43.45
C GLY A 109 -61.34 -26.73 44.26
N PHE A 110 -62.24 -26.33 45.17
CA PHE A 110 -61.98 -25.23 46.08
C PHE A 110 -61.21 -25.77 47.27
N ASP A 111 -59.90 -25.96 47.05
CA ASP A 111 -59.06 -26.63 48.05
C ASP A 111 -58.95 -25.82 49.33
N ILE A 112 -58.73 -24.51 49.21
CA ILE A 112 -58.57 -23.65 50.38
C ILE A 112 -59.91 -23.04 50.74
N TRP A 113 -60.17 -22.92 52.04
CA TRP A 113 -61.39 -22.34 52.55
C TRP A 113 -61.05 -21.33 53.64
N GLY A 114 -61.89 -20.32 53.78
CA GLY A 114 -61.66 -19.30 54.78
C GLY A 114 -61.83 -19.83 56.20
N GLN A 115 -61.21 -19.12 57.14
CA GLN A 115 -61.29 -19.52 58.54
C GLN A 115 -62.70 -19.41 59.11
N GLY A 116 -63.57 -18.65 58.46
CA GLY A 116 -64.96 -18.59 58.88
C GLY A 116 -65.28 -17.46 59.83
N THR A 117 -66.11 -16.51 59.38
CA THR A 117 -66.60 -15.45 60.23
C THR A 117 -67.99 -15.81 60.74
N MET A 118 -68.42 -15.14 61.81
CA MET A 118 -69.75 -15.39 62.35
C MET A 118 -70.44 -14.06 62.56
N VAL A 119 -71.63 -13.91 61.97
CA VAL A 119 -72.42 -12.69 62.09
C VAL A 119 -73.60 -12.96 63.02
N THR A 120 -73.78 -12.08 63.99
CA THR A 120 -74.82 -12.22 65.00
C THR A 120 -75.55 -10.89 65.12
N VAL A 121 -76.85 -10.89 64.83
CA VAL A 121 -77.67 -9.69 64.94
C VAL A 121 -78.75 -9.92 65.99
N SER A 122 -78.93 -8.94 66.87
CA SER A 122 -79.91 -9.02 67.93
C SER A 122 -80.26 -7.60 68.37
N SER A 123 -81.17 -7.47 69.34
CA SER A 123 -81.60 -6.17 69.82
C SER A 123 -80.48 -5.47 70.58
N GLU B 1 -86.92 -30.35 40.16
CA GLU B 1 -85.97 -29.52 40.90
C GLU B 1 -84.59 -30.16 40.90
N ILE B 2 -83.59 -29.40 41.33
CA ILE B 2 -82.23 -29.89 41.50
C ILE B 2 -82.00 -30.13 42.99
N VAL B 3 -81.76 -31.39 43.36
CA VAL B 3 -81.54 -31.76 44.74
C VAL B 3 -80.31 -32.66 44.81
N LEU B 4 -79.67 -32.66 45.98
CA LEU B 4 -78.54 -33.52 46.27
C LEU B 4 -78.79 -34.29 47.56
N THR B 5 -80.00 -34.83 47.67
CA THR B 5 -80.38 -35.57 48.86
C THR B 5 -79.58 -36.86 48.99
N GLN B 6 -79.29 -37.23 50.24
CA GLN B 6 -78.47 -38.39 50.55
C GLN B 6 -79.33 -39.43 51.26
N SER B 7 -79.41 -40.63 50.69
CA SER B 7 -80.30 -41.66 51.21
C SER B 7 -79.96 -42.12 52.63
N PRO B 8 -78.72 -42.44 52.98
CA PRO B 8 -78.47 -42.99 54.33
C PRO B 8 -78.38 -41.86 55.36
N GLY B 9 -79.26 -41.92 56.35
CA GLY B 9 -79.31 -40.86 57.36
C GLY B 9 -78.16 -40.87 58.33
N THR B 10 -78.07 -41.90 59.17
CA THR B 10 -77.01 -42.03 60.15
C THR B 10 -76.49 -43.46 60.16
N LEU B 11 -75.22 -43.61 60.50
CA LEU B 11 -74.57 -44.91 60.54
C LEU B 11 -73.90 -45.09 61.89
N SER B 12 -74.04 -46.28 62.47
CA SER B 12 -73.49 -46.58 63.79
C SER B 12 -72.89 -47.97 63.75
N LEU B 13 -71.56 -48.04 63.75
CA LEU B 13 -70.87 -49.32 63.67
C LEU B 13 -69.45 -49.15 64.21
N SER B 14 -68.85 -50.27 64.61
CA SER B 14 -67.49 -50.29 65.11
C SER B 14 -66.50 -50.02 63.98
N PRO B 15 -65.27 -49.62 64.30
CA PRO B 15 -64.26 -49.41 63.26
C PRO B 15 -64.07 -50.65 62.39
N GLY B 16 -63.95 -50.42 61.09
CA GLY B 16 -63.94 -51.51 60.11
C GLY B 16 -65.31 -51.65 59.48
N GLU B 17 -65.47 -51.10 58.28
CA GLU B 17 -66.80 -50.95 57.70
C GLU B 17 -66.66 -50.59 56.23
N ARG B 18 -67.61 -51.07 55.41
CA ARG B 18 -67.63 -50.70 54.00
C ARG B 18 -67.85 -49.20 53.83
N ALA B 19 -68.75 -48.63 54.64
CA ALA B 19 -69.01 -47.19 54.65
C ALA B 19 -69.42 -46.68 53.27
N THR B 20 -70.55 -47.20 52.79
CA THR B 20 -71.10 -46.79 51.50
C THR B 20 -72.12 -45.68 51.72
N LEU B 21 -71.90 -44.54 51.09
CA LEU B 21 -72.79 -43.39 51.18
C LEU B 21 -73.27 -43.03 49.79
N SER B 22 -74.57 -42.86 49.64
CA SER B 22 -75.19 -42.60 48.35
C SER B 22 -75.72 -41.18 48.29
N CYS B 23 -75.61 -40.56 47.11
CA CYS B 23 -75.96 -39.16 46.90
C CYS B 23 -76.82 -39.01 45.65
N ARG B 24 -77.89 -39.81 45.58
CA ARG B 24 -78.77 -39.80 44.42
C ARG B 24 -79.34 -38.40 44.18
N ALA B 25 -79.31 -37.96 42.93
CA ALA B 25 -79.82 -36.66 42.54
C ALA B 25 -81.10 -36.83 41.72
N SER B 26 -81.68 -35.69 41.32
CA SER B 26 -82.89 -35.67 40.52
C SER B 26 -82.64 -35.22 39.09
N GLN B 27 -82.01 -34.05 38.90
CA GLN B 27 -81.70 -33.55 37.57
C GLN B 27 -80.43 -34.20 37.05
N SER B 28 -80.42 -34.50 35.76
CA SER B 28 -79.22 -35.03 35.12
C SER B 28 -78.16 -33.95 35.04
N VAL B 29 -76.91 -34.33 35.35
CA VAL B 29 -75.80 -33.39 35.36
C VAL B 29 -74.52 -34.12 34.96
N SER B 30 -73.61 -33.39 34.33
CA SER B 30 -72.35 -33.98 33.86
C SER B 30 -71.49 -34.41 35.03
N SER B 31 -70.78 -35.53 34.85
CA SER B 31 -69.93 -36.11 35.89
C SER B 31 -68.49 -35.60 35.80
N SER B 32 -68.34 -34.28 35.76
CA SER B 32 -67.02 -33.65 35.76
C SER B 32 -66.89 -32.50 36.74
N TYR B 33 -67.98 -32.02 37.33
CA TYR B 33 -67.97 -30.91 38.28
C TYR B 33 -68.75 -31.36 39.52
N LEU B 34 -68.06 -32.03 40.43
CA LEU B 34 -68.69 -32.56 41.63
C LEU B 34 -67.64 -32.78 42.69
N ALA B 35 -68.00 -32.51 43.94
CA ALA B 35 -67.05 -32.60 45.05
C ALA B 35 -67.73 -33.18 46.28
N TRP B 36 -66.91 -33.83 47.11
CA TRP B 36 -67.33 -34.37 48.40
C TRP B 36 -66.51 -33.70 49.49
N TYR B 37 -67.18 -33.16 50.50
CA TYR B 37 -66.55 -32.45 51.59
C TYR B 37 -66.76 -33.21 52.90
N GLN B 38 -65.82 -33.06 53.81
CA GLN B 38 -65.95 -33.59 55.17
C GLN B 38 -65.77 -32.44 56.15
N GLN B 39 -66.77 -32.25 57.00
CA GLN B 39 -66.77 -31.16 57.99
C GLN B 39 -66.77 -31.77 59.38
N LYS B 40 -65.58 -31.99 59.93
CA LYS B 40 -65.47 -32.40 61.32
C LYS B 40 -65.90 -31.24 62.22
N PRO B 41 -66.82 -31.44 63.15
CA PRO B 41 -67.33 -30.32 63.95
C PRO B 41 -66.21 -29.60 64.69
N GLY B 42 -66.27 -28.28 64.66
CA GLY B 42 -65.27 -27.44 65.30
C GLY B 42 -64.21 -26.87 64.39
N GLN B 43 -64.31 -27.10 63.08
CA GLN B 43 -63.30 -26.60 62.14
C GLN B 43 -63.91 -26.49 60.76
N ALA B 44 -63.20 -25.77 59.88
CA ALA B 44 -63.70 -25.52 58.54
C ALA B 44 -63.70 -26.81 57.71
N PRO B 45 -64.60 -26.92 56.74
CA PRO B 45 -64.66 -28.13 55.92
C PRO B 45 -63.42 -28.29 55.05
N ARG B 46 -63.12 -29.54 54.70
CA ARG B 46 -61.99 -29.90 53.86
C ARG B 46 -62.47 -30.72 52.68
N LEU B 47 -61.88 -30.48 51.51
CA LEU B 47 -62.20 -31.23 50.31
C LEU B 47 -61.53 -32.61 50.35
N LEU B 48 -62.28 -33.63 49.90
CA LEU B 48 -61.79 -35.00 49.87
C LEU B 48 -61.66 -35.54 48.46
N ILE B 49 -62.74 -35.52 47.68
CA ILE B 49 -62.75 -36.07 46.33
C ILE B 49 -63.41 -35.08 45.39
N TYR B 50 -62.81 -34.87 44.24
CA TYR B 50 -63.34 -33.97 43.21
C TYR B 50 -63.49 -34.75 41.91
N SER B 51 -64.38 -34.23 41.05
CA SER B 51 -64.67 -34.84 39.74
C SER B 51 -65.10 -36.29 39.89
N ALA B 52 -65.88 -36.58 40.94
CA ALA B 52 -66.49 -37.88 41.17
C ALA B 52 -65.44 -38.97 41.37
N SER B 53 -64.73 -39.34 40.31
CA SER B 53 -63.75 -40.43 40.35
C SER B 53 -62.35 -39.83 40.22
N SER B 54 -61.78 -39.45 41.35
CA SER B 54 -60.43 -38.91 41.42
C SER B 54 -60.02 -38.89 42.90
N ARG B 55 -58.88 -38.27 43.17
CA ARG B 55 -58.37 -38.16 44.54
C ARG B 55 -57.79 -36.77 44.74
N ALA B 56 -57.73 -36.36 46.01
CA ALA B 56 -57.15 -35.07 46.37
C ALA B 56 -55.63 -35.19 46.38
N THR B 57 -54.95 -34.13 46.82
CA THR B 57 -53.49 -34.17 46.90
C THR B 57 -53.03 -35.24 47.89
N GLY B 58 -53.69 -35.34 49.03
CA GLY B 58 -53.39 -36.38 49.99
C GLY B 58 -54.59 -36.79 50.81
N ILE B 59 -54.91 -38.08 50.79
CA ILE B 59 -56.06 -38.61 51.53
C ILE B 59 -55.66 -39.94 52.18
N PRO B 60 -56.22 -40.28 53.33
CA PRO B 60 -55.93 -41.57 53.95
C PRO B 60 -56.92 -42.64 53.53
N ASP B 61 -56.59 -43.88 53.90
CA ASP B 61 -57.46 -45.05 53.70
C ASP B 61 -57.74 -45.34 52.24
N ARG B 62 -57.09 -44.59 51.33
CA ARG B 62 -57.25 -44.77 49.89
C ARG B 62 -58.72 -44.69 49.48
N PHE B 63 -59.29 -43.49 49.68
CA PHE B 63 -60.71 -43.28 49.40
C PHE B 63 -60.99 -43.50 47.91
N SER B 64 -62.11 -44.18 47.63
CA SER B 64 -62.53 -44.44 46.26
C SER B 64 -64.04 -44.29 46.17
N GLY B 65 -64.53 -44.04 44.95
CA GLY B 65 -65.95 -43.91 44.72
C GLY B 65 -66.28 -43.56 43.29
N SER B 66 -67.29 -44.22 42.72
CA SER B 66 -67.67 -43.97 41.34
C SER B 66 -69.17 -44.21 41.18
N GLY B 67 -69.75 -43.54 40.18
CA GLY B 67 -71.16 -43.68 39.90
C GLY B 67 -71.51 -43.37 38.46
N SER B 68 -72.61 -42.64 38.25
CA SER B 68 -73.04 -42.27 36.90
C SER B 68 -73.34 -40.77 36.90
N GLY B 69 -73.96 -40.32 35.81
CA GLY B 69 -74.29 -38.90 35.69
C GLY B 69 -75.28 -38.45 36.75
N THR B 70 -76.26 -39.29 37.06
CA THR B 70 -77.29 -38.97 38.05
C THR B 70 -77.13 -39.77 39.34
N ASP B 71 -76.13 -40.65 39.40
CA ASP B 71 -75.93 -41.48 40.59
C ASP B 71 -74.48 -41.37 41.03
N PHE B 72 -74.27 -40.97 42.28
CA PHE B 72 -72.93 -40.85 42.85
C PHE B 72 -72.89 -41.51 44.22
N THR B 73 -71.74 -42.08 44.55
CA THR B 73 -71.58 -42.75 45.83
C THR B 73 -70.11 -42.69 46.24
N LEU B 74 -69.89 -42.90 47.54
CA LEU B 74 -68.55 -42.92 48.11
C LEU B 74 -68.41 -44.13 49.01
N THR B 75 -67.34 -44.90 48.81
CA THR B 75 -67.06 -46.07 49.63
C THR B 75 -65.74 -45.89 50.37
N ILE B 76 -65.74 -46.21 51.66
CA ILE B 76 -64.57 -46.05 52.52
C ILE B 76 -64.29 -47.42 53.12
N SER B 77 -63.40 -48.19 52.48
CA SER B 77 -63.08 -49.52 52.98
C SER B 77 -62.26 -49.41 54.26
N ARG B 78 -62.65 -50.18 55.28
CA ARG B 78 -61.97 -50.23 56.57
C ARG B 78 -61.89 -48.83 57.20
N LEU B 79 -63.07 -48.32 57.53
CA LEU B 79 -63.20 -46.97 58.09
C LEU B 79 -62.37 -46.84 59.36
N GLU B 80 -61.37 -45.95 59.31
CA GLU B 80 -60.49 -45.74 60.44
C GLU B 80 -61.25 -45.06 61.59
N PRO B 81 -60.89 -45.38 62.85
CA PRO B 81 -61.56 -44.70 63.98
C PRO B 81 -61.39 -43.19 63.97
N GLU B 82 -60.30 -42.68 63.41
CA GLU B 82 -60.11 -41.23 63.35
C GLU B 82 -61.15 -40.58 62.43
N ASP B 83 -61.46 -41.21 61.31
CA ASP B 83 -62.39 -40.65 60.32
C ASP B 83 -63.81 -40.86 60.82
N PHE B 84 -64.36 -39.85 61.51
CA PHE B 84 -65.74 -39.89 61.98
C PHE B 84 -66.25 -38.46 61.95
N ALA B 85 -66.92 -38.08 60.86
CA ALA B 85 -67.35 -36.70 60.67
C ALA B 85 -68.53 -36.69 59.70
N VAL B 86 -68.86 -35.49 59.22
CA VAL B 86 -70.03 -35.26 58.37
C VAL B 86 -69.58 -35.16 56.92
N TYR B 87 -70.27 -35.88 56.03
CA TYR B 87 -69.98 -35.87 54.60
C TYR B 87 -71.05 -35.07 53.88
N PHE B 88 -70.62 -34.17 53.00
CA PHE B 88 -71.50 -33.31 52.24
C PHE B 88 -71.21 -33.44 50.74
N CYS B 89 -72.26 -33.42 49.94
CA CYS B 89 -72.14 -33.40 48.49
C CYS B 89 -72.13 -31.97 47.99
N GLN B 90 -71.55 -31.77 46.80
CA GLN B 90 -71.63 -30.47 46.16
C GLN B 90 -71.50 -30.65 44.64
N GLN B 91 -72.32 -29.92 43.89
CA GLN B 91 -72.26 -29.92 42.44
C GLN B 91 -72.20 -28.48 41.97
N TYR B 92 -71.21 -28.17 41.12
CA TYR B 92 -70.99 -26.81 40.64
C TYR B 92 -71.03 -26.72 39.12
N GLY B 93 -71.52 -27.76 38.44
CA GLY B 93 -71.60 -27.71 36.99
C GLY B 93 -72.59 -26.69 36.49
N THR B 94 -73.78 -26.62 37.10
CA THR B 94 -74.83 -25.70 36.68
C THR B 94 -75.38 -24.96 37.89
N SER B 95 -75.64 -23.67 37.70
CA SER B 95 -76.26 -22.89 38.76
C SER B 95 -77.74 -23.25 38.89
N PRO B 96 -78.29 -23.28 40.12
CA PRO B 96 -77.57 -23.03 41.38
C PRO B 96 -76.75 -24.22 41.83
N TRP B 97 -75.70 -23.96 42.63
CA TRP B 97 -74.82 -25.00 43.13
C TRP B 97 -75.38 -25.52 44.46
N THR B 98 -76.35 -26.42 44.35
CA THR B 98 -76.99 -26.99 45.52
C THR B 98 -76.01 -27.85 46.31
N PHE B 99 -76.05 -27.72 47.63
CA PHE B 99 -75.20 -28.51 48.51
C PHE B 99 -75.93 -29.78 48.92
N GLY B 100 -75.33 -30.56 49.81
CA GLY B 100 -75.92 -31.81 50.27
C GLY B 100 -76.44 -31.75 51.68
N GLN B 101 -77.42 -32.61 52.00
CA GLN B 101 -78.00 -32.61 53.34
C GLN B 101 -76.99 -33.06 54.38
N GLY B 102 -76.23 -34.11 54.08
CA GLY B 102 -75.18 -34.57 54.97
C GLY B 102 -75.55 -35.86 55.69
N THR B 103 -74.51 -36.58 56.11
CA THR B 103 -74.65 -37.80 56.88
C THR B 103 -73.77 -37.73 58.12
N LYS B 104 -74.19 -38.44 59.16
CA LYS B 104 -73.43 -38.56 60.40
C LYS B 104 -73.13 -40.02 60.68
N VAL B 105 -71.91 -40.28 61.14
CA VAL B 105 -71.47 -41.64 61.47
C VAL B 105 -70.98 -41.66 62.90
N GLU B 106 -71.14 -42.81 63.55
CA GLU B 106 -70.84 -42.95 64.97
C GLU B 106 -70.41 -44.39 65.24
N ILE B 107 -69.71 -44.58 66.36
CA ILE B 107 -69.29 -45.91 66.78
C ILE B 107 -70.45 -46.60 67.48
N LYS B 108 -70.33 -47.92 67.62
CA LYS B 108 -71.37 -48.71 68.26
C LYS B 108 -70.87 -49.30 69.58
N GLN C 1 -10.86 -23.63 63.85
CA GLN C 1 -11.78 -22.53 64.07
C GLN C 1 -11.23 -21.53 65.09
N MET C 2 -12.07 -20.59 65.50
CA MET C 2 -11.65 -19.47 66.35
C MET C 2 -11.45 -19.99 67.77
N GLN C 3 -10.19 -20.19 68.16
CA GLN C 3 -9.88 -20.70 69.49
C GLN C 3 -8.46 -20.28 69.84
N LEU C 4 -8.17 -20.30 71.15
CA LEU C 4 -6.86 -19.97 71.68
C LEU C 4 -6.31 -21.17 72.43
N VAL C 5 -5.03 -21.46 72.22
CA VAL C 5 -4.37 -22.60 72.84
C VAL C 5 -3.24 -22.11 73.72
N GLN C 6 -3.07 -22.77 74.86
CA GLN C 6 -2.08 -22.41 75.87
C GLN C 6 -1.22 -23.63 76.21
N SER C 7 -0.20 -23.40 77.02
CA SER C 7 0.70 -24.46 77.44
C SER C 7 0.05 -25.29 78.55
N GLY C 8 0.80 -26.25 79.07
CA GLY C 8 0.32 -27.10 80.13
C GLY C 8 0.75 -26.61 81.50
N PRO C 9 0.37 -27.33 82.55
CA PRO C 9 0.78 -26.94 83.90
C PRO C 9 2.28 -27.08 84.10
N GLU C 10 2.83 -26.21 84.95
CA GLU C 10 4.24 -26.24 85.29
C GLU C 10 4.42 -26.32 86.79
N VAL C 11 5.31 -27.19 87.23
CA VAL C 11 5.66 -27.35 88.64
C VAL C 11 7.09 -26.85 88.81
N LYS C 12 7.27 -25.85 89.68
CA LYS C 12 8.56 -25.19 89.81
C LYS C 12 8.98 -25.04 91.26
N LYS C 13 10.03 -24.25 91.49
CA LYS C 13 10.54 -23.96 92.82
C LYS C 13 10.59 -22.46 93.04
N PRO C 14 10.50 -22.00 94.29
CA PRO C 14 10.61 -20.56 94.56
C PRO C 14 11.98 -20.03 94.17
N GLY C 15 11.99 -19.03 93.30
CA GLY C 15 13.25 -18.41 92.87
C GLY C 15 13.64 -18.72 91.44
N THR C 16 12.65 -18.85 90.56
CA THR C 16 12.91 -19.13 89.15
C THR C 16 11.86 -18.41 88.31
N SER C 17 11.87 -18.69 87.00
CA SER C 17 10.94 -18.06 86.07
C SER C 17 10.20 -19.15 85.29
N VAL C 18 9.07 -18.75 84.71
CA VAL C 18 8.24 -19.65 83.92
C VAL C 18 7.90 -18.98 82.59
N LYS C 19 7.51 -19.80 81.62
CA LYS C 19 7.16 -19.33 80.29
C LYS C 19 5.82 -19.94 79.88
N VAL C 20 4.90 -19.08 79.45
CA VAL C 20 3.58 -19.49 79.00
C VAL C 20 3.33 -18.86 77.62
N SER C 21 2.86 -19.67 76.68
CA SER C 21 2.63 -19.23 75.32
C SER C 21 1.13 -19.27 75.00
N CYS C 22 0.62 -18.16 74.48
CA CYS C 22 -0.76 -18.06 74.01
C CYS C 22 -0.72 -18.05 72.48
N LYS C 23 -0.95 -19.21 71.87
CA LYS C 23 -0.87 -19.32 70.42
C LYS C 23 -2.26 -19.08 69.84
N ALA C 24 -2.56 -17.80 69.60
CA ALA C 24 -3.81 -17.44 68.95
C ALA C 24 -3.76 -17.80 67.46
N SER C 25 -4.93 -18.10 66.90
CA SER C 25 -5.02 -18.49 65.50
C SER C 25 -6.41 -18.18 64.98
N GLY C 26 -6.55 -18.20 63.66
CA GLY C 26 -7.83 -18.02 63.01
C GLY C 26 -8.23 -16.57 62.77
N PHE C 27 -7.34 -15.61 63.00
CA PHE C 27 -7.67 -14.21 62.79
C PHE C 27 -6.38 -13.43 62.61
N THR C 28 -6.53 -12.13 62.33
CA THR C 28 -5.40 -11.24 62.17
C THR C 28 -4.81 -10.94 63.55
N PHE C 29 -3.75 -11.67 63.91
CA PHE C 29 -3.18 -11.54 65.23
C PHE C 29 -2.42 -10.23 65.40
N THR C 30 -1.81 -9.72 64.32
CA THR C 30 -0.93 -8.56 64.45
C THR C 30 -1.69 -7.33 64.96
N SER C 31 -2.88 -7.09 64.43
CA SER C 31 -3.70 -5.96 64.87
C SER C 31 -4.57 -6.41 66.04
N SER C 32 -3.90 -6.65 67.18
CA SER C 32 -4.59 -7.13 68.37
C SER C 32 -3.71 -6.86 69.58
N ALA C 33 -4.13 -7.37 70.73
CA ALA C 33 -3.40 -7.21 71.98
C ALA C 33 -3.78 -8.35 72.90
N VAL C 34 -2.98 -8.54 73.95
CA VAL C 34 -3.26 -9.59 74.93
C VAL C 34 -3.13 -9.02 76.34
N GLN C 35 -4.11 -9.36 77.19
CA GLN C 35 -4.15 -9.00 78.59
C GLN C 35 -3.91 -10.25 79.43
N TRP C 36 -3.24 -10.09 80.58
CA TRP C 36 -2.83 -11.22 81.38
C TRP C 36 -3.49 -11.10 82.76
N VAL C 37 -4.17 -12.17 83.18
CA VAL C 37 -4.91 -12.19 84.44
C VAL C 37 -4.53 -13.44 85.22
N ARG C 38 -4.83 -13.41 86.51
CA ARG C 38 -4.45 -14.48 87.43
C ARG C 38 -5.50 -14.62 88.52
N GLN C 39 -5.98 -15.84 88.74
CA GLN C 39 -6.93 -16.14 89.81
C GLN C 39 -6.35 -17.22 90.72
N ALA C 40 -6.45 -17.01 92.02
CA ALA C 40 -6.00 -17.98 92.99
C ALA C 40 -7.08 -19.04 93.18
N ARG C 41 -6.91 -19.93 94.16
CA ARG C 41 -7.84 -21.02 94.39
C ARG C 41 -9.09 -20.45 95.05
N GLY C 42 -10.13 -20.23 94.25
CA GLY C 42 -11.38 -19.68 94.74
C GLY C 42 -11.27 -18.27 95.27
N GLN C 43 -10.57 -17.41 94.54
CA GLN C 43 -10.34 -16.02 94.94
C GLN C 43 -10.73 -15.10 93.79
N ARG C 44 -10.68 -13.80 94.04
CA ARG C 44 -11.04 -12.82 93.03
C ARG C 44 -9.97 -12.73 91.94
N LEU C 45 -10.37 -12.26 90.78
CA LEU C 45 -9.46 -12.11 89.65
C LEU C 45 -8.52 -10.93 89.89
N GLU C 46 -7.31 -11.06 89.35
CA GLU C 46 -6.25 -10.07 89.51
C GLU C 46 -5.88 -9.47 88.15
N TRP C 47 -4.86 -8.62 88.15
CA TRP C 47 -4.36 -8.01 86.93
C TRP C 47 -2.84 -7.91 87.02
N ILE C 48 -2.15 -8.37 85.98
CA ILE C 48 -0.70 -8.36 85.97
C ILE C 48 -0.13 -7.44 84.89
N GLY C 49 -0.82 -7.25 83.78
CA GLY C 49 -0.35 -6.38 82.73
C GLY C 49 -0.93 -6.78 81.39
N TRP C 50 -0.46 -6.11 80.34
CA TRP C 50 -0.89 -6.43 79.00
C TRP C 50 0.09 -5.84 78.00
N ILE C 51 0.01 -6.36 76.77
CA ILE C 51 0.85 -5.89 75.66
C ILE C 51 -0.03 -5.79 74.42
N VAL C 52 0.46 -5.03 73.45
CA VAL C 52 -0.18 -4.88 72.14
C VAL C 52 0.68 -5.59 71.12
N VAL C 53 0.05 -6.44 70.29
CA VAL C 53 0.77 -7.17 69.27
C VAL C 53 1.38 -6.25 68.23
N GLY C 54 0.88 -5.02 68.11
CA GLY C 54 1.47 -4.05 67.22
C GLY C 54 2.84 -3.54 67.63
N SER C 55 3.36 -4.02 68.77
CA SER C 55 4.71 -3.75 69.25
C SER C 55 4.86 -2.30 69.76
N GLY C 56 5.71 -2.12 70.77
CA GLY C 56 5.95 -0.81 71.32
C GLY C 56 4.96 -0.34 72.36
N ASN C 57 4.07 -1.22 72.83
CA ASN C 57 3.07 -0.84 73.83
C ASN C 57 2.99 -1.96 74.87
N THR C 58 3.67 -1.75 76.00
CA THR C 58 3.63 -2.66 77.14
C THR C 58 3.12 -1.89 78.34
N ASN C 59 2.29 -2.55 79.17
CA ASN C 59 1.78 -1.92 80.37
C ASN C 59 1.76 -2.94 81.50
N TYR C 60 2.11 -2.49 82.70
CA TYR C 60 2.26 -3.37 83.85
C TYR C 60 1.60 -2.72 85.07
N ALA C 61 1.23 -3.56 86.03
CA ALA C 61 0.63 -3.09 87.26
C ALA C 61 1.65 -2.37 88.13
N GLN C 62 1.15 -1.45 88.96
CA GLN C 62 2.04 -0.72 89.87
C GLN C 62 2.74 -1.67 90.84
N LYS C 63 2.01 -2.62 91.40
CA LYS C 63 2.60 -3.62 92.28
C LYS C 63 3.38 -4.69 91.53
N PHE C 64 3.16 -4.81 90.22
CA PHE C 64 3.85 -5.79 89.39
C PHE C 64 4.74 -5.11 88.36
N GLN C 65 5.41 -4.03 88.78
CA GLN C 65 6.33 -3.33 87.87
C GLN C 65 7.51 -4.21 87.50
N GLU C 66 8.06 -4.94 88.47
CA GLU C 66 9.16 -5.86 88.24
C GLU C 66 8.64 -7.30 88.21
N ARG C 67 9.56 -8.26 88.15
CA ARG C 67 9.29 -9.69 88.14
C ARG C 67 8.54 -10.15 86.89
N VAL C 68 8.26 -9.25 85.95
CA VAL C 68 7.46 -9.59 84.78
C VAL C 68 8.09 -8.94 83.53
N THR C 69 8.22 -9.74 82.48
CA THR C 69 8.63 -9.26 81.16
C THR C 69 7.75 -9.93 80.13
N ILE C 70 7.20 -9.13 79.22
CA ILE C 70 6.25 -9.63 78.21
C ILE C 70 6.98 -9.63 76.87
N THR C 71 7.20 -10.82 76.32
CA THR C 71 7.77 -10.97 74.99
C THR C 71 6.69 -11.43 74.01
N ARG C 72 6.72 -10.86 72.81
CA ARG C 72 5.63 -11.03 71.84
C ARG C 72 6.03 -11.88 70.63
N ASP C 73 7.19 -11.58 70.02
CA ASP C 73 7.75 -12.35 68.91
C ASP C 73 6.93 -12.24 67.62
N MET C 74 7.60 -12.42 66.48
CA MET C 74 6.99 -12.31 65.16
C MET C 74 6.88 -13.62 64.39
N SER C 75 7.82 -14.55 64.57
CA SER C 75 7.91 -15.70 63.67
C SER C 75 6.70 -16.62 63.81
N THR C 76 6.33 -16.97 65.03
CA THR C 76 5.26 -17.92 65.27
C THR C 76 3.90 -17.26 65.46
N SER C 77 3.84 -15.93 65.48
CA SER C 77 2.59 -15.18 65.62
C SER C 77 1.83 -15.58 66.88
N THR C 78 2.54 -15.57 68.02
CA THR C 78 1.98 -15.91 69.31
C THR C 78 2.28 -14.79 70.30
N ALA C 79 1.99 -15.07 71.58
CA ALA C 79 2.36 -14.19 72.68
C ALA C 79 2.95 -15.03 73.80
N TYR C 80 3.98 -14.50 74.45
CA TYR C 80 4.70 -15.23 75.49
C TYR C 80 4.50 -14.58 76.85
N MET C 81 4.76 -15.38 77.89
CA MET C 81 4.71 -14.95 79.28
C MET C 81 6.06 -15.26 79.93
N GLU C 82 6.46 -14.41 80.88
CA GLU C 82 7.71 -14.61 81.59
C GLU C 82 7.63 -13.89 82.92
N LEU C 83 7.51 -14.66 84.00
CA LEU C 83 7.44 -14.12 85.35
C LEU C 83 8.61 -14.67 86.15
N SER C 84 9.56 -13.80 86.49
CA SER C 84 10.81 -14.22 87.11
C SER C 84 10.71 -14.15 88.63
N SER C 85 11.62 -14.87 89.29
CA SER C 85 11.72 -14.93 90.74
C SER C 85 10.38 -15.35 91.37
N LEU C 86 9.96 -16.56 91.05
CA LEU C 86 8.70 -17.08 91.57
C LEU C 86 8.77 -17.23 93.09
N ARG C 87 7.66 -16.96 93.75
CA ARG C 87 7.54 -17.09 95.19
C ARG C 87 6.35 -17.99 95.52
N SER C 88 6.33 -18.47 96.77
CA SER C 88 5.34 -19.46 97.19
C SER C 88 3.92 -18.93 97.11
N GLU C 89 3.74 -17.61 97.14
CA GLU C 89 2.40 -17.05 97.10
C GLU C 89 1.82 -16.97 95.69
N ASP C 90 2.59 -17.33 94.68
CA ASP C 90 2.15 -17.21 93.29
C ASP C 90 1.51 -18.49 92.76
N THR C 91 1.39 -19.54 93.56
CA THR C 91 0.78 -20.79 93.13
C THR C 91 -0.68 -20.58 92.78
N ALA C 92 -1.01 -20.63 91.49
CA ALA C 92 -2.35 -20.22 91.06
C ALA C 92 -2.61 -20.77 89.66
N VAL C 93 -3.68 -20.30 89.02
CA VAL C 93 -4.04 -20.66 87.66
C VAL C 93 -4.06 -19.40 86.82
N TYR C 94 -3.30 -19.42 85.72
CA TYR C 94 -3.22 -18.28 84.81
C TYR C 94 -4.14 -18.48 83.62
N TYR C 95 -4.70 -17.37 83.14
CA TYR C 95 -5.58 -17.34 81.98
C TYR C 95 -4.95 -16.49 80.88
N CYS C 96 -5.69 -16.30 79.79
CA CYS C 96 -5.21 -15.54 78.65
C CYS C 96 -6.39 -14.76 78.08
N ALA C 97 -6.07 -13.65 77.41
CA ALA C 97 -7.11 -12.80 76.83
C ALA C 97 -6.65 -12.30 75.48
N ALA C 98 -7.62 -12.09 74.58
CA ALA C 98 -7.39 -11.56 73.25
C ALA C 98 -8.71 -11.15 72.60
N PRO C 99 -8.76 -10.04 71.88
CA PRO C 99 -9.99 -9.65 71.18
C PRO C 99 -10.08 -10.27 69.80
N ASN C 100 -11.32 -10.47 69.35
CA ASN C 100 -11.59 -11.02 68.02
C ASN C 100 -11.60 -9.88 67.02
N CYS C 101 -10.41 -9.36 66.72
CA CYS C 101 -10.24 -8.34 65.70
C CYS C 101 -10.16 -8.99 64.33
N SER C 102 -10.88 -8.40 63.36
CA SER C 102 -10.92 -8.90 61.98
C SER C 102 -10.55 -7.74 61.06
N ASN C 103 -9.24 -7.53 60.88
CA ASN C 103 -8.71 -6.56 59.93
C ASN C 103 -9.27 -5.16 60.16
N VAL C 104 -10.33 -4.80 59.43
CA VAL C 104 -10.85 -3.45 59.45
C VAL C 104 -11.39 -3.10 60.83
N VAL C 105 -12.06 -4.03 61.49
CA VAL C 105 -12.70 -3.79 62.77
C VAL C 105 -12.03 -4.67 63.84
N CYS C 106 -11.70 -4.06 64.96
CA CYS C 106 -11.17 -4.77 66.12
C CYS C 106 -12.25 -4.86 67.19
N TYR C 107 -12.45 -6.05 67.74
CA TYR C 107 -13.46 -6.25 68.77
C TYR C 107 -13.07 -5.51 70.04
N ASP C 108 -14.06 -4.92 70.71
CA ASP C 108 -13.81 -4.10 71.89
C ASP C 108 -13.69 -4.93 73.17
N GLY C 109 -13.85 -6.25 73.08
CA GLY C 109 -13.72 -7.09 74.25
C GLY C 109 -12.83 -8.29 74.01
N PHE C 110 -12.33 -8.89 75.09
CA PHE C 110 -11.46 -10.07 74.99
C PHE C 110 -12.35 -11.31 74.90
N ASP C 111 -12.79 -11.59 73.66
CA ASP C 111 -13.75 -12.66 73.44
C ASP C 111 -13.15 -14.02 73.74
N ILE C 112 -11.98 -14.32 73.18
CA ILE C 112 -11.35 -15.61 73.34
C ILE C 112 -10.49 -15.61 74.60
N TRP C 113 -10.47 -16.73 75.30
CA TRP C 113 -9.72 -16.88 76.54
C TRP C 113 -8.96 -18.19 76.51
N GLY C 114 -7.83 -18.24 77.22
CA GLY C 114 -7.07 -19.45 77.33
C GLY C 114 -7.69 -20.47 78.27
N GLN C 115 -7.26 -21.72 78.10
CA GLN C 115 -7.74 -22.78 78.99
C GLN C 115 -7.18 -22.62 80.39
N GLY C 116 -6.06 -21.89 80.53
CA GLY C 116 -5.51 -21.64 81.84
C GLY C 116 -4.44 -22.64 82.26
N THR C 117 -3.21 -22.17 82.39
CA THR C 117 -2.12 -23.00 82.89
C THR C 117 -2.15 -22.99 84.41
N MET C 118 -1.40 -23.91 85.02
CA MET C 118 -1.31 -23.99 86.49
C MET C 118 0.13 -23.82 86.90
N VAL C 119 0.36 -23.00 87.94
CA VAL C 119 1.69 -22.80 88.51
C VAL C 119 1.65 -23.25 89.96
N THR C 120 2.62 -24.09 90.33
CA THR C 120 2.71 -24.65 91.67
C THR C 120 4.18 -24.71 92.05
N VAL C 121 4.56 -23.98 93.10
CA VAL C 121 5.93 -23.97 93.60
C VAL C 121 5.93 -24.54 95.02
N SER C 122 6.87 -25.43 95.29
CA SER C 122 6.96 -26.08 96.60
C SER C 122 8.44 -26.35 96.89
N SER C 123 8.69 -27.14 97.94
CA SER C 123 10.05 -27.48 98.33
C SER C 123 10.66 -28.48 97.36
N GLU D 1 -9.37 5.65 95.22
CA GLU D 1 -8.77 4.47 94.59
C GLU D 1 -9.68 3.92 93.49
N ILE D 2 -9.12 3.07 92.65
CA ILE D 2 -9.87 2.42 91.57
C ILE D 2 -10.35 1.07 92.09
N VAL D 3 -11.66 0.98 92.37
CA VAL D 3 -12.27 -0.23 92.87
C VAL D 3 -13.54 -0.51 92.06
N LEU D 4 -13.92 -1.78 92.05
CA LEU D 4 -15.14 -2.25 91.39
C LEU D 4 -15.99 -3.03 92.37
N THR D 5 -16.19 -2.45 93.55
CA THR D 5 -16.90 -3.13 94.62
C THR D 5 -18.34 -3.42 94.21
N GLN D 6 -18.83 -4.58 94.62
CA GLN D 6 -20.18 -5.04 94.29
C GLN D 6 -20.96 -5.23 95.57
N SER D 7 -22.06 -4.48 95.71
CA SER D 7 -22.86 -4.54 96.93
C SER D 7 -23.45 -5.92 97.22
N PRO D 8 -24.07 -6.63 96.26
CA PRO D 8 -24.72 -7.90 96.62
C PRO D 8 -23.69 -9.01 96.77
N GLY D 9 -23.68 -9.65 97.94
CA GLY D 9 -22.76 -10.74 98.19
C GLY D 9 -23.14 -12.03 97.49
N THR D 10 -24.28 -12.60 97.86
CA THR D 10 -24.77 -13.83 97.27
C THR D 10 -26.26 -13.71 96.97
N LEU D 11 -26.71 -14.46 95.98
CA LEU D 11 -28.12 -14.49 95.58
C LEU D 11 -28.65 -15.91 95.76
N SER D 12 -29.75 -16.04 96.49
CA SER D 12 -30.34 -17.35 96.77
C SER D 12 -31.85 -17.25 96.51
N LEU D 13 -32.26 -17.66 95.31
CA LEU D 13 -33.66 -17.64 94.95
C LEU D 13 -33.90 -18.65 93.83
N SER D 14 -35.13 -19.14 93.74
CA SER D 14 -35.50 -20.09 92.71
C SER D 14 -35.44 -19.41 91.34
N PRO D 15 -35.32 -20.19 90.26
CA PRO D 15 -35.26 -19.60 88.92
C PRO D 15 -36.47 -18.72 88.64
N GLY D 16 -36.22 -17.58 88.00
CA GLY D 16 -37.23 -16.58 87.80
C GLY D 16 -37.07 -15.44 88.78
N GLU D 17 -36.44 -14.35 88.34
CA GLU D 17 -36.03 -13.27 89.22
C GLU D 17 -35.51 -12.13 88.36
N ARG D 18 -35.59 -10.91 88.89
CA ARG D 18 -34.98 -9.77 88.22
C ARG D 18 -33.46 -9.92 88.17
N ALA D 19 -32.86 -10.48 89.23
CA ALA D 19 -31.43 -10.73 89.30
C ALA D 19 -30.63 -9.45 89.14
N THR D 20 -30.84 -8.53 90.08
CA THR D 20 -30.19 -7.22 90.05
C THR D 20 -28.85 -7.30 90.77
N LEU D 21 -27.77 -6.99 90.05
CA LEU D 21 -26.43 -6.95 90.60
C LEU D 21 -25.92 -5.51 90.53
N SER D 22 -25.38 -5.03 91.64
CA SER D 22 -24.87 -3.67 91.73
C SER D 22 -23.34 -3.69 91.67
N CYS D 23 -22.78 -2.81 90.83
CA CYS D 23 -21.35 -2.76 90.57
C CYS D 23 -20.87 -1.31 90.64
N ARG D 24 -21.25 -0.62 91.70
CA ARG D 24 -20.88 0.78 91.88
C ARG D 24 -19.36 0.93 91.96
N ALA D 25 -18.83 1.90 91.23
CA ALA D 25 -17.42 2.20 91.25
C ALA D 25 -17.16 3.49 92.03
N SER D 26 -15.88 3.83 92.19
CA SER D 26 -15.47 5.02 92.92
C SER D 26 -14.88 6.08 92.00
N GLN D 27 -13.96 5.71 91.13
CA GLN D 27 -13.36 6.65 90.19
C GLN D 27 -14.26 6.81 88.96
N SER D 28 -14.38 8.04 88.49
CA SER D 28 -15.21 8.33 87.32
C SER D 28 -14.63 7.66 86.09
N VAL D 29 -15.47 6.94 85.36
CA VAL D 29 -15.04 6.19 84.17
C VAL D 29 -16.10 6.35 83.08
N SER D 30 -15.63 6.52 81.85
CA SER D 30 -16.54 6.56 80.72
C SER D 30 -17.17 5.20 80.49
N SER D 31 -18.46 5.19 80.14
CA SER D 31 -19.18 3.95 79.87
C SER D 31 -18.94 3.49 78.43
N SER D 32 -17.66 3.29 78.12
CA SER D 32 -17.26 2.84 76.79
C SER D 32 -16.28 1.68 76.87
N TYR D 33 -15.56 1.59 77.98
CA TYR D 33 -14.54 0.55 78.19
C TYR D 33 -14.86 -0.18 79.50
N LEU D 34 -15.71 -1.19 79.41
CA LEU D 34 -16.06 -2.00 80.56
C LEU D 34 -16.56 -3.35 80.06
N ALA D 35 -16.60 -4.33 80.97
CA ALA D 35 -17.01 -5.68 80.61
C ALA D 35 -17.58 -6.39 81.82
N TRP D 36 -18.44 -7.37 81.54
CA TRP D 36 -19.01 -8.26 82.54
C TRP D 36 -18.71 -9.69 82.12
N TYR D 37 -18.30 -10.52 83.08
CA TYR D 37 -17.86 -11.87 82.79
C TYR D 37 -18.55 -12.85 83.72
N GLN D 38 -18.76 -14.07 83.22
CA GLN D 38 -19.31 -15.16 84.00
C GLN D 38 -18.33 -16.32 84.01
N GLN D 39 -17.90 -16.71 85.21
CA GLN D 39 -16.92 -17.80 85.38
C GLN D 39 -17.60 -18.93 86.15
N LYS D 40 -18.18 -19.86 85.42
CA LYS D 40 -18.66 -21.09 86.04
C LYS D 40 -17.44 -21.88 86.55
N PRO D 41 -17.46 -22.35 87.79
CA PRO D 41 -16.28 -23.07 88.31
C PRO D 41 -15.92 -24.26 87.42
N GLY D 42 -14.62 -24.40 87.17
CA GLY D 42 -14.12 -25.41 86.27
C GLY D 42 -13.81 -24.94 84.87
N GLN D 43 -14.07 -23.68 84.54
CA GLN D 43 -13.79 -23.16 83.21
C GLN D 43 -13.48 -21.67 83.31
N ALA D 44 -12.84 -21.15 82.26
CA ALA D 44 -12.46 -19.75 82.21
C ALA D 44 -13.68 -18.87 82.05
N PRO D 45 -13.59 -17.60 82.47
CA PRO D 45 -14.73 -16.69 82.32
C PRO D 45 -15.06 -16.40 80.86
N ARG D 46 -16.33 -16.08 80.63
CA ARG D 46 -16.83 -15.77 79.30
C ARG D 46 -17.29 -14.32 79.24
N LEU D 47 -17.23 -13.74 78.05
CA LEU D 47 -17.68 -12.36 77.86
C LEU D 47 -19.20 -12.32 77.76
N LEU D 48 -19.82 -11.44 78.55
CA LEU D 48 -21.27 -11.29 78.57
C LEU D 48 -21.74 -9.95 78.02
N ILE D 49 -21.28 -8.85 78.60
CA ILE D 49 -21.70 -7.51 78.20
C ILE D 49 -20.47 -6.62 78.12
N TYR D 50 -20.35 -5.90 77.01
CA TYR D 50 -19.26 -4.93 76.82
C TYR D 50 -19.85 -3.64 76.26
N SER D 51 -19.02 -2.60 76.26
CA SER D 51 -19.42 -1.27 75.77
C SER D 51 -20.65 -0.76 76.50
N ALA D 52 -20.71 -1.02 77.81
CA ALA D 52 -21.77 -0.54 78.70
C ALA D 52 -23.13 -1.11 78.32
N SER D 53 -23.69 -0.64 77.21
CA SER D 53 -25.02 -1.04 76.76
C SER D 53 -24.88 -1.74 75.40
N SER D 54 -24.65 -3.04 75.45
CA SER D 54 -24.50 -3.87 74.24
C SER D 54 -24.63 -5.32 74.67
N ARG D 55 -24.32 -6.24 73.76
CA ARG D 55 -24.39 -7.66 74.03
C ARG D 55 -23.15 -8.34 73.49
N ALA D 56 -22.97 -9.59 73.90
CA ALA D 56 -21.83 -10.39 73.44
C ALA D 56 -22.12 -10.93 72.04
N THR D 57 -21.29 -11.87 71.57
CA THR D 57 -21.57 -12.52 70.30
C THR D 57 -22.90 -13.25 70.32
N GLY D 58 -23.18 -13.96 71.41
CA GLY D 58 -24.48 -14.56 71.63
C GLY D 58 -24.73 -14.83 73.10
N ILE D 59 -25.86 -14.36 73.61
CA ILE D 59 -26.17 -14.53 75.03
C ILE D 59 -27.66 -14.86 75.19
N PRO D 60 -28.02 -15.77 76.10
CA PRO D 60 -29.45 -16.05 76.33
C PRO D 60 -30.07 -15.08 77.34
N ASP D 61 -31.37 -15.23 77.58
CA ASP D 61 -32.15 -14.47 78.55
C ASP D 61 -32.26 -12.99 78.21
N ARG D 62 -31.73 -12.54 77.07
CA ARG D 62 -31.75 -11.13 76.68
C ARG D 62 -31.12 -10.25 77.77
N PHE D 63 -29.84 -10.47 78.01
CA PHE D 63 -29.12 -9.71 79.03
C PHE D 63 -29.06 -8.24 78.66
N SER D 64 -29.30 -7.38 79.64
CA SER D 64 -29.19 -5.94 79.47
C SER D 64 -28.71 -5.32 80.77
N GLY D 65 -28.12 -4.13 80.66
CA GLY D 65 -27.60 -3.45 81.83
C GLY D 65 -26.93 -2.13 81.52
N SER D 66 -27.20 -1.11 82.33
CA SER D 66 -26.62 0.21 82.12
C SER D 66 -26.59 0.95 83.44
N GLY D 67 -25.77 1.98 83.50
CA GLY D 67 -25.62 2.80 84.70
C GLY D 67 -25.21 4.21 84.36
N SER D 68 -24.27 4.75 85.13
CA SER D 68 -23.77 6.10 84.92
C SER D 68 -22.26 6.10 85.14
N GLY D 69 -21.68 7.28 85.30
CA GLY D 69 -20.24 7.39 85.41
C GLY D 69 -19.67 6.64 86.60
N THR D 70 -20.28 6.80 87.77
CA THR D 70 -19.84 6.12 88.98
C THR D 70 -20.90 5.17 89.50
N ASP D 71 -21.74 4.65 88.59
CA ASP D 71 -22.80 3.73 88.98
C ASP D 71 -23.04 2.76 87.82
N PHE D 72 -23.09 1.47 88.15
CA PHE D 72 -23.37 0.45 87.15
C PHE D 72 -24.20 -0.65 87.79
N THR D 73 -24.94 -1.37 86.96
CA THR D 73 -25.77 -2.47 87.43
C THR D 73 -26.06 -3.42 86.28
N LEU D 74 -26.51 -4.62 86.64
CA LEU D 74 -26.84 -5.66 85.67
C LEU D 74 -28.15 -6.31 86.08
N THR D 75 -28.99 -6.63 85.10
CA THR D 75 -30.25 -7.31 85.35
C THR D 75 -30.36 -8.54 84.45
N ILE D 76 -30.99 -9.59 84.98
CA ILE D 76 -31.21 -10.83 84.25
C ILE D 76 -32.67 -11.20 84.45
N SER D 77 -33.52 -10.83 83.50
CA SER D 77 -34.93 -11.15 83.58
C SER D 77 -35.17 -12.63 83.33
N ARG D 78 -36.05 -13.23 84.14
CA ARG D 78 -36.39 -14.65 84.04
C ARG D 78 -35.13 -15.53 84.12
N LEU D 79 -34.52 -15.48 85.31
CA LEU D 79 -33.27 -16.18 85.55
C LEU D 79 -33.40 -17.66 85.23
N GLU D 80 -32.67 -18.10 84.21
CA GLU D 80 -32.71 -19.49 83.79
C GLU D 80 -32.05 -20.38 84.85
N PRO D 81 -32.57 -21.59 85.06
CA PRO D 81 -31.89 -22.52 85.97
C PRO D 81 -30.47 -22.85 85.54
N GLU D 82 -30.17 -22.77 84.25
CA GLU D 82 -28.80 -22.96 83.79
C GLU D 82 -27.91 -21.80 84.19
N ASP D 83 -28.47 -20.58 84.22
CA ASP D 83 -27.71 -19.38 84.54
C ASP D 83 -27.46 -19.36 86.04
N PHE D 84 -26.36 -19.98 86.46
CA PHE D 84 -25.98 -20.02 87.87
C PHE D 84 -24.45 -20.15 87.93
N ALA D 85 -23.77 -19.03 88.13
CA ALA D 85 -22.31 -19.02 88.18
C ALA D 85 -21.87 -17.72 88.84
N VAL D 86 -20.57 -17.43 88.75
CA VAL D 86 -19.97 -16.26 89.39
C VAL D 86 -19.87 -15.14 88.36
N TYR D 87 -20.29 -13.94 88.75
CA TYR D 87 -20.30 -12.77 87.88
C TYR D 87 -19.27 -11.76 88.34
N PHE D 88 -18.41 -11.33 87.41
CA PHE D 88 -17.30 -10.43 87.70
C PHE D 88 -17.40 -9.18 86.83
N CYS D 89 -17.22 -8.02 87.46
CA CYS D 89 -17.05 -6.79 86.72
C CYS D 89 -15.61 -6.70 86.20
N GLN D 90 -15.41 -5.85 85.19
CA GLN D 90 -14.07 -5.63 84.67
C GLN D 90 -14.01 -4.26 84.02
N GLN D 91 -12.98 -3.50 84.36
CA GLN D 91 -12.78 -2.16 83.82
C GLN D 91 -11.44 -2.10 83.13
N TYR D 92 -11.43 -1.67 81.87
CA TYR D 92 -10.20 -1.45 81.13
C TYR D 92 -10.17 -0.04 80.54
N GLY D 93 -10.87 0.90 81.19
CA GLY D 93 -10.82 2.28 80.73
C GLY D 93 -9.46 2.90 80.92
N THR D 94 -8.82 2.65 82.06
CA THR D 94 -7.50 3.20 82.33
C THR D 94 -6.73 2.24 83.22
N SER D 95 -5.41 2.31 83.13
CA SER D 95 -4.56 1.44 83.93
C SER D 95 -4.52 1.93 85.38
N PRO D 96 -4.48 1.00 86.36
CA PRO D 96 -4.56 -0.44 86.14
C PRO D 96 -5.98 -0.91 85.86
N TRP D 97 -6.13 -2.02 85.15
CA TRP D 97 -7.44 -2.55 84.80
C TRP D 97 -7.95 -3.39 85.96
N THR D 98 -8.52 -2.69 86.95
CA THR D 98 -8.98 -3.34 88.17
C THR D 98 -10.21 -4.21 87.90
N PHE D 99 -10.23 -5.38 88.53
CA PHE D 99 -11.34 -6.31 88.42
C PHE D 99 -12.34 -6.05 89.55
N GLY D 100 -13.32 -6.94 89.70
CA GLY D 100 -14.34 -6.81 90.71
C GLY D 100 -14.31 -7.94 91.72
N GLN D 101 -15.06 -7.76 92.80
CA GLN D 101 -15.12 -8.76 93.85
C GLN D 101 -15.81 -10.03 93.37
N GLY D 102 -16.96 -9.89 92.73
CA GLY D 102 -17.70 -11.03 92.22
C GLY D 102 -18.88 -11.40 93.10
N THR D 103 -19.88 -12.03 92.50
CA THR D 103 -21.09 -12.47 93.18
C THR D 103 -21.31 -13.95 92.93
N LYS D 104 -22.06 -14.57 93.84
CA LYS D 104 -22.41 -15.99 93.74
C LYS D 104 -23.92 -16.13 93.76
N VAL D 105 -24.44 -17.03 92.94
CA VAL D 105 -25.88 -17.26 92.83
C VAL D 105 -26.17 -18.73 93.07
N GLU D 106 -27.34 -19.00 93.66
CA GLU D 106 -27.72 -20.35 94.02
C GLU D 106 -29.24 -20.40 94.16
N ILE D 107 -29.79 -21.61 94.08
CA ILE D 107 -31.22 -21.81 94.27
C ILE D 107 -31.52 -21.87 95.76
N LYS D 108 -32.80 -21.71 96.09
CA LYS D 108 -33.22 -21.75 97.49
C LYS D 108 -34.36 -22.75 97.68
N GLN E 1 -15.07 -42.91 50.86
CA GLN E 1 -13.85 -43.58 51.26
C GLN E 1 -13.49 -44.72 50.32
N MET E 2 -12.43 -45.44 50.66
CA MET E 2 -11.90 -46.52 49.82
C MET E 2 -12.02 -47.85 50.55
N GLN E 3 -12.53 -48.86 49.85
CA GLN E 3 -12.84 -50.15 50.46
C GLN E 3 -12.92 -51.21 49.37
N LEU E 4 -13.32 -52.41 49.77
CA LEU E 4 -13.53 -53.53 48.86
C LEU E 4 -14.87 -54.18 49.15
N VAL E 5 -15.54 -54.66 48.11
CA VAL E 5 -16.87 -55.26 48.22
C VAL E 5 -16.77 -56.72 47.78
N GLN E 6 -17.40 -57.61 48.55
CA GLN E 6 -17.44 -59.02 48.21
C GLN E 6 -18.90 -59.47 48.12
N SER E 7 -19.11 -60.64 47.51
CA SER E 7 -20.45 -61.14 47.25
C SER E 7 -21.09 -61.64 48.55
N GLY E 8 -22.29 -62.20 48.42
CA GLY E 8 -23.04 -62.66 49.56
C GLY E 8 -22.76 -64.12 49.89
N PRO E 9 -23.62 -64.71 50.72
CA PRO E 9 -23.42 -66.12 51.09
C PRO E 9 -23.65 -67.05 49.92
N GLU E 10 -22.99 -68.21 49.98
CA GLU E 10 -23.20 -69.27 49.00
C GLU E 10 -23.39 -70.60 49.72
N VAL E 11 -24.43 -71.33 49.31
CA VAL E 11 -24.67 -72.70 49.76
C VAL E 11 -24.80 -73.56 48.52
N LYS E 12 -23.96 -74.60 48.43
CA LYS E 12 -23.86 -75.39 47.21
C LYS E 12 -24.03 -76.88 47.49
N LYS E 13 -23.73 -77.71 46.50
CA LYS E 13 -23.75 -79.16 46.61
C LYS E 13 -22.44 -79.72 46.09
N PRO E 14 -22.04 -80.91 46.55
CA PRO E 14 -20.82 -81.53 46.04
C PRO E 14 -20.94 -81.81 44.54
N GLY E 15 -20.05 -81.19 43.77
CA GLY E 15 -20.06 -81.37 42.33
C GLY E 15 -20.45 -80.11 41.57
N THR E 16 -20.08 -78.94 42.09
CA THR E 16 -20.35 -77.68 41.42
C THR E 16 -19.16 -76.76 41.67
N SER E 17 -19.30 -75.49 41.27
CA SER E 17 -18.25 -74.50 41.42
C SER E 17 -18.80 -73.29 42.17
N VAL E 18 -17.91 -72.34 42.45
CA VAL E 18 -18.27 -71.12 43.15
C VAL E 18 -17.80 -69.92 42.33
N LYS E 19 -18.43 -68.77 42.58
CA LYS E 19 -18.09 -67.54 41.88
C LYS E 19 -18.16 -66.40 42.87
N VAL E 20 -17.00 -65.98 43.38
CA VAL E 20 -16.90 -64.88 44.34
C VAL E 20 -16.21 -63.72 43.65
N SER E 21 -16.82 -62.54 43.73
CA SER E 21 -16.33 -61.35 43.04
C SER E 21 -15.78 -60.34 44.05
N CYS E 22 -14.73 -59.63 43.65
CA CYS E 22 -14.10 -58.61 44.49
C CYS E 22 -14.20 -57.27 43.76
N LYS E 23 -15.21 -56.48 44.12
CA LYS E 23 -15.39 -55.14 43.56
C LYS E 23 -14.42 -54.19 44.26
N ALA E 24 -13.54 -53.59 43.48
CA ALA E 24 -12.61 -52.60 44.01
C ALA E 24 -13.09 -51.20 43.69
N SER E 25 -13.09 -50.34 44.71
CA SER E 25 -13.57 -48.97 44.54
C SER E 25 -12.67 -48.02 45.31
N GLY E 26 -12.62 -46.78 44.84
CA GLY E 26 -11.90 -45.72 45.52
C GLY E 26 -10.41 -45.67 45.29
N PHE E 27 -9.86 -46.54 44.45
CA PHE E 27 -8.42 -46.52 44.19
C PHE E 27 -8.17 -47.09 42.80
N THR E 28 -6.97 -46.84 42.30
CA THR E 28 -6.55 -47.33 40.99
C THR E 28 -6.39 -48.84 41.07
N PHE E 29 -7.41 -49.57 40.66
CA PHE E 29 -7.37 -51.03 40.69
C PHE E 29 -6.48 -51.61 39.59
N THR E 30 -6.27 -50.87 38.50
CA THR E 30 -5.52 -51.40 37.37
C THR E 30 -4.09 -51.76 37.77
N SER E 31 -3.44 -50.87 38.52
CA SER E 31 -2.08 -51.11 38.99
C SER E 31 -2.17 -51.75 40.37
N SER E 32 -2.68 -52.98 40.40
CA SER E 32 -2.87 -53.71 41.65
C SER E 32 -2.89 -55.20 41.36
N ALA E 33 -2.92 -55.99 42.43
CA ALA E 33 -3.02 -57.44 42.32
C ALA E 33 -3.89 -57.94 43.47
N VAL E 34 -4.52 -59.09 43.28
CA VAL E 34 -5.47 -59.62 44.25
C VAL E 34 -5.08 -61.04 44.63
N GLN E 35 -5.12 -61.31 45.93
CA GLN E 35 -4.85 -62.63 46.49
C GLN E 35 -6.12 -63.20 47.08
N TRP E 36 -6.29 -64.51 46.97
CA TRP E 36 -7.44 -65.22 47.54
C TRP E 36 -6.96 -66.17 48.61
N VAL E 37 -7.62 -66.14 49.78
CA VAL E 37 -7.31 -67.03 50.87
C VAL E 37 -8.59 -67.72 51.31
N ARG E 38 -8.46 -68.68 52.24
CA ARG E 38 -9.63 -69.39 52.75
C ARG E 38 -9.47 -69.60 54.25
N GLN E 39 -10.51 -69.26 55.00
CA GLN E 39 -10.54 -69.50 56.44
C GLN E 39 -11.60 -70.54 56.77
N ALA E 40 -11.20 -71.58 57.49
CA ALA E 40 -12.13 -72.60 57.94
C ALA E 40 -12.80 -72.14 59.23
N ARG E 41 -13.50 -73.06 59.90
CA ARG E 41 -14.20 -72.72 61.14
C ARG E 41 -13.22 -72.73 62.30
N GLY E 42 -12.72 -71.55 62.66
CA GLY E 42 -11.84 -71.41 63.81
C GLY E 42 -10.53 -72.16 63.69
N GLN E 43 -9.87 -72.07 62.54
CA GLN E 43 -8.60 -72.76 62.33
C GLN E 43 -7.54 -71.82 61.81
N ARG E 44 -6.38 -72.37 61.44
CA ARG E 44 -5.31 -71.58 60.86
C ARG E 44 -5.69 -71.12 59.45
N LEU E 45 -5.04 -70.04 59.01
CA LEU E 45 -5.28 -69.52 57.68
C LEU E 45 -4.41 -70.22 56.65
N GLU E 46 -4.86 -70.19 55.39
CA GLU E 46 -4.16 -70.83 54.29
C GLU E 46 -4.18 -69.90 53.08
N TRP E 47 -3.58 -70.35 51.99
CA TRP E 47 -3.44 -69.57 50.76
C TRP E 47 -3.98 -70.37 49.58
N ILE E 48 -4.70 -69.66 48.69
CA ILE E 48 -5.28 -70.28 47.51
C ILE E 48 -4.51 -69.90 46.25
N GLY E 49 -4.28 -68.62 46.03
CA GLY E 49 -3.60 -68.16 44.84
C GLY E 49 -3.67 -66.65 44.75
N TRP E 50 -3.13 -66.13 43.66
CA TRP E 50 -3.15 -64.68 43.44
C TRP E 50 -2.97 -64.40 41.96
N ILE E 51 -3.50 -63.25 41.53
CA ILE E 51 -3.38 -62.80 40.16
C ILE E 51 -3.10 -61.31 40.16
N VAL E 52 -2.75 -60.79 38.98
CA VAL E 52 -2.42 -59.39 38.79
C VAL E 52 -3.49 -58.75 37.91
N VAL E 53 -4.02 -57.61 38.36
CA VAL E 53 -5.00 -56.88 37.57
C VAL E 53 -4.43 -56.47 36.22
N GLY E 54 -3.11 -56.25 36.15
CA GLY E 54 -2.45 -55.97 34.90
C GLY E 54 -2.45 -57.11 33.90
N SER E 55 -2.94 -58.29 34.31
CA SER E 55 -3.16 -59.44 33.45
C SER E 55 -1.85 -60.09 33.02
N GLY E 56 -1.88 -61.42 32.86
CA GLY E 56 -0.71 -62.15 32.44
C GLY E 56 0.21 -62.60 33.54
N ASN E 57 -0.25 -62.63 34.79
CA ASN E 57 0.57 -63.10 35.90
C ASN E 57 -0.35 -63.70 36.95
N THR E 58 -0.48 -65.03 36.93
CA THR E 58 -1.29 -65.76 37.89
C THR E 58 -0.43 -66.82 38.53
N ASN E 59 -0.52 -66.95 39.86
CA ASN E 59 0.26 -67.96 40.57
C ASN E 59 -0.65 -68.65 41.57
N TYR E 60 -0.69 -69.98 41.50
CA TYR E 60 -1.52 -70.80 42.36
C TYR E 60 -0.65 -71.64 43.28
N ALA E 61 -1.28 -72.15 44.35
CA ALA E 61 -0.57 -73.02 45.27
C ALA E 61 -0.36 -74.39 44.64
N GLN E 62 0.51 -75.19 45.26
CA GLN E 62 0.80 -76.53 44.76
C GLN E 62 -0.44 -77.40 44.80
N LYS E 63 -1.18 -77.36 45.91
CA LYS E 63 -2.43 -78.10 46.01
C LYS E 63 -3.60 -77.37 45.37
N PHE E 64 -3.53 -76.04 45.30
CA PHE E 64 -4.51 -75.24 44.56
C PHE E 64 -4.10 -75.02 43.12
N GLN E 65 -3.31 -75.94 42.56
CA GLN E 65 -2.86 -75.79 41.18
C GLN E 65 -4.00 -76.03 40.19
N GLU E 66 -4.91 -76.96 40.53
CA GLU E 66 -5.96 -77.38 39.62
C GLU E 66 -7.32 -76.91 40.13
N ARG E 67 -8.36 -77.26 39.37
CA ARG E 67 -9.78 -77.05 39.70
C ARG E 67 -10.08 -75.65 40.25
N VAL E 68 -9.26 -74.66 39.91
CA VAL E 68 -9.49 -73.28 40.31
C VAL E 68 -9.13 -72.37 39.14
N THR E 69 -9.96 -71.37 38.88
CA THR E 69 -9.69 -70.36 37.88
C THR E 69 -10.01 -68.98 38.45
N ILE E 70 -9.10 -68.04 38.27
CA ILE E 70 -9.30 -66.68 38.77
C ILE E 70 -9.45 -65.74 37.58
N THR E 71 -10.69 -65.54 37.15
CA THR E 71 -10.97 -64.57 36.10
C THR E 71 -10.93 -63.16 36.67
N ARG E 72 -10.43 -62.23 35.86
CA ARG E 72 -10.18 -60.87 36.33
C ARG E 72 -11.15 -59.85 35.74
N ASP E 73 -11.20 -59.73 34.41
CA ASP E 73 -12.03 -58.77 33.70
C ASP E 73 -11.69 -57.32 34.07
N MET E 74 -11.55 -56.45 33.06
CA MET E 74 -11.17 -55.07 33.28
C MET E 74 -12.31 -54.08 33.11
N SER E 75 -13.43 -54.47 32.50
CA SER E 75 -14.50 -53.53 32.23
C SER E 75 -15.11 -53.00 33.52
N THR E 76 -15.35 -53.87 34.50
CA THR E 76 -15.94 -53.48 35.77
C THR E 76 -14.92 -53.32 36.87
N SER E 77 -13.63 -53.53 36.58
CA SER E 77 -12.55 -53.33 37.56
C SER E 77 -12.76 -54.19 38.81
N THR E 78 -12.98 -55.48 38.60
CA THR E 78 -13.20 -56.41 39.70
C THR E 78 -12.27 -57.61 39.61
N ALA E 79 -12.52 -58.62 40.45
CA ALA E 79 -11.75 -59.85 40.43
C ALA E 79 -12.65 -61.00 40.88
N TYR E 80 -12.63 -62.10 40.14
CA TYR E 80 -13.49 -63.24 40.41
C TYR E 80 -12.66 -64.48 40.73
N MET E 81 -13.20 -65.32 41.61
CA MET E 81 -12.60 -66.62 41.93
C MET E 81 -13.59 -67.70 41.56
N GLU E 82 -13.12 -68.72 40.85
CA GLU E 82 -13.93 -69.87 40.48
C GLU E 82 -13.21 -71.14 40.90
N LEU E 83 -13.77 -71.85 41.88
CA LEU E 83 -13.21 -73.10 42.37
C LEU E 83 -14.20 -74.21 42.07
N SER E 84 -13.79 -75.17 41.24
CA SER E 84 -14.68 -76.22 40.77
C SER E 84 -14.53 -77.48 41.62
N SER E 85 -15.47 -78.41 41.43
CA SER E 85 -15.48 -79.70 42.11
C SER E 85 -15.48 -79.51 43.63
N LEU E 86 -16.57 -78.92 44.13
CA LEU E 86 -16.71 -78.67 45.55
C LEU E 86 -16.77 -79.99 46.31
N ARG E 87 -16.02 -80.05 47.42
CA ARG E 87 -15.91 -81.24 48.24
C ARG E 87 -16.41 -80.93 49.64
N SER E 88 -16.67 -82.00 50.41
CA SER E 88 -17.28 -81.83 51.72
C SER E 88 -16.40 -81.02 52.67
N GLU E 89 -15.08 -81.25 52.64
CA GLU E 89 -14.17 -80.50 53.50
C GLU E 89 -14.05 -79.04 53.08
N ASP E 90 -14.57 -78.66 51.92
CA ASP E 90 -14.38 -77.34 51.37
C ASP E 90 -15.40 -76.33 51.91
N THR E 91 -16.31 -76.77 52.78
CA THR E 91 -17.22 -75.86 53.46
C THR E 91 -16.40 -74.90 54.33
N ALA E 92 -16.32 -73.64 53.93
CA ALA E 92 -15.39 -72.72 54.57
C ALA E 92 -15.81 -71.29 54.26
N VAL E 93 -14.92 -70.34 54.58
CA VAL E 93 -15.16 -68.92 54.36
C VAL E 93 -14.01 -68.38 53.51
N TYR E 94 -14.37 -67.65 52.45
CA TYR E 94 -13.40 -67.07 51.55
C TYR E 94 -13.25 -65.58 51.81
N TYR E 95 -12.02 -65.10 51.76
CA TYR E 95 -11.71 -63.69 51.95
C TYR E 95 -11.15 -63.12 50.64
N CYS E 96 -10.89 -61.82 50.66
CA CYS E 96 -10.33 -61.12 49.52
C CYS E 96 -9.15 -60.30 50.00
N ALA E 97 -8.24 -59.99 49.08
CA ALA E 97 -7.05 -59.24 49.44
C ALA E 97 -6.67 -58.30 48.30
N ALA E 98 -6.15 -57.13 48.67
CA ALA E 98 -5.72 -56.12 47.72
C ALA E 98 -4.88 -55.06 48.41
N PRO E 99 -3.87 -54.50 47.74
CA PRO E 99 -3.13 -53.38 48.31
C PRO E 99 -3.75 -52.04 47.95
N ASN E 100 -3.30 -51.01 48.66
CA ASN E 100 -3.80 -49.65 48.45
C ASN E 100 -2.84 -48.88 47.54
N CYS E 101 -2.84 -49.26 46.26
CA CYS E 101 -1.98 -48.62 45.29
C CYS E 101 -2.65 -47.37 44.72
N SER E 102 -1.91 -46.27 44.67
CA SER E 102 -2.43 -44.98 44.22
C SER E 102 -1.46 -44.40 43.20
N ASN E 103 -1.75 -44.63 41.91
CA ASN E 103 -0.99 -44.04 40.82
C ASN E 103 0.49 -44.40 40.85
N VAL E 104 1.31 -43.47 41.35
CA VAL E 104 2.75 -43.65 41.28
C VAL E 104 3.23 -44.75 42.23
N VAL E 105 2.63 -44.83 43.42
CA VAL E 105 3.12 -45.72 44.48
C VAL E 105 2.06 -46.78 44.75
N CYS E 106 2.51 -48.02 44.87
CA CYS E 106 1.67 -49.14 45.28
C CYS E 106 1.96 -49.48 46.74
N TYR E 107 0.91 -49.68 47.53
CA TYR E 107 1.08 -49.95 48.94
C TYR E 107 1.67 -51.34 49.13
N ASP E 108 2.72 -51.43 49.96
CA ASP E 108 3.49 -52.66 50.08
C ASP E 108 2.73 -53.78 50.79
N GLY E 109 1.62 -53.47 51.45
CA GLY E 109 0.87 -54.50 52.14
C GLY E 109 -0.57 -54.61 51.68
N PHE E 110 -1.22 -55.72 52.03
CA PHE E 110 -2.63 -55.93 51.68
C PHE E 110 -3.50 -55.30 52.75
N ASP E 111 -3.65 -53.98 52.65
CA ASP E 111 -4.36 -53.23 53.69
C ASP E 111 -5.85 -53.57 53.69
N ILE E 112 -6.48 -53.59 52.52
CA ILE E 112 -7.92 -53.78 52.40
C ILE E 112 -8.22 -55.23 52.08
N TRP E 113 -9.12 -55.83 52.85
CA TRP E 113 -9.61 -57.18 52.62
C TRP E 113 -11.12 -57.16 52.50
N GLY E 114 -11.65 -58.14 51.76
CA GLY E 114 -13.08 -58.27 51.64
C GLY E 114 -13.72 -58.83 52.91
N GLN E 115 -15.04 -58.70 52.98
CA GLN E 115 -15.76 -59.21 54.14
C GLN E 115 -15.68 -60.72 54.22
N GLY E 116 -15.64 -61.40 53.07
CA GLY E 116 -15.51 -62.84 53.04
C GLY E 116 -16.84 -63.55 52.91
N THR E 117 -17.05 -64.21 51.78
CA THR E 117 -18.26 -64.99 51.56
C THR E 117 -18.08 -66.36 52.21
N MET E 118 -19.11 -67.21 52.12
CA MET E 118 -19.01 -68.54 52.70
C MET E 118 -19.58 -69.56 51.73
N VAL E 119 -19.12 -70.81 51.87
CA VAL E 119 -19.61 -71.92 51.08
C VAL E 119 -19.85 -73.11 52.00
N THR E 120 -20.96 -73.80 51.77
CA THR E 120 -21.32 -75.00 52.53
C THR E 120 -21.96 -75.99 51.58
N VAL E 121 -21.39 -77.19 51.50
CA VAL E 121 -21.93 -78.27 50.70
C VAL E 121 -22.36 -79.40 51.63
N SER E 122 -23.52 -79.99 51.34
CA SER E 122 -24.09 -81.03 52.20
C SER E 122 -25.05 -81.85 51.35
N SER E 123 -25.88 -82.65 52.02
CA SER E 123 -26.88 -83.47 51.34
C SER E 123 -28.00 -82.64 50.73
N ALA E 124 -28.06 -81.34 51.03
CA ALA E 124 -29.07 -80.44 50.49
C ALA E 124 -30.49 -80.89 50.83
N SER E 125 -30.74 -80.98 52.14
CA SER E 125 -32.04 -81.35 52.68
C SER E 125 -32.42 -80.33 53.74
N THR E 126 -33.07 -79.24 53.31
CA THR E 126 -33.44 -78.16 54.22
C THR E 126 -34.53 -78.63 55.17
N LYS E 127 -34.31 -78.42 56.46
CA LYS E 127 -35.24 -78.86 57.49
C LYS E 127 -35.34 -77.79 58.56
N GLY E 128 -36.56 -77.57 59.05
CA GLY E 128 -36.79 -76.58 60.09
C GLY E 128 -36.24 -77.03 61.43
N PRO E 129 -35.89 -76.07 62.28
CA PRO E 129 -35.33 -76.41 63.59
C PRO E 129 -36.40 -76.85 64.57
N SER E 130 -35.95 -77.52 65.63
CA SER E 130 -36.81 -78.00 66.70
C SER E 130 -36.24 -77.55 68.04
N VAL E 131 -37.11 -77.33 69.02
CA VAL E 131 -36.72 -76.81 70.33
C VAL E 131 -36.98 -77.89 71.38
N PHE E 132 -35.96 -78.15 72.21
CA PHE E 132 -36.04 -79.10 73.30
C PHE E 132 -35.82 -78.36 74.62
N PRO E 133 -36.73 -78.44 75.58
CA PRO E 133 -36.55 -77.73 76.84
C PRO E 133 -35.69 -78.50 77.83
N LEU E 134 -34.96 -77.74 78.65
CA LEU E 134 -34.14 -78.30 79.72
C LEU E 134 -34.37 -77.49 80.98
N ALA E 135 -34.76 -78.18 82.05
CA ALA E 135 -35.12 -77.54 83.31
C ALA E 135 -34.38 -78.19 84.45
N PRO E 136 -34.10 -77.44 85.52
CA PRO E 136 -33.44 -78.01 86.70
C PRO E 136 -34.45 -78.70 87.61
N SER E 137 -33.96 -79.17 88.74
CA SER E 137 -34.80 -79.87 89.71
C SER E 137 -34.52 -79.40 91.14
N THR E 145 -29.85 -70.05 91.89
CA THR E 145 -28.95 -71.19 91.95
C THR E 145 -29.38 -72.27 90.97
N ALA E 146 -30.27 -71.91 90.06
CA ALA E 146 -30.80 -72.82 89.06
C ALA E 146 -30.61 -72.24 87.67
N ALA E 147 -30.58 -73.12 86.67
CA ALA E 147 -30.43 -72.72 85.28
C ALA E 147 -31.40 -73.53 84.43
N LEU E 148 -31.99 -72.85 83.45
CA LEU E 148 -32.92 -73.48 82.52
C LEU E 148 -32.65 -72.95 81.12
N GLY E 149 -33.03 -73.72 80.12
CA GLY E 149 -32.75 -73.29 78.77
C GLY E 149 -33.46 -74.13 77.73
N CYS E 150 -33.14 -73.85 76.48
CA CYS E 150 -33.71 -74.58 75.35
C CYS E 150 -32.62 -74.87 74.34
N LEU E 151 -32.75 -76.01 73.66
CA LEU E 151 -31.78 -76.47 72.67
C LEU E 151 -32.43 -76.51 71.30
N VAL E 152 -31.81 -75.83 70.34
CA VAL E 152 -32.25 -75.85 68.95
C VAL E 152 -31.50 -76.97 68.24
N LYS E 153 -32.23 -77.81 67.52
CA LYS E 153 -31.63 -79.00 66.91
C LYS E 153 -32.27 -79.28 65.57
N ASP E 154 -31.50 -79.96 64.71
CA ASP E 154 -32.03 -80.57 63.49
C ASP E 154 -32.51 -79.51 62.49
N TYR E 155 -31.64 -78.56 62.18
CA TYR E 155 -31.90 -77.57 61.15
C TYR E 155 -30.76 -77.56 60.14
N PHE E 156 -31.10 -77.21 58.91
CA PHE E 156 -30.16 -77.25 57.80
C PHE E 156 -29.00 -76.30 58.08
N PRO E 157 -27.78 -76.63 57.62
CA PRO E 157 -26.65 -75.70 57.79
C PRO E 157 -26.94 -74.33 57.20
N GLU E 158 -27.07 -73.34 58.08
CA GLU E 158 -27.47 -71.99 57.71
C GLU E 158 -27.37 -71.12 58.96
N PRO E 159 -27.26 -69.80 58.79
CA PRO E 159 -27.27 -68.91 59.96
C PRO E 159 -28.55 -69.07 60.76
N VAL E 160 -28.40 -69.04 62.09
CA VAL E 160 -29.51 -69.25 63.01
C VAL E 160 -29.49 -68.13 64.05
N THR E 161 -30.66 -67.86 64.62
CA THR E 161 -30.82 -66.81 65.62
C THR E 161 -31.51 -67.39 66.86
N VAL E 162 -31.03 -67.01 68.03
CA VAL E 162 -31.64 -67.36 69.31
C VAL E 162 -31.86 -66.08 70.08
N SER E 163 -33.09 -65.88 70.56
CA SER E 163 -33.44 -64.67 71.28
C SER E 163 -34.28 -65.05 72.50
N TRP E 164 -34.77 -64.04 73.20
CA TRP E 164 -35.63 -64.22 74.38
C TRP E 164 -36.79 -63.26 74.31
N ASN E 165 -37.37 -63.12 73.12
CA ASN E 165 -38.55 -62.31 72.81
C ASN E 165 -38.33 -60.82 73.08
N SER E 166 -37.13 -60.46 73.55
CA SER E 166 -36.81 -59.05 73.76
C SER E 166 -35.40 -58.67 73.35
N GLY E 167 -34.52 -59.63 73.05
CA GLY E 167 -33.13 -59.30 72.80
C GLY E 167 -32.45 -58.68 74.01
N ALA E 168 -32.76 -59.19 75.20
CA ALA E 168 -32.28 -58.61 76.45
C ALA E 168 -32.26 -59.72 77.51
N LEU E 169 -32.18 -59.33 78.77
CA LEU E 169 -32.14 -60.26 79.90
C LEU E 169 -30.89 -61.14 79.83
N THR E 170 -29.75 -60.50 79.58
CA THR E 170 -28.49 -61.20 79.45
C THR E 170 -27.88 -61.52 80.81
N SER E 171 -28.65 -62.17 81.68
CA SER E 171 -28.23 -62.50 83.03
C SER E 171 -27.50 -63.82 83.11
N GLY E 172 -26.84 -64.25 82.03
CA GLY E 172 -26.15 -65.52 82.02
C GLY E 172 -26.53 -66.39 80.84
N VAL E 173 -27.09 -65.79 79.80
CA VAL E 173 -27.46 -66.54 78.61
C VAL E 173 -26.20 -67.02 77.90
N HIS E 174 -26.11 -68.32 77.67
CA HIS E 174 -24.96 -68.94 77.01
C HIS E 174 -25.42 -69.55 75.70
N THR E 175 -25.17 -68.83 74.60
CA THR E 175 -25.49 -69.32 73.26
C THR E 175 -24.23 -69.91 72.64
N PHE E 176 -24.21 -71.22 72.47
CA PHE E 176 -23.02 -71.89 72.01
C PHE E 176 -23.06 -72.05 70.48
N PRO E 177 -21.89 -72.11 69.84
CA PRO E 177 -21.87 -72.25 68.37
C PRO E 177 -22.49 -73.55 67.92
N ALA E 178 -23.05 -73.53 66.70
CA ALA E 178 -23.68 -74.71 66.14
C ALA E 178 -22.65 -75.82 65.94
N VAL E 179 -23.11 -77.06 66.09
CA VAL E 179 -22.26 -78.24 66.01
C VAL E 179 -22.68 -79.07 64.81
N LEU E 180 -21.70 -79.46 63.99
CA LEU E 180 -21.95 -80.31 62.84
C LEU E 180 -21.94 -81.76 63.30
N GLN E 181 -23.09 -82.43 63.18
CA GLN E 181 -23.24 -83.79 63.65
C GLN E 181 -22.93 -84.78 62.52
N SER E 182 -23.22 -86.06 62.75
CA SER E 182 -22.93 -87.08 61.73
C SER E 182 -23.86 -86.97 60.54
N SER E 183 -25.10 -86.51 60.75
CA SER E 183 -26.08 -86.38 59.68
C SER E 183 -25.96 -85.06 58.92
N GLY E 184 -25.03 -84.19 59.31
CA GLY E 184 -24.89 -82.91 58.67
C GLY E 184 -25.82 -81.84 59.19
N LEU E 185 -26.70 -82.16 60.13
CA LEU E 185 -27.61 -81.20 60.71
C LEU E 185 -26.90 -80.38 61.78
N TYR E 186 -27.51 -79.27 62.16
CA TYR E 186 -26.93 -78.33 63.10
C TYR E 186 -27.74 -78.29 64.39
N SER E 187 -27.05 -77.98 65.49
CA SER E 187 -27.68 -77.92 66.80
C SER E 187 -26.82 -77.08 67.73
N LEU E 188 -27.49 -76.48 68.71
CA LEU E 188 -26.84 -75.72 69.77
C LEU E 188 -27.82 -75.60 70.93
N SER E 189 -27.33 -75.07 72.04
CA SER E 189 -28.14 -74.92 73.25
C SER E 189 -27.95 -73.54 73.85
N SER E 190 -28.97 -73.06 74.54
CA SER E 190 -28.94 -71.76 75.21
C SER E 190 -29.55 -71.93 76.59
N VAL E 191 -28.73 -71.76 77.63
CA VAL E 191 -29.14 -71.95 79.01
C VAL E 191 -28.82 -70.68 79.79
N VAL E 192 -29.81 -70.16 80.52
CA VAL E 192 -29.67 -68.98 81.36
C VAL E 192 -29.94 -69.39 82.80
N THR E 193 -29.15 -68.85 83.72
CA THR E 193 -29.36 -69.09 85.14
C THR E 193 -30.41 -68.13 85.69
N VAL E 194 -31.24 -68.64 86.60
CA VAL E 194 -32.28 -67.83 87.22
C VAL E 194 -31.63 -66.89 88.24
N PRO E 195 -32.20 -65.70 88.45
CA PRO E 195 -31.58 -64.76 89.42
C PRO E 195 -31.46 -65.33 90.82
N SER E 196 -32.45 -66.09 91.29
CA SER E 196 -32.45 -66.64 92.64
C SER E 196 -33.42 -67.81 92.68
N SER E 197 -33.64 -68.34 93.88
CA SER E 197 -34.55 -69.47 94.08
C SER E 197 -36.00 -69.00 94.08
N SER E 198 -36.37 -68.32 93.00
CA SER E 198 -37.72 -67.83 92.78
C SER E 198 -38.26 -68.34 91.45
N LEU E 199 -37.90 -69.57 91.10
CA LEU E 199 -38.32 -70.17 89.84
C LEU E 199 -39.79 -70.57 89.83
N GLY E 200 -40.47 -70.55 90.98
CA GLY E 200 -41.88 -70.85 91.01
C GLY E 200 -42.79 -69.74 90.52
N THR E 201 -42.23 -68.54 90.33
CA THR E 201 -43.00 -67.41 89.82
C THR E 201 -42.33 -66.83 88.58
N GLN E 202 -42.82 -65.68 88.12
CA GLN E 202 -42.27 -64.97 86.97
C GLN E 202 -42.44 -65.80 85.70
N THR E 203 -42.01 -65.27 84.56
CA THR E 203 -42.19 -65.92 83.27
C THR E 203 -40.85 -66.45 82.77
N TYR E 204 -40.83 -67.71 82.35
CA TYR E 204 -39.64 -68.35 81.78
C TYR E 204 -40.00 -68.86 80.40
N ILE E 205 -39.58 -68.12 79.37
CA ILE E 205 -39.87 -68.46 77.98
C ILE E 205 -38.56 -68.45 77.20
N CYS E 206 -38.43 -69.38 76.25
CA CYS E 206 -37.21 -69.52 75.47
C CYS E 206 -37.52 -69.42 73.99
N ASN E 207 -38.24 -68.37 73.60
CA ASN E 207 -38.67 -68.20 72.21
C ASN E 207 -37.49 -68.24 71.26
N VAL E 208 -37.65 -68.97 70.16
CA VAL E 208 -36.63 -69.13 69.14
C VAL E 208 -37.15 -68.56 67.84
N ASN E 209 -36.38 -67.66 67.23
CA ASN E 209 -36.75 -67.02 65.98
C ASN E 209 -35.82 -67.46 64.87
N HIS E 210 -36.39 -67.66 63.69
CA HIS E 210 -35.63 -68.09 62.52
C HIS E 210 -36.13 -67.32 61.30
N LYS E 211 -35.24 -67.13 60.33
CA LYS E 211 -35.61 -66.35 59.16
C LYS E 211 -35.17 -66.96 57.82
N PRO E 212 -34.08 -67.75 57.74
CA PRO E 212 -33.81 -68.43 56.46
C PRO E 212 -34.92 -69.38 56.06
N SER E 213 -35.59 -70.01 57.02
CA SER E 213 -36.72 -70.90 56.76
C SER E 213 -37.96 -70.36 57.45
N ASN E 214 -39.12 -70.69 56.89
CA ASN E 214 -40.40 -70.24 57.44
C ASN E 214 -40.78 -71.08 58.66
N THR E 215 -39.95 -70.97 59.69
CA THR E 215 -40.13 -71.71 60.93
C THR E 215 -40.02 -70.74 62.10
N LYS E 216 -41.09 -70.60 62.88
CA LYS E 216 -41.12 -69.75 64.06
C LYS E 216 -41.80 -70.56 65.17
N VAL E 217 -40.98 -71.27 65.95
CA VAL E 217 -41.47 -72.15 67.00
C VAL E 217 -41.19 -71.51 68.36
N ASP E 218 -42.19 -71.54 69.23
CA ASP E 218 -42.08 -70.99 70.57
C ASP E 218 -42.51 -72.05 71.57
N LYS E 219 -41.71 -72.22 72.63
CA LYS E 219 -41.99 -73.24 73.62
C LYS E 219 -41.72 -72.68 75.02
N LYS E 220 -42.55 -73.08 75.98
CA LYS E 220 -42.42 -72.64 77.36
C LYS E 220 -41.55 -73.62 78.14
N VAL E 221 -40.93 -73.10 79.20
CA VAL E 221 -40.03 -73.87 80.05
C VAL E 221 -40.64 -73.93 81.45
N GLU E 222 -40.84 -75.14 81.95
CA GLU E 222 -41.41 -75.39 83.27
C GLU E 222 -40.57 -76.42 84.00
N PRO E 223 -40.56 -76.39 85.35
CA PRO E 223 -39.77 -77.35 86.12
C PRO E 223 -40.27 -78.79 85.96
N GLU F 1 11.73 -76.62 52.80
CA GLU F 1 10.29 -76.53 53.03
C GLU F 1 9.97 -75.28 53.86
N ILE F 2 8.85 -74.64 53.53
CA ILE F 2 8.49 -73.35 54.13
C ILE F 2 7.46 -73.57 55.24
N VAL F 3 7.76 -73.02 56.42
CA VAL F 3 6.81 -72.93 57.52
C VAL F 3 6.97 -71.57 58.18
N LEU F 4 5.93 -71.17 58.90
CA LEU F 4 5.96 -70.01 59.78
C LEU F 4 5.54 -70.41 61.18
N THR F 5 6.13 -71.49 61.68
CA THR F 5 5.80 -71.99 63.00
C THR F 5 6.04 -70.91 64.05
N GLN F 6 5.09 -70.78 64.98
CA GLN F 6 5.11 -69.73 65.98
C GLN F 6 5.37 -70.35 67.34
N SER F 7 6.46 -69.93 67.99
CA SER F 7 6.82 -70.48 69.29
C SER F 7 5.75 -70.25 70.36
N PRO F 8 5.15 -69.07 70.52
CA PRO F 8 4.16 -68.91 71.59
C PRO F 8 2.80 -69.44 71.15
N GLY F 9 2.28 -70.39 71.92
CA GLY F 9 0.96 -70.93 71.64
C GLY F 9 -0.14 -70.01 72.12
N THR F 10 -0.21 -69.79 73.43
CA THR F 10 -1.20 -68.91 74.02
C THR F 10 -0.55 -68.08 75.12
N LEU F 11 -1.13 -66.92 75.38
CA LEU F 11 -0.67 -66.04 76.45
C LEU F 11 -1.86 -65.66 77.33
N SER F 12 -1.61 -65.52 78.63
CA SER F 12 -2.67 -65.18 79.58
C SER F 12 -2.06 -64.30 80.67
N LEU F 13 -2.16 -62.99 80.50
CA LEU F 13 -1.66 -62.04 81.49
C LEU F 13 -2.62 -60.87 81.59
N SER F 14 -2.43 -60.06 82.62
CA SER F 14 -3.25 -58.88 82.85
C SER F 14 -2.94 -57.80 81.82
N PRO F 15 -3.83 -56.83 81.66
CA PRO F 15 -3.54 -55.70 80.76
C PRO F 15 -2.24 -55.01 81.13
N GLY F 16 -1.36 -54.87 80.15
CA GLY F 16 -0.02 -54.38 80.39
C GLY F 16 0.98 -55.51 80.45
N GLU F 17 1.71 -55.71 79.35
CA GLU F 17 2.62 -56.84 79.23
C GLU F 17 3.66 -56.52 78.17
N ARG F 18 4.80 -57.20 78.25
CA ARG F 18 5.78 -57.11 77.17
C ARG F 18 5.21 -57.68 75.87
N ALA F 19 4.47 -58.79 75.96
CA ALA F 19 3.74 -59.38 74.83
C ALA F 19 4.68 -59.71 73.67
N THR F 20 5.59 -60.65 73.94
CA THR F 20 6.55 -61.09 72.94
C THR F 20 6.00 -62.30 72.19
N LEU F 21 5.93 -62.18 70.86
CA LEU F 21 5.50 -63.26 69.99
C LEU F 21 6.59 -63.53 68.98
N SER F 22 6.87 -64.81 68.72
CA SER F 22 7.98 -65.21 67.87
C SER F 22 7.48 -66.04 66.69
N CYS F 23 8.07 -65.79 65.53
CA CYS F 23 7.70 -66.45 64.28
C CYS F 23 8.94 -66.88 63.51
N ARG F 24 9.85 -67.57 64.19
CA ARG F 24 11.10 -68.02 63.56
C ARG F 24 10.81 -68.88 62.34
N ALA F 25 11.49 -68.57 61.24
CA ALA F 25 11.30 -69.31 60.00
C ALA F 25 12.28 -70.47 59.92
N SER F 26 12.19 -71.23 58.83
CA SER F 26 13.08 -72.37 58.60
C SER F 26 14.08 -72.08 57.48
N GLN F 27 13.60 -71.70 56.30
CA GLN F 27 14.49 -71.29 55.22
C GLN F 27 14.67 -69.78 55.24
N SER F 28 15.85 -69.35 54.78
CA SER F 28 16.18 -67.93 54.82
C SER F 28 15.32 -67.15 53.84
N VAL F 29 14.68 -66.10 54.34
CA VAL F 29 13.82 -65.24 53.53
C VAL F 29 14.13 -63.79 53.86
N SER F 30 14.16 -62.94 52.83
CA SER F 30 14.45 -61.53 53.04
C SER F 30 13.37 -60.89 53.88
N SER F 31 13.80 -60.09 54.87
CA SER F 31 12.87 -59.41 55.78
C SER F 31 12.37 -58.11 55.16
N SER F 32 11.76 -58.25 53.97
CA SER F 32 11.21 -57.11 53.27
C SER F 32 9.76 -57.38 52.89
N TYR F 33 9.41 -58.65 52.73
CA TYR F 33 8.07 -59.07 52.35
C TYR F 33 7.53 -59.97 53.46
N LEU F 34 6.96 -59.35 54.48
CA LEU F 34 6.35 -60.08 55.59
C LEU F 34 5.35 -59.17 56.28
N ALA F 35 4.27 -59.77 56.78
CA ALA F 35 3.18 -59.01 57.35
C ALA F 35 2.62 -59.73 58.57
N TRP F 36 2.02 -58.92 59.45
CA TRP F 36 1.34 -59.41 60.65
C TRP F 36 -0.15 -59.13 60.48
N TYR F 37 -0.99 -60.07 60.87
CA TYR F 37 -2.42 -59.85 60.85
C TYR F 37 -3.05 -60.12 62.21
N GLN F 38 -3.96 -59.26 62.62
CA GLN F 38 -4.72 -59.42 63.85
C GLN F 38 -6.18 -59.67 63.48
N GLN F 39 -6.65 -60.88 63.75
CA GLN F 39 -8.04 -61.25 63.50
C GLN F 39 -8.75 -61.37 64.84
N LYS F 40 -9.62 -60.42 65.11
CA LYS F 40 -10.59 -60.57 66.19
C LYS F 40 -11.69 -61.47 65.66
N PRO F 41 -12.01 -62.59 66.31
CA PRO F 41 -12.96 -63.54 65.73
C PRO F 41 -14.32 -62.90 65.44
N GLY F 42 -14.89 -63.28 64.30
CA GLY F 42 -16.15 -62.73 63.86
C GLY F 42 -16.09 -61.75 62.71
N GLN F 43 -14.90 -61.22 62.39
CA GLN F 43 -14.76 -60.29 61.27
C GLN F 43 -13.37 -60.46 60.66
N ALA F 44 -13.16 -59.78 59.54
CA ALA F 44 -11.93 -59.93 58.78
C ALA F 44 -10.74 -59.37 59.55
N PRO F 45 -9.55 -59.96 59.37
CA PRO F 45 -8.35 -59.43 60.01
C PRO F 45 -7.95 -58.10 59.42
N ARG F 46 -7.02 -57.43 60.10
CA ARG F 46 -6.54 -56.11 59.69
C ARG F 46 -5.02 -56.14 59.55
N LEU F 47 -4.51 -55.20 58.76
CA LEU F 47 -3.07 -55.07 58.56
C LEU F 47 -2.47 -54.26 59.71
N LEU F 48 -1.41 -54.80 60.31
CA LEU F 48 -0.76 -54.15 61.45
C LEU F 48 0.66 -53.69 61.12
N ILE F 49 1.53 -54.61 60.69
CA ILE F 49 2.90 -54.26 60.34
C ILE F 49 3.31 -55.05 59.11
N TYR F 50 4.16 -54.43 58.29
CA TYR F 50 4.64 -55.02 57.06
C TYR F 50 6.12 -54.72 56.90
N SER F 51 6.76 -55.46 56.01
CA SER F 51 8.17 -55.25 55.66
C SER F 51 9.06 -55.32 56.91
N ALA F 52 8.68 -56.20 57.84
CA ALA F 52 9.42 -56.44 59.08
C ALA F 52 9.47 -55.18 59.94
N SER F 53 10.22 -54.18 59.50
CA SER F 53 10.42 -52.94 60.25
C SER F 53 9.72 -51.79 59.50
N SER F 54 8.47 -51.54 59.85
CA SER F 54 7.69 -50.46 59.27
C SER F 54 6.47 -50.25 60.16
N ARG F 55 5.53 -49.43 59.71
CA ARG F 55 4.29 -49.20 60.43
C ARG F 55 3.18 -48.95 59.43
N ALA F 56 1.95 -49.23 59.85
CA ALA F 56 0.78 -49.03 59.00
C ALA F 56 0.44 -47.54 58.94
N THR F 57 -0.66 -47.20 58.27
CA THR F 57 -1.09 -45.81 58.19
C THR F 57 -1.39 -45.25 59.57
N GLY F 58 -2.08 -46.04 60.40
CA GLY F 58 -2.31 -45.66 61.78
C GLY F 58 -2.46 -46.86 62.68
N ILE F 59 -1.64 -46.92 63.72
CA ILE F 59 -1.69 -48.01 64.71
C ILE F 59 -1.58 -47.41 66.10
N PRO F 60 -2.31 -47.93 67.09
CA PRO F 60 -2.24 -47.39 68.44
C PRO F 60 -1.16 -48.05 69.29
N ASP F 61 -0.73 -47.30 70.30
CA ASP F 61 0.18 -47.77 71.35
C ASP F 61 1.54 -48.20 70.80
N ARG F 62 1.88 -47.77 69.58
CA ARG F 62 3.22 -47.91 69.02
C ARG F 62 3.68 -49.38 69.01
N PHE F 63 2.97 -50.18 68.23
CA PHE F 63 3.36 -51.57 68.03
C PHE F 63 4.71 -51.63 67.32
N SER F 64 5.66 -52.36 67.90
CA SER F 64 7.02 -52.44 67.37
C SER F 64 7.45 -53.88 67.26
N GLY F 65 8.17 -54.20 66.18
CA GLY F 65 8.66 -55.53 65.96
C GLY F 65 9.65 -55.63 64.81
N SER F 66 10.76 -56.33 65.05
CA SER F 66 11.79 -56.49 64.03
C SER F 66 12.48 -57.83 64.23
N GLY F 67 13.15 -58.29 63.20
CA GLY F 67 13.84 -59.57 63.24
C GLY F 67 15.01 -59.58 62.28
N SER F 68 15.32 -60.76 61.76
CA SER F 68 16.45 -60.96 60.87
C SER F 68 16.01 -61.92 59.76
N GLY F 69 16.98 -62.48 59.04
CA GLY F 69 16.67 -63.35 57.93
C GLY F 69 15.86 -64.56 58.33
N THR F 70 16.21 -65.20 59.46
CA THR F 70 15.51 -66.38 59.94
C THR F 70 14.88 -66.17 61.31
N ASP F 71 14.94 -64.96 61.87
CA ASP F 71 14.35 -64.67 63.15
C ASP F 71 13.32 -63.57 62.97
N PHE F 72 12.10 -63.80 63.48
CA PHE F 72 11.02 -62.83 63.38
C PHE F 72 10.28 -62.77 64.71
N THR F 73 10.00 -61.56 65.18
CA THR F 73 9.31 -61.40 66.45
C THR F 73 8.60 -60.05 66.48
N LEU F 74 7.66 -59.94 67.40
CA LEU F 74 6.89 -58.73 67.62
C LEU F 74 6.68 -58.55 69.12
N THR F 75 6.78 -57.30 69.58
CA THR F 75 6.50 -56.97 70.97
C THR F 75 5.45 -55.87 71.03
N ILE F 76 4.63 -55.93 72.07
CA ILE F 76 3.56 -54.97 72.30
C ILE F 76 3.71 -54.47 73.73
N SER F 77 4.40 -53.35 73.91
CA SER F 77 4.65 -52.80 75.24
C SER F 77 3.37 -52.22 75.82
N ARG F 78 3.10 -52.53 77.09
CA ARG F 78 1.89 -52.09 77.80
C ARG F 78 0.63 -52.53 77.04
N LEU F 79 0.45 -53.85 77.02
CA LEU F 79 -0.67 -54.46 76.33
C LEU F 79 -1.99 -53.86 76.81
N GLU F 80 -2.69 -53.16 75.92
CA GLU F 80 -3.91 -52.47 76.28
C GLU F 80 -5.03 -53.46 76.55
N PRO F 81 -6.02 -53.08 77.37
CA PRO F 81 -7.09 -54.02 77.72
C PRO F 81 -7.90 -54.50 76.52
N GLU F 82 -8.01 -53.69 75.46
CA GLU F 82 -8.84 -54.08 74.32
C GLU F 82 -8.11 -55.07 73.40
N ASP F 83 -6.78 -55.00 73.33
CA ASP F 83 -6.02 -55.81 72.38
C ASP F 83 -6.02 -57.25 72.85
N PHE F 84 -6.96 -58.05 72.34
CA PHE F 84 -7.03 -59.47 72.65
C PHE F 84 -7.68 -60.17 71.45
N ALA F 85 -6.85 -60.72 70.57
CA ALA F 85 -7.33 -61.34 69.35
C ALA F 85 -6.34 -62.40 68.91
N VAL F 86 -6.51 -62.92 67.70
CA VAL F 86 -5.61 -63.92 67.12
C VAL F 86 -4.58 -63.20 66.26
N TYR F 87 -3.34 -63.68 66.29
CA TYR F 87 -2.26 -63.08 65.52
C TYR F 87 -1.69 -64.10 64.54
N PHE F 88 -1.47 -63.66 63.30
CA PHE F 88 -1.04 -64.53 62.22
C PHE F 88 0.17 -63.94 61.51
N CYS F 89 1.13 -64.81 61.20
CA CYS F 89 2.26 -64.47 60.36
C CYS F 89 1.84 -64.54 58.90
N GLN F 90 2.60 -63.85 58.05
CA GLN F 90 2.46 -64.07 56.62
C GLN F 90 3.73 -63.61 55.92
N GLN F 91 4.18 -64.39 54.95
CA GLN F 91 5.33 -64.00 54.13
C GLN F 91 4.98 -64.17 52.66
N TYR F 92 5.33 -63.16 51.86
CA TYR F 92 5.13 -63.22 50.41
C TYR F 92 6.43 -62.92 49.69
N GLY F 93 7.56 -63.12 50.35
CA GLY F 93 8.84 -62.98 49.67
C GLY F 93 9.04 -64.01 48.58
N THR F 94 8.56 -65.24 48.82
CA THR F 94 8.65 -66.28 47.82
C THR F 94 7.43 -67.17 47.91
N SER F 95 7.01 -67.68 46.76
CA SER F 95 5.88 -68.60 46.68
C SER F 95 6.32 -70.00 47.11
N PRO F 96 5.45 -70.78 47.78
CA PRO F 96 4.10 -70.41 48.20
C PRO F 96 4.09 -69.51 49.43
N TRP F 97 3.00 -68.76 49.60
CA TRP F 97 2.85 -67.88 50.77
C TRP F 97 2.14 -68.66 51.88
N THR F 98 2.94 -69.38 52.65
CA THR F 98 2.43 -70.03 53.85
C THR F 98 2.10 -68.98 54.89
N PHE F 99 1.00 -69.17 55.60
CA PHE F 99 0.55 -68.19 56.59
C PHE F 99 1.04 -68.59 57.99
N GLY F 100 0.62 -67.84 59.00
CA GLY F 100 1.06 -68.08 60.36
C GLY F 100 0.21 -69.11 61.09
N GLN F 101 0.80 -69.66 62.16
CA GLN F 101 0.11 -70.69 62.93
C GLN F 101 -1.03 -70.09 63.74
N GLY F 102 -0.78 -68.99 64.45
CA GLY F 102 -1.80 -68.34 65.24
C GLY F 102 -1.45 -68.31 66.71
N THR F 103 -1.62 -67.14 67.33
CA THR F 103 -1.42 -66.97 68.76
C THR F 103 -2.66 -66.34 69.38
N LYS F 104 -2.87 -66.63 70.66
CA LYS F 104 -4.04 -66.16 71.38
C LYS F 104 -3.61 -65.55 72.71
N VAL F 105 -4.25 -64.44 73.07
CA VAL F 105 -3.98 -63.74 74.32
C VAL F 105 -5.30 -63.55 75.07
N GLU F 106 -5.21 -63.51 76.40
CA GLU F 106 -6.39 -63.43 77.25
C GLU F 106 -5.92 -62.94 78.62
N ILE F 107 -6.88 -62.56 79.46
CA ILE F 107 -6.60 -61.96 80.76
C ILE F 107 -6.52 -63.07 81.81
N LYS F 108 -5.89 -62.73 82.93
CA LYS F 108 -5.79 -63.64 84.07
C LYS F 108 -6.83 -63.25 85.11
N ARG F 109 -7.58 -64.24 85.60
CA ARG F 109 -8.68 -64.01 86.53
C ARG F 109 -8.50 -64.86 87.78
N THR F 110 -7.27 -65.34 87.99
CA THR F 110 -6.87 -66.08 89.18
C THR F 110 -7.80 -67.28 89.41
N VAL F 111 -7.72 -68.25 88.50
CA VAL F 111 -8.27 -69.61 88.61
C VAL F 111 -9.41 -69.75 89.62
N ALA F 112 -10.65 -69.74 89.12
CA ALA F 112 -11.82 -69.89 89.96
C ALA F 112 -12.45 -71.26 89.76
N ALA F 113 -13.17 -71.72 90.78
CA ALA F 113 -13.81 -73.03 90.73
C ALA F 113 -14.96 -73.03 89.73
N PRO F 114 -15.15 -74.14 89.02
CA PRO F 114 -16.27 -74.24 88.08
C PRO F 114 -17.53 -74.79 88.74
N SER F 115 -18.63 -74.69 88.00
CA SER F 115 -19.91 -75.24 88.42
C SER F 115 -20.41 -76.22 87.39
N VAL F 116 -20.76 -77.43 87.85
CA VAL F 116 -21.22 -78.50 86.98
C VAL F 116 -22.66 -78.84 87.32
N PHE F 117 -23.51 -78.96 86.31
CA PHE F 117 -24.87 -79.42 86.55
C PHE F 117 -25.45 -80.04 85.29
N ILE F 118 -26.29 -81.06 85.50
CA ILE F 118 -26.80 -81.89 84.42
C ILE F 118 -28.23 -81.50 84.11
N PHE F 119 -28.69 -81.88 82.92
CA PHE F 119 -30.11 -81.78 82.55
C PHE F 119 -30.65 -83.14 82.19
N PRO F 120 -31.46 -83.77 83.04
CA PRO F 120 -32.07 -85.04 82.67
C PRO F 120 -33.04 -84.86 81.51
N PRO F 121 -33.21 -85.87 80.66
CA PRO F 121 -34.13 -85.73 79.53
C PRO F 121 -35.56 -85.56 80.00
N SER F 122 -36.34 -84.81 79.20
CA SER F 122 -37.70 -84.48 79.54
C SER F 122 -38.66 -85.53 78.96
N ASP F 123 -39.96 -85.25 79.02
CA ASP F 123 -40.96 -86.20 78.50
C ASP F 123 -40.91 -86.29 76.98
N GLU F 124 -40.61 -85.18 76.30
CA GLU F 124 -40.67 -85.15 74.84
C GLU F 124 -39.60 -86.04 74.20
N GLN F 125 -38.55 -86.40 74.94
CA GLN F 125 -37.45 -87.15 74.34
C GLN F 125 -37.84 -88.60 74.06
N LEU F 126 -38.78 -89.17 74.81
CA LEU F 126 -39.15 -90.56 74.57
C LEU F 126 -40.03 -90.73 73.35
N LYS F 127 -40.65 -89.65 72.85
CA LYS F 127 -41.41 -89.71 71.62
C LYS F 127 -40.73 -88.98 70.46
N SER F 128 -39.55 -88.41 70.69
CA SER F 128 -38.81 -87.73 69.64
C SER F 128 -37.86 -88.74 68.98
N GLY F 129 -36.95 -88.24 68.16
CA GLY F 129 -36.02 -89.11 67.45
C GLY F 129 -35.03 -89.82 68.38
N THR F 130 -34.16 -89.05 69.02
CA THR F 130 -33.14 -89.59 69.90
C THR F 130 -33.11 -88.81 71.20
N ALA F 131 -32.89 -89.53 72.30
CA ALA F 131 -32.79 -88.92 73.62
C ALA F 131 -31.34 -88.55 73.90
N SER F 132 -31.11 -87.28 74.22
CA SER F 132 -29.77 -86.76 74.49
C SER F 132 -29.70 -86.22 75.91
N VAL F 133 -28.53 -86.37 76.52
CA VAL F 133 -28.27 -85.90 77.88
C VAL F 133 -27.14 -84.89 77.85
N VAL F 134 -27.32 -83.78 78.56
CA VAL F 134 -26.40 -82.66 78.50
C VAL F 134 -25.91 -82.31 79.90
N CYS F 135 -24.64 -81.94 79.99
CA CYS F 135 -24.03 -81.39 81.19
C CYS F 135 -23.47 -80.01 80.88
N LEU F 136 -23.55 -79.10 81.84
CA LEU F 136 -23.08 -77.74 81.67
C LEU F 136 -22.02 -77.44 82.71
N LEU F 137 -20.88 -76.93 82.25
CA LEU F 137 -19.81 -76.39 83.07
C LEU F 137 -19.81 -74.88 82.92
N ASN F 138 -19.72 -74.16 84.03
CA ASN F 138 -19.78 -72.70 83.99
C ASN F 138 -18.74 -72.10 84.92
N ASN F 139 -18.27 -70.90 84.56
CA ASN F 139 -17.52 -70.03 85.46
C ASN F 139 -16.19 -70.67 85.88
N PHE F 140 -15.33 -70.89 84.89
CA PHE F 140 -13.97 -71.35 85.13
C PHE F 140 -13.03 -70.65 84.16
N TYR F 141 -11.92 -70.15 84.69
CA TYR F 141 -10.95 -69.42 83.88
C TYR F 141 -10.11 -70.37 83.01
N PRO F 142 -9.46 -71.41 83.57
CA PRO F 142 -8.61 -72.26 82.74
C PRO F 142 -9.41 -73.04 81.71
N ARG F 143 -8.76 -73.31 80.58
CA ARG F 143 -9.34 -74.14 79.53
C ARG F 143 -9.20 -75.63 79.80
N GLU F 144 -8.42 -76.02 80.81
CA GLU F 144 -8.26 -77.43 81.15
C GLU F 144 -9.52 -77.92 81.84
N ALA F 145 -10.41 -78.54 81.07
CA ALA F 145 -11.67 -79.06 81.60
C ALA F 145 -11.96 -80.38 80.90
N LYS F 146 -11.65 -81.49 81.58
CA LYS F 146 -11.85 -82.82 81.04
C LYS F 146 -13.23 -83.33 81.46
N VAL F 147 -14.03 -83.75 80.47
CA VAL F 147 -15.38 -84.22 80.71
C VAL F 147 -15.43 -85.71 80.41
N GLN F 148 -15.84 -86.50 81.40
CA GLN F 148 -15.95 -87.95 81.27
C GLN F 148 -17.39 -88.35 81.54
N TRP F 149 -17.96 -89.16 80.64
CA TRP F 149 -19.33 -89.64 80.79
C TRP F 149 -19.32 -90.90 81.64
N LYS F 150 -20.10 -90.91 82.72
CA LYS F 150 -20.14 -92.02 83.65
C LYS F 150 -21.35 -92.90 83.32
N VAL F 151 -21.17 -93.76 82.30
CA VAL F 151 -22.15 -94.81 82.05
C VAL F 151 -21.99 -95.89 83.11
N ASP F 152 -23.12 -96.46 83.53
CA ASP F 152 -23.10 -97.48 84.57
C ASP F 152 -22.22 -98.65 84.17
N ASN F 153 -21.11 -98.83 84.89
CA ASN F 153 -20.13 -99.89 84.62
C ASN F 153 -19.60 -99.81 83.19
N ALA F 154 -19.36 -98.59 82.72
CA ALA F 154 -18.80 -98.37 81.38
C ALA F 154 -18.27 -96.96 81.28
N LEU F 155 -17.03 -96.83 80.82
CA LEU F 155 -16.40 -95.53 80.56
C LEU F 155 -16.06 -95.49 79.08
N GLN F 156 -17.02 -95.05 78.26
CA GLN F 156 -16.89 -95.09 76.81
C GLN F 156 -17.17 -93.70 76.25
N SER F 157 -16.51 -93.40 75.13
CA SER F 157 -16.65 -92.14 74.41
C SER F 157 -17.00 -92.40 72.96
N GLY F 158 -17.98 -93.28 72.73
CA GLY F 158 -18.37 -93.63 71.37
C GLY F 158 -18.91 -92.45 70.59
N ASN F 159 -19.75 -91.64 71.22
CA ASN F 159 -20.31 -90.45 70.58
C ASN F 159 -20.64 -89.43 71.66
N SER F 160 -19.80 -88.41 71.79
CA SER F 160 -20.01 -87.35 72.76
C SER F 160 -19.49 -86.05 72.19
N GLN F 161 -20.33 -85.02 72.21
CA GLN F 161 -20.01 -83.75 71.55
C GLN F 161 -19.78 -82.66 72.59
N GLU F 162 -18.71 -81.89 72.39
CA GLU F 162 -18.33 -80.81 73.28
C GLU F 162 -18.53 -79.48 72.57
N SER F 163 -19.04 -78.50 73.33
CA SER F 163 -19.25 -77.15 72.81
C SER F 163 -18.67 -76.15 73.80
N VAL F 164 -17.98 -75.14 73.27
CA VAL F 164 -17.29 -74.13 74.06
C VAL F 164 -17.73 -72.75 73.61
N THR F 165 -17.91 -71.84 74.56
CA THR F 165 -18.25 -70.45 74.29
C THR F 165 -17.00 -69.59 74.27
N GLU F 166 -17.17 -68.35 73.83
CA GLU F 166 -16.07 -67.40 73.84
C GLU F 166 -15.97 -66.73 75.20
N GLN F 167 -14.90 -65.95 75.38
CA GLN F 167 -14.60 -65.39 76.69
C GLN F 167 -15.63 -64.34 77.09
N ASP F 168 -16.14 -64.46 78.32
CA ASP F 168 -17.11 -63.50 78.82
C ASP F 168 -16.45 -62.15 79.04
N SER F 169 -17.29 -61.10 79.01
CA SER F 169 -16.82 -59.73 79.23
C SER F 169 -17.04 -59.28 80.68
N LYS F 170 -18.29 -59.34 81.14
CA LYS F 170 -18.59 -58.92 82.51
C LYS F 170 -17.97 -59.87 83.53
N ASP F 171 -18.04 -61.17 83.26
CA ASP F 171 -17.57 -62.18 84.21
C ASP F 171 -16.20 -62.76 83.86
N SER F 172 -15.78 -62.66 82.60
CA SER F 172 -14.47 -63.16 82.16
C SER F 172 -14.29 -64.63 82.51
N THR F 173 -15.33 -65.43 82.28
CA THR F 173 -15.30 -66.86 82.58
C THR F 173 -15.67 -67.65 81.32
N TYR F 174 -15.58 -68.97 81.43
CA TYR F 174 -15.83 -69.87 80.33
C TYR F 174 -17.01 -70.79 80.65
N SER F 175 -17.70 -71.21 79.59
CA SER F 175 -18.83 -72.14 79.70
C SER F 175 -18.67 -73.23 78.65
N LEU F 176 -18.91 -74.47 79.07
CA LEU F 176 -18.85 -75.62 78.18
C LEU F 176 -20.10 -76.48 78.35
N SER F 177 -20.44 -77.19 77.28
CA SER F 177 -21.56 -78.11 77.28
C SER F 177 -21.14 -79.44 76.69
N SER F 178 -21.55 -80.53 77.34
CA SER F 178 -21.27 -81.88 76.86
C SER F 178 -22.58 -82.59 76.59
N THR F 179 -22.72 -83.13 75.37
CA THR F 179 -23.94 -83.77 74.92
C THR F 179 -23.67 -85.22 74.54
N LEU F 180 -24.56 -86.11 74.95
CA LEU F 180 -24.50 -87.52 74.58
C LEU F 180 -25.82 -87.93 73.94
N THR F 181 -25.71 -88.74 72.88
CA THR F 181 -26.85 -89.35 72.22
C THR F 181 -26.72 -90.87 72.32
N LEU F 182 -27.82 -91.52 72.73
CA LEU F 182 -27.79 -92.95 72.99
C LEU F 182 -28.92 -93.61 72.21
N SER F 183 -28.92 -94.95 72.22
CA SER F 183 -29.91 -95.71 71.48
C SER F 183 -31.32 -95.38 71.96
N LYS F 184 -32.23 -95.20 71.00
CA LYS F 184 -33.60 -94.83 71.28
C LYS F 184 -34.46 -96.02 71.72
N ALA F 185 -34.00 -97.24 71.48
CA ALA F 185 -34.79 -98.46 71.72
C ALA F 185 -35.44 -98.48 73.10
N ASP F 186 -34.62 -98.46 74.15
CA ASP F 186 -35.15 -98.41 75.51
C ASP F 186 -34.45 -97.41 76.42
N TYR F 187 -33.16 -97.15 76.22
CA TYR F 187 -32.36 -96.26 77.06
C TYR F 187 -32.26 -96.78 78.49
N GLU F 188 -32.82 -97.96 78.75
CA GLU F 188 -32.85 -98.53 80.09
C GLU F 188 -31.74 -99.55 80.32
N LYS F 189 -30.78 -99.67 79.40
CA LYS F 189 -29.70 -100.64 79.56
C LYS F 189 -28.83 -100.29 80.77
N HIS F 190 -28.57 -99.01 80.99
CA HIS F 190 -27.92 -98.55 82.22
C HIS F 190 -28.74 -97.42 82.83
N LYS F 191 -29.00 -97.52 84.13
CA LYS F 191 -29.80 -96.53 84.83
C LYS F 191 -28.94 -95.46 85.51
N VAL F 192 -27.62 -95.53 85.40
CA VAL F 192 -26.72 -94.56 86.00
C VAL F 192 -26.05 -93.77 84.88
N TYR F 193 -26.31 -92.46 84.84
CA TYR F 193 -25.71 -91.58 83.86
C TYR F 193 -25.21 -90.33 84.58
N ALA F 194 -23.93 -90.00 84.37
CA ALA F 194 -23.31 -88.90 85.09
C ALA F 194 -22.13 -88.36 84.28
N CYS F 195 -21.69 -87.17 84.66
CA CYS F 195 -20.53 -86.54 84.03
C CYS F 195 -19.57 -86.07 85.11
N GLU F 196 -18.30 -86.45 84.98
CA GLU F 196 -17.25 -86.04 85.90
C GLU F 196 -16.29 -85.08 85.21
N VAL F 197 -15.82 -84.10 85.97
CA VAL F 197 -14.86 -83.12 85.49
C VAL F 197 -13.80 -82.91 86.56
N THR F 198 -12.55 -82.80 86.14
CA THR F 198 -11.43 -82.52 87.03
C THR F 198 -10.84 -81.17 86.68
N HIS F 199 -10.77 -80.29 87.68
CA HIS F 199 -10.32 -78.92 87.46
C HIS F 199 -9.35 -78.53 88.56
N GLN F 200 -8.53 -77.51 88.26
CA GLN F 200 -7.53 -77.06 89.22
C GLN F 200 -8.17 -76.53 90.50
N GLY F 201 -9.26 -75.77 90.36
CA GLY F 201 -9.95 -75.24 91.52
C GLY F 201 -11.05 -76.16 92.00
N LEU F 202 -10.78 -77.47 92.04
CA LEU F 202 -11.76 -78.45 92.49
C LEU F 202 -11.21 -79.46 93.49
N SER F 203 -9.89 -79.70 93.51
CA SER F 203 -9.28 -80.68 94.40
C SER F 203 -9.91 -82.06 94.21
N SER F 204 -10.73 -82.48 95.16
CA SER F 204 -11.40 -83.76 95.03
C SER F 204 -12.37 -83.73 93.86
N PRO F 205 -12.37 -84.77 93.02
CA PRO F 205 -13.29 -84.78 91.86
C PRO F 205 -14.74 -84.79 92.31
N VAL F 206 -15.60 -84.19 91.47
CA VAL F 206 -17.03 -84.06 91.76
C VAL F 206 -17.79 -85.07 90.93
N THR F 207 -18.75 -85.75 91.57
CA THR F 207 -19.62 -86.71 90.90
C THR F 207 -21.04 -86.45 91.34
N LYS F 208 -21.88 -85.97 90.42
CA LYS F 208 -23.26 -85.65 90.72
C LYS F 208 -24.14 -86.14 89.58
N SER F 209 -25.27 -86.76 89.94
CA SER F 209 -26.22 -87.26 88.95
C SER F 209 -27.56 -87.44 89.63
N PHE F 210 -28.57 -87.80 88.83
CA PHE F 210 -29.91 -88.04 89.35
C PHE F 210 -30.49 -89.23 88.58
N ASN F 211 -30.57 -90.38 89.24
CA ASN F 211 -31.21 -91.54 88.64
C ASN F 211 -32.71 -91.30 88.52
N ARG F 212 -33.30 -91.76 87.43
CA ARG F 212 -34.73 -91.58 87.23
C ARG F 212 -35.53 -92.39 88.25
N GLY F 213 -36.66 -91.82 88.65
CA GLY F 213 -37.53 -92.46 89.63
C GLY F 213 -38.57 -91.51 90.19
N GLN G 1 43.25 -48.73 12.13
CA GLN G 1 43.16 -48.45 10.71
C GLN G 1 43.44 -46.99 10.40
N CYS G 2 44.00 -46.26 11.37
CA CYS G 2 44.40 -44.87 11.17
C CYS G 2 45.92 -44.73 11.02
N VAL G 3 46.64 -45.85 10.96
CA VAL G 3 48.07 -45.97 10.65
C VAL G 3 48.95 -44.83 11.17
N ASN G 4 48.63 -43.58 10.84
CA ASN G 4 49.42 -42.42 11.26
C ASN G 4 50.84 -42.48 10.72
N LEU G 5 50.96 -42.66 9.41
CA LEU G 5 52.29 -42.84 8.84
C LEU G 5 53.07 -41.52 8.86
N THR G 6 54.37 -41.64 8.66
CA THR G 6 55.30 -40.52 8.83
C THR G 6 56.35 -40.61 7.72
N THR G 7 57.50 -39.98 7.95
CA THR G 7 58.64 -39.99 7.03
C THR G 7 58.30 -39.37 5.68
N ARG G 8 57.94 -38.08 5.70
CA ARG G 8 57.79 -37.28 4.50
C ARG G 8 58.79 -36.14 4.56
N THR G 9 59.49 -35.91 3.44
CA THR G 9 60.49 -34.84 3.39
C THR G 9 59.80 -33.48 3.39
N GLN G 10 60.02 -32.70 4.45
CA GLN G 10 59.33 -31.42 4.59
C GLN G 10 59.85 -30.43 3.56
N LEU G 11 58.93 -29.61 3.03
CA LEU G 11 59.26 -28.61 2.03
C LEU G 11 58.32 -27.42 2.20
N PRO G 12 58.74 -26.23 1.77
CA PRO G 12 57.83 -25.08 1.81
C PRO G 12 56.80 -25.17 0.70
N PRO G 13 55.65 -24.52 0.85
CA PRO G 13 54.65 -24.55 -0.22
C PRO G 13 55.14 -23.81 -1.45
N ALA G 14 54.68 -24.28 -2.61
CA ALA G 14 54.99 -23.68 -3.90
C ALA G 14 53.75 -23.02 -4.48
N TYR G 15 53.96 -22.28 -5.57
CA TYR G 15 52.88 -21.54 -6.21
C TYR G 15 53.09 -21.54 -7.72
N THR G 16 52.00 -21.42 -8.47
CA THR G 16 52.10 -21.24 -9.91
C THR G 16 50.95 -20.37 -10.38
N ASN G 17 50.91 -20.12 -11.69
CA ASN G 17 50.00 -19.15 -12.29
C ASN G 17 49.04 -19.85 -13.24
N SER G 18 47.76 -19.50 -13.14
CA SER G 18 46.72 -20.08 -13.98
C SER G 18 46.41 -19.12 -15.12
N PHE G 19 46.64 -19.55 -16.35
CA PHE G 19 46.55 -18.68 -17.52
C PHE G 19 45.22 -18.94 -18.23
N THR G 20 44.19 -18.19 -17.84
CA THR G 20 42.87 -18.25 -18.46
C THR G 20 42.29 -19.66 -18.42
N ARG G 21 42.03 -20.14 -17.20
CA ARG G 21 41.40 -21.43 -16.99
C ARG G 21 40.31 -21.30 -15.94
N GLY G 22 39.31 -22.15 -16.05
CA GLY G 22 38.23 -22.16 -15.07
C GLY G 22 36.98 -21.46 -15.56
N VAL G 23 36.59 -21.71 -16.80
CA VAL G 23 35.38 -21.15 -17.39
C VAL G 23 34.36 -22.27 -17.52
N TYR G 24 33.20 -22.08 -16.91
CA TYR G 24 32.15 -23.09 -16.90
C TYR G 24 30.82 -22.46 -17.27
N TYR G 25 30.01 -23.19 -18.03
CA TYR G 25 28.69 -22.73 -18.42
C TYR G 25 27.87 -22.43 -17.18
N PRO G 26 27.53 -21.17 -16.92
CA PRO G 26 26.78 -20.84 -15.70
C PRO G 26 25.41 -21.49 -15.63
N ASP G 27 24.73 -21.68 -16.76
CA ASP G 27 23.38 -22.25 -16.77
C ASP G 27 23.25 -23.19 -17.96
N LYS G 28 22.02 -23.58 -18.27
CA LYS G 28 21.73 -24.52 -19.33
C LYS G 28 21.26 -23.86 -20.61
N VAL G 29 21.26 -22.53 -20.66
CA VAL G 29 20.72 -21.83 -21.82
C VAL G 29 21.66 -21.97 -23.01
N PHE G 30 21.08 -22.24 -24.18
CA PHE G 30 21.82 -22.31 -25.43
C PHE G 30 21.92 -20.93 -26.05
N ARG G 31 22.97 -20.71 -26.82
CA ARG G 31 23.17 -19.44 -27.52
C ARG G 31 24.00 -19.69 -28.77
N SER G 32 23.95 -18.74 -29.70
CA SER G 32 24.61 -18.91 -30.99
C SER G 32 25.21 -17.59 -31.45
N SER G 33 26.54 -17.57 -31.57
CA SER G 33 27.27 -16.46 -32.18
C SER G 33 26.96 -15.12 -31.51
N VAL G 34 26.84 -15.13 -30.19
CA VAL G 34 26.51 -13.94 -29.44
C VAL G 34 27.40 -13.87 -28.21
N LEU G 35 27.84 -12.66 -27.87
CA LEU G 35 28.65 -12.42 -26.68
C LEU G 35 27.75 -12.10 -25.51
N HIS G 36 28.02 -12.70 -24.36
CA HIS G 36 27.17 -12.56 -23.19
C HIS G 36 27.96 -12.03 -22.01
N SER G 37 27.31 -11.24 -21.16
CA SER G 37 27.93 -10.71 -19.95
C SER G 37 27.36 -11.43 -18.74
N THR G 38 28.23 -12.00 -17.92
CA THR G 38 27.81 -12.82 -16.80
C THR G 38 28.42 -12.28 -15.52
N GLN G 39 27.65 -12.35 -14.44
CA GLN G 39 28.09 -11.90 -13.12
C GLN G 39 27.93 -13.05 -12.14
N ASP G 40 29.04 -13.68 -11.76
CA ASP G 40 28.95 -14.90 -10.95
C ASP G 40 30.32 -15.22 -10.37
N LEU G 41 30.43 -16.38 -9.74
CA LEU G 41 31.70 -16.81 -9.16
C LEU G 41 32.63 -17.35 -10.24
N PHE G 42 33.88 -16.91 -10.23
CA PHE G 42 34.84 -17.31 -11.23
C PHE G 42 36.23 -17.29 -10.61
N LEU G 43 37.16 -17.96 -11.28
CA LEU G 43 38.57 -17.90 -10.91
C LEU G 43 39.24 -16.78 -11.68
N PRO G 44 39.74 -15.74 -11.02
CA PRO G 44 40.31 -14.61 -11.75
C PRO G 44 41.47 -15.04 -12.64
N PHE G 45 41.59 -14.38 -13.78
CA PHE G 45 42.64 -14.71 -14.72
C PHE G 45 44.01 -14.39 -14.12
N PHE G 46 45.00 -15.17 -14.53
CA PHE G 46 46.39 -14.97 -14.12
C PHE G 46 46.51 -14.93 -12.59
N SER G 47 45.90 -15.91 -11.94
CA SER G 47 45.89 -15.96 -10.49
C SER G 47 46.86 -17.02 -9.97
N ASN G 48 47.17 -16.91 -8.69
CA ASN G 48 48.15 -17.78 -8.05
C ASN G 48 47.45 -18.99 -7.43
N VAL G 49 47.81 -20.18 -7.90
CA VAL G 49 47.22 -21.43 -7.43
C VAL G 49 48.30 -22.24 -6.73
N THR G 50 47.92 -22.86 -5.62
CA THR G 50 48.83 -23.70 -4.87
C THR G 50 49.03 -25.02 -5.60
N TRP G 51 50.20 -25.62 -5.41
CA TRP G 51 50.62 -26.79 -6.18
C TRP G 51 51.15 -27.88 -5.27
N PHE G 52 50.34 -28.91 -5.05
CA PHE G 52 50.75 -30.02 -4.20
C PHE G 52 51.30 -31.16 -5.04
N HIS G 53 52.29 -31.86 -4.48
CA HIS G 53 53.14 -32.78 -5.22
C HIS G 53 53.11 -34.15 -4.57
N ALA G 54 53.45 -35.18 -5.33
CA ALA G 54 53.63 -36.52 -4.76
C ALA G 54 54.58 -37.30 -5.66
N ILE G 55 55.86 -37.32 -5.30
CA ILE G 55 56.87 -38.13 -5.98
C ILE G 55 57.84 -38.66 -4.92
N HIS G 56 58.27 -39.91 -5.09
CA HIS G 56 59.14 -40.54 -4.10
C HIS G 56 60.58 -40.06 -4.20
N VAL G 57 61.05 -39.74 -5.40
CA VAL G 57 62.44 -39.35 -5.63
C VAL G 57 63.40 -40.46 -5.18
N THR G 63 62.70 -39.18 -1.68
CA THR G 63 62.32 -38.26 -0.61
C THR G 63 60.88 -38.49 -0.16
N LYS G 64 60.35 -39.67 -0.46
CA LYS G 64 58.98 -40.04 -0.10
C LYS G 64 58.01 -39.01 -0.68
N ARG G 65 57.72 -37.96 0.08
CA ARG G 65 57.18 -36.72 -0.46
C ARG G 65 55.88 -36.93 -1.24
N PHE G 66 54.83 -37.30 -0.53
CA PHE G 66 53.48 -37.18 -1.05
C PHE G 66 52.79 -36.10 -0.22
N ASP G 67 52.00 -35.25 -0.87
CA ASP G 67 51.45 -34.09 -0.19
C ASP G 67 49.92 -34.17 -0.23
N ASN G 68 49.30 -34.07 0.95
CA ASN G 68 47.84 -34.06 1.05
C ASN G 68 47.37 -33.47 2.37
N PRO G 69 47.43 -32.16 2.55
CA PRO G 69 46.97 -31.56 3.80
C PRO G 69 45.47 -31.35 3.81
N VAL G 70 44.97 -30.69 4.85
CA VAL G 70 43.59 -30.23 4.90
C VAL G 70 43.58 -28.76 4.50
N LEU G 71 42.52 -28.34 3.80
CA LEU G 71 42.44 -27.03 3.20
C LEU G 71 41.13 -26.35 3.55
N PRO G 72 41.08 -25.02 3.49
CA PRO G 72 39.82 -24.32 3.68
C PRO G 72 38.96 -24.37 2.43
N PHE G 73 37.68 -24.04 2.62
CA PHE G 73 36.67 -24.02 1.56
C PHE G 73 35.96 -22.67 1.68
N ASN G 74 36.50 -21.64 1.02
CA ASN G 74 35.98 -20.30 1.23
C ASN G 74 34.62 -20.13 0.56
N ASP G 75 34.60 -20.18 -0.77
CA ASP G 75 33.35 -20.12 -1.53
C ASP G 75 33.28 -21.10 -2.69
N GLY G 76 34.39 -21.66 -3.14
CA GLY G 76 34.40 -22.56 -4.26
C GLY G 76 35.82 -22.97 -4.56
N VAL G 77 36.01 -24.18 -5.10
CA VAL G 77 37.34 -24.72 -5.32
C VAL G 77 37.47 -25.16 -6.77
N TYR G 78 38.60 -24.82 -7.37
CA TYR G 78 38.97 -25.29 -8.70
C TYR G 78 40.12 -26.29 -8.54
N PHE G 79 39.81 -27.57 -8.74
CA PHE G 79 40.78 -28.64 -8.59
C PHE G 79 41.27 -29.07 -9.96
N ALA G 80 42.58 -29.26 -10.10
CA ALA G 80 43.14 -29.72 -11.37
C ALA G 80 44.16 -30.81 -11.10
N SER G 81 43.83 -32.05 -11.46
CA SER G 81 44.72 -33.18 -11.26
C SER G 81 45.51 -33.45 -12.52
N THR G 82 46.82 -33.66 -12.36
CA THR G 82 47.70 -33.96 -13.49
C THR G 82 48.46 -35.25 -13.15
N GLU G 83 48.04 -36.36 -13.73
CA GLU G 83 48.67 -37.64 -13.48
C GLU G 83 48.31 -38.60 -14.61
N LYS G 84 48.75 -39.84 -14.47
CA LYS G 84 48.53 -40.84 -15.50
C LYS G 84 48.20 -42.24 -14.98
N SER G 85 48.01 -42.41 -13.67
CA SER G 85 47.84 -43.75 -13.11
C SER G 85 46.72 -43.81 -12.07
N ASN G 86 45.74 -42.90 -12.16
CA ASN G 86 44.59 -42.89 -11.25
C ASN G 86 45.02 -42.79 -9.80
N ILE G 87 46.16 -42.15 -9.54
CA ILE G 87 46.68 -42.06 -8.18
C ILE G 87 45.73 -41.25 -7.31
N ILE G 88 45.24 -40.11 -7.82
CA ILE G 88 44.20 -39.38 -7.11
C ILE G 88 42.90 -40.16 -7.22
N ARG G 89 42.17 -40.25 -6.11
CA ARG G 89 40.94 -41.04 -6.09
C ARG G 89 39.71 -40.19 -5.82
N GLY G 90 39.66 -39.45 -4.72
CA GLY G 90 38.44 -38.78 -4.36
C GLY G 90 38.64 -37.59 -3.47
N TRP G 91 37.55 -37.14 -2.87
CA TRP G 91 37.54 -35.94 -2.05
C TRP G 91 36.79 -36.21 -0.75
N ILE G 92 36.88 -35.25 0.16
CA ILE G 92 36.20 -35.34 1.46
C ILE G 92 35.90 -33.94 1.94
N PHE G 93 34.66 -33.71 2.34
CA PHE G 93 34.19 -32.38 2.67
C PHE G 93 33.70 -32.39 4.11
N GLY G 94 33.45 -31.21 4.66
CA GLY G 94 32.74 -31.19 5.93
C GLY G 94 32.97 -29.90 6.68
N THR G 95 32.68 -29.95 7.99
CA THR G 95 32.92 -28.84 8.89
C THR G 95 33.84 -29.22 10.04
N THR G 96 33.58 -30.34 10.71
CA THR G 96 34.37 -30.78 11.84
C THR G 96 35.07 -32.11 11.62
N LEU G 97 34.53 -32.98 10.77
CA LEU G 97 35.16 -34.26 10.43
C LEU G 97 35.42 -35.11 11.66
N ASP G 98 34.41 -35.22 12.52
CA ASP G 98 34.55 -36.00 13.75
C ASP G 98 33.31 -36.82 14.06
N SER G 99 32.53 -37.21 13.04
CA SER G 99 31.32 -38.01 13.22
C SER G 99 30.28 -37.27 14.06
N LYS G 100 30.56 -36.03 14.43
CA LYS G 100 29.60 -35.20 15.13
C LYS G 100 28.76 -34.35 14.19
N THR G 101 29.20 -34.19 12.94
CA THR G 101 28.52 -33.37 11.96
C THR G 101 28.43 -34.13 10.65
N GLN G 102 27.42 -33.81 9.84
CA GLN G 102 27.26 -34.45 8.55
C GLN G 102 28.45 -34.13 7.64
N SER G 103 28.74 -35.06 6.72
CA SER G 103 29.88 -34.91 5.84
C SER G 103 29.59 -35.61 4.52
N LEU G 104 30.40 -35.29 3.52
CA LEU G 104 30.25 -35.83 2.17
C LEU G 104 31.53 -36.56 1.81
N LEU G 105 31.40 -37.66 1.07
CA LEU G 105 32.52 -38.57 0.87
C LEU G 105 32.59 -38.97 -0.61
N ILE G 106 32.56 -37.99 -1.50
CA ILE G 106 32.73 -38.28 -2.92
C ILE G 106 34.04 -39.03 -3.12
N VAL G 107 33.95 -40.25 -3.64
CA VAL G 107 35.12 -41.10 -3.76
C VAL G 107 34.96 -41.97 -5.01
N ASN G 108 36.08 -42.20 -5.71
CA ASN G 108 36.04 -43.07 -6.87
C ASN G 108 35.91 -44.53 -6.46
N ASN G 109 36.66 -44.94 -5.44
CA ASN G 109 36.68 -46.31 -4.94
C ASN G 109 37.13 -47.30 -6.01
N ALA G 110 37.31 -48.57 -5.62
CA ALA G 110 37.76 -49.56 -6.58
C ALA G 110 36.66 -49.92 -7.59
N THR G 111 35.42 -50.01 -7.12
CA THR G 111 34.33 -50.53 -7.93
C THR G 111 33.38 -49.45 -8.44
N ASN G 112 32.81 -48.64 -7.54
CA ASN G 112 31.78 -47.69 -7.91
C ASN G 112 32.09 -46.33 -7.28
N VAL G 113 31.65 -45.27 -7.94
CA VAL G 113 31.93 -43.93 -7.45
C VAL G 113 30.91 -43.60 -6.38
N VAL G 114 31.19 -44.03 -5.15
CA VAL G 114 30.23 -43.94 -4.07
C VAL G 114 30.11 -42.50 -3.61
N ILE G 115 28.87 -42.04 -3.41
CA ILE G 115 28.59 -40.74 -2.83
C ILE G 115 27.75 -40.97 -1.59
N LYS G 116 28.19 -40.44 -0.46
CA LYS G 116 27.48 -40.63 0.80
C LYS G 116 27.42 -39.30 1.54
N VAL G 117 26.38 -39.16 2.37
CA VAL G 117 26.24 -38.02 3.26
C VAL G 117 26.19 -38.45 4.72
N CYS G 118 26.61 -39.68 5.00
CA CYS G 118 26.54 -40.21 6.36
C CYS G 118 27.48 -39.41 7.27
N GLU G 119 27.38 -39.67 8.57
CA GLU G 119 28.31 -39.12 9.54
C GLU G 119 29.40 -40.15 9.80
N PHE G 120 30.64 -39.81 9.49
CA PHE G 120 31.75 -40.75 9.60
C PHE G 120 32.74 -40.26 10.64
N GLN G 121 33.33 -41.21 11.38
CA GLN G 121 34.47 -40.92 12.25
C GLN G 121 35.73 -41.16 11.44
N PHE G 122 36.15 -40.11 10.74
CA PHE G 122 37.25 -40.27 9.79
C PHE G 122 38.57 -40.42 10.51
N CYS G 123 39.49 -41.18 9.91
CA CYS G 123 40.85 -41.20 10.42
C CYS G 123 41.50 -39.84 10.26
N ASN G 124 42.43 -39.53 11.18
CA ASN G 124 43.13 -38.26 11.10
C ASN G 124 44.03 -38.19 9.86
N ASP G 125 44.47 -39.34 9.35
CA ASP G 125 45.24 -39.42 8.12
C ASP G 125 44.64 -40.49 7.22
N PRO G 126 43.53 -40.19 6.55
CA PRO G 126 42.88 -41.20 5.71
C PRO G 126 43.50 -41.26 4.33
N PHE G 127 43.50 -42.47 3.76
CA PHE G 127 43.92 -42.65 2.37
C PHE G 127 43.45 -44.03 1.92
N LEU G 128 43.65 -44.30 0.63
CA LEU G 128 43.40 -45.61 0.05
C LEU G 128 44.66 -46.09 -0.65
N GLY G 129 44.78 -47.40 -0.79
CA GLY G 129 45.97 -47.95 -1.40
C GLY G 129 45.75 -49.36 -1.88
N VAL G 130 46.76 -49.89 -2.58
CA VAL G 130 46.74 -51.24 -3.14
C VAL G 130 48.04 -51.93 -2.78
N TYR G 131 48.04 -53.25 -2.94
CA TYR G 131 49.20 -54.10 -2.67
C TYR G 131 49.65 -54.75 -3.96
N TYR G 132 50.95 -54.69 -4.24
CA TYR G 132 51.51 -55.16 -5.50
C TYR G 132 52.20 -56.52 -5.31
N HIS G 133 51.89 -57.46 -6.19
CA HIS G 133 52.55 -58.75 -6.24
C HIS G 133 52.34 -59.32 -7.63
N LYS G 134 53.38 -59.97 -8.17
CA LYS G 134 53.33 -60.45 -9.55
C LYS G 134 52.43 -61.67 -9.70
N ASN G 135 52.29 -62.48 -8.64
CA ASN G 135 51.51 -63.71 -8.74
C ASN G 135 50.07 -63.41 -9.15
N ASN G 136 49.35 -62.65 -8.34
CA ASN G 136 48.06 -62.11 -8.73
C ASN G 136 48.31 -60.79 -9.45
N LYS G 137 48.15 -60.79 -10.78
CA LYS G 137 48.47 -59.61 -11.56
C LYS G 137 47.57 -58.43 -11.18
N SER G 138 46.39 -58.71 -10.63
CA SER G 138 45.53 -57.65 -10.13
C SER G 138 46.11 -57.05 -8.86
N TRP G 139 46.16 -55.72 -8.80
CA TRP G 139 46.67 -55.01 -7.64
C TRP G 139 45.50 -54.85 -6.67
N MET G 140 45.35 -55.83 -5.78
CA MET G 140 44.20 -55.86 -4.89
C MET G 140 44.24 -54.69 -3.91
N GLU G 141 43.07 -54.09 -3.68
CA GLU G 141 42.95 -52.96 -2.76
C GLU G 141 42.88 -53.49 -1.34
N SER G 142 44.00 -53.46 -0.64
CA SER G 142 44.06 -53.92 0.73
C SER G 142 43.81 -52.81 1.74
N GLU G 143 43.45 -51.61 1.28
CA GLU G 143 43.32 -50.45 2.14
C GLU G 143 41.91 -49.90 2.06
N PHE G 144 41.28 -49.71 3.23
CA PHE G 144 40.01 -49.01 3.34
C PHE G 144 40.11 -48.09 4.56
N ARG G 145 41.22 -47.36 4.63
CA ARG G 145 41.56 -46.57 5.81
C ARG G 145 41.15 -45.11 5.57
N VAL G 146 39.85 -44.86 5.68
CA VAL G 146 39.30 -43.52 5.53
C VAL G 146 38.49 -43.09 6.74
N TYR G 147 37.65 -43.98 7.28
CA TYR G 147 36.88 -43.68 8.47
C TYR G 147 36.78 -44.94 9.31
N SER G 148 36.06 -44.84 10.43
CA SER G 148 35.88 -45.96 11.34
C SER G 148 34.43 -46.32 11.64
N SER G 149 33.49 -45.38 11.50
CA SER G 149 32.11 -45.64 11.86
C SER G 149 31.17 -44.83 10.98
N ALA G 150 29.92 -45.27 10.93
CA ALA G 150 28.88 -44.57 10.19
C ALA G 150 27.56 -44.81 10.91
N ASN G 151 27.07 -43.79 11.62
CA ASN G 151 25.92 -43.97 12.49
C ASN G 151 24.61 -43.94 11.70
N ASN G 152 24.36 -42.86 10.97
CA ASN G 152 23.10 -42.70 10.26
C ASN G 152 23.27 -41.69 9.13
N CYS G 153 22.38 -41.79 8.14
CA CYS G 153 22.57 -41.13 6.85
C CYS G 153 21.28 -40.48 6.41
N THR G 154 21.38 -39.67 5.35
CA THR G 154 20.22 -39.06 4.70
C THR G 154 20.27 -39.09 3.18
N PHE G 155 21.25 -39.78 2.59
CA PHE G 155 21.37 -39.88 1.14
C PHE G 155 22.45 -40.90 0.82
N GLU G 156 22.39 -41.45 -0.38
CA GLU G 156 23.40 -42.38 -0.86
C GLU G 156 23.30 -42.47 -2.37
N TYR G 157 24.34 -43.00 -3.00
CA TYR G 157 24.34 -43.26 -4.42
C TYR G 157 25.40 -44.31 -4.72
N VAL G 158 25.16 -45.10 -5.77
CA VAL G 158 26.13 -46.03 -6.30
C VAL G 158 26.00 -46.03 -7.81
N SER G 159 27.13 -46.07 -8.50
CA SER G 159 27.12 -46.11 -9.96
C SER G 159 27.46 -47.52 -10.44
N GLN G 160 27.55 -47.67 -11.76
CA GLN G 160 27.74 -48.97 -12.37
C GLN G 160 29.15 -49.49 -12.10
N PRO G 161 29.33 -50.82 -12.13
CA PRO G 161 30.67 -51.38 -11.87
C PRO G 161 31.68 -50.96 -12.93
N PHE G 162 32.92 -50.81 -12.49
CA PHE G 162 34.03 -50.48 -13.38
C PHE G 162 35.33 -50.88 -12.73
N LEU G 163 36.40 -50.89 -13.53
CA LEU G 163 37.74 -51.18 -13.04
C LEU G 163 38.71 -50.17 -13.63
N MET G 164 39.86 -50.03 -12.98
CA MET G 164 40.89 -49.10 -13.39
C MET G 164 42.15 -49.85 -13.76
N ASP G 165 43.06 -49.13 -14.44
CA ASP G 165 44.33 -49.73 -14.83
C ASP G 165 45.15 -50.13 -13.62
N LEU G 166 45.22 -49.25 -12.62
CA LEU G 166 45.93 -49.51 -11.36
C LEU G 166 47.39 -49.89 -11.61
N GLU G 167 48.00 -49.27 -12.62
CA GLU G 167 49.39 -49.52 -12.97
C GLU G 167 50.17 -48.21 -12.88
N GLY G 168 51.26 -48.23 -12.12
CA GLY G 168 52.07 -47.04 -11.94
C GLY G 168 53.15 -46.86 -12.98
N LYS G 169 52.75 -46.45 -14.19
CA LYS G 169 53.73 -46.20 -15.24
C LYS G 169 54.61 -45.01 -14.88
N GLN G 170 55.78 -44.95 -15.51
CA GLN G 170 56.79 -43.96 -15.18
C GLN G 170 57.09 -43.01 -16.34
N GLY G 171 56.10 -42.77 -17.19
CA GLY G 171 56.24 -41.86 -18.29
C GLY G 171 55.91 -40.43 -17.91
N ASN G 172 55.52 -39.65 -18.92
CA ASN G 172 55.07 -38.29 -18.70
C ASN G 172 53.54 -38.24 -18.58
N PHE G 173 53.06 -37.18 -17.93
CA PHE G 173 51.62 -37.03 -17.75
C PHE G 173 50.92 -36.91 -19.09
N LYS G 174 49.81 -37.62 -19.24
CA LYS G 174 49.06 -37.63 -20.49
C LYS G 174 47.61 -37.21 -20.31
N ASN G 175 47.14 -37.01 -19.09
CA ASN G 175 45.75 -36.64 -18.85
C ASN G 175 45.68 -35.53 -17.83
N LEU G 176 44.78 -34.58 -18.06
CA LEU G 176 44.51 -33.49 -17.13
C LEU G 176 43.02 -33.49 -16.83
N ARG G 177 42.67 -33.59 -15.55
CA ARG G 177 41.28 -33.62 -15.13
C ARG G 177 40.97 -32.37 -14.34
N GLU G 178 40.00 -31.59 -14.80
CA GLU G 178 39.63 -30.35 -14.15
C GLU G 178 38.24 -30.46 -13.55
N PHE G 179 38.09 -29.96 -12.33
CA PHE G 179 36.83 -30.02 -11.62
C PHE G 179 36.60 -28.69 -10.93
N VAL G 180 35.33 -28.30 -10.83
CA VAL G 180 34.92 -27.08 -10.16
C VAL G 180 33.80 -27.45 -9.21
N PHE G 181 33.96 -27.11 -7.93
CA PHE G 181 32.95 -27.46 -6.93
C PHE G 181 32.30 -26.20 -6.39
N LYS G 182 30.97 -26.17 -6.38
CA LYS G 182 30.22 -25.09 -5.77
C LYS G 182 29.20 -25.67 -4.81
N ASN G 183 28.85 -24.88 -3.79
CA ASN G 183 27.87 -25.33 -2.80
C ASN G 183 27.10 -24.10 -2.32
N ILE G 184 25.93 -23.88 -2.91
CA ILE G 184 25.12 -22.70 -2.59
C ILE G 184 23.64 -23.09 -2.61
N ASP G 185 22.85 -22.35 -1.82
CA ASP G 185 21.39 -22.49 -1.79
C ASP G 185 20.99 -23.93 -1.53
N GLY G 186 21.65 -24.54 -0.55
CA GLY G 186 21.33 -25.92 -0.19
C GLY G 186 21.59 -26.92 -1.28
N TYR G 187 22.32 -26.54 -2.32
CA TYR G 187 22.60 -27.41 -3.44
C TYR G 187 24.11 -27.50 -3.65
N PHE G 188 24.54 -28.61 -4.22
CA PHE G 188 25.95 -28.91 -4.43
C PHE G 188 26.16 -29.27 -5.89
N LYS G 189 27.05 -28.52 -6.56
CA LYS G 189 27.22 -28.64 -8.00
C LYS G 189 28.67 -28.98 -8.33
N ILE G 190 28.84 -29.91 -9.26
CA ILE G 190 30.15 -30.37 -9.71
C ILE G 190 30.23 -30.23 -11.22
N TYR G 191 31.24 -29.51 -11.69
CA TYR G 191 31.55 -29.38 -13.11
C TYR G 191 32.88 -30.08 -13.40
N SER G 192 33.00 -30.66 -14.58
CA SER G 192 34.18 -31.48 -14.84
C SER G 192 34.54 -31.44 -16.32
N LYS G 193 35.82 -31.74 -16.59
CA LYS G 193 36.30 -31.94 -17.96
C LYS G 193 37.60 -32.73 -17.92
N HIS G 194 37.89 -33.41 -19.03
CA HIS G 194 39.10 -34.20 -19.20
C HIS G 194 39.78 -33.82 -20.50
N THR G 195 41.12 -33.70 -20.47
CA THR G 195 41.85 -33.35 -21.69
C THR G 195 43.18 -34.08 -21.76
N PRO G 196 43.49 -34.72 -22.89
CA PRO G 196 44.83 -35.30 -23.05
C PRO G 196 45.88 -34.22 -23.14
N ILE G 197 47.06 -34.52 -22.58
CA ILE G 197 48.16 -33.55 -22.52
C ILE G 197 49.47 -34.28 -22.77
N ASN G 198 50.54 -33.50 -22.92
CA ASN G 198 51.90 -34.03 -23.00
C ASN G 198 52.82 -32.94 -22.44
N LEU G 199 53.15 -33.05 -21.16
CA LEU G 199 53.93 -32.02 -20.49
C LEU G 199 54.84 -32.67 -19.45
N VAL G 200 55.66 -31.83 -18.81
CA VAL G 200 56.53 -32.28 -17.74
C VAL G 200 56.22 -31.48 -16.48
N ARG G 201 55.74 -30.25 -16.65
CA ARG G 201 55.44 -29.39 -15.52
C ARG G 201 54.43 -28.33 -15.95
N ASP G 202 53.75 -27.76 -14.94
CA ASP G 202 52.88 -26.59 -15.09
C ASP G 202 51.64 -26.89 -15.94
N LEU G 203 50.72 -25.91 -16.06
CA LEU G 203 49.50 -26.03 -16.83
C LEU G 203 49.73 -25.52 -18.25
N PRO G 204 49.38 -26.29 -19.28
CA PRO G 204 49.44 -25.75 -20.64
C PRO G 204 48.48 -24.58 -20.80
N GLN G 205 48.92 -23.59 -21.58
CA GLN G 205 48.12 -22.39 -21.80
C GLN G 205 47.12 -22.64 -22.90
N GLY G 206 45.86 -22.81 -22.53
CA GLY G 206 44.80 -23.06 -23.49
C GLY G 206 43.48 -22.60 -22.93
N PHE G 207 42.41 -23.04 -23.58
CA PHE G 207 41.05 -22.67 -23.17
C PHE G 207 40.14 -23.87 -23.36
N SER G 208 39.68 -24.45 -22.24
CA SER G 208 38.71 -25.52 -22.26
C SER G 208 37.57 -25.15 -21.32
N ALA G 209 36.36 -25.11 -21.84
CA ALA G 209 35.20 -24.68 -21.07
C ALA G 209 34.63 -25.86 -20.28
N LEU G 210 34.44 -25.66 -18.98
CA LEU G 210 33.92 -26.71 -18.12
C LEU G 210 32.44 -26.92 -18.38
N GLU G 211 32.01 -28.19 -18.38
CA GLU G 211 30.62 -28.56 -18.59
C GLU G 211 30.00 -29.02 -17.28
N PRO G 212 28.70 -28.77 -17.08
CA PRO G 212 28.04 -29.27 -15.86
C PRO G 212 28.07 -30.78 -15.83
N LEU G 213 28.27 -31.34 -14.64
CA LEU G 213 28.31 -32.78 -14.48
C LEU G 213 27.24 -33.30 -13.53
N VAL G 214 27.18 -32.78 -12.31
CA VAL G 214 26.29 -33.36 -11.30
C VAL G 214 25.73 -32.27 -10.42
N ASP G 215 24.46 -32.42 -10.05
CA ASP G 215 23.79 -31.57 -9.08
C ASP G 215 23.21 -32.45 -7.98
N LEU G 216 23.35 -32.03 -6.72
CA LEU G 216 22.92 -32.82 -5.58
C LEU G 216 22.22 -31.93 -4.56
N PRO G 217 21.05 -32.35 -4.05
CA PRO G 217 20.32 -31.59 -3.03
C PRO G 217 20.66 -32.01 -1.60
N ILE G 218 21.94 -32.01 -1.25
CA ILE G 218 22.34 -32.44 0.08
C ILE G 218 22.05 -31.37 1.12
N GLY G 219 22.37 -30.12 0.82
CA GLY G 219 22.07 -29.02 1.74
C GLY G 219 22.77 -29.08 3.07
N ILE G 220 24.07 -29.35 3.08
CA ILE G 220 24.86 -29.42 4.30
C ILE G 220 25.85 -28.27 4.33
N ASN G 221 26.36 -27.97 5.52
CA ASN G 221 27.36 -26.93 5.68
C ASN G 221 28.75 -27.49 5.37
N ILE G 222 29.49 -26.78 4.52
CA ILE G 222 30.85 -27.19 4.15
C ILE G 222 31.78 -26.01 4.39
N THR G 223 32.86 -26.27 5.12
CA THR G 223 33.86 -25.23 5.40
C THR G 223 35.27 -25.77 5.23
N ARG G 224 35.42 -27.10 5.29
CA ARG G 224 36.72 -27.73 5.31
C ARG G 224 36.79 -28.82 4.25
N PHE G 225 37.98 -28.96 3.67
CA PHE G 225 38.24 -29.69 2.43
C PHE G 225 39.45 -30.60 2.62
N GLN G 226 39.43 -31.75 1.95
CA GLN G 226 40.64 -32.57 1.88
C GLN G 226 40.49 -33.53 0.71
N THR G 227 41.61 -34.08 0.27
CA THR G 227 41.63 -34.97 -0.88
C THR G 227 42.13 -36.35 -0.46
N LEU G 228 41.83 -37.34 -1.30
CA LEU G 228 42.18 -38.73 -1.07
C LEU G 228 42.85 -39.30 -2.31
N LEU G 229 44.02 -39.90 -2.12
CA LEU G 229 44.79 -40.41 -3.24
C LEU G 229 45.27 -41.82 -2.93
N ALA G 230 45.73 -42.51 -3.98
CA ALA G 230 46.11 -43.90 -3.88
C ALA G 230 47.54 -44.05 -3.36
N LEU G 231 47.89 -45.28 -3.01
CA LEU G 231 49.20 -45.60 -2.45
C LEU G 231 49.50 -47.06 -2.78
N HIS G 232 50.31 -47.29 -3.82
CA HIS G 232 50.59 -48.66 -4.25
C HIS G 232 51.77 -49.21 -3.46
N ARG G 233 51.47 -49.77 -2.30
CA ARG G 233 52.48 -50.45 -1.50
C ARG G 233 52.88 -51.76 -2.15
N SER G 234 54.16 -52.10 -2.04
CA SER G 234 54.66 -53.32 -2.64
C SER G 234 55.65 -53.98 -1.69
N TYR G 235 55.96 -55.25 -1.97
CA TYR G 235 56.94 -55.98 -1.16
C TYR G 235 58.33 -55.37 -1.25
N LEU G 236 58.60 -54.57 -2.28
CA LEU G 236 59.89 -53.90 -2.39
C LEU G 236 60.06 -52.80 -1.35
N THR G 237 59.00 -52.41 -0.66
CA THR G 237 59.08 -51.45 0.43
C THR G 237 58.75 -52.14 1.75
N PRO G 238 59.68 -52.92 2.29
CA PRO G 238 59.38 -53.67 3.52
C PRO G 238 59.20 -52.76 4.71
N GLY G 239 58.41 -53.21 5.66
CA GLY G 239 58.14 -52.47 6.87
C GLY G 239 56.75 -52.76 7.37
N ASP G 240 56.31 -51.97 8.34
CA ASP G 240 54.98 -52.10 8.91
C ASP G 240 54.00 -51.25 8.11
N SER G 241 52.78 -51.10 8.62
CA SER G 241 51.77 -50.31 7.93
C SER G 241 52.18 -48.85 7.80
N SER G 242 52.94 -48.35 8.77
CA SER G 242 53.30 -46.94 8.84
C SER G 242 54.64 -46.62 8.17
N SER G 243 55.29 -47.61 7.55
CA SER G 243 56.61 -47.37 7.01
C SER G 243 56.78 -47.75 5.56
N GLY G 244 56.14 -48.81 5.10
CA GLY G 244 56.36 -49.29 3.75
C GLY G 244 55.36 -48.80 2.73
N TRP G 245 55.80 -47.90 1.85
CA TRP G 245 54.97 -47.39 0.76
C TRP G 245 55.81 -46.53 -0.16
N THR G 246 55.30 -46.34 -1.37
CA THR G 246 55.83 -45.37 -2.33
C THR G 246 54.67 -44.62 -2.95
N ALA G 247 54.93 -43.37 -3.34
CA ALA G 247 53.86 -42.46 -3.75
C ALA G 247 53.73 -42.31 -5.27
N GLY G 248 54.44 -43.12 -6.05
CA GLY G 248 54.29 -43.04 -7.49
C GLY G 248 54.71 -41.69 -8.04
N ALA G 249 53.84 -41.07 -8.82
CA ALA G 249 54.12 -39.76 -9.42
C ALA G 249 52.80 -39.09 -9.76
N ALA G 250 52.49 -38.01 -9.05
CA ALA G 250 51.23 -37.30 -9.27
C ALA G 250 51.34 -35.88 -8.70
N ALA G 251 50.40 -35.04 -9.10
CA ALA G 251 50.35 -33.67 -8.59
C ALA G 251 48.95 -33.11 -8.80
N TYR G 252 48.57 -32.18 -7.93
CA TYR G 252 47.29 -31.51 -8.11
C TYR G 252 47.35 -30.05 -7.71
N TYR G 253 46.51 -29.26 -8.37
CA TYR G 253 46.55 -27.81 -8.36
C TYR G 253 45.27 -27.32 -7.71
N VAL G 254 45.38 -26.39 -6.77
CA VAL G 254 44.22 -25.87 -6.06
C VAL G 254 44.17 -24.36 -6.22
N GLY G 255 43.03 -23.87 -6.69
CA GLY G 255 42.78 -22.44 -6.79
C GLY G 255 41.60 -22.04 -5.95
N TYR G 256 41.07 -20.83 -6.14
CA TYR G 256 39.92 -20.39 -5.38
C TYR G 256 39.06 -19.50 -6.26
N LEU G 257 37.79 -19.33 -5.86
CA LEU G 257 36.80 -18.62 -6.64
C LEU G 257 36.37 -17.36 -5.91
N GLN G 258 36.07 -16.33 -6.68
CA GLN G 258 35.62 -15.05 -6.16
C GLN G 258 34.53 -14.51 -7.07
N PRO G 259 33.66 -13.64 -6.55
CA PRO G 259 32.67 -12.99 -7.42
C PRO G 259 33.36 -12.12 -8.46
N ARG G 260 32.83 -12.14 -9.67
CA ARG G 260 33.46 -11.46 -10.79
C ARG G 260 32.43 -11.25 -11.88
N THR G 261 32.83 -10.48 -12.90
CA THR G 261 32.06 -10.27 -14.12
C THR G 261 32.91 -10.67 -15.31
N PHE G 262 32.34 -11.48 -16.18
CA PHE G 262 33.05 -12.01 -17.33
C PHE G 262 32.26 -11.71 -18.60
N LEU G 263 32.96 -11.71 -19.72
CA LEU G 263 32.34 -11.67 -21.04
C LEU G 263 32.69 -12.98 -21.75
N LEU G 264 31.67 -13.72 -22.16
CA LEU G 264 31.83 -15.05 -22.73
C LEU G 264 31.42 -15.02 -24.18
N LYS G 265 32.24 -15.62 -25.05
CA LYS G 265 31.95 -15.65 -26.48
C LYS G 265 31.43 -17.03 -26.85
N TYR G 266 30.19 -17.07 -27.34
CA TYR G 266 29.57 -18.31 -27.79
C TYR G 266 29.77 -18.45 -29.29
N ASN G 267 30.23 -19.62 -29.73
CA ASN G 267 30.39 -19.88 -31.15
C ASN G 267 29.02 -20.26 -31.72
N GLU G 268 29.01 -20.73 -32.98
CA GLU G 268 27.74 -21.00 -33.64
C GLU G 268 27.08 -22.29 -33.15
N ASN G 269 27.82 -23.17 -32.50
CA ASN G 269 27.28 -24.44 -32.02
C ASN G 269 27.01 -24.43 -30.52
N GLY G 270 27.09 -23.27 -29.88
CA GLY G 270 26.77 -23.18 -28.48
C GLY G 270 27.88 -23.57 -27.51
N THR G 271 29.13 -23.55 -27.97
CA THR G 271 30.27 -23.90 -27.12
C THR G 271 31.14 -22.67 -26.91
N ILE G 272 31.53 -22.43 -25.66
CA ILE G 272 32.37 -21.29 -25.34
C ILE G 272 33.74 -21.49 -25.95
N THR G 273 34.26 -20.47 -26.62
CA THR G 273 35.61 -20.51 -27.17
C THR G 273 36.53 -19.44 -26.63
N ASP G 274 36.00 -18.41 -25.97
CA ASP G 274 36.86 -17.34 -25.47
C ASP G 274 36.14 -16.59 -24.36
N ALA G 275 36.94 -15.99 -23.49
CA ALA G 275 36.39 -15.23 -22.38
C ALA G 275 37.30 -14.03 -22.11
N VAL G 276 36.71 -13.00 -21.51
CA VAL G 276 37.44 -11.77 -21.20
C VAL G 276 37.03 -11.32 -19.80
N ASP G 277 38.03 -11.08 -18.95
CA ASP G 277 37.74 -10.55 -17.62
C ASP G 277 37.35 -9.07 -17.72
N CYS G 278 36.62 -8.61 -16.71
CA CYS G 278 36.16 -7.23 -16.68
C CYS G 278 36.83 -6.41 -15.59
N ALA G 279 37.88 -6.93 -14.97
CA ALA G 279 38.60 -6.16 -13.96
C ALA G 279 40.10 -6.36 -14.02
N LEU G 280 40.62 -7.06 -15.02
CA LEU G 280 42.05 -7.33 -15.06
C LEU G 280 42.83 -6.10 -15.49
N ASP G 281 42.60 -5.63 -16.71
CA ASP G 281 43.33 -4.53 -17.30
C ASP G 281 42.36 -3.46 -17.77
N PRO G 282 42.81 -2.22 -17.89
CA PRO G 282 41.94 -1.19 -18.48
C PRO G 282 41.46 -1.57 -19.86
N LEU G 283 42.30 -2.22 -20.66
CA LEU G 283 41.86 -2.69 -21.96
C LEU G 283 40.73 -3.70 -21.82
N SER G 284 40.85 -4.62 -20.86
CA SER G 284 39.79 -5.59 -20.64
C SER G 284 38.49 -4.91 -20.21
N GLU G 285 38.59 -3.90 -19.36
CA GLU G 285 37.39 -3.18 -18.95
C GLU G 285 36.75 -2.46 -20.13
N THR G 286 37.58 -1.88 -21.01
CA THR G 286 37.04 -1.25 -22.21
C THR G 286 36.32 -2.26 -23.10
N LYS G 287 36.93 -3.43 -23.30
CA LYS G 287 36.29 -4.45 -24.12
C LYS G 287 34.99 -4.93 -23.50
N CYS G 288 34.94 -5.03 -22.18
CA CYS G 288 33.69 -5.35 -21.51
C CYS G 288 32.65 -4.27 -21.77
N THR G 289 33.06 -3.00 -21.71
CA THR G 289 32.11 -1.91 -21.92
C THR G 289 31.55 -1.92 -23.33
N LEU G 290 32.39 -2.12 -24.34
CA LEU G 290 31.94 -2.05 -25.72
C LEU G 290 31.29 -3.33 -26.21
N LYS G 291 31.29 -4.39 -25.41
CA LYS G 291 30.72 -5.67 -25.78
C LYS G 291 31.35 -6.21 -27.07
N SER G 292 32.67 -6.05 -27.18
CA SER G 292 33.40 -6.52 -28.34
C SER G 292 34.80 -6.94 -27.93
N PHE G 293 35.45 -7.74 -28.78
CA PHE G 293 36.84 -8.10 -28.55
C PHE G 293 37.81 -7.18 -29.28
N THR G 294 37.35 -6.51 -30.33
CA THR G 294 38.20 -5.57 -31.04
C THR G 294 37.66 -4.16 -30.88
N VAL G 295 38.55 -3.23 -30.53
CA VAL G 295 38.18 -1.83 -30.40
C VAL G 295 39.09 -1.02 -31.32
N GLU G 296 38.55 0.09 -31.81
CA GLU G 296 39.24 0.94 -32.76
C GLU G 296 39.88 2.12 -32.05
N LYS G 297 40.72 2.84 -32.81
CA LYS G 297 41.47 3.97 -32.27
C LYS G 297 40.53 4.98 -31.63
N GLY G 298 40.88 5.43 -30.43
CA GLY G 298 40.14 6.53 -29.83
C GLY G 298 40.16 6.47 -28.32
N ILE G 299 39.33 7.32 -27.74
CA ILE G 299 39.20 7.49 -26.30
C ILE G 299 37.82 6.97 -25.89
N TYR G 300 37.77 6.24 -24.78
CA TYR G 300 36.51 5.69 -24.29
C TYR G 300 36.40 5.90 -22.80
N GLN G 301 35.27 6.45 -22.35
CA GLN G 301 34.99 6.50 -20.92
C GLN G 301 34.44 5.17 -20.47
N THR G 302 34.96 4.66 -19.35
CA THR G 302 34.63 3.30 -18.96
C THR G 302 34.07 3.18 -17.55
N SER G 303 34.49 4.04 -16.63
CA SER G 303 34.02 3.98 -15.25
C SER G 303 34.30 5.31 -14.59
N ASN G 304 34.17 5.37 -13.27
CA ASN G 304 34.40 6.59 -12.52
C ASN G 304 35.24 6.31 -11.29
N PHE G 305 35.85 7.38 -10.78
CA PHE G 305 36.84 7.36 -9.72
C PHE G 305 36.32 8.15 -8.53
N ARG G 306 36.30 7.52 -7.36
CA ARG G 306 35.81 8.18 -6.16
C ARG G 306 36.69 7.81 -4.98
N VAL G 307 37.11 8.81 -4.22
CA VAL G 307 37.98 8.61 -3.07
C VAL G 307 37.15 8.11 -1.89
N GLN G 308 37.79 7.33 -1.02
CA GLN G 308 37.10 6.71 0.11
C GLN G 308 37.39 7.48 1.38
N PRO G 309 36.39 7.72 2.22
CA PRO G 309 36.62 8.41 3.49
C PRO G 309 37.10 7.46 4.57
N THR G 310 37.71 8.05 5.61
CA THR G 310 38.21 7.30 6.75
C THR G 310 37.79 7.98 8.04
N GLU G 311 37.41 7.17 9.03
CA GLU G 311 36.97 7.55 10.38
C GLU G 311 35.90 8.63 10.41
N SER G 312 35.48 8.98 11.63
CA SER G 312 34.56 10.09 11.88
C SER G 312 35.05 10.82 13.13
N ILE G 313 34.66 12.09 13.25
CA ILE G 313 35.27 12.97 14.25
C ILE G 313 34.23 13.94 14.79
N VAL G 314 34.69 14.78 15.72
CA VAL G 314 34.05 16.01 16.18
C VAL G 314 32.89 15.70 17.11
N ARG G 315 32.34 16.74 17.75
CA ARG G 315 31.78 16.67 19.09
C ARG G 315 30.94 17.90 19.38
N PHE G 316 30.29 17.89 20.53
CA PHE G 316 29.26 18.83 20.97
C PHE G 316 29.83 19.90 21.88
N PRO G 317 29.00 20.85 22.38
CA PRO G 317 29.51 21.88 23.31
C PRO G 317 30.30 21.32 24.49
N ASN G 318 31.09 22.21 25.11
CA ASN G 318 32.36 21.80 25.69
C ASN G 318 32.16 20.90 26.92
N ILE G 319 31.64 21.45 28.02
CA ILE G 319 31.51 20.63 29.22
C ILE G 319 30.13 20.79 29.86
N THR G 320 29.44 21.88 29.52
CA THR G 320 28.24 22.37 30.20
C THR G 320 28.23 22.13 31.71
N ASN G 321 27.05 22.03 32.31
CA ASN G 321 26.89 22.02 33.76
C ASN G 321 26.54 20.63 34.27
N LEU G 322 27.36 20.12 35.20
CA LEU G 322 27.15 18.81 35.78
C LEU G 322 26.08 18.86 36.88
N CYS G 323 25.34 17.76 37.00
CA CYS G 323 24.27 17.68 37.99
C CYS G 323 24.84 17.39 39.38
N PRO G 324 24.17 17.88 40.44
CA PRO G 324 24.64 17.67 41.81
C PRO G 324 24.09 16.38 42.43
N PHE G 325 24.42 15.24 41.82
CA PHE G 325 24.01 13.97 42.40
C PHE G 325 24.77 13.66 43.68
N GLY G 326 25.97 14.21 43.82
CA GLY G 326 26.72 14.03 45.05
C GLY G 326 26.02 14.64 46.25
N GLU G 327 25.31 15.75 46.05
CA GLU G 327 24.55 16.34 47.14
C GLU G 327 23.49 15.37 47.66
N VAL G 328 22.79 14.69 46.75
CA VAL G 328 21.79 13.71 47.17
C VAL G 328 22.45 12.51 47.83
N PHE G 329 23.51 11.99 47.22
CA PHE G 329 24.10 10.75 47.71
C PHE G 329 24.99 10.97 48.92
N ASN G 330 25.67 12.10 49.02
CA ASN G 330 26.69 12.34 50.04
C ASN G 330 26.25 13.35 51.09
N ALA G 331 24.98 13.29 51.49
CA ALA G 331 24.49 14.15 52.56
C ALA G 331 24.62 13.45 53.90
N THR G 332 24.66 14.26 54.96
CA THR G 332 24.78 13.71 56.32
C THR G 332 23.55 12.87 56.67
N ARG G 333 22.38 13.50 56.73
CA ARG G 333 21.11 12.82 56.95
C ARG G 333 20.20 13.07 55.77
N PHE G 334 19.51 12.02 55.32
CA PHE G 334 18.75 12.11 54.08
C PHE G 334 17.28 12.50 54.32
N ALA G 335 16.54 11.64 55.02
CA ALA G 335 15.13 11.85 55.30
C ALA G 335 14.63 10.66 56.10
N SER G 336 13.37 10.75 56.54
CA SER G 336 12.68 9.60 57.08
C SER G 336 12.08 8.78 55.93
N VAL G 337 11.76 7.52 56.24
CA VAL G 337 11.23 6.62 55.22
C VAL G 337 9.86 7.11 54.73
N TYR G 338 9.00 7.55 55.65
CA TYR G 338 7.72 8.10 55.26
C TYR G 338 7.81 9.58 54.90
N ALA G 339 8.91 10.25 55.25
CA ALA G 339 9.13 11.66 54.97
C ALA G 339 10.18 11.83 53.88
N TRP G 340 10.13 10.96 52.87
CA TRP G 340 11.03 11.03 51.75
C TRP G 340 10.97 12.39 51.07
N ASN G 341 12.15 12.97 50.84
CA ASN G 341 12.24 14.27 50.19
C ASN G 341 12.01 14.12 48.69
N ARG G 342 11.52 15.21 48.09
CA ARG G 342 11.25 15.27 46.65
C ARG G 342 12.14 16.36 46.05
N LYS G 343 13.29 15.96 45.53
CA LYS G 343 14.25 16.89 44.96
C LYS G 343 14.08 16.98 43.45
N ARG G 344 14.07 18.20 42.93
CA ARG G 344 13.87 18.46 41.52
C ARG G 344 15.21 18.48 40.79
N ILE G 345 15.24 17.91 39.59
CA ILE G 345 16.41 17.93 38.73
C ILE G 345 15.97 18.27 37.31
N SER G 346 16.53 19.34 36.76
CA SER G 346 16.23 19.75 35.39
C SER G 346 17.31 20.72 34.93
N ASN G 347 17.40 20.88 33.61
CA ASN G 347 18.30 21.84 32.98
C ASN G 347 19.76 21.59 33.40
N CYS G 348 20.22 20.39 33.11
CA CYS G 348 21.56 19.95 33.53
C CYS G 348 21.89 18.64 32.83
N VAL G 349 23.11 18.17 33.04
CA VAL G 349 23.57 16.88 32.52
C VAL G 349 24.19 16.10 33.67
N ALA G 350 23.90 14.79 33.72
CA ALA G 350 24.41 13.93 34.77
C ALA G 350 25.00 12.67 34.12
N ASP G 351 26.28 12.45 34.36
CA ASP G 351 26.98 11.28 33.82
C ASP G 351 26.67 10.07 34.70
N TYR G 352 25.74 9.24 34.23
CA TYR G 352 25.29 8.09 35.02
C TYR G 352 26.33 6.98 35.06
N SER G 353 27.25 6.94 34.11
CA SER G 353 28.24 5.87 34.05
C SER G 353 29.11 5.85 35.30
N VAL G 354 29.63 7.01 35.69
CA VAL G 354 30.44 7.11 36.90
C VAL G 354 29.62 6.76 38.13
N LEU G 355 28.29 6.74 38.00
CA LEU G 355 27.44 6.26 39.08
C LEU G 355 27.74 4.81 39.44
N TYR G 356 28.06 3.98 38.45
CA TYR G 356 28.26 2.56 38.68
C TYR G 356 29.52 2.00 38.03
N ASN G 357 30.28 2.81 37.29
CA ASN G 357 31.50 2.31 36.67
C ASN G 357 32.50 1.86 37.72
N SER G 358 32.66 2.64 38.80
CA SER G 358 33.54 2.26 39.90
C SER G 358 32.93 2.82 41.19
N ALA G 359 32.17 1.99 41.88
CA ALA G 359 31.54 2.41 43.13
C ALA G 359 31.20 1.17 43.94
N SER G 360 31.04 1.38 45.25
CA SER G 360 30.66 0.31 46.16
C SER G 360 29.16 0.22 46.39
N PHE G 361 28.37 1.04 45.69
CA PHE G 361 26.93 1.08 45.89
C PHE G 361 26.31 -0.20 45.36
N SER G 362 25.83 -1.05 46.27
CA SER G 362 25.25 -2.33 45.89
C SER G 362 23.77 -2.17 45.59
N THR G 363 23.11 -3.30 45.28
CA THR G 363 21.68 -3.34 44.97
C THR G 363 21.33 -2.38 43.84
N PHE G 364 22.22 -2.28 42.86
CA PHE G 364 21.98 -1.41 41.70
C PHE G 364 21.15 -2.16 40.66
N LYS G 365 19.90 -2.43 41.04
CA LYS G 365 18.95 -3.11 40.18
C LYS G 365 17.96 -2.09 39.64
N CYS G 366 17.77 -2.09 38.32
CA CYS G 366 16.92 -1.11 37.67
C CYS G 366 15.84 -1.80 36.85
N TYR G 367 14.66 -1.19 36.84
CA TYR G 367 13.48 -1.74 36.17
C TYR G 367 13.16 -0.84 34.97
N GLY G 368 13.08 -1.44 33.79
CA GLY G 368 12.82 -0.68 32.58
C GLY G 368 14.03 -0.61 31.67
N VAL G 369 14.62 0.59 31.55
CA VAL G 369 15.79 0.76 30.71
C VAL G 369 16.97 0.01 31.31
N SER G 370 17.89 -0.39 30.46
CA SER G 370 19.08 -1.10 30.91
C SER G 370 19.91 -0.19 31.82
N PRO G 371 20.46 -0.71 32.92
CA PRO G 371 21.34 0.11 33.76
C PRO G 371 22.55 0.64 33.02
N THR G 372 22.99 -0.06 31.98
CA THR G 372 24.00 0.44 31.07
C THR G 372 23.33 1.00 29.81
N LYS G 373 24.09 1.79 29.05
CA LYS G 373 23.61 2.45 27.84
C LYS G 373 22.35 3.27 28.14
N LEU G 374 22.52 4.22 29.07
CA LEU G 374 21.43 5.09 29.48
C LEU G 374 21.72 6.57 29.31
N ASN G 375 22.98 6.98 29.26
CA ASN G 375 23.30 8.39 29.01
C ASN G 375 22.86 8.84 27.63
N ASP G 376 22.68 7.91 26.70
CA ASP G 376 22.25 8.27 25.35
C ASP G 376 20.88 8.91 25.36
N LEU G 377 19.93 8.30 26.07
CA LEU G 377 18.58 8.83 26.12
C LEU G 377 18.52 10.08 26.99
N CYS G 378 17.64 11.00 26.62
CA CYS G 378 17.48 12.28 27.31
C CYS G 378 16.01 12.52 27.57
N PHE G 379 15.67 12.86 28.81
CA PHE G 379 14.30 13.11 29.22
C PHE G 379 14.13 14.55 29.68
N THR G 380 12.95 14.87 30.19
CA THR G 380 12.58 16.24 30.53
C THR G 380 12.93 16.60 31.97
N ASN G 381 12.36 15.88 32.93
CA ASN G 381 12.44 16.24 34.34
C ASN G 381 12.78 15.00 35.15
N VAL G 382 13.42 15.22 36.31
CA VAL G 382 13.90 14.13 37.15
C VAL G 382 13.51 14.41 38.59
N TYR G 383 13.01 13.39 39.28
CA TYR G 383 12.73 13.45 40.70
C TYR G 383 13.72 12.56 41.44
N ALA G 384 14.25 13.06 42.56
CA ALA G 384 15.16 12.29 43.38
C ALA G 384 14.61 12.21 44.79
N ASP G 385 14.52 11.00 45.33
CA ASP G 385 14.02 10.79 46.68
C ASP G 385 15.02 9.97 47.47
N SER G 386 15.20 10.31 48.74
CA SER G 386 16.20 9.62 49.55
C SER G 386 15.63 9.38 50.94
N PHE G 387 16.06 8.27 51.54
CA PHE G 387 15.60 7.86 52.87
C PHE G 387 16.50 6.73 53.36
N VAL G 388 16.18 6.19 54.53
CA VAL G 388 16.96 5.12 55.15
C VAL G 388 15.98 4.10 55.75
N ILE G 389 16.25 2.82 55.51
CA ILE G 389 15.42 1.73 55.99
C ILE G 389 16.29 0.71 56.71
N ARG G 390 15.67 -0.40 57.09
CA ARG G 390 16.35 -1.49 57.77
C ARG G 390 17.21 -2.27 56.77
N GLY G 391 18.05 -3.16 57.31
CA GLY G 391 19.03 -3.85 56.48
C GLY G 391 18.40 -4.76 55.46
N ASP G 392 17.43 -5.58 55.87
CA ASP G 392 16.84 -6.57 54.98
C ASP G 392 15.61 -6.06 54.25
N GLU G 393 15.16 -4.84 54.52
CA GLU G 393 13.94 -4.30 53.94
C GLU G 393 14.13 -3.78 52.52
N VAL G 394 15.24 -4.13 51.86
CA VAL G 394 15.50 -3.62 50.51
C VAL G 394 14.52 -4.23 49.51
N ARG G 395 14.15 -5.50 49.68
CA ARG G 395 13.35 -6.16 48.66
C ARG G 395 11.93 -5.61 48.60
N GLN G 396 11.44 -5.04 49.71
CA GLN G 396 10.10 -4.47 49.72
C GLN G 396 9.97 -3.27 48.80
N ILE G 397 11.08 -2.65 48.42
CA ILE G 397 11.08 -1.53 47.46
C ILE G 397 11.21 -2.18 46.08
N ALA G 398 10.07 -2.48 45.47
CA ALA G 398 10.03 -3.15 44.17
C ALA G 398 8.71 -2.81 43.51
N PRO G 399 8.60 -2.98 42.18
CA PRO G 399 7.32 -2.75 41.50
C PRO G 399 6.17 -3.51 42.16
N GLY G 400 5.20 -2.77 42.68
CA GLY G 400 4.10 -3.37 43.41
C GLY G 400 4.53 -3.93 44.74
N GLN G 401 4.34 -5.24 44.92
CA GLN G 401 4.75 -5.97 46.12
C GLN G 401 3.99 -5.51 47.36
N THR G 402 4.09 -6.28 48.44
CA THR G 402 3.36 -5.99 49.67
C THR G 402 4.37 -6.00 50.82
N GLY G 403 3.85 -5.95 52.04
CA GLY G 403 4.65 -5.92 53.24
C GLY G 403 4.46 -4.63 54.00
N LYS G 404 5.23 -4.48 55.08
CA LYS G 404 5.16 -3.26 55.88
C LYS G 404 5.59 -2.05 55.06
N ILE G 405 6.66 -2.18 54.29
CA ILE G 405 7.11 -1.10 53.42
C ILE G 405 6.34 -1.15 52.11
N ALA G 406 6.31 0.01 51.43
CA ALA G 406 5.66 0.18 50.13
C ALA G 406 4.16 -0.04 50.17
N ASP G 407 3.56 -0.05 51.36
CA ASP G 407 2.12 -0.23 51.49
C ASP G 407 1.47 0.74 52.46
N TYR G 408 2.22 1.32 53.40
CA TYR G 408 1.66 2.25 54.39
C TYR G 408 2.41 3.57 54.49
N ASN G 409 3.63 3.67 53.98
CA ASN G 409 4.41 4.91 54.06
C ASN G 409 4.74 5.51 52.70
N TYR G 410 5.25 4.71 51.76
CA TYR G 410 5.60 5.22 50.43
C TYR G 410 5.34 4.10 49.42
N LYS G 411 4.21 4.19 48.73
CA LYS G 411 3.85 3.19 47.74
C LYS G 411 4.72 3.34 46.49
N LEU G 412 5.09 2.22 45.89
CA LEU G 412 5.87 2.22 44.66
C LEU G 412 4.93 1.99 43.49
N PRO G 413 4.67 3.00 42.66
CA PRO G 413 3.78 2.80 41.52
C PRO G 413 4.41 1.87 40.49
N ASP G 414 3.56 1.11 39.81
CA ASP G 414 4.03 0.23 38.76
C ASP G 414 4.30 1.02 37.48
N ASP G 415 5.01 0.39 36.55
CA ASP G 415 5.54 1.05 35.35
C ASP G 415 6.40 2.25 35.74
N PHE G 416 7.20 2.08 36.79
CA PHE G 416 8.08 3.15 37.24
C PHE G 416 9.13 3.45 36.18
N THR G 417 9.36 4.73 35.94
CA THR G 417 10.35 5.20 34.98
C THR G 417 11.54 5.73 35.79
N GLY G 418 12.55 4.88 35.96
CA GLY G 418 13.67 5.09 36.85
C GLY G 418 13.92 3.85 37.66
N CYS G 419 14.80 3.98 38.67
CA CYS G 419 15.15 2.81 39.46
C CYS G 419 15.71 3.24 40.81
N VAL G 420 16.18 2.27 41.59
CA VAL G 420 16.46 2.42 43.01
C VAL G 420 17.88 1.95 43.29
N ILE G 421 18.57 2.66 44.19
CA ILE G 421 19.89 2.27 44.66
C ILE G 421 19.87 2.27 46.18
N ALA G 422 20.09 1.10 46.79
CA ALA G 422 20.15 0.97 48.23
C ALA G 422 21.55 0.47 48.61
N TRP G 423 22.27 1.26 49.39
CA TRP G 423 23.64 0.92 49.77
C TRP G 423 23.73 0.82 51.29
N ASN G 424 24.56 -0.11 51.74
CA ASN G 424 24.69 -0.38 53.16
C ASN G 424 25.43 0.75 53.85
N SER G 425 24.97 1.11 55.06
CA SER G 425 25.59 2.17 55.85
C SER G 425 25.72 1.69 57.28
N ASN G 426 26.94 1.59 57.77
CA ASN G 426 27.18 1.17 59.15
C ASN G 426 28.23 2.01 59.86
N ASN G 427 28.84 2.99 59.18
CA ASN G 427 29.81 3.88 59.79
C ASN G 427 29.34 5.32 59.90
N LEU G 428 28.48 5.78 59.00
CA LEU G 428 27.91 7.12 59.08
C LEU G 428 26.62 7.15 59.88
N ASP G 429 26.13 6.00 60.33
CA ASP G 429 24.91 5.89 61.10
C ASP G 429 25.07 4.70 62.06
N SER G 430 23.94 4.21 62.58
CA SER G 430 23.94 3.10 63.52
C SER G 430 24.79 3.43 64.76
N LYS G 431 24.32 4.43 65.49
CA LYS G 431 25.05 4.91 66.66
C LYS G 431 25.20 3.81 67.70
N VAL G 432 26.39 3.73 68.30
CA VAL G 432 26.66 2.71 69.30
C VAL G 432 25.82 2.99 70.54
N GLY G 433 25.27 1.93 71.12
CA GLY G 433 24.44 2.06 72.30
C GLY G 433 22.97 2.19 71.97
N GLY G 434 22.61 3.25 71.24
CA GLY G 434 21.22 3.47 70.87
C GLY G 434 21.04 4.35 69.66
N ASN G 435 20.24 3.89 68.71
CA ASN G 435 19.92 4.64 67.50
C ASN G 435 18.40 4.58 67.30
N TYR G 436 17.70 5.60 67.82
CA TYR G 436 16.25 5.71 67.65
C TYR G 436 15.96 7.12 67.15
N ASN G 437 16.13 7.31 65.84
CA ASN G 437 15.82 8.60 65.22
C ASN G 437 14.93 8.41 64.00
N TYR G 438 15.08 7.28 63.32
CA TYR G 438 14.29 7.00 62.14
C TYR G 438 12.94 6.43 62.54
N LEU G 439 11.86 7.02 62.01
CA LEU G 439 10.51 6.68 62.38
C LEU G 439 9.79 6.05 61.18
N TYR G 440 8.67 5.39 61.47
CA TYR G 440 7.91 4.71 60.44
C TYR G 440 6.48 4.53 60.92
N ARG G 441 5.60 4.20 59.97
CA ARG G 441 4.18 4.05 60.25
C ARG G 441 3.84 2.57 60.46
N LEU G 442 3.18 2.28 61.57
CA LEU G 442 2.77 0.92 61.91
C LEU G 442 1.30 0.65 61.61
N PHE G 443 0.44 1.65 61.78
CA PHE G 443 -1.00 1.49 61.64
C PHE G 443 -1.52 2.50 60.63
N ARG G 444 -2.44 2.06 59.76
CA ARG G 444 -3.13 2.96 58.86
C ARG G 444 -4.47 2.34 58.49
N LYS G 445 -5.47 3.18 58.25
CA LYS G 445 -6.82 2.69 58.02
C LYS G 445 -6.95 1.99 56.66
N SER G 446 -6.23 2.49 55.65
CA SER G 446 -6.39 1.99 54.29
C SER G 446 -5.00 1.84 53.66
N ASN G 447 -4.99 1.52 52.37
CA ASN G 447 -3.76 1.35 51.62
C ASN G 447 -3.29 2.71 51.09
N LEU G 448 -2.22 2.71 50.30
CA LEU G 448 -1.63 3.94 49.81
C LEU G 448 -2.07 4.20 48.37
N LYS G 449 -1.46 5.22 47.76
CA LYS G 449 -1.67 5.62 46.39
C LYS G 449 -0.32 5.76 45.71
N PRO G 450 -0.28 5.72 44.38
CA PRO G 450 0.98 5.97 43.67
C PRO G 450 1.55 7.34 44.04
N PHE G 451 2.81 7.35 44.45
CA PHE G 451 3.51 8.56 44.88
C PHE G 451 2.72 9.30 45.95
N GLU G 452 2.51 8.62 47.07
CA GLU G 452 1.72 9.14 48.17
C GLU G 452 2.54 9.13 49.46
N ARG G 453 2.54 10.25 50.16
CA ARG G 453 3.16 10.36 51.48
C ARG G 453 2.21 11.10 52.41
N ASP G 454 1.90 10.49 53.54
CA ASP G 454 0.99 11.07 54.54
C ASP G 454 1.83 11.51 55.74
N ILE G 455 1.96 12.82 55.92
CA ILE G 455 2.63 13.38 57.09
C ILE G 455 1.57 13.71 58.12
N SER G 456 1.54 12.95 59.22
CA SER G 456 0.53 13.12 60.24
C SER G 456 1.05 12.56 61.55
N THR G 457 0.45 13.02 62.65
CA THR G 457 0.79 12.58 64.00
C THR G 457 -0.49 12.30 64.79
N GLU G 458 -1.42 11.59 64.17
CA GLU G 458 -2.71 11.29 64.80
C GLU G 458 -2.78 9.82 65.17
N ILE G 459 -3.39 9.54 66.32
CA ILE G 459 -3.49 8.18 66.83
C ILE G 459 -4.50 7.40 66.00
N TYR G 460 -4.09 6.23 65.51
CA TYR G 460 -4.93 5.42 64.65
C TYR G 460 -6.04 4.74 65.45
N GLN G 461 -7.16 4.49 64.79
CA GLN G 461 -8.30 3.80 65.38
C GLN G 461 -8.71 2.64 64.48
N ALA G 462 -8.89 1.46 65.09
CA ALA G 462 -9.37 0.29 64.37
C ALA G 462 -10.82 -0.05 64.66
N GLY G 463 -11.32 0.26 65.85
CA GLY G 463 -12.68 0.02 66.25
C GLY G 463 -13.56 1.22 66.02
N SER G 464 -14.61 1.33 66.85
CA SER G 464 -15.56 2.43 66.76
C SER G 464 -15.67 3.22 68.07
N THR G 465 -14.75 2.97 69.01
CA THR G 465 -14.79 3.65 70.29
C THR G 465 -14.03 4.96 70.19
N PRO G 466 -14.67 6.11 70.39
CA PRO G 466 -13.97 7.39 70.24
C PRO G 466 -12.94 7.63 71.33
N CYS G 467 -11.66 7.60 70.97
CA CYS G 467 -10.57 7.89 71.91
C CYS G 467 -10.01 9.27 71.61
N ASN G 468 -9.95 10.12 72.64
CA ASN G 468 -9.53 11.50 72.48
C ASN G 468 -8.07 11.63 72.87
N GLY G 469 -7.19 11.18 71.97
CA GLY G 469 -5.76 11.30 72.19
C GLY G 469 -5.25 10.57 73.40
N VAL G 470 -5.73 9.34 73.62
CA VAL G 470 -5.34 8.54 74.78
C VAL G 470 -4.86 7.18 74.28
N GLU G 471 -3.76 6.70 74.87
CA GLU G 471 -3.22 5.39 74.53
C GLU G 471 -3.97 4.31 75.32
N GLY G 472 -5.24 4.15 74.95
CA GLY G 472 -6.13 3.20 75.57
C GLY G 472 -6.36 1.97 74.72
N PHE G 473 -7.38 1.21 75.08
CA PHE G 473 -7.69 -0.02 74.37
C PHE G 473 -8.28 0.30 73.00
N ASN G 474 -7.86 -0.47 72.00
CA ASN G 474 -8.32 -0.29 70.61
C ASN G 474 -8.00 1.10 70.09
N CYS G 475 -6.93 1.72 70.60
CA CYS G 475 -6.51 3.05 70.18
C CYS G 475 -5.00 3.11 70.35
N TYR G 476 -4.26 2.86 69.27
CA TYR G 476 -2.82 2.71 69.32
C TYR G 476 -2.14 3.72 68.41
N PHE G 477 -0.97 4.18 68.83
CA PHE G 477 -0.22 5.18 68.06
C PHE G 477 0.41 4.52 66.84
N PRO G 478 0.19 5.06 65.63
CA PRO G 478 0.78 4.43 64.45
C PRO G 478 2.28 4.64 64.32
N LEU G 479 2.77 5.86 64.57
CA LEU G 479 4.18 6.15 64.39
C LEU G 479 5.02 5.42 65.43
N GLN G 480 6.19 4.96 65.01
CA GLN G 480 7.08 4.24 65.91
C GLN G 480 8.51 4.43 65.43
N SER G 481 9.46 4.09 66.30
CA SER G 481 10.88 4.29 66.03
C SER G 481 11.58 2.96 65.76
N TYR G 482 12.39 2.94 64.71
CA TYR G 482 13.19 1.75 64.39
C TYR G 482 14.13 1.40 65.54
N GLY G 483 14.23 0.10 65.82
CA GLY G 483 15.14 -0.37 66.84
C GLY G 483 16.54 -0.60 66.32
N PHE G 484 17.16 0.44 65.77
CA PHE G 484 18.49 0.33 65.23
C PHE G 484 19.52 0.14 66.34
N GLN G 485 20.46 -0.77 66.13
CA GLN G 485 21.50 -1.05 67.10
C GLN G 485 22.85 -1.16 66.40
N PRO G 486 23.94 -0.84 67.10
CA PRO G 486 25.27 -0.93 66.46
C PRO G 486 25.63 -2.33 65.97
N THR G 487 25.19 -3.36 66.69
CA THR G 487 25.47 -4.75 66.31
C THR G 487 24.17 -5.54 66.29
N ASN G 488 23.16 -4.96 65.62
CA ASN G 488 21.88 -5.64 65.50
C ASN G 488 21.94 -6.76 64.46
N GLY G 489 22.79 -6.60 63.45
CA GLY G 489 22.92 -7.59 62.40
C GLY G 489 22.85 -6.98 61.02
N VAL G 490 23.23 -7.75 60.00
CA VAL G 490 23.19 -7.25 58.63
C VAL G 490 21.76 -6.96 58.21
N GLY G 491 20.80 -7.76 58.68
CA GLY G 491 19.40 -7.57 58.36
C GLY G 491 18.68 -6.52 59.17
N TYR G 492 19.36 -5.91 60.14
CA TYR G 492 18.76 -4.88 60.99
C TYR G 492 19.66 -3.65 61.05
N GLN G 493 20.24 -3.26 59.92
CA GLN G 493 21.14 -2.13 59.87
C GLN G 493 20.56 -1.01 59.02
N PRO G 494 20.87 0.25 59.34
CA PRO G 494 20.36 1.36 58.53
C PRO G 494 21.00 1.41 57.16
N TYR G 495 20.22 1.12 56.12
CA TYR G 495 20.69 1.17 54.73
C TYR G 495 20.08 2.37 54.04
N ARG G 496 20.91 3.10 53.30
CA ARG G 496 20.50 4.35 52.68
C ARG G 496 20.01 4.08 51.25
N VAL G 497 18.79 4.51 50.96
CA VAL G 497 18.11 4.22 49.71
C VAL G 497 17.81 5.53 48.99
N VAL G 498 18.07 5.55 47.69
CA VAL G 498 17.71 6.66 46.82
C VAL G 498 16.94 6.10 45.62
N VAL G 499 15.74 6.62 45.40
CA VAL G 499 14.92 6.23 44.26
C VAL G 499 14.86 7.40 43.29
N LEU G 500 15.11 7.11 42.02
CA LEU G 500 15.22 8.12 40.98
C LEU G 500 14.09 7.92 39.97
N SER G 501 13.35 8.98 39.68
CA SER G 501 12.18 8.94 38.81
C SER G 501 12.45 9.77 37.57
N PHE G 502 12.43 9.11 36.41
CA PHE G 502 12.51 9.79 35.13
C PHE G 502 11.09 10.03 34.59
N GLU G 503 10.96 11.04 33.73
CA GLU G 503 9.68 11.30 33.10
C GLU G 503 9.91 12.06 31.80
N LEU G 504 9.02 11.81 30.83
CA LEU G 504 9.09 12.45 29.53
C LEU G 504 7.67 12.82 29.12
N LEU G 505 7.29 14.06 29.40
CA LEU G 505 5.96 14.58 29.08
C LEU G 505 6.07 15.58 27.93
N HIS G 506 4.95 16.20 27.60
CA HIS G 506 4.87 17.12 26.46
C HIS G 506 5.53 18.44 26.87
N ALA G 507 6.85 18.44 26.84
CA ALA G 507 7.65 19.63 27.14
C ALA G 507 9.03 19.41 26.57
N PRO G 508 9.78 20.49 26.32
CA PRO G 508 11.17 20.32 25.87
C PRO G 508 12.01 19.57 26.89
N ALA G 509 12.87 18.69 26.39
CA ALA G 509 13.75 17.91 27.26
C ALA G 509 14.94 18.74 27.69
N THR G 510 15.37 18.54 28.93
CA THR G 510 16.46 19.33 29.50
C THR G 510 17.65 18.48 29.96
N VAL G 511 17.41 17.34 30.60
CA VAL G 511 18.48 16.56 31.21
C VAL G 511 18.93 15.48 30.22
N CYS G 512 20.09 15.69 29.60
CA CYS G 512 20.66 14.78 28.64
C CYS G 512 22.04 14.33 29.12
N GLY G 513 22.60 13.33 28.44
CA GLY G 513 23.93 12.85 28.76
C GLY G 513 24.85 12.63 27.57
N PRO G 514 24.82 13.54 26.56
CA PRO G 514 25.51 13.23 25.29
C PRO G 514 27.01 13.00 25.43
N LYS G 515 27.73 14.02 25.91
CA LYS G 515 29.16 13.93 26.20
C LYS G 515 29.96 13.46 25.00
N LYS G 516 30.41 12.20 25.03
CA LYS G 516 31.18 11.59 23.95
C LYS G 516 32.47 12.33 23.66
N SER G 517 32.50 13.06 22.55
CA SER G 517 33.60 13.93 22.13
C SER G 517 34.79 13.14 21.56
N THR G 518 35.30 13.61 20.42
CA THR G 518 36.43 12.99 19.74
C THR G 518 37.34 14.08 19.19
N ASN G 519 38.59 13.70 18.93
CA ASN G 519 39.53 14.64 18.34
C ASN G 519 39.17 14.89 16.87
N LEU G 520 39.88 15.83 16.26
CA LEU G 520 39.65 16.21 14.87
C LEU G 520 40.91 16.06 14.04
N VAL G 521 40.73 15.89 12.74
CA VAL G 521 41.83 15.81 11.78
C VAL G 521 41.57 16.82 10.68
N LYS G 522 42.59 17.04 9.85
CA LYS G 522 42.50 18.01 8.76
C LYS G 522 43.18 17.44 7.52
N ASN G 523 42.77 17.96 6.36
CA ASN G 523 43.37 17.62 5.08
C ASN G 523 43.27 16.11 4.80
N LYS G 524 42.07 15.57 4.97
CA LYS G 524 41.82 14.16 4.72
C LYS G 524 40.32 13.91 4.61
N CYS G 525 39.87 13.30 3.51
CA CYS G 525 38.44 13.10 3.30
C CYS G 525 37.88 12.24 4.43
N VAL G 526 37.08 12.86 5.29
CA VAL G 526 36.64 12.26 6.54
C VAL G 526 35.16 12.54 6.73
N ASN G 527 34.48 11.67 7.48
CA ASN G 527 33.10 11.90 7.87
C ASN G 527 33.06 12.79 9.10
N PHE G 528 31.99 13.58 9.23
CA PHE G 528 31.85 14.50 10.35
C PHE G 528 30.39 14.62 10.75
N ASN G 529 30.18 14.81 12.05
CA ASN G 529 28.88 14.98 12.66
C ASN G 529 28.93 16.15 13.65
N PHE G 530 29.39 17.30 13.15
CA PHE G 530 29.90 18.37 14.00
C PHE G 530 28.94 18.73 15.13
N ASN G 531 27.68 18.98 14.81
CA ASN G 531 26.73 19.37 15.86
C ASN G 531 25.36 18.75 15.68
N GLY G 532 25.18 17.86 14.71
CA GLY G 532 23.87 17.34 14.37
C GLY G 532 23.71 17.28 12.88
N LEU G 533 24.47 18.11 12.17
CA LEU G 533 24.55 18.04 10.72
C LEU G 533 25.70 17.11 10.34
N THR G 534 25.39 16.15 9.47
CA THR G 534 26.33 15.08 9.12
C THR G 534 26.75 15.23 7.67
N GLY G 535 28.02 14.97 7.41
CA GLY G 535 28.51 15.06 6.05
C GLY G 535 29.85 14.37 5.91
N THR G 536 30.41 14.48 4.70
CA THR G 536 31.69 13.88 4.39
C THR G 536 32.49 14.83 3.51
N GLY G 537 33.74 15.07 3.88
CA GLY G 537 34.58 15.93 3.07
C GLY G 537 35.80 16.36 3.84
N VAL G 538 36.76 16.92 3.09
CA VAL G 538 37.99 17.41 3.70
C VAL G 538 37.73 18.75 4.38
N LEU G 539 38.31 18.92 5.56
CA LEU G 539 38.17 20.14 6.35
C LEU G 539 39.49 20.89 6.34
N THR G 540 39.45 22.18 6.05
CA THR G 540 40.63 23.03 6.08
C THR G 540 40.34 24.24 6.95
N GLU G 541 41.37 25.06 7.16
CA GLU G 541 41.20 26.30 7.90
C GLU G 541 40.90 27.45 6.96
N SER G 542 39.86 28.21 7.29
CA SER G 542 39.40 29.30 6.45
C SER G 542 39.58 30.62 7.18
N ASN G 543 39.43 31.72 6.43
CA ASN G 543 39.64 33.05 6.96
C ASN G 543 38.36 33.90 7.01
N LYS G 544 37.24 33.39 6.47
CA LYS G 544 36.00 34.14 6.54
C LYS G 544 35.57 34.32 7.99
N LYS G 545 34.98 35.47 8.29
CA LYS G 545 34.64 35.86 9.65
C LYS G 545 33.14 35.75 9.86
N PHE G 546 32.74 34.82 10.72
CA PHE G 546 31.34 34.68 11.08
C PHE G 546 30.93 35.77 12.07
N LEU G 547 29.64 35.83 12.35
CA LEU G 547 29.16 36.65 13.44
C LEU G 547 29.19 35.87 14.74
N PRO G 548 29.23 36.56 15.89
CA PRO G 548 29.35 35.83 17.16
C PRO G 548 28.26 34.82 17.42
N PHE G 549 27.06 35.02 16.89
CA PHE G 549 25.95 34.11 17.17
C PHE G 549 25.69 33.12 16.04
N GLN G 550 26.47 33.15 14.97
CA GLN G 550 26.23 32.31 13.81
C GLN G 550 27.07 31.04 13.90
N GLN G 551 26.45 29.89 13.66
CA GLN G 551 27.12 28.62 13.87
C GLN G 551 27.77 28.07 12.61
N PHE G 552 26.99 27.75 11.60
CA PHE G 552 27.53 27.10 10.41
C PHE G 552 27.13 27.86 9.17
N GLY G 553 28.09 28.06 8.28
CA GLY G 553 27.88 28.84 7.09
C GLY G 553 27.15 28.08 6.01
N ARG G 554 26.95 28.76 4.89
CA ARG G 554 26.31 28.20 3.71
C ARG G 554 26.73 29.04 2.52
N ASP G 555 26.12 28.80 1.37
CA ASP G 555 26.46 29.52 0.15
C ASP G 555 25.20 29.62 -0.71
N ILE G 556 25.39 30.02 -1.96
CA ILE G 556 24.31 29.98 -2.93
C ILE G 556 23.94 28.53 -3.22
N ALA G 557 22.69 28.32 -3.63
CA ALA G 557 22.14 27.00 -3.97
C ALA G 557 22.05 26.07 -2.76
N ASP G 558 22.23 26.58 -1.55
CA ASP G 558 21.93 25.87 -0.31
C ASP G 558 22.75 24.57 -0.19
N THR G 559 24.05 24.74 -0.08
CA THR G 559 24.97 23.65 0.21
C THR G 559 25.85 24.06 1.38
N THR G 560 25.97 23.17 2.37
CA THR G 560 26.79 23.48 3.53
C THR G 560 28.24 23.70 3.11
N ASP G 561 28.84 24.78 3.61
CA ASP G 561 30.16 25.19 3.14
C ASP G 561 31.14 25.58 4.22
N ALA G 562 30.72 25.83 5.46
CA ALA G 562 31.65 26.20 6.51
C ALA G 562 31.02 25.88 7.85
N VAL G 563 31.85 25.47 8.81
CA VAL G 563 31.37 25.05 10.12
C VAL G 563 32.23 25.72 11.18
N ARG G 564 31.66 25.87 12.38
CA ARG G 564 32.38 26.39 13.53
C ARG G 564 32.39 25.32 14.61
N ASP G 565 33.57 24.94 15.05
CA ASP G 565 33.71 23.89 16.06
C ASP G 565 33.42 24.47 17.45
N PRO G 566 32.56 23.82 18.23
CA PRO G 566 32.22 24.38 19.55
C PRO G 566 33.40 24.52 20.50
N GLN G 567 34.35 23.59 20.47
CA GLN G 567 35.41 23.58 21.48
C GLN G 567 36.41 24.71 21.25
N THR G 568 36.84 24.89 20.01
CA THR G 568 37.92 25.82 19.70
C THR G 568 37.44 27.12 19.07
N LEU G 569 36.23 27.13 18.50
CA LEU G 569 35.69 28.31 17.82
C LEU G 569 36.59 28.73 16.66
N GLU G 570 36.76 27.81 15.72
CA GLU G 570 37.48 28.06 14.49
C GLU G 570 36.54 27.89 13.32
N ILE G 571 36.78 28.65 12.26
CA ILE G 571 35.88 28.67 11.09
C ILE G 571 36.48 27.70 10.08
N LEU G 572 36.11 26.42 10.21
CA LEU G 572 36.59 25.41 9.29
C LEU G 572 35.82 25.48 7.98
N ASP G 573 36.50 25.16 6.89
CA ASP G 573 35.93 25.14 5.56
C ASP G 573 35.82 23.70 5.08
N ILE G 574 34.74 23.41 4.37
CA ILE G 574 34.42 22.07 3.90
C ILE G 574 34.61 22.02 2.39
N THR G 575 35.23 20.94 1.91
CA THR G 575 35.36 20.74 0.48
C THR G 575 35.09 19.26 0.20
N PRO G 576 34.30 18.94 -0.83
CA PRO G 576 34.11 17.53 -1.19
C PRO G 576 35.41 16.94 -1.69
N CYS G 577 35.71 15.72 -1.25
CA CYS G 577 36.94 15.08 -1.69
C CYS G 577 36.78 14.57 -3.12
N SER G 578 37.91 14.49 -3.82
CA SER G 578 37.91 14.47 -5.27
C SER G 578 37.14 13.28 -5.84
N PHE G 579 36.57 13.49 -7.02
CA PHE G 579 35.94 12.42 -7.78
C PHE G 579 35.89 12.84 -9.24
N GLY G 580 35.80 11.85 -10.11
CA GLY G 580 35.81 12.12 -11.53
C GLY G 580 35.48 10.88 -12.32
N GLY G 581 35.81 10.92 -13.61
CA GLY G 581 35.59 9.78 -14.47
C GLY G 581 36.81 9.37 -15.26
N VAL G 582 37.27 8.13 -15.10
CA VAL G 582 38.44 7.69 -15.83
C VAL G 582 38.09 7.51 -17.31
N SER G 583 39.14 7.40 -18.13
CA SER G 583 38.95 7.14 -19.54
C SER G 583 40.20 6.47 -20.09
N VAL G 584 40.04 5.77 -21.20
CA VAL G 584 41.10 4.92 -21.76
C VAL G 584 41.41 5.41 -23.16
N ILE G 585 42.69 5.64 -23.43
CA ILE G 585 43.21 5.99 -24.74
C ILE G 585 43.76 4.71 -25.35
N THR G 586 43.26 4.34 -26.54
CA THR G 586 43.79 3.15 -27.20
C THR G 586 44.02 3.41 -28.68
N PRO G 587 45.10 2.87 -29.25
CA PRO G 587 45.39 3.11 -30.66
C PRO G 587 44.76 2.06 -31.57
N GLY G 588 43.82 1.30 -31.04
CA GLY G 588 43.18 0.26 -31.83
C GLY G 588 43.79 -1.10 -31.58
N THR G 589 42.95 -2.08 -31.26
CA THR G 589 43.46 -3.40 -30.88
C THR G 589 44.29 -4.01 -32.00
N ASN G 590 43.89 -3.81 -33.25
CA ASN G 590 44.60 -4.41 -34.36
C ASN G 590 46.04 -3.91 -34.44
N THR G 591 46.23 -2.60 -34.27
CA THR G 591 47.56 -2.02 -34.47
C THR G 591 48.52 -2.44 -33.37
N SER G 592 48.10 -2.36 -32.12
CA SER G 592 48.98 -2.64 -31.00
C SER G 592 48.15 -3.05 -29.80
N ASN G 593 48.78 -3.06 -28.63
CA ASN G 593 48.13 -3.56 -27.43
C ASN G 593 48.26 -2.66 -26.21
N GLN G 594 49.05 -1.60 -26.28
CA GLN G 594 49.22 -0.72 -25.14
C GLN G 594 48.04 0.23 -25.01
N VAL G 595 47.92 0.86 -23.84
CA VAL G 595 46.86 1.81 -23.56
C VAL G 595 47.44 2.95 -22.73
N ALA G 596 46.63 3.99 -22.55
CA ALA G 596 46.92 5.06 -21.61
C ALA G 596 45.66 5.38 -20.84
N VAL G 597 45.80 5.97 -19.67
CA VAL G 597 44.66 6.21 -18.80
C VAL G 597 44.61 7.69 -18.43
N LEU G 598 43.43 8.29 -18.56
CA LEU G 598 43.21 9.67 -18.20
C LEU G 598 42.26 9.73 -17.01
N TYR G 599 42.71 10.36 -15.92
CA TYR G 599 41.87 10.62 -14.77
C TYR G 599 41.39 12.07 -14.83
N GLN G 600 40.08 12.26 -14.81
CA GLN G 600 39.50 13.55 -15.12
C GLN G 600 39.51 14.47 -13.91
N ASP G 601 40.03 15.68 -14.09
CA ASP G 601 39.92 16.76 -13.11
C ASP G 601 40.46 16.34 -11.74
N VAL G 602 41.59 15.65 -11.73
CA VAL G 602 42.21 15.19 -10.50
C VAL G 602 43.67 15.60 -10.51
N ASN G 603 44.07 16.42 -9.55
CA ASN G 603 45.48 16.71 -9.33
C ASN G 603 46.18 15.43 -8.94
N CYS G 604 47.01 14.88 -9.83
CA CYS G 604 47.50 13.53 -9.62
C CYS G 604 48.69 13.48 -8.68
N THR G 605 48.54 14.05 -7.49
CA THR G 605 49.39 13.69 -6.37
C THR G 605 48.79 12.56 -5.54
N GLU G 606 47.55 12.16 -5.85
CA GLU G 606 46.86 11.14 -5.08
C GLU G 606 46.07 10.18 -5.95
N VAL G 607 46.44 10.03 -7.22
CA VAL G 607 45.69 9.14 -8.11
C VAL G 607 45.70 7.69 -7.65
N PRO G 608 46.80 7.10 -7.17
CA PRO G 608 46.74 5.68 -6.81
C PRO G 608 46.22 5.42 -5.39
N VAL G 609 46.03 6.48 -4.60
CA VAL G 609 45.59 6.28 -3.21
C VAL G 609 44.17 5.75 -3.16
N ALA G 610 43.32 6.18 -4.08
CA ALA G 610 41.94 5.71 -4.12
C ALA G 610 41.68 4.89 -5.37
N TRP G 620 47.02 -3.85 -12.58
CA TRP G 620 46.45 -2.51 -12.62
C TRP G 620 47.35 -1.50 -11.92
N ARG G 621 48.22 -1.99 -11.03
CA ARG G 621 49.10 -1.08 -10.31
C ARG G 621 50.03 -0.33 -11.25
N VAL G 622 50.40 -0.94 -12.37
CA VAL G 622 51.33 -0.30 -13.29
C VAL G 622 50.73 0.98 -13.87
N TYR G 623 49.41 1.01 -14.05
CA TYR G 623 48.72 2.20 -14.53
C TYR G 623 48.33 3.14 -13.40
N SER G 624 48.96 3.01 -12.24
CA SER G 624 48.80 3.96 -11.16
C SER G 624 50.12 4.41 -10.56
N THR G 625 51.24 3.92 -11.08
CA THR G 625 52.56 4.27 -10.57
C THR G 625 53.05 5.54 -11.27
N GLY G 626 54.33 5.86 -11.06
CA GLY G 626 54.90 7.07 -11.64
C GLY G 626 55.82 6.79 -12.81
N SER G 627 55.50 5.78 -13.61
CA SER G 627 56.31 5.48 -14.78
C SER G 627 56.31 6.66 -15.75
N ASN G 628 55.15 7.24 -16.01
CA ASN G 628 55.02 8.40 -16.89
C ASN G 628 53.78 9.15 -16.48
N VAL G 629 53.96 10.32 -15.87
CA VAL G 629 52.84 11.12 -15.38
C VAL G 629 52.90 12.48 -16.06
N PHE G 630 51.78 12.89 -16.65
CA PHE G 630 51.66 14.19 -17.29
C PHE G 630 50.45 14.90 -16.73
N GLN G 631 50.59 16.19 -16.46
CA GLN G 631 49.53 17.00 -15.88
C GLN G 631 49.04 17.98 -16.94
N THR G 632 47.75 17.90 -17.26
CA THR G 632 47.13 18.75 -18.27
C THR G 632 45.91 19.44 -17.67
N ARG G 633 45.26 20.26 -18.50
CA ARG G 633 44.05 20.94 -18.04
C ARG G 633 42.87 19.98 -17.91
N ALA G 634 42.83 18.95 -18.74
CA ALA G 634 41.71 18.00 -18.67
C ALA G 634 41.79 17.15 -17.41
N GLY G 635 42.98 16.79 -16.98
CA GLY G 635 43.15 15.96 -15.81
C GLY G 635 44.59 15.50 -15.68
N CYS G 636 44.80 14.22 -15.37
CA CYS G 636 46.14 13.65 -15.36
C CYS G 636 46.20 12.47 -16.32
N LEU G 637 47.27 12.43 -17.11
CA LEU G 637 47.48 11.38 -18.11
C LEU G 637 48.59 10.47 -17.62
N ILE G 638 48.34 9.16 -17.68
CA ILE G 638 49.31 8.16 -17.24
C ILE G 638 49.53 7.19 -18.38
N GLY G 639 50.79 7.00 -18.74
CA GLY G 639 51.15 6.09 -19.81
C GLY G 639 51.56 6.74 -21.11
N ALA G 640 51.73 8.05 -21.15
CA ALA G 640 52.10 8.75 -22.37
C ALA G 640 53.26 9.69 -22.10
N GLU G 641 54.10 9.89 -23.11
CA GLU G 641 55.29 10.70 -22.99
C GLU G 641 55.05 12.07 -23.62
N HIS G 642 55.35 13.12 -22.86
CA HIS G 642 55.23 14.47 -23.40
C HIS G 642 56.32 14.73 -24.42
N VAL G 643 55.98 15.47 -25.46
CA VAL G 643 56.89 15.76 -26.57
C VAL G 643 56.79 17.25 -26.90
N ASN G 644 57.94 17.90 -27.07
CA ASN G 644 57.91 19.31 -27.42
C ASN G 644 57.45 19.52 -28.85
N ASN G 645 57.77 18.58 -29.73
CA ASN G 645 57.38 18.71 -31.13
C ASN G 645 55.87 18.73 -31.26
N SER G 646 55.39 19.29 -32.37
CA SER G 646 53.96 19.47 -32.60
C SER G 646 53.55 18.79 -33.91
N TYR G 647 52.46 18.03 -33.85
CA TYR G 647 51.96 17.32 -35.02
C TYR G 647 50.46 17.53 -35.19
N GLU G 648 49.86 16.81 -36.13
CA GLU G 648 48.43 16.86 -36.31
C GLU G 648 47.73 16.06 -35.21
N CYS G 649 46.46 16.38 -34.97
CA CYS G 649 45.70 15.74 -33.91
C CYS G 649 45.06 14.45 -34.42
N ASP G 650 45.26 13.36 -33.69
CA ASP G 650 44.70 12.06 -34.04
C ASP G 650 43.66 11.59 -33.04
N ILE G 651 44.02 11.48 -31.76
CA ILE G 651 43.08 11.11 -30.71
C ILE G 651 42.90 12.32 -29.80
N PRO G 652 41.74 12.96 -29.81
CA PRO G 652 41.57 14.18 -29.01
C PRO G 652 41.61 13.88 -27.52
N ILE G 653 42.16 14.82 -26.76
CA ILE G 653 42.10 14.76 -25.30
C ILE G 653 41.42 16.01 -24.78
N GLY G 654 41.98 17.17 -25.05
CA GLY G 654 41.31 18.40 -24.66
C GLY G 654 42.29 19.51 -24.35
N ALA G 655 41.75 20.72 -24.28
CA ALA G 655 42.53 21.93 -24.00
C ALA G 655 43.72 22.04 -24.94
N GLY G 656 43.50 21.68 -26.20
CA GLY G 656 44.56 21.78 -27.19
C GLY G 656 45.64 20.72 -27.05
N ILE G 657 45.34 19.59 -26.42
CA ILE G 657 46.29 18.50 -26.28
C ILE G 657 45.69 17.25 -26.89
N CYS G 658 46.46 16.58 -27.74
CA CYS G 658 46.04 15.35 -28.39
C CYS G 658 47.10 14.27 -28.15
N ALA G 659 46.77 13.04 -28.50
CA ALA G 659 47.68 11.92 -28.33
C ALA G 659 47.59 11.00 -29.55
N SER G 660 48.67 10.26 -29.79
CA SER G 660 48.70 9.35 -30.92
C SER G 660 49.77 8.28 -30.67
N TYR G 661 49.92 7.39 -31.64
CA TYR G 661 50.85 6.26 -31.57
C TYR G 661 52.05 6.54 -32.44
N GLN G 662 53.23 6.45 -31.86
CA GLN G 662 54.47 6.80 -32.56
C GLN G 662 54.74 5.82 -33.70
N GLN G 677 56.36 2.95 -31.37
CA GLN G 677 56.67 1.99 -30.31
C GLN G 677 56.13 2.46 -28.97
N SER G 678 55.47 3.61 -28.95
CA SER G 678 54.95 4.17 -27.71
C SER G 678 53.79 5.11 -28.05
N ILE G 679 53.22 5.70 -27.02
CA ILE G 679 52.11 6.65 -27.15
C ILE G 679 52.63 8.03 -26.75
N ILE G 680 52.41 9.01 -27.61
CA ILE G 680 52.90 10.37 -27.36
C ILE G 680 51.72 11.31 -27.22
N ALA G 681 51.92 12.37 -26.44
CA ALA G 681 50.92 13.41 -26.23
C ALA G 681 51.55 14.75 -26.51
N TYR G 682 50.92 15.55 -27.36
CA TYR G 682 51.49 16.79 -27.83
C TYR G 682 50.42 17.86 -27.98
N THR G 683 50.87 19.10 -28.09
CA THR G 683 49.96 20.19 -28.38
C THR G 683 49.61 20.19 -29.86
N MET G 684 48.35 20.44 -30.17
CA MET G 684 47.86 20.34 -31.54
C MET G 684 48.53 21.38 -32.43
N SER G 685 48.64 21.05 -33.71
CA SER G 685 49.18 21.95 -34.73
C SER G 685 48.11 22.25 -35.75
N LEU G 686 47.91 23.54 -36.05
CA LEU G 686 46.82 23.94 -36.93
C LEU G 686 47.12 23.62 -38.38
N GLY G 687 48.33 23.88 -38.85
CA GLY G 687 48.67 23.59 -40.22
C GLY G 687 49.99 24.24 -40.60
N ALA G 688 50.40 23.96 -41.83
CA ALA G 688 51.65 24.50 -42.33
C ALA G 688 51.53 26.01 -42.49
N GLU G 689 52.59 26.72 -42.13
CA GLU G 689 52.59 28.18 -42.20
C GLU G 689 53.06 28.62 -43.57
N ASN G 690 52.30 29.54 -44.17
CA ASN G 690 52.57 30.01 -45.52
C ASN G 690 52.48 31.52 -45.55
N SER G 691 53.40 32.14 -46.30
CA SER G 691 53.44 33.58 -46.47
C SER G 691 53.41 33.91 -47.95
N VAL G 692 52.61 34.92 -48.32
CA VAL G 692 52.46 35.35 -49.70
C VAL G 692 53.10 36.72 -49.84
N ALA G 693 53.90 36.89 -50.89
CA ALA G 693 54.72 38.08 -51.07
C ALA G 693 53.88 39.20 -51.63
N TYR G 694 53.09 39.84 -50.77
CA TYR G 694 52.19 40.89 -51.19
C TYR G 694 52.99 42.14 -51.54
N SER G 695 52.80 42.64 -52.75
CA SER G 695 53.45 43.87 -53.19
C SER G 695 52.43 44.69 -53.96
N ASN G 696 52.61 46.00 -53.98
CA ASN G 696 51.58 46.88 -54.51
C ASN G 696 51.55 46.94 -56.04
N ASN G 697 52.47 46.27 -56.73
CA ASN G 697 52.39 46.20 -58.18
C ASN G 697 52.76 44.81 -58.68
N SER G 698 52.27 43.77 -58.01
CA SER G 698 52.57 42.40 -58.42
C SER G 698 51.33 41.54 -58.33
N ILE G 699 51.09 40.74 -59.36
CA ILE G 699 49.94 39.84 -59.42
C ILE G 699 50.44 38.46 -59.79
N ALA G 700 49.60 37.45 -59.55
CA ALA G 700 49.92 36.09 -59.93
C ALA G 700 48.72 35.46 -60.58
N ILE G 701 48.90 34.90 -61.77
CA ILE G 701 47.79 34.28 -62.49
C ILE G 701 48.18 32.87 -62.87
N PRO G 702 47.22 31.95 -62.98
CA PRO G 702 47.56 30.56 -63.29
C PRO G 702 47.83 30.39 -64.78
N THR G 703 48.34 29.20 -65.10
CA THR G 703 48.56 28.79 -66.48
C THR G 703 48.04 27.40 -66.77
N ASN G 704 47.45 26.72 -65.80
CA ASN G 704 46.97 25.37 -66.02
C ASN G 704 45.84 25.10 -65.04
N PHE G 705 45.23 23.93 -65.18
CA PHE G 705 44.04 23.59 -64.40
C PHE G 705 43.94 22.08 -64.24
N THR G 706 43.19 21.67 -63.22
CA THR G 706 42.96 20.25 -62.96
C THR G 706 41.51 20.06 -62.57
N ILE G 707 40.73 19.41 -63.44
CA ILE G 707 39.37 19.04 -63.08
C ILE G 707 39.42 18.06 -61.93
N SER G 708 38.50 18.20 -60.98
CA SER G 708 38.46 17.30 -59.84
C SER G 708 37.02 16.89 -59.58
N VAL G 709 36.85 15.76 -58.89
CA VAL G 709 35.54 15.29 -58.48
C VAL G 709 35.57 14.99 -57.00
N THR G 710 34.48 15.32 -56.31
CA THR G 710 34.40 15.22 -54.87
C THR G 710 33.11 14.53 -54.48
N THR G 711 33.14 13.81 -53.37
CA THR G 711 32.01 13.02 -52.92
C THR G 711 31.34 13.69 -51.73
N GLU G 712 30.01 13.63 -51.70
CA GLU G 712 29.24 14.13 -50.57
C GLU G 712 28.13 13.15 -50.27
N ILE G 713 27.88 12.88 -48.99
CA ILE G 713 26.92 11.85 -48.58
C ILE G 713 25.92 12.46 -47.62
N LEU G 714 24.63 12.20 -47.85
CA LEU G 714 23.59 12.74 -46.98
C LEU G 714 22.51 11.70 -46.70
N PRO G 715 22.13 11.52 -45.44
CA PRO G 715 21.00 10.63 -45.13
C PRO G 715 19.67 11.36 -45.36
N VAL G 716 18.66 10.61 -45.80
CA VAL G 716 17.38 11.23 -46.14
C VAL G 716 16.22 10.54 -45.44
N SER G 717 16.42 9.35 -44.89
CA SER G 717 15.29 8.65 -44.31
C SER G 717 15.77 7.63 -43.28
N MET G 718 14.84 7.24 -42.42
CA MET G 718 15.08 6.26 -41.36
C MET G 718 13.98 5.22 -41.40
N THR G 719 14.27 4.03 -40.89
CA THR G 719 13.35 2.91 -40.99
C THR G 719 12.05 3.22 -40.28
N LYS G 720 10.94 3.14 -41.01
CA LYS G 720 9.63 3.31 -40.40
C LYS G 720 9.38 2.20 -39.40
N THR G 721 8.66 2.51 -38.34
CA THR G 721 8.40 1.52 -37.30
C THR G 721 7.12 1.88 -36.57
N SER G 722 6.60 0.91 -35.84
CA SER G 722 5.42 1.11 -35.01
C SER G 722 5.49 0.15 -33.84
N VAL G 723 4.75 0.49 -32.78
CA VAL G 723 4.70 -0.33 -31.57
C VAL G 723 3.25 -0.53 -31.20
N ASP G 724 2.86 -1.78 -30.97
CA ASP G 724 1.53 -2.07 -30.45
C ASP G 724 1.49 -1.60 -29.01
N CYS G 725 0.92 -0.41 -28.80
CA CYS G 725 0.99 0.25 -27.51
C CYS G 725 0.48 -0.64 -26.37
N THR G 726 -0.73 -1.18 -26.52
CA THR G 726 -1.30 -1.95 -25.41
C THR G 726 -0.59 -3.28 -25.22
N MET G 727 -0.28 -3.97 -26.33
CA MET G 727 0.27 -5.31 -26.22
C MET G 727 1.65 -5.30 -25.57
N TYR G 728 2.44 -4.25 -25.83
CA TYR G 728 3.76 -4.17 -25.22
C TYR G 728 3.65 -4.09 -23.71
N ILE G 729 2.77 -3.21 -23.21
CA ILE G 729 2.68 -2.98 -21.77
C ILE G 729 2.06 -4.18 -21.09
N CYS G 730 0.98 -4.73 -21.65
CA CYS G 730 0.19 -5.74 -20.96
C CYS G 730 0.50 -7.16 -21.40
N GLY G 731 0.47 -7.43 -22.71
CA GLY G 731 0.75 -8.76 -23.18
C GLY G 731 -0.37 -9.75 -22.94
N ASP G 732 -1.51 -9.52 -23.61
CA ASP G 732 -2.66 -10.43 -23.62
C ASP G 732 -3.03 -10.93 -22.23
N SER G 733 -3.14 -9.99 -21.29
CA SER G 733 -3.60 -10.27 -19.94
C SER G 733 -4.81 -9.38 -19.66
N THR G 734 -5.93 -10.02 -19.30
CA THR G 734 -7.17 -9.26 -19.09
C THR G 734 -7.06 -8.32 -17.90
N GLU G 735 -6.44 -8.76 -16.81
CA GLU G 735 -6.31 -7.91 -15.64
C GLU G 735 -5.49 -6.67 -15.94
N CYS G 736 -4.35 -6.85 -16.63
CA CYS G 736 -3.54 -5.69 -17.01
C CYS G 736 -4.31 -4.75 -17.91
N SER G 737 -5.04 -5.30 -18.88
CA SER G 737 -5.79 -4.46 -19.80
C SER G 737 -6.85 -3.65 -19.08
N ASN G 738 -7.57 -4.29 -18.15
CA ASN G 738 -8.59 -3.57 -17.39
C ASN G 738 -7.97 -2.51 -16.51
N LEU G 739 -6.82 -2.81 -15.90
CA LEU G 739 -6.17 -1.80 -15.06
C LEU G 739 -5.67 -0.62 -15.88
N LEU G 740 -5.24 -0.87 -17.12
CA LEU G 740 -4.67 0.20 -17.92
C LEU G 740 -5.69 1.27 -18.30
N LEU G 741 -6.97 0.89 -18.41
CA LEU G 741 -7.99 1.84 -18.81
C LEU G 741 -8.14 3.00 -17.83
N GLN G 742 -7.70 2.82 -16.58
CA GLN G 742 -7.78 3.91 -15.63
C GLN G 742 -6.87 5.07 -16.04
N TYR G 743 -5.70 4.76 -16.60
CA TYR G 743 -4.67 5.79 -16.79
C TYR G 743 -5.11 6.84 -17.78
N GLY G 744 -5.80 6.45 -18.84
CA GLY G 744 -6.32 7.44 -19.77
C GLY G 744 -5.94 7.20 -21.21
N SER G 745 -5.58 8.26 -21.92
CA SER G 745 -5.31 8.20 -23.35
C SER G 745 -3.84 8.40 -23.69
N PHE G 746 -2.94 8.01 -22.78
CA PHE G 746 -1.52 8.02 -23.11
C PHE G 746 -1.23 7.09 -24.28
N CYS G 747 -1.88 5.94 -24.29
CA CYS G 747 -1.59 4.90 -25.26
C CYS G 747 -1.92 5.36 -26.68
N THR G 748 -3.09 5.99 -26.85
CA THR G 748 -3.47 6.53 -28.15
C THR G 748 -2.51 7.63 -28.57
N GLN G 749 -2.09 8.46 -27.63
CA GLN G 749 -1.14 9.53 -27.96
C GLN G 749 0.16 8.96 -28.49
N LEU G 750 0.68 7.92 -27.84
CA LEU G 750 1.92 7.31 -28.31
C LEU G 750 1.75 6.71 -29.69
N ASN G 751 0.64 6.02 -29.93
CA ASN G 751 0.40 5.47 -31.26
C ASN G 751 0.36 6.58 -32.31
N ARG G 752 -0.32 7.69 -32.00
CA ARG G 752 -0.44 8.78 -32.96
C ARG G 752 0.92 9.40 -33.26
N ALA G 753 1.73 9.62 -32.23
CA ALA G 753 3.03 10.22 -32.45
C ALA G 753 3.91 9.32 -33.31
N LEU G 754 3.89 8.01 -33.04
CA LEU G 754 4.71 7.11 -33.83
C LEU G 754 4.23 7.05 -35.28
N THR G 755 2.93 7.06 -35.50
CA THR G 755 2.42 7.08 -36.87
C THR G 755 2.83 8.37 -37.59
N GLY G 756 2.77 9.50 -36.88
CA GLY G 756 3.16 10.76 -37.47
C GLY G 756 4.63 10.77 -37.86
N ILE G 757 5.49 10.17 -37.02
CA ILE G 757 6.88 10.01 -37.42
C ILE G 757 6.99 9.12 -38.64
N ALA G 758 6.24 8.01 -38.65
CA ALA G 758 6.40 7.02 -39.71
C ALA G 758 6.02 7.57 -41.07
N VAL G 759 4.99 8.42 -41.13
CA VAL G 759 4.49 8.87 -42.43
C VAL G 759 5.52 9.75 -43.14
N GLU G 760 6.28 10.55 -42.38
CA GLU G 760 7.18 11.52 -42.99
C GLU G 760 8.30 10.87 -43.80
N GLN G 761 8.62 9.61 -43.52
CA GLN G 761 9.75 8.98 -44.19
C GLN G 761 9.46 8.72 -45.66
N ASP G 762 8.22 8.86 -46.09
CA ASP G 762 7.91 8.80 -47.51
C ASP G 762 7.91 10.17 -48.16
N LYS G 763 7.43 11.19 -47.45
CA LYS G 763 7.50 12.55 -47.97
C LYS G 763 8.93 13.01 -48.16
N ASN G 764 9.85 12.57 -47.28
CA ASN G 764 11.25 12.96 -47.44
C ASN G 764 11.81 12.45 -48.78
N THR G 765 11.63 11.16 -49.06
CA THR G 765 12.11 10.61 -50.31
C THR G 765 11.39 11.24 -51.50
N GLN G 766 10.09 11.49 -51.36
CA GLN G 766 9.35 12.12 -52.44
C GLN G 766 9.93 13.49 -52.78
N GLU G 767 10.29 14.27 -51.75
CA GLU G 767 10.85 15.58 -52.00
C GLU G 767 12.25 15.49 -52.59
N VAL G 768 13.06 14.56 -52.10
CA VAL G 768 14.46 14.51 -52.54
C VAL G 768 14.55 14.04 -53.99
N PHE G 769 13.85 12.97 -54.33
CA PHE G 769 14.07 12.32 -55.62
C PHE G 769 13.06 12.67 -56.69
N ALA G 770 11.77 12.72 -56.37
CA ALA G 770 10.73 12.93 -57.37
C ALA G 770 10.71 14.40 -57.76
N GLN G 771 11.56 14.76 -58.73
CA GLN G 771 11.65 16.13 -59.19
C GLN G 771 11.62 16.25 -60.71
N VAL G 772 11.23 15.19 -61.42
CA VAL G 772 11.10 15.23 -62.86
C VAL G 772 9.71 14.73 -63.25
N LYS G 773 9.07 15.45 -64.16
CA LYS G 773 7.74 15.07 -64.59
C LYS G 773 7.76 13.85 -65.50
N GLN G 774 8.84 13.65 -66.24
CA GLN G 774 8.95 12.56 -67.20
C GLN G 774 10.12 11.66 -66.82
N ILE G 775 10.43 10.72 -67.69
CA ILE G 775 11.58 9.83 -67.54
C ILE G 775 12.33 9.81 -68.86
N TYR G 776 13.59 10.22 -68.83
CA TYR G 776 14.42 10.31 -70.02
C TYR G 776 15.28 9.07 -70.16
N LYS G 777 15.71 8.81 -71.39
CA LYS G 777 16.53 7.66 -71.71
C LYS G 777 17.75 8.10 -72.50
N THR G 778 18.89 7.49 -72.19
CA THR G 778 20.13 7.80 -72.87
C THR G 778 20.08 7.26 -74.30
N PRO G 779 20.86 7.85 -75.20
CA PRO G 779 20.91 7.35 -76.58
C PRO G 779 21.52 5.95 -76.61
N PRO G 780 21.19 5.16 -77.63
CA PRO G 780 21.74 3.80 -77.71
C PRO G 780 23.26 3.78 -77.81
N ILE G 781 23.80 4.46 -78.80
CA ILE G 781 25.25 4.55 -78.99
C ILE G 781 25.74 5.84 -78.34
N LYS G 782 26.90 5.77 -77.70
CA LYS G 782 27.40 6.86 -76.87
C LYS G 782 28.63 7.48 -77.52
N ASP G 783 28.46 8.70 -78.04
CA ASP G 783 29.54 9.47 -78.65
C ASP G 783 29.50 10.86 -78.03
N PHE G 784 30.16 11.02 -76.88
CA PHE G 784 30.13 12.27 -76.14
C PHE G 784 31.42 13.07 -76.30
N GLY G 785 32.05 12.98 -77.47
CA GLY G 785 33.21 13.81 -77.73
C GLY G 785 34.48 13.43 -77.00
N GLY G 786 34.46 12.33 -76.26
CA GLY G 786 35.66 11.90 -75.56
C GLY G 786 35.41 11.54 -74.11
N PHE G 787 34.30 12.01 -73.57
CA PHE G 787 33.97 11.72 -72.19
C PHE G 787 33.44 10.31 -72.05
N ASN G 788 33.50 9.78 -70.83
CA ASN G 788 33.13 8.40 -70.55
C ASN G 788 32.29 8.36 -69.28
N PHE G 789 31.03 7.97 -69.42
CA PHE G 789 30.09 7.95 -68.31
C PHE G 789 29.74 6.54 -67.85
N SER G 790 30.47 5.53 -68.29
CA SER G 790 30.09 4.16 -67.99
C SER G 790 30.13 3.84 -66.51
N GLN G 791 30.83 4.65 -65.71
CA GLN G 791 30.94 4.34 -64.30
C GLN G 791 29.72 4.80 -63.51
N ILE G 792 28.82 5.56 -64.13
CA ILE G 792 27.66 6.08 -63.40
C ILE G 792 26.35 5.71 -64.09
N LEU G 793 26.40 5.45 -65.39
CA LEU G 793 25.19 5.07 -66.10
C LEU G 793 24.79 3.64 -65.73
N PRO G 794 23.51 3.32 -65.80
CA PRO G 794 23.06 1.99 -65.36
C PRO G 794 23.62 0.88 -66.24
N ASP G 795 23.81 -0.29 -65.62
CA ASP G 795 24.36 -1.44 -66.31
C ASP G 795 23.23 -2.37 -66.73
N PRO G 796 23.01 -2.57 -68.02
CA PRO G 796 21.88 -3.40 -68.45
C PRO G 796 22.04 -4.86 -68.08
N SER G 797 23.15 -5.47 -68.47
CA SER G 797 23.36 -6.91 -68.27
C SER G 797 23.92 -7.16 -66.88
N LYS G 798 23.06 -6.91 -65.89
CA LYS G 798 23.44 -7.04 -64.49
C LYS G 798 22.17 -7.21 -63.67
N PRO G 799 22.29 -7.71 -62.44
CA PRO G 799 21.11 -7.77 -61.57
C PRO G 799 20.53 -6.39 -61.32
N SER G 800 19.21 -6.32 -61.29
CA SER G 800 18.46 -5.07 -61.15
C SER G 800 18.95 -4.12 -62.24
N LYS G 801 19.12 -2.83 -61.97
CA LYS G 801 19.59 -1.89 -62.98
C LYS G 801 20.60 -0.89 -62.42
N ARG G 802 21.30 -1.24 -61.34
CA ARG G 802 22.16 -0.27 -60.68
C ARG G 802 23.51 -0.18 -61.37
N SER G 803 24.02 1.04 -61.46
CA SER G 803 25.35 1.27 -62.00
C SER G 803 26.41 0.75 -61.02
N PRO G 804 27.63 0.51 -61.50
CA PRO G 804 28.64 -0.11 -60.62
C PRO G 804 28.88 0.63 -59.31
N ILE G 805 28.87 1.96 -59.32
CA ILE G 805 29.09 2.69 -58.07
C ILE G 805 27.94 2.47 -57.12
N GLU G 806 26.71 2.43 -57.63
CA GLU G 806 25.57 2.15 -56.75
C GLU G 806 25.68 0.77 -56.14
N ASP G 807 26.10 -0.22 -56.93
CA ASP G 807 26.27 -1.57 -56.38
C ASP G 807 27.35 -1.62 -55.32
N LEU G 808 28.45 -0.91 -55.56
CA LEU G 808 29.50 -0.86 -54.55
C LEU G 808 28.98 -0.23 -53.26
N LEU G 809 28.20 0.84 -53.38
CA LEU G 809 27.62 1.47 -52.20
C LEU G 809 26.68 0.52 -51.47
N PHE G 810 25.87 -0.22 -52.22
CA PHE G 810 24.92 -1.14 -51.58
C PHE G 810 25.64 -2.26 -50.86
N ASN G 811 26.66 -2.85 -51.50
CA ASN G 811 27.40 -3.93 -50.84
C ASN G 811 28.18 -3.44 -49.64
N LYS G 812 28.71 -2.22 -49.71
CA LYS G 812 29.55 -1.73 -48.61
C LYS G 812 28.75 -1.58 -47.32
N VAL G 813 27.52 -1.12 -47.40
CA VAL G 813 26.70 -0.93 -46.21
C VAL G 813 26.21 -2.29 -45.73
N THR G 814 26.50 -2.60 -44.47
CA THR G 814 26.11 -3.85 -43.84
C THR G 814 25.08 -3.58 -42.77
N LEU G 815 23.94 -4.27 -42.86
CA LEU G 815 22.86 -4.09 -41.90
C LEU G 815 23.22 -4.68 -40.54
N ALA G 839 15.48 -5.21 -35.36
CA ALA G 839 14.83 -6.40 -34.81
C ALA G 839 13.72 -6.90 -35.73
N GLN G 840 13.10 -8.01 -35.35
CA GLN G 840 12.08 -8.67 -36.15
C GLN G 840 10.76 -8.70 -35.37
N LYS G 841 9.79 -9.44 -35.91
CA LYS G 841 8.47 -9.54 -35.28
C LYS G 841 8.60 -10.09 -33.87
N PHE G 842 8.23 -9.26 -32.90
CA PHE G 842 8.44 -9.55 -31.48
C PHE G 842 7.14 -9.25 -30.75
N ASN G 843 7.21 -9.13 -29.43
CA ASN G 843 6.06 -8.80 -28.61
C ASN G 843 5.71 -7.32 -28.76
N GLY G 844 4.96 -7.02 -29.81
CA GLY G 844 4.41 -5.70 -30.04
C GLY G 844 5.11 -4.89 -31.12
N LEU G 845 6.31 -5.30 -31.54
CA LEU G 845 7.03 -4.57 -32.55
C LEU G 845 6.47 -4.83 -33.94
N THR G 846 6.73 -3.89 -34.85
CA THR G 846 6.30 -4.01 -36.24
C THR G 846 7.15 -3.07 -37.08
N VAL G 847 7.46 -3.48 -38.30
CA VAL G 847 8.22 -2.65 -39.23
C VAL G 847 7.46 -2.59 -40.54
N LEU G 848 7.04 -1.39 -40.92
CA LEU G 848 6.32 -1.22 -42.17
C LEU G 848 7.30 -1.07 -43.34
N PRO G 849 6.88 -1.42 -44.54
CA PRO G 849 7.79 -1.33 -45.69
C PRO G 849 7.78 0.06 -46.28
N PRO G 850 8.86 0.46 -46.95
CA PRO G 850 8.87 1.77 -47.60
C PRO G 850 7.91 1.80 -48.77
N LEU G 851 7.39 3.00 -49.06
CA LEU G 851 6.43 3.12 -50.14
C LEU G 851 7.10 2.96 -51.50
N LEU G 852 8.30 3.48 -51.65
CA LEU G 852 9.03 3.44 -52.92
C LEU G 852 10.10 2.37 -52.85
N THR G 853 9.98 1.35 -53.70
CA THR G 853 10.98 0.29 -53.72
C THR G 853 12.29 0.82 -54.27
N ASP G 854 13.38 0.11 -53.94
CA ASP G 854 14.70 0.62 -54.26
C ASP G 854 14.94 0.72 -55.76
N GLU G 855 14.45 -0.25 -56.52
CA GLU G 855 14.60 -0.20 -57.97
C GLU G 855 13.99 1.08 -58.54
N MET G 856 12.88 1.53 -57.96
CA MET G 856 12.23 2.74 -58.45
C MET G 856 13.04 3.99 -58.13
N ILE G 857 13.69 4.02 -56.96
CA ILE G 857 14.61 5.12 -56.67
C ILE G 857 15.75 5.12 -57.66
N ALA G 858 16.28 3.95 -57.98
CA ALA G 858 17.33 3.87 -58.99
C ALA G 858 16.84 4.39 -60.33
N GLN G 859 15.58 4.13 -60.67
CA GLN G 859 15.03 4.62 -61.92
C GLN G 859 14.96 6.14 -61.92
N TYR G 860 14.50 6.74 -60.83
CA TYR G 860 14.55 8.20 -60.73
C TYR G 860 15.96 8.75 -60.92
N THR G 861 16.93 8.17 -60.23
CA THR G 861 18.29 8.71 -60.36
C THR G 861 18.80 8.56 -61.79
N SER G 862 18.49 7.44 -62.44
CA SER G 862 18.90 7.25 -63.83
C SER G 862 18.25 8.28 -64.74
N ALA G 863 16.97 8.58 -64.51
CA ALA G 863 16.30 9.59 -65.32
C ALA G 863 16.94 10.95 -65.14
N LEU G 864 17.24 11.33 -63.89
CA LEU G 864 17.86 12.62 -63.64
C LEU G 864 19.24 12.69 -64.31
N LEU G 865 20.02 11.62 -64.18
CA LEU G 865 21.37 11.63 -64.75
C LEU G 865 21.32 11.71 -66.27
N ALA G 866 20.41 10.97 -66.91
CA ALA G 866 20.28 11.08 -68.35
C ALA G 866 19.84 12.47 -68.77
N GLY G 867 18.91 13.06 -68.03
CA GLY G 867 18.47 14.40 -68.36
C GLY G 867 19.58 15.42 -68.29
N THR G 868 20.41 15.35 -67.25
CA THR G 868 21.50 16.31 -67.15
C THR G 868 22.68 15.97 -68.03
N ILE G 869 22.72 14.77 -68.61
CA ILE G 869 23.78 14.44 -69.56
C ILE G 869 23.43 14.95 -70.95
N THR G 870 22.21 14.69 -71.41
CA THR G 870 21.86 14.91 -72.81
C THR G 870 21.02 16.16 -73.04
N SER G 871 20.78 16.98 -72.02
CA SER G 871 19.98 18.18 -72.23
C SER G 871 20.50 19.39 -71.46
N GLY G 872 21.72 19.37 -70.96
CA GLY G 872 22.23 20.48 -70.20
C GLY G 872 21.46 20.68 -68.92
N TRP G 873 20.85 21.86 -68.76
CA TRP G 873 19.99 22.12 -67.62
C TRP G 873 18.68 22.77 -68.03
N THR G 874 18.37 22.80 -69.32
CA THR G 874 17.09 23.36 -69.75
C THR G 874 15.91 22.52 -69.29
N PHE G 875 16.13 21.24 -69.00
CA PHE G 875 15.02 20.41 -68.55
C PHE G 875 14.58 20.74 -67.13
N GLY G 876 15.33 21.54 -66.41
CA GLY G 876 14.91 22.01 -65.10
C GLY G 876 14.02 23.21 -65.11
N ALA G 877 13.80 23.82 -66.27
CA ALA G 877 12.95 25.00 -66.40
C ALA G 877 11.70 24.73 -67.23
N GLY G 878 11.87 24.23 -68.46
CA GLY G 878 10.74 23.94 -69.31
C GLY G 878 10.90 22.62 -70.02
N PRO G 879 10.65 22.60 -71.32
CA PRO G 879 10.85 21.38 -72.09
C PRO G 879 12.34 21.08 -72.27
N ALA G 880 12.65 19.80 -72.35
CA ALA G 880 14.05 19.39 -72.51
C ALA G 880 14.53 19.71 -73.91
N LEU G 881 15.73 20.27 -74.00
CA LEU G 881 16.34 20.63 -75.27
C LEU G 881 17.71 20.00 -75.38
N GLN G 882 17.99 19.34 -76.49
CA GLN G 882 19.27 18.67 -76.64
C GLN G 882 20.34 19.66 -77.08
N ILE G 883 21.59 19.26 -76.87
CA ILE G 883 22.75 20.08 -77.20
C ILE G 883 24.00 19.20 -77.12
N PRO G 884 24.94 19.32 -78.06
CA PRO G 884 26.14 18.48 -77.97
C PRO G 884 26.88 18.70 -76.68
N PHE G 885 27.41 17.62 -76.11
CA PHE G 885 28.01 17.71 -74.78
C PHE G 885 29.21 18.65 -74.73
N PRO G 886 30.17 18.60 -75.65
CA PRO G 886 31.28 19.57 -75.57
C PRO G 886 30.80 21.01 -75.63
N MET G 887 29.74 21.31 -76.38
CA MET G 887 29.21 22.66 -76.38
C MET G 887 28.66 23.04 -75.00
N GLN G 888 27.96 22.11 -74.36
CA GLN G 888 27.46 22.38 -73.03
C GLN G 888 28.60 22.65 -72.07
N MET G 889 29.66 21.86 -72.14
CA MET G 889 30.81 22.11 -71.28
C MET G 889 31.45 23.46 -71.60
N ALA G 890 31.45 23.85 -72.87
CA ALA G 890 31.99 25.16 -73.22
C ALA G 890 31.19 26.26 -72.56
N TYR G 891 29.86 26.15 -72.56
CA TYR G 891 29.08 27.17 -71.87
C TYR G 891 29.30 27.12 -70.37
N ARG G 892 29.48 25.93 -69.81
CA ARG G 892 29.76 25.83 -68.38
C ARG G 892 31.04 26.57 -68.04
N PHE G 893 32.07 26.43 -68.87
CA PHE G 893 33.28 27.21 -68.67
C PHE G 893 33.01 28.70 -68.80
N ASN G 894 32.25 29.09 -69.83
CA ASN G 894 31.95 30.51 -70.01
C ASN G 894 31.20 31.08 -68.83
N GLY G 895 30.54 30.24 -68.05
CA GLY G 895 29.83 30.72 -66.90
C GLY G 895 30.64 31.01 -65.66
N ILE G 896 31.95 30.75 -65.67
CA ILE G 896 32.78 31.03 -64.50
C ILE G 896 33.98 31.88 -64.89
N GLY G 897 33.87 32.62 -65.99
CA GLY G 897 34.91 33.57 -66.33
C GLY G 897 36.05 33.05 -67.16
N VAL G 898 35.88 31.90 -67.82
CA VAL G 898 36.88 31.37 -68.73
C VAL G 898 36.23 31.25 -70.11
N THR G 899 36.86 31.86 -71.12
CA THR G 899 36.29 31.88 -72.45
C THR G 899 36.22 30.46 -73.01
N GLN G 900 35.50 30.33 -74.14
CA GLN G 900 35.21 29.01 -74.68
C GLN G 900 36.41 28.39 -75.36
N ASN G 901 37.27 29.20 -75.99
CA ASN G 901 38.41 28.64 -76.69
C ASN G 901 39.30 27.84 -75.75
N VAL G 902 39.31 28.18 -74.46
CA VAL G 902 40.09 27.41 -73.51
C VAL G 902 39.64 25.95 -73.52
N LEU G 903 38.33 25.71 -73.53
CA LEU G 903 37.86 24.34 -73.63
C LEU G 903 38.12 23.77 -75.02
N TYR G 904 37.75 24.52 -76.06
CA TYR G 904 37.80 23.92 -77.39
C TYR G 904 39.20 23.62 -77.86
N GLU G 905 40.23 24.21 -77.25
CA GLU G 905 41.60 23.83 -77.60
C GLU G 905 42.09 22.62 -76.83
N ASN G 906 41.61 22.42 -75.60
CA ASN G 906 42.12 21.40 -74.70
C ASN G 906 41.06 20.35 -74.40
N GLN G 907 40.34 19.89 -75.42
CA GLN G 907 39.27 18.93 -75.19
C GLN G 907 39.80 17.58 -74.74
N LYS G 908 40.85 17.08 -75.37
CA LYS G 908 41.37 15.76 -75.02
C LYS G 908 41.86 15.72 -73.59
N LEU G 909 42.57 16.76 -73.16
CA LEU G 909 43.07 16.80 -71.80
C LEU G 909 41.93 16.85 -70.78
N ILE G 910 40.89 17.64 -71.06
CA ILE G 910 39.72 17.66 -70.20
C ILE G 910 39.12 16.27 -70.08
N ALA G 911 38.94 15.60 -71.22
CA ALA G 911 38.33 14.28 -71.19
C ALA G 911 39.16 13.31 -70.37
N ASN G 912 40.49 13.34 -70.54
CA ASN G 912 41.34 12.41 -69.83
C ASN G 912 41.30 12.65 -68.33
N GLN G 913 41.37 13.92 -67.91
CA GLN G 913 41.30 14.22 -66.49
C GLN G 913 39.97 13.80 -65.89
N PHE G 914 38.88 14.08 -66.61
CA PHE G 914 37.55 13.70 -66.14
C PHE G 914 37.45 12.19 -65.95
N ASN G 915 37.86 11.43 -66.95
CA ASN G 915 37.78 9.97 -66.85
C ASN G 915 38.65 9.45 -65.72
N SER G 916 39.86 9.95 -65.59
CA SER G 916 40.76 9.47 -64.54
C SER G 916 40.19 9.75 -63.16
N ALA G 917 39.61 10.93 -62.97
CA ALA G 917 39.07 11.27 -61.66
C ALA G 917 37.89 10.37 -61.30
N ILE G 918 36.97 10.16 -62.24
CA ILE G 918 35.86 9.26 -61.95
C ILE G 918 36.38 7.85 -61.66
N GLY G 919 37.40 7.42 -62.39
CA GLY G 919 37.99 6.13 -62.08
C GLY G 919 38.52 6.05 -60.66
N LYS G 920 39.18 7.11 -60.21
CA LYS G 920 39.75 7.11 -58.87
C LYS G 920 38.68 7.08 -57.78
N ILE G 921 37.50 7.63 -58.06
CA ILE G 921 36.46 7.67 -57.03
C ILE G 921 36.09 6.26 -56.56
N GLN G 922 35.96 5.32 -57.49
CA GLN G 922 35.55 3.97 -57.11
C GLN G 922 36.56 3.32 -56.19
N ASP G 923 37.84 3.44 -56.50
CA ASP G 923 38.87 2.88 -55.63
C ASP G 923 38.87 3.59 -54.27
N SER G 924 38.70 4.90 -54.26
CA SER G 924 38.67 5.63 -52.99
C SER G 924 37.54 5.13 -52.11
N LEU G 925 36.37 4.90 -52.68
CA LEU G 925 35.27 4.33 -51.90
C LEU G 925 35.59 2.92 -51.45
N SER G 926 36.16 2.11 -52.33
CA SER G 926 36.34 0.69 -52.02
C SER G 926 37.36 0.48 -50.91
N SER G 927 38.45 1.25 -50.92
CA SER G 927 39.54 1.00 -49.97
C SER G 927 39.15 1.41 -48.56
N THR G 928 38.86 2.68 -48.35
CA THR G 928 38.59 3.17 -47.01
C THR G 928 37.30 2.56 -46.48
N PRO G 929 37.31 1.96 -45.29
CA PRO G 929 36.08 1.36 -44.75
C PRO G 929 35.16 2.40 -44.12
N SER G 930 35.73 3.50 -43.65
CA SER G 930 34.97 4.58 -43.04
C SER G 930 34.48 5.61 -44.07
N ALA G 931 34.42 5.22 -45.35
CA ALA G 931 33.99 6.15 -46.38
C ALA G 931 32.54 6.56 -46.18
N LEU G 932 31.66 5.62 -45.83
CA LEU G 932 30.26 5.94 -45.65
C LEU G 932 30.08 6.70 -44.34
N GLY G 933 30.30 6.03 -43.22
CA GLY G 933 30.49 6.68 -41.95
C GLY G 933 29.31 7.44 -41.40
N LYS G 934 28.29 7.72 -42.21
CA LYS G 934 27.15 8.51 -41.74
C LYS G 934 25.83 7.78 -41.88
N LEU G 935 25.61 7.07 -42.98
CA LEU G 935 24.40 6.29 -43.11
C LEU G 935 24.37 5.12 -42.13
N GLN G 936 25.55 4.55 -41.83
CA GLN G 936 25.61 3.46 -40.88
C GLN G 936 25.26 3.91 -39.46
N ASP G 937 25.61 5.15 -39.12
CA ASP G 937 25.42 5.64 -37.76
C ASP G 937 23.94 5.67 -37.38
N VAL G 938 23.09 6.11 -38.30
CA VAL G 938 21.66 6.17 -38.02
C VAL G 938 21.10 4.80 -37.75
N VAL G 939 21.47 3.82 -38.57
CA VAL G 939 21.01 2.46 -38.38
C VAL G 939 21.47 1.92 -37.04
N ASN G 940 22.73 2.17 -36.69
CA ASN G 940 23.24 1.70 -35.41
C ASN G 940 22.46 2.31 -34.25
N GLN G 941 22.21 3.62 -34.31
CA GLN G 941 21.48 4.27 -33.22
C GLN G 941 20.08 3.71 -33.08
N ASN G 942 19.38 3.53 -34.21
CA ASN G 942 18.01 3.01 -34.13
C ASN G 942 18.00 1.60 -33.55
N ALA G 943 18.91 0.74 -34.02
CA ALA G 943 18.94 -0.62 -33.53
C ALA G 943 19.24 -0.64 -32.03
N GLN G 944 20.19 0.16 -31.58
CA GLN G 944 20.53 0.19 -30.16
C GLN G 944 19.35 0.66 -29.32
N ALA G 945 18.67 1.72 -29.76
CA ALA G 945 17.55 2.22 -28.99
C ALA G 945 16.43 1.20 -28.91
N LEU G 946 16.13 0.53 -30.01
CA LEU G 946 15.08 -0.47 -29.97
C LEU G 946 15.49 -1.65 -29.07
N ASN G 947 16.75 -2.04 -29.12
CA ASN G 947 17.22 -3.14 -28.27
C ASN G 947 17.12 -2.79 -26.79
N THR G 948 17.50 -1.57 -26.42
CA THR G 948 17.41 -1.22 -25.00
C THR G 948 15.96 -1.10 -24.57
N LEU G 949 15.08 -0.64 -25.47
CA LEU G 949 13.65 -0.66 -25.14
C LEU G 949 13.17 -2.07 -24.86
N VAL G 950 13.56 -3.03 -25.70
CA VAL G 950 13.11 -4.41 -25.49
C VAL G 950 13.68 -4.96 -24.19
N LYS G 951 14.97 -4.75 -23.94
CA LYS G 951 15.59 -5.29 -22.74
C LYS G 951 15.03 -4.65 -21.47
N GLN G 952 14.48 -3.44 -21.57
CA GLN G 952 13.88 -2.82 -20.40
C GLN G 952 12.66 -3.58 -19.90
N LEU G 953 12.14 -4.51 -20.71
CA LEU G 953 10.88 -5.16 -20.36
C LEU G 953 11.01 -6.00 -19.09
N SER G 954 12.13 -6.69 -18.92
CA SER G 954 12.32 -7.58 -17.77
C SER G 954 13.09 -6.84 -16.69
N SER G 955 12.35 -6.05 -15.91
CA SER G 955 12.90 -5.38 -14.74
C SER G 955 11.85 -5.33 -13.65
N ASN G 956 12.30 -5.47 -12.41
CA ASN G 956 11.36 -5.57 -11.29
C ASN G 956 10.59 -4.28 -11.11
N PHE G 957 11.25 -3.14 -11.27
CA PHE G 957 10.64 -1.82 -11.08
C PHE G 957 10.11 -1.63 -9.66
N GLY G 958 10.52 -2.48 -8.73
CA GLY G 958 10.00 -2.45 -7.38
C GLY G 958 8.98 -3.52 -7.07
N ALA G 959 8.68 -4.41 -8.01
CA ALA G 959 7.78 -5.53 -7.78
C ALA G 959 8.59 -6.79 -7.59
N ILE G 960 7.99 -7.76 -6.88
CA ILE G 960 8.74 -8.95 -6.49
C ILE G 960 9.09 -9.82 -7.70
N SER G 961 8.28 -9.77 -8.76
CA SER G 961 8.53 -10.57 -9.94
C SER G 961 8.41 -9.69 -11.19
N SER G 962 9.21 -10.03 -12.20
CA SER G 962 9.25 -9.27 -13.45
C SER G 962 8.42 -9.91 -14.56
N VAL G 963 7.70 -10.99 -14.26
CA VAL G 963 6.82 -11.63 -15.21
C VAL G 963 5.39 -11.53 -14.67
N LEU G 964 4.45 -11.17 -15.55
CA LEU G 964 3.12 -10.82 -15.09
C LEU G 964 2.35 -12.04 -14.58
N ASN G 965 2.54 -13.19 -15.23
CA ASN G 965 1.75 -14.37 -14.90
C ASN G 965 2.03 -14.85 -13.49
N ASP G 966 3.27 -14.77 -13.04
CA ASP G 966 3.59 -15.21 -11.69
C ASP G 966 2.86 -14.38 -10.64
N ILE G 967 2.84 -13.06 -10.82
CA ILE G 967 2.11 -12.21 -9.90
C ILE G 967 0.61 -12.49 -9.98
N LEU G 968 0.11 -12.72 -11.20
CA LEU G 968 -1.31 -13.00 -11.36
C LEU G 968 -1.72 -14.28 -10.65
N SER G 969 -0.87 -15.30 -10.69
CA SER G 969 -1.24 -16.60 -10.17
C SER G 969 -0.94 -16.71 -8.68
N ARG G 970 0.32 -16.53 -8.30
CA ARG G 970 0.78 -16.91 -6.97
C ARG G 970 0.16 -16.06 -5.86
N LEU G 971 -0.39 -14.90 -6.16
CA LEU G 971 -0.93 -14.03 -5.13
C LEU G 971 -2.30 -13.51 -5.54
N ASP G 972 -3.16 -13.28 -4.56
CA ASP G 972 -4.55 -12.96 -4.80
C ASP G 972 -4.71 -11.57 -5.42
N PRO G 973 -5.80 -11.32 -6.13
CA PRO G 973 -5.98 -10.04 -6.84
C PRO G 973 -5.87 -8.84 -5.91
N PRO G 974 -6.61 -8.78 -4.80
CA PRO G 974 -6.71 -7.50 -4.07
C PRO G 974 -5.39 -6.95 -3.60
N GLU G 975 -4.36 -7.79 -3.48
CA GLU G 975 -3.02 -7.32 -3.18
C GLU G 975 -2.12 -7.28 -4.41
N ALA G 976 -2.38 -8.12 -5.41
CA ALA G 976 -1.57 -8.12 -6.62
C ALA G 976 -1.80 -6.88 -7.47
N GLU G 977 -2.90 -6.17 -7.24
CA GLU G 977 -3.14 -4.95 -8.00
C GLU G 977 -1.98 -3.96 -7.86
N VAL G 978 -1.38 -3.88 -6.67
CA VAL G 978 -0.29 -2.93 -6.45
C VAL G 978 0.91 -3.29 -7.31
N GLN G 979 1.28 -4.57 -7.35
CA GLN G 979 2.41 -4.99 -8.18
C GLN G 979 2.13 -4.72 -9.65
N ILE G 980 0.90 -5.02 -10.09
CA ILE G 980 0.56 -4.75 -11.49
C ILE G 980 0.69 -3.27 -11.78
N ASP G 981 0.25 -2.43 -10.84
CA ASP G 981 0.34 -0.98 -11.03
C ASP G 981 1.80 -0.53 -11.15
N ARG G 982 2.67 -1.09 -10.32
CA ARG G 982 4.08 -0.71 -10.39
C ARG G 982 4.69 -1.07 -11.73
N LEU G 983 4.41 -2.29 -12.21
CA LEU G 983 4.91 -2.67 -13.52
C LEU G 983 4.35 -1.76 -14.61
N ILE G 984 3.06 -1.41 -14.50
CA ILE G 984 2.43 -0.55 -15.49
C ILE G 984 3.15 0.78 -15.59
N THR G 985 3.37 1.43 -14.43
CA THR G 985 3.96 2.75 -14.48
C THR G 985 5.40 2.70 -14.98
N GLY G 986 6.16 1.68 -14.59
CA GLY G 986 7.52 1.58 -15.11
C GLY G 986 7.56 1.44 -16.62
N ARG G 987 6.74 0.53 -17.16
CA ARG G 987 6.76 0.31 -18.60
C ARG G 987 6.28 1.54 -19.35
N LEU G 988 5.25 2.22 -18.82
CA LEU G 988 4.75 3.43 -19.47
C LEU G 988 5.83 4.50 -19.55
N GLN G 989 6.57 4.70 -18.46
CA GLN G 989 7.61 5.72 -18.48
C GLN G 989 8.71 5.37 -19.49
N SER G 990 9.07 4.08 -19.55
CA SER G 990 10.08 3.68 -20.53
C SER G 990 9.62 3.99 -21.95
N LEU G 991 8.37 3.65 -22.26
CA LEU G 991 7.85 3.92 -23.61
C LEU G 991 7.84 5.41 -23.90
N GLN G 992 7.49 6.23 -22.92
CA GLN G 992 7.47 7.67 -23.14
C GLN G 992 8.85 8.19 -23.51
N THR G 993 9.87 7.75 -22.77
CA THR G 993 11.23 8.20 -23.09
C THR G 993 11.62 7.78 -24.51
N TYR G 994 11.30 6.54 -24.88
CA TYR G 994 11.66 6.08 -26.23
C TYR G 994 10.99 6.94 -27.29
N VAL G 995 9.70 7.24 -27.12
CA VAL G 995 8.99 8.04 -28.13
C VAL G 995 9.60 9.42 -28.25
N THR G 996 9.94 10.05 -27.12
CA THR G 996 10.52 11.39 -27.19
C THR G 996 11.84 11.39 -27.95
N GLN G 997 12.70 10.40 -27.65
CA GLN G 997 13.96 10.31 -28.37
C GLN G 997 13.72 10.13 -29.87
N GLN G 998 12.75 9.29 -30.24
CA GLN G 998 12.46 9.08 -31.65
C GLN G 998 12.02 10.38 -32.31
N LEU G 999 11.19 11.17 -31.63
CA LEU G 999 10.73 12.42 -32.22
C LEU G 999 11.89 13.35 -32.52
N ILE G 1000 12.80 13.50 -31.56
CA ILE G 1000 13.92 14.42 -31.79
C ILE G 1000 14.79 13.93 -32.94
N ARG G 1001 15.08 12.63 -32.97
CA ARG G 1001 15.91 12.11 -34.05
C ARG G 1001 15.24 12.30 -35.40
N ALA G 1002 13.92 12.12 -35.47
CA ALA G 1002 13.22 12.31 -36.72
C ALA G 1002 13.29 13.75 -37.18
N ALA G 1003 13.22 14.71 -36.25
CA ALA G 1003 13.37 16.10 -36.63
C ALA G 1003 14.74 16.37 -37.25
N GLU G 1004 15.79 15.81 -36.64
CA GLU G 1004 17.12 15.99 -37.22
C GLU G 1004 17.21 15.40 -38.62
N ILE G 1005 16.65 14.21 -38.82
CA ILE G 1005 16.69 13.59 -40.14
C ILE G 1005 15.92 14.44 -41.15
N ARG G 1006 14.81 15.06 -40.72
CA ARG G 1006 14.08 15.92 -41.64
C ARG G 1006 14.92 17.12 -42.06
N ALA G 1007 15.68 17.69 -41.13
CA ALA G 1007 16.58 18.77 -41.51
C ALA G 1007 17.58 18.32 -42.56
N SER G 1008 18.16 17.14 -42.36
CA SER G 1008 19.12 16.63 -43.35
C SER G 1008 18.46 16.40 -44.70
N ALA G 1009 17.24 15.87 -44.70
CA ALA G 1009 16.55 15.63 -45.96
C ALA G 1009 16.26 16.93 -46.71
N ASN G 1010 15.86 17.97 -45.98
CA ASN G 1010 15.63 19.26 -46.63
C ASN G 1010 16.92 19.81 -47.23
N LEU G 1011 18.03 19.68 -46.51
CA LEU G 1011 19.30 20.13 -47.08
C LEU G 1011 19.64 19.36 -48.34
N ALA G 1012 19.42 18.04 -48.34
CA ALA G 1012 19.70 17.25 -49.52
C ALA G 1012 18.83 17.66 -50.70
N ALA G 1013 17.55 17.92 -50.43
CA ALA G 1013 16.65 18.35 -51.50
C ALA G 1013 17.12 19.67 -52.11
N THR G 1014 17.53 20.62 -51.26
CA THR G 1014 18.01 21.89 -51.77
C THR G 1014 19.27 21.69 -52.62
N LYS G 1015 20.19 20.86 -52.16
CA LYS G 1015 21.40 20.62 -52.94
C LYS G 1015 21.07 19.98 -54.29
N MET G 1016 20.13 19.04 -54.30
CA MET G 1016 19.75 18.41 -55.56
C MET G 1016 19.12 19.40 -56.51
N SER G 1017 18.25 20.27 -56.00
CA SER G 1017 17.58 21.24 -56.86
C SER G 1017 18.57 22.27 -57.41
N GLU G 1018 19.54 22.68 -56.60
CA GLU G 1018 20.37 23.81 -56.99
C GLU G 1018 21.67 23.43 -57.68
N CYS G 1019 22.15 22.20 -57.53
CA CYS G 1019 23.44 21.83 -58.11
C CYS G 1019 23.33 20.81 -59.23
N VAL G 1020 22.41 19.85 -59.14
CA VAL G 1020 22.26 18.90 -60.25
C VAL G 1020 21.62 19.57 -61.45
N LEU G 1021 20.64 20.43 -61.22
CA LEU G 1021 19.84 21.01 -62.28
C LEU G 1021 20.38 22.35 -62.79
N GLY G 1022 21.58 22.73 -62.38
CA GLY G 1022 22.18 23.96 -62.88
C GLY G 1022 23.46 24.27 -62.13
N GLN G 1023 24.19 25.24 -62.67
CA GLN G 1023 25.38 25.72 -61.99
C GLN G 1023 25.00 26.45 -60.71
N SER G 1024 26.01 26.69 -59.88
CA SER G 1024 25.82 27.43 -58.64
C SER G 1024 26.98 28.39 -58.45
N LYS G 1025 26.66 29.60 -58.00
CA LYS G 1025 27.68 30.60 -57.70
C LYS G 1025 27.92 30.73 -56.20
N ARG G 1026 27.32 29.88 -55.39
CA ARG G 1026 27.58 29.90 -53.96
C ARG G 1026 28.85 29.13 -53.65
N VAL G 1027 29.76 29.75 -52.91
CA VAL G 1027 31.08 29.17 -52.69
C VAL G 1027 30.97 28.03 -51.69
N ASP G 1028 31.63 26.92 -52.01
CA ASP G 1028 31.73 25.73 -51.16
C ASP G 1028 30.37 25.11 -50.85
N PHE G 1029 29.31 25.53 -51.54
CA PHE G 1029 28.04 24.84 -51.36
C PHE G 1029 28.07 23.46 -52.00
N CYS G 1030 28.66 23.35 -53.19
CA CYS G 1030 28.81 22.07 -53.88
C CYS G 1030 30.26 21.94 -54.33
N GLY G 1031 31.06 21.20 -53.56
CA GLY G 1031 32.45 20.99 -53.88
C GLY G 1031 33.32 22.14 -53.41
N LYS G 1032 34.63 21.91 -53.47
CA LYS G 1032 35.62 22.93 -53.15
C LYS G 1032 36.30 23.34 -54.44
N GLY G 1033 36.00 24.55 -54.91
CA GLY G 1033 36.50 25.07 -56.15
C GLY G 1033 35.38 25.75 -56.91
N TYR G 1034 35.59 25.96 -58.19
CA TYR G 1034 34.58 26.53 -59.06
C TYR G 1034 33.70 25.39 -59.57
N HIS G 1035 32.39 25.52 -59.38
CA HIS G 1035 31.47 24.43 -59.65
C HIS G 1035 31.17 24.31 -61.13
N LEU G 1036 31.03 23.07 -61.60
CA LEU G 1036 30.67 22.81 -62.99
C LEU G 1036 29.38 22.03 -63.14
N MET G 1037 29.25 20.89 -62.46
CA MET G 1037 28.02 20.09 -62.50
C MET G 1037 28.15 18.94 -61.52
N SER G 1038 27.01 18.36 -61.16
CA SER G 1038 26.98 17.27 -60.19
C SER G 1038 26.19 16.10 -60.74
N PHE G 1039 26.50 14.91 -60.24
CA PHE G 1039 25.78 13.71 -60.60
C PHE G 1039 25.30 13.00 -59.33
N PRO G 1040 24.06 12.56 -59.27
CA PRO G 1040 23.57 11.88 -58.08
C PRO G 1040 23.69 10.36 -58.18
N GLN G 1041 23.70 9.73 -57.01
CA GLN G 1041 23.69 8.28 -56.88
C GLN G 1041 22.86 7.94 -55.65
N SER G 1042 22.19 6.80 -55.67
CA SER G 1042 21.37 6.43 -54.54
C SER G 1042 22.17 5.62 -53.52
N ALA G 1043 21.56 5.38 -52.37
CA ALA G 1043 22.18 4.61 -51.31
C ALA G 1043 21.07 3.97 -50.50
N PRO G 1044 21.39 3.01 -49.63
CA PRO G 1044 20.32 2.32 -48.89
C PRO G 1044 19.39 3.25 -48.13
N HIS G 1045 19.90 4.30 -47.50
CA HIS G 1045 19.03 5.25 -46.82
C HIS G 1045 19.52 6.67 -47.03
N GLY G 1046 19.96 7.00 -48.24
CA GLY G 1046 20.47 8.33 -48.46
C GLY G 1046 20.92 8.52 -49.90
N VAL G 1047 21.55 9.66 -50.13
CA VAL G 1047 21.96 10.06 -51.47
C VAL G 1047 23.44 10.44 -51.43
N VAL G 1048 24.10 10.28 -52.58
CA VAL G 1048 25.52 10.57 -52.72
C VAL G 1048 25.70 11.44 -53.95
N PHE G 1049 26.31 12.58 -53.78
CA PHE G 1049 26.59 13.49 -54.88
C PHE G 1049 28.06 13.40 -55.29
N LEU G 1050 28.30 13.43 -56.59
CA LEU G 1050 29.64 13.60 -57.14
C LEU G 1050 29.68 14.98 -57.79
N HIS G 1051 30.40 15.91 -57.16
CA HIS G 1051 30.57 17.24 -57.71
C HIS G 1051 31.79 17.28 -58.60
N VAL G 1052 31.71 18.05 -59.69
CA VAL G 1052 32.82 18.23 -60.61
C VAL G 1052 33.22 19.69 -60.58
N THR G 1053 34.49 19.95 -60.31
CA THR G 1053 34.97 21.31 -60.05
C THR G 1053 36.22 21.60 -60.87
N TYR G 1054 36.41 22.88 -61.17
CA TYR G 1054 37.55 23.38 -61.93
C TYR G 1054 38.47 24.10 -60.97
N VAL G 1055 39.72 23.63 -60.87
CA VAL G 1055 40.68 24.14 -59.91
C VAL G 1055 41.93 24.59 -60.65
N PRO G 1056 42.35 25.85 -60.52
CA PRO G 1056 43.54 26.31 -61.24
C PRO G 1056 44.82 25.86 -60.55
N ALA G 1057 45.90 25.87 -61.30
CA ALA G 1057 47.21 25.46 -60.80
C ALA G 1057 48.28 25.90 -61.79
N GLN G 1058 49.53 25.75 -61.35
CA GLN G 1058 50.71 26.19 -62.10
C GLN G 1058 50.66 27.69 -62.37
N GLU G 1059 50.66 28.46 -61.30
CA GLU G 1059 50.57 29.91 -61.40
C GLU G 1059 51.96 30.53 -61.49
N LYS G 1060 51.99 31.76 -62.00
CA LYS G 1060 53.24 32.51 -62.04
C LYS G 1060 52.91 34.00 -61.91
N ASN G 1061 53.92 34.78 -61.54
CA ASN G 1061 53.73 36.16 -61.14
C ASN G 1061 54.25 37.13 -62.20
N PHE G 1062 53.54 38.25 -62.33
CA PHE G 1062 53.88 39.35 -63.20
C PHE G 1062 53.73 40.66 -62.43
N THR G 1063 54.07 41.76 -63.08
CA THR G 1063 53.88 43.09 -62.51
C THR G 1063 52.81 43.83 -63.30
N THR G 1064 51.92 44.53 -62.59
CA THR G 1064 50.74 45.09 -63.23
C THR G 1064 50.64 46.61 -63.08
N ALA G 1065 49.49 47.16 -63.47
CA ALA G 1065 49.20 48.57 -63.33
C ALA G 1065 47.70 48.77 -63.48
N PRO G 1066 47.13 49.79 -62.84
CA PRO G 1066 45.69 50.01 -62.96
C PRO G 1066 45.24 50.41 -64.35
N ALA G 1067 45.86 51.42 -64.94
CA ALA G 1067 45.42 51.97 -66.20
C ALA G 1067 46.62 52.21 -67.11
N ILE G 1068 46.34 52.58 -68.35
CA ILE G 1068 47.40 52.86 -69.32
C ILE G 1068 47.18 54.25 -69.89
N CYS G 1069 48.17 55.13 -69.73
CA CYS G 1069 48.10 56.47 -70.30
C CYS G 1069 48.64 56.45 -71.72
N HIS G 1070 47.88 57.00 -72.65
CA HIS G 1070 48.34 57.20 -74.01
C HIS G 1070 47.64 58.41 -74.60
N ASP G 1071 48.40 59.24 -75.30
CA ASP G 1071 47.87 60.44 -75.95
C ASP G 1071 47.12 61.33 -74.98
N GLY G 1072 47.54 61.34 -73.72
CA GLY G 1072 46.89 62.16 -72.72
C GLY G 1072 45.59 61.63 -72.18
N LYS G 1073 45.21 60.40 -72.51
CA LYS G 1073 43.96 59.81 -72.05
C LYS G 1073 44.25 58.49 -71.36
N ALA G 1074 43.47 58.19 -70.33
CA ALA G 1074 43.61 56.93 -69.62
C ALA G 1074 42.79 55.84 -70.29
N HIS G 1075 43.27 54.61 -70.19
CA HIS G 1075 42.58 53.45 -70.72
C HIS G 1075 42.50 52.37 -69.66
N PHE G 1076 41.32 51.79 -69.50
CA PHE G 1076 41.05 50.71 -68.57
C PHE G 1076 40.64 49.47 -69.35
N PRO G 1077 40.88 48.27 -68.82
CA PRO G 1077 40.51 47.06 -69.55
C PRO G 1077 39.00 46.85 -69.54
N ARG G 1078 38.51 46.18 -70.58
CA ARG G 1078 37.09 45.82 -70.59
C ARG G 1078 36.83 44.61 -69.70
N GLU G 1079 37.43 43.47 -70.03
CA GLU G 1079 37.35 42.27 -69.20
C GLU G 1079 38.74 41.65 -69.17
N GLY G 1080 39.42 41.79 -68.03
CA GLY G 1080 40.76 41.29 -67.87
C GLY G 1080 41.64 42.30 -67.18
N VAL G 1081 42.92 41.93 -67.05
CA VAL G 1081 43.89 42.76 -66.34
C VAL G 1081 45.10 42.99 -67.22
N PHE G 1082 45.84 44.03 -66.90
CA PHE G 1082 47.10 44.35 -67.56
C PHE G 1082 48.23 43.62 -66.86
N VAL G 1083 49.13 43.03 -67.64
CA VAL G 1083 50.32 42.38 -67.11
C VAL G 1083 51.50 42.75 -68.00
N SER G 1084 52.69 42.37 -67.57
CA SER G 1084 53.90 42.67 -68.33
C SER G 1084 55.01 41.74 -67.88
N ASN G 1085 55.80 41.27 -68.84
CA ASN G 1085 56.95 40.40 -68.56
C ASN G 1085 58.24 41.20 -68.53
N GLY G 1086 58.19 42.44 -68.05
CA GLY G 1086 59.38 43.24 -67.90
C GLY G 1086 59.61 44.25 -69.00
N THR G 1087 59.37 43.85 -70.24
CA THR G 1087 59.64 44.71 -71.39
C THR G 1087 58.41 45.09 -72.19
N HIS G 1088 57.37 44.26 -72.19
CA HIS G 1088 56.18 44.52 -72.98
C HIS G 1088 54.94 44.32 -72.13
N TRP G 1089 53.86 45.00 -72.50
CA TRP G 1089 52.61 44.95 -71.78
C TRP G 1089 51.55 44.20 -72.57
N PHE G 1090 50.68 43.50 -71.86
CA PHE G 1090 49.63 42.69 -72.48
C PHE G 1090 48.39 42.74 -71.63
N VAL G 1091 47.29 42.25 -72.19
CA VAL G 1091 46.01 42.14 -71.50
C VAL G 1091 45.62 40.67 -71.46
N THR G 1092 45.28 40.17 -70.28
CA THR G 1092 44.92 38.77 -70.13
C THR G 1092 43.60 38.65 -69.40
N GLN G 1093 42.86 37.57 -69.69
CA GLN G 1093 41.71 37.27 -68.88
C GLN G 1093 42.16 36.83 -67.49
N ARG G 1094 41.30 37.07 -66.51
CA ARG G 1094 41.75 37.06 -65.13
C ARG G 1094 42.06 35.67 -64.57
N ASN G 1095 41.66 34.60 -65.26
CA ASN G 1095 41.79 33.26 -64.70
C ASN G 1095 42.59 32.30 -65.56
N PHE G 1096 43.26 32.79 -66.60
CA PHE G 1096 44.04 31.91 -67.48
C PHE G 1096 44.98 32.78 -68.28
N TYR G 1097 46.28 32.54 -68.17
CA TYR G 1097 47.26 33.43 -68.80
C TYR G 1097 47.19 33.24 -70.31
N GLU G 1098 46.53 34.17 -70.98
CA GLU G 1098 46.44 34.18 -72.44
C GLU G 1098 46.68 35.62 -72.91
N PRO G 1099 47.92 35.98 -73.16
CA PRO G 1099 48.25 37.38 -73.43
C PRO G 1099 47.82 37.82 -74.82
N GLN G 1100 47.48 39.10 -74.92
CA GLN G 1100 47.10 39.72 -76.18
C GLN G 1100 47.62 41.14 -76.21
N ILE G 1101 47.92 41.63 -77.41
CA ILE G 1101 48.38 43.00 -77.55
C ILE G 1101 47.25 43.97 -77.22
N ILE G 1102 47.61 45.13 -76.69
CA ILE G 1102 46.63 46.11 -76.27
C ILE G 1102 46.12 46.86 -77.50
N THR G 1103 44.80 46.90 -77.65
CA THR G 1103 44.18 47.61 -78.76
C THR G 1103 43.16 48.59 -78.23
N THR G 1104 42.36 49.17 -79.11
CA THR G 1104 41.24 50.01 -78.72
C THR G 1104 39.92 49.26 -78.74
N ASP G 1105 39.95 47.95 -78.90
CA ASP G 1105 38.75 47.13 -78.91
C ASP G 1105 38.48 46.44 -77.58
N ASN G 1106 39.51 46.30 -76.73
CA ASN G 1106 39.36 45.67 -75.42
C ASN G 1106 39.69 46.62 -74.28
N THR G 1107 39.70 47.92 -74.54
CA THR G 1107 39.91 48.93 -73.51
C THR G 1107 38.94 50.06 -73.73
N PHE G 1108 38.59 50.76 -72.65
CA PHE G 1108 37.74 51.94 -72.75
C PHE G 1108 38.40 53.11 -72.04
N VAL G 1109 38.06 54.30 -72.51
CA VAL G 1109 38.75 55.53 -72.12
C VAL G 1109 37.88 56.32 -71.17
N SER G 1110 38.53 57.01 -70.22
CA SER G 1110 37.80 57.86 -69.27
C SER G 1110 38.77 58.84 -68.64
N GLY G 1111 38.44 60.13 -68.72
CA GLY G 1111 39.19 61.13 -68.00
C GLY G 1111 40.59 61.35 -68.53
N ASN G 1112 41.48 61.79 -67.65
CA ASN G 1112 42.88 62.04 -68.00
C ASN G 1112 43.81 61.39 -66.98
N CYS G 1113 45.10 61.70 -67.05
CA CYS G 1113 46.11 60.96 -66.31
C CYS G 1113 46.43 61.55 -64.95
N ASP G 1114 45.71 62.58 -64.51
CA ASP G 1114 46.07 63.22 -63.26
C ASP G 1114 45.42 62.56 -62.05
N VAL G 1115 44.34 61.82 -62.24
CA VAL G 1115 43.52 61.41 -61.11
C VAL G 1115 43.99 60.07 -60.53
N VAL G 1116 44.21 59.07 -61.39
CA VAL G 1116 44.53 57.73 -60.89
C VAL G 1116 45.99 57.68 -60.50
N ILE G 1117 46.37 56.66 -59.72
CA ILE G 1117 47.63 56.66 -58.98
C ILE G 1117 48.73 55.93 -59.72
N GLY G 1118 48.46 54.73 -60.23
CA GLY G 1118 49.52 53.89 -60.74
C GLY G 1118 49.63 53.80 -62.24
N ILE G 1119 49.47 54.92 -62.94
CA ILE G 1119 49.56 54.89 -64.40
C ILE G 1119 50.94 54.41 -64.84
N VAL G 1120 51.00 53.89 -66.07
CA VAL G 1120 52.24 53.62 -66.75
C VAL G 1120 52.08 54.04 -68.21
N ASN G 1121 53.05 54.79 -68.73
CA ASN G 1121 53.01 55.17 -70.12
C ASN G 1121 53.19 53.95 -71.02
N ASN G 1122 52.51 53.96 -72.15
CA ASN G 1122 52.65 52.92 -73.17
C ASN G 1122 51.96 53.41 -74.43
N THR G 1123 51.82 52.54 -75.41
CA THR G 1123 51.13 52.85 -76.66
C THR G 1123 49.99 51.87 -76.87
N VAL G 1124 48.91 52.37 -77.47
CA VAL G 1124 47.73 51.57 -77.76
C VAL G 1124 47.56 51.52 -79.26
N TYR G 1125 47.53 50.30 -79.80
CA TYR G 1125 47.51 50.08 -81.25
C TYR G 1125 46.08 50.05 -81.74
N ASP G 1126 45.71 51.03 -82.57
CA ASP G 1126 44.37 51.05 -83.16
C ASP G 1126 44.37 50.21 -84.43
N PRO G 1127 43.52 49.18 -84.52
CA PRO G 1127 43.56 48.29 -85.70
C PRO G 1127 43.21 48.99 -86.99
N LEU G 1128 42.47 50.10 -86.93
CA LEU G 1128 42.00 50.74 -88.16
C LEU G 1128 43.10 51.46 -88.89
N GLN G 1129 44.13 51.91 -88.18
CA GLN G 1129 45.14 52.78 -88.80
C GLN G 1129 45.91 52.12 -89.94
N PRO G 1130 46.48 50.91 -89.79
CA PRO G 1130 47.22 50.34 -90.93
C PRO G 1130 46.33 49.98 -92.09
N GLU G 1131 45.13 49.46 -91.82
CA GLU G 1131 44.19 49.16 -92.90
C GLU G 1131 43.82 50.43 -93.65
N LEU G 1132 43.68 51.55 -92.93
CA LEU G 1132 43.39 52.81 -93.59
C LEU G 1132 44.57 53.28 -94.43
N ASP G 1133 45.78 53.22 -93.87
CA ASP G 1133 46.95 53.69 -94.60
C ASP G 1133 47.23 52.83 -95.82
N SER G 1134 46.80 51.56 -95.80
CA SER G 1134 46.91 50.74 -97.00
C SER G 1134 46.11 51.33 -98.14
N PHE G 1135 44.96 51.91 -97.83
CA PHE G 1135 44.15 52.62 -98.82
C PHE G 1135 44.27 54.14 -98.72
N LYS G 1136 44.94 54.64 -97.68
CA LYS G 1136 45.13 56.07 -97.43
C LYS G 1136 43.90 56.92 -97.75
N GLN H 1 2.03 47.66 49.77
CA GLN H 1 1.96 46.65 48.73
C GLN H 1 1.15 47.15 47.54
N CYS H 2 0.04 46.48 47.26
CA CYS H 2 -0.81 46.85 46.13
C CYS H 2 -1.58 48.13 46.44
N VAL H 3 -1.62 49.04 45.47
CA VAL H 3 -2.28 50.33 45.65
C VAL H 3 -2.75 50.81 44.28
N ASN H 4 -3.87 51.54 44.28
CA ASN H 4 -4.39 52.12 43.05
C ASN H 4 -3.74 53.48 42.82
N LEU H 5 -2.84 53.54 41.86
CA LEU H 5 -2.19 54.82 41.55
C LEU H 5 -3.21 55.78 40.94
N THR H 6 -3.12 57.04 41.34
CA THR H 6 -4.07 58.06 40.91
C THR H 6 -3.32 59.23 40.27
N THR H 7 -4.06 60.32 40.04
CA THR H 7 -3.54 61.51 39.35
C THR H 7 -3.08 61.17 37.94
N ARG H 8 -4.01 60.63 37.15
CA ARG H 8 -3.79 60.34 35.74
C ARG H 8 -4.83 61.07 34.91
N THR H 9 -4.39 61.76 33.87
CA THR H 9 -5.28 62.47 32.97
C THR H 9 -5.56 61.59 31.75
N GLN H 10 -6.84 61.31 31.51
CA GLN H 10 -7.22 60.43 30.41
C GLN H 10 -6.93 61.08 29.07
N LEU H 11 -6.41 60.28 28.14
CA LEU H 11 -6.09 60.74 26.80
C LEU H 11 -6.45 59.65 25.80
N PRO H 12 -6.79 60.02 24.56
CA PRO H 12 -7.04 59.00 23.55
C PRO H 12 -5.74 58.45 23.01
N PRO H 13 -5.75 57.25 22.44
CA PRO H 13 -4.51 56.66 21.91
C PRO H 13 -4.03 57.39 20.66
N ALA H 14 -2.75 57.20 20.38
CA ALA H 14 -2.12 57.80 19.21
C ALA H 14 -1.39 56.73 18.42
N TYR H 15 -1.15 57.02 17.14
CA TYR H 15 -0.50 56.08 16.24
C TYR H 15 0.61 56.79 15.47
N THR H 16 1.61 56.03 15.05
CA THR H 16 2.65 56.56 14.18
C THR H 16 3.07 55.48 13.20
N ASN H 17 4.03 55.82 12.33
CA ASN H 17 4.39 55.00 11.19
C ASN H 17 5.77 54.37 11.41
N SER H 18 5.86 53.06 11.16
CA SER H 18 7.11 52.32 11.31
C SER H 18 7.78 52.20 9.94
N PHE H 19 8.89 52.91 9.76
CA PHE H 19 9.56 53.02 8.46
C PHE H 19 10.63 51.93 8.37
N THR H 20 10.21 50.75 7.93
CA THR H 20 11.11 49.62 7.68
C THR H 20 11.94 49.28 8.91
N ARG H 21 11.25 48.84 9.97
CA ARG H 21 11.90 48.41 11.19
C ARG H 21 11.41 47.01 11.54
N GLY H 22 12.25 46.29 12.29
CA GLY H 22 11.87 44.97 12.76
C GLY H 22 12.33 43.86 11.84
N VAL H 23 13.58 43.90 11.42
CA VAL H 23 14.20 42.82 10.66
C VAL H 23 15.14 42.08 11.60
N TYR H 24 14.89 40.79 11.78
CA TYR H 24 15.65 39.97 12.71
C TYR H 24 16.16 38.74 12.00
N TYR H 25 17.41 38.38 12.26
CA TYR H 25 18.03 37.21 11.64
C TYR H 25 17.20 35.97 11.93
N PRO H 26 16.48 35.44 10.94
CA PRO H 26 15.60 34.29 11.21
C PRO H 26 16.35 33.05 11.63
N ASP H 27 17.57 32.83 11.14
CA ASP H 27 18.30 31.61 11.42
C ASP H 27 19.77 31.94 11.68
N LYS H 28 20.52 30.90 12.05
CA LYS H 28 21.90 31.04 12.48
C LYS H 28 22.92 30.90 11.36
N VAL H 29 22.48 30.61 10.14
CA VAL H 29 23.39 30.33 9.03
C VAL H 29 24.12 31.60 8.59
N PHE H 30 25.12 31.45 7.73
CA PHE H 30 25.93 32.54 7.24
C PHE H 30 25.77 32.66 5.74
N ARG H 31 25.60 33.89 5.25
CA ARG H 31 25.47 34.15 3.83
C ARG H 31 26.36 35.33 3.47
N SER H 32 26.78 35.39 2.21
CA SER H 32 27.71 36.42 1.76
C SER H 32 27.30 36.94 0.39
N SER H 33 26.93 38.21 0.33
CA SER H 33 26.63 38.89 -0.92
C SER H 33 25.59 38.15 -1.75
N VAL H 34 24.54 37.69 -1.09
CA VAL H 34 23.47 36.96 -1.75
C VAL H 34 22.14 37.49 -1.25
N LEU H 35 21.10 37.34 -2.07
CA LEU H 35 19.75 37.70 -1.70
C LEU H 35 18.99 36.44 -1.32
N HIS H 36 18.32 36.47 -0.18
CA HIS H 36 17.61 35.30 0.33
C HIS H 36 16.15 35.65 0.55
N SER H 37 15.26 34.79 0.04
CA SER H 37 13.83 34.98 0.19
C SER H 37 13.32 34.05 1.27
N THR H 38 12.80 34.61 2.35
CA THR H 38 12.34 33.83 3.49
C THR H 38 10.88 34.15 3.78
N GLN H 39 10.27 33.29 4.59
CA GLN H 39 8.86 33.41 4.92
C GLN H 39 8.69 33.10 6.40
N ASP H 40 8.27 34.09 7.18
CA ASP H 40 8.20 33.93 8.63
C ASP H 40 7.36 35.06 9.21
N LEU H 41 7.32 35.14 10.53
CA LEU H 41 6.58 36.20 11.20
C LEU H 41 7.40 37.49 11.18
N PHE H 42 6.75 38.59 10.81
CA PHE H 42 7.45 39.86 10.66
C PHE H 42 6.51 41.00 10.99
N LEU H 43 7.09 42.18 11.18
CA LEU H 43 6.31 43.40 11.30
C LEU H 43 6.10 43.95 9.90
N PRO H 44 4.87 44.02 9.40
CA PRO H 44 4.65 44.51 8.03
C PRO H 44 5.13 45.93 7.87
N PHE H 45 5.70 46.23 6.71
CA PHE H 45 6.30 47.53 6.48
C PHE H 45 5.25 48.62 6.49
N PHE H 46 5.67 49.82 6.89
CA PHE H 46 4.83 51.01 6.89
C PHE H 46 3.54 50.79 7.66
N SER H 47 3.64 50.02 8.74
CA SER H 47 2.48 49.74 9.57
C SER H 47 2.29 50.83 10.62
N ASN H 48 1.13 50.83 11.25
CA ASN H 48 0.80 51.78 12.30
C ASN H 48 1.13 51.15 13.65
N VAL H 49 2.08 51.75 14.35
CA VAL H 49 2.47 51.29 15.69
C VAL H 49 1.85 52.24 16.71
N THR H 50 1.27 51.64 17.75
CA THR H 50 0.58 52.41 18.77
C THR H 50 1.60 53.10 19.68
N TRP H 51 1.32 54.37 19.99
CA TRP H 51 2.26 55.23 20.69
C TRP H 51 1.80 55.45 22.12
N PHE H 52 2.70 55.25 23.07
CA PHE H 52 2.46 55.56 24.47
C PHE H 52 3.51 56.53 24.97
N HIS H 53 3.08 57.49 25.77
CA HIS H 53 3.89 58.61 26.20
C HIS H 53 3.95 58.65 27.73
N ALA H 54 4.97 59.31 28.26
CA ALA H 54 5.12 59.43 29.71
C ALA H 54 5.88 60.72 30.01
N ILE H 55 5.24 61.63 30.73
CA ILE H 55 5.85 62.90 31.12
C ILE H 55 5.00 63.50 32.22
N HIS H 56 5.64 64.30 33.08
CA HIS H 56 4.94 64.87 34.23
C HIS H 56 3.97 65.98 33.79
N VAL H 57 4.41 66.87 32.90
CA VAL H 57 3.67 68.07 32.55
C VAL H 57 3.38 68.90 33.80
N THR H 63 -1.04 66.10 34.12
CA THR H 63 -1.34 64.91 33.33
C THR H 63 -0.72 63.67 33.97
N LYS H 64 0.60 63.74 34.16
CA LYS H 64 1.41 62.73 34.84
C LYS H 64 1.63 61.49 33.97
N ARG H 65 0.90 61.40 32.87
CA ARG H 65 1.15 60.49 31.75
C ARG H 65 1.74 59.14 32.19
N PHE H 66 1.00 58.44 33.04
CA PHE H 66 1.38 57.11 33.49
C PHE H 66 0.77 56.08 32.54
N ASP H 67 1.63 55.41 31.76
CA ASP H 67 1.19 54.50 30.70
C ASP H 67 1.60 53.06 31.06
N ASN H 68 0.60 52.23 31.39
CA ASN H 68 0.85 50.80 31.53
C ASN H 68 -0.44 49.99 31.44
N PRO H 69 -1.10 49.96 30.29
CA PRO H 69 -2.29 49.13 30.13
C PRO H 69 -1.93 47.66 29.95
N VAL H 70 -2.94 46.81 30.04
CA VAL H 70 -2.75 45.36 29.92
C VAL H 70 -3.03 45.00 28.45
N LEU H 71 -1.99 45.04 27.65
CA LEU H 71 -2.09 44.78 26.22
C LEU H 71 -2.23 43.29 25.94
N PRO H 72 -2.78 42.92 24.80
CA PRO H 72 -2.85 41.50 24.40
C PRO H 72 -1.52 41.07 23.77
N PHE H 73 -1.51 39.82 23.30
CA PHE H 73 -0.28 39.22 22.77
C PHE H 73 -0.70 38.22 21.69
N ASN H 74 -0.71 38.67 20.43
CA ASN H 74 -1.16 37.82 19.34
C ASN H 74 -0.09 36.81 18.93
N ASP H 75 1.01 37.31 18.35
CA ASP H 75 2.12 36.45 17.97
C ASP H 75 3.48 37.09 18.20
N GLY H 76 3.53 38.26 18.80
CA GLY H 76 4.78 38.96 19.02
C GLY H 76 4.52 40.44 19.20
N VAL H 77 5.60 41.17 19.44
CA VAL H 77 5.56 42.62 19.57
C VAL H 77 6.79 43.21 18.90
N TYR H 78 6.82 44.53 18.83
CA TYR H 78 8.02 45.26 18.43
C TYR H 78 8.32 46.29 19.52
N PHE H 79 8.33 45.86 20.77
CA PHE H 79 8.60 46.76 21.87
C PHE H 79 9.88 47.54 21.62
N ALA H 80 9.74 48.85 21.52
CA ALA H 80 10.83 49.72 21.06
C ALA H 80 10.94 50.94 21.95
N SER H 81 10.97 50.72 23.27
CA SER H 81 10.98 51.84 24.21
C SER H 81 12.17 52.76 23.98
N THR H 82 11.95 54.04 24.23
CA THR H 82 13.00 55.04 24.16
C THR H 82 12.99 55.84 25.46
N GLU H 83 14.18 56.13 25.98
CA GLU H 83 14.30 56.87 27.23
C GLU H 83 15.74 57.33 27.39
N LYS H 84 16.02 57.96 28.52
CA LYS H 84 17.35 58.44 28.85
C LYS H 84 17.83 58.02 30.23
N SER H 85 16.92 57.85 31.19
CA SER H 85 17.29 57.60 32.57
C SER H 85 16.74 56.28 33.09
N ASN H 86 16.74 55.24 32.26
CA ASN H 86 16.42 53.88 32.69
C ASN H 86 15.03 53.80 33.34
N ILE H 87 14.11 54.62 32.86
CA ILE H 87 12.77 54.65 33.45
C ILE H 87 12.04 53.34 33.18
N ILE H 88 12.14 52.83 31.95
CA ILE H 88 11.57 51.53 31.64
C ILE H 88 12.47 50.46 32.20
N ARG H 89 11.89 49.53 32.96
CA ARG H 89 12.66 48.50 33.65
C ARG H 89 12.40 47.10 33.10
N GLY H 90 11.15 46.65 33.11
CA GLY H 90 10.92 45.25 32.81
C GLY H 90 9.66 44.94 32.04
N TRP H 91 9.22 43.69 32.14
CA TRP H 91 8.06 43.17 31.42
C TRP H 91 7.32 42.21 32.32
N ILE H 92 6.19 41.71 31.84
CA ILE H 92 5.50 40.60 32.48
C ILE H 92 4.57 39.97 31.46
N PHE H 93 4.53 38.64 31.46
CA PHE H 93 3.75 37.87 30.51
C PHE H 93 2.95 36.83 31.27
N GLY H 94 1.74 36.57 30.81
CA GLY H 94 0.90 35.59 31.47
C GLY H 94 -0.46 35.50 30.80
N THR H 95 -1.14 34.41 31.08
CA THR H 95 -2.45 34.16 30.50
C THR H 95 -3.60 34.41 31.46
N THR H 96 -3.35 34.38 32.77
CA THR H 96 -4.41 34.62 33.75
C THR H 96 -4.01 35.74 34.70
N LEU H 97 -2.72 35.82 35.03
CA LEU H 97 -2.18 36.88 35.87
C LEU H 97 -2.74 36.85 37.29
N ASP H 98 -3.01 35.64 37.81
CA ASP H 98 -3.49 35.51 39.18
C ASP H 98 -2.85 34.32 39.89
N SER H 99 -1.63 33.97 39.49
CA SER H 99 -0.85 32.89 40.10
C SER H 99 -1.51 31.53 39.90
N LYS H 100 -2.64 31.48 39.19
CA LYS H 100 -3.28 30.20 38.92
C LYS H 100 -2.52 29.40 37.89
N THR H 101 -1.96 30.08 36.89
CA THR H 101 -1.18 29.45 35.83
C THR H 101 0.19 30.11 35.76
N GLN H 102 1.19 29.33 35.35
CA GLN H 102 2.56 29.83 35.33
C GLN H 102 2.67 31.08 34.47
N SER H 103 3.34 32.09 35.00
CA SER H 103 3.54 33.35 34.31
C SER H 103 5.01 33.73 34.36
N LEU H 104 5.48 34.37 33.29
CA LEU H 104 6.89 34.66 33.12
C LEU H 104 7.16 36.12 33.45
N LEU H 105 8.39 36.42 33.85
CA LEU H 105 8.73 37.73 34.40
C LEU H 105 10.20 38.03 34.13
N ILE H 106 10.49 39.18 33.53
CA ILE H 106 11.84 39.52 33.10
C ILE H 106 12.28 40.85 33.73
N VAL H 107 11.86 41.12 34.97
CA VAL H 107 12.20 42.40 35.58
C VAL H 107 13.71 42.61 35.54
N ASN H 108 14.11 43.83 35.26
CA ASN H 108 15.52 44.20 35.19
C ASN H 108 15.86 45.01 36.43
N ASN H 109 16.29 44.31 37.49
CA ASN H 109 16.76 45.00 38.68
C ASN H 109 17.96 45.87 38.33
N ALA H 110 18.18 46.90 39.14
CA ALA H 110 19.26 47.83 38.86
C ALA H 110 20.61 47.15 38.82
N THR H 111 20.75 46.00 39.47
CA THR H 111 22.01 45.25 39.48
C THR H 111 22.13 44.32 38.27
N ASN H 112 21.15 43.43 38.10
CA ASN H 112 21.25 42.42 37.05
C ASN H 112 19.86 41.91 36.71
N VAL H 113 19.76 41.32 35.51
CA VAL H 113 18.47 40.83 35.03
C VAL H 113 18.09 39.56 35.80
N VAL H 114 16.81 39.45 36.13
CA VAL H 114 16.28 38.30 36.86
C VAL H 114 15.10 37.75 36.07
N ILE H 115 15.20 36.51 35.63
CA ILE H 115 14.15 35.85 34.87
C ILE H 115 13.54 34.77 35.74
N LYS H 116 12.21 34.74 35.83
CA LYS H 116 11.50 33.75 36.62
C LYS H 116 10.34 33.21 35.82
N VAL H 117 9.90 32.01 36.20
CA VAL H 117 8.74 31.35 35.60
C VAL H 117 7.66 31.07 36.63
N CYS H 118 7.89 31.43 37.89
CA CYS H 118 7.03 31.01 38.99
C CYS H 118 5.63 31.56 38.83
N GLU H 119 4.67 30.90 39.50
CA GLU H 119 3.30 31.38 39.50
C GLU H 119 3.19 32.61 40.40
N PHE H 120 2.77 33.72 39.82
CA PHE H 120 2.87 35.03 40.47
C PHE H 120 1.49 35.66 40.58
N GLN H 121 1.13 36.09 41.78
CA GLN H 121 -0.07 36.90 42.01
C GLN H 121 0.41 38.31 42.34
N PHE H 122 0.31 39.21 41.38
CA PHE H 122 0.93 40.52 41.44
C PHE H 122 -0.10 41.64 41.52
N CYS H 123 0.39 42.83 41.86
CA CYS H 123 -0.46 43.99 42.04
C CYS H 123 -1.06 44.46 40.72
N ASN H 124 -2.24 45.08 40.80
CA ASN H 124 -2.92 45.54 39.59
C ASN H 124 -2.15 46.66 38.91
N ASP H 125 -1.40 47.47 39.67
CA ASP H 125 -0.58 48.55 39.13
C ASP H 125 0.82 48.41 39.70
N PRO H 126 1.59 47.43 39.23
CA PRO H 126 2.93 47.20 39.79
C PRO H 126 4.01 47.98 39.04
N PHE H 127 5.04 48.34 39.80
CA PHE H 127 6.15 49.12 39.25
C PHE H 127 7.26 49.17 40.29
N LEU H 128 8.30 49.92 39.96
CA LEU H 128 9.43 50.13 40.86
C LEU H 128 9.52 51.61 41.20
N GLY H 129 9.90 51.92 42.42
CA GLY H 129 9.95 53.30 42.89
C GLY H 129 11.26 53.62 43.57
N VAL H 130 11.80 54.80 43.24
CA VAL H 130 13.10 55.24 43.75
C VAL H 130 12.89 56.58 44.46
N TYR H 131 13.80 56.89 45.37
CA TYR H 131 13.77 58.14 46.13
C TYR H 131 15.14 58.81 46.07
N TYR H 132 15.12 60.14 46.19
CA TYR H 132 16.34 60.95 46.15
C TYR H 132 16.33 61.90 47.35
N HIS H 133 17.46 61.99 48.03
CA HIS H 133 17.57 62.83 49.22
C HIS H 133 18.83 63.68 49.14
N LYS H 134 18.78 64.83 49.82
CA LYS H 134 19.80 65.86 49.65
C LYS H 134 21.10 65.54 50.39
N ASN H 135 21.04 64.78 51.48
CA ASN H 135 22.25 64.53 52.27
C ASN H 135 23.34 63.91 51.41
N ASN H 136 22.98 62.94 50.57
CA ASN H 136 23.88 62.40 49.56
C ASN H 136 23.04 61.79 48.45
N LYS H 137 23.57 61.82 47.23
CA LYS H 137 22.81 61.39 46.07
C LYS H 137 22.65 59.88 46.03
N SER H 138 21.89 59.33 46.96
CA SER H 138 21.62 57.91 47.02
C SER H 138 20.21 57.65 46.50
N TRP H 139 20.11 56.88 45.42
CA TRP H 139 18.84 56.57 44.77
C TRP H 139 18.52 55.10 45.08
N MET H 140 17.87 54.87 46.22
CA MET H 140 17.51 53.52 46.62
C MET H 140 16.22 53.10 45.93
N GLU H 141 16.21 51.88 45.41
CA GLU H 141 14.98 51.32 44.85
C GLU H 141 14.03 50.99 45.98
N SER H 142 13.53 52.04 46.65
CA SER H 142 12.83 51.87 47.91
C SER H 142 11.52 51.11 47.76
N GLU H 143 10.97 51.02 46.55
CA GLU H 143 9.70 50.33 46.33
C GLU H 143 9.88 49.25 45.28
N PHE H 144 9.92 48.00 45.73
CA PHE H 144 9.82 46.82 44.87
C PHE H 144 8.39 46.29 45.01
N ARG H 145 7.47 46.91 44.26
CA ARG H 145 6.05 46.62 44.40
C ARG H 145 5.58 45.95 43.12
N VAL H 146 5.63 44.61 43.12
CA VAL H 146 5.10 43.83 42.01
C VAL H 146 4.07 42.84 42.52
N TYR H 147 4.51 41.89 43.35
CA TYR H 147 3.74 40.70 43.68
C TYR H 147 3.61 40.54 45.19
N SER H 148 2.94 39.46 45.58
CA SER H 148 2.75 39.10 46.98
C SER H 148 3.14 37.67 47.29
N SER H 149 2.88 36.72 46.38
CA SER H 149 3.06 35.31 46.70
C SER H 149 3.67 34.56 45.52
N ALA H 150 4.21 33.37 45.83
CA ALA H 150 4.78 32.48 44.81
C ALA H 150 4.77 31.06 45.38
N ASN H 151 3.83 30.24 44.90
CA ASN H 151 3.67 28.91 45.49
C ASN H 151 4.74 27.94 45.01
N ASN H 152 4.78 27.65 43.72
CA ASN H 152 5.77 26.72 43.18
C ASN H 152 6.43 27.36 41.96
N CYS H 153 7.75 27.24 41.89
CA CYS H 153 8.55 27.95 40.91
C CYS H 153 9.33 26.96 40.06
N THR H 154 9.40 27.22 38.75
CA THR H 154 9.98 26.28 37.80
C THR H 154 11.42 26.64 37.42
N PHE H 155 11.63 27.83 36.86
CA PHE H 155 12.93 28.22 36.36
C PHE H 155 13.27 29.62 36.86
N GLU H 156 14.54 29.81 37.22
CA GLU H 156 15.06 31.12 37.58
C GLU H 156 16.44 31.28 36.98
N TYR H 157 16.77 32.52 36.64
CA TYR H 157 18.10 32.83 36.14
C TYR H 157 18.47 34.26 36.54
N VAL H 158 19.73 34.44 36.93
CA VAL H 158 20.26 35.73 37.36
C VAL H 158 21.59 35.94 36.68
N SER H 159 21.85 37.17 36.26
CA SER H 159 23.12 37.53 35.65
C SER H 159 24.00 38.26 36.67
N GLN H 160 25.17 38.69 36.22
CA GLN H 160 26.11 39.34 37.11
C GLN H 160 25.62 40.75 37.46
N PRO H 161 25.69 41.14 38.73
CA PRO H 161 25.15 42.45 39.15
C PRO H 161 26.00 43.60 38.60
N PHE H 162 25.33 44.61 38.07
CA PHE H 162 25.98 45.84 37.61
C PHE H 162 24.97 46.96 37.70
N LEU H 163 25.29 47.98 38.51
CA LEU H 163 24.32 49.03 38.79
C LEU H 163 24.25 50.02 37.62
N MET H 164 23.18 50.81 37.63
CA MET H 164 22.95 51.83 36.61
C MET H 164 22.81 53.19 37.29
N ASP H 165 22.71 54.23 36.47
CA ASP H 165 22.67 55.59 36.99
C ASP H 165 21.41 55.82 37.81
N LEU H 166 20.25 55.40 37.30
CA LEU H 166 18.95 55.61 37.93
C LEU H 166 18.67 57.09 38.21
N GLU H 167 19.39 57.98 37.54
CA GLU H 167 19.31 59.41 37.78
C GLU H 167 18.69 60.09 36.57
N GLY H 168 17.66 60.91 36.81
CA GLY H 168 16.99 61.58 35.71
C GLY H 168 17.91 62.54 35.00
N LYS H 169 17.70 62.67 33.69
CA LYS H 169 18.47 63.57 32.85
C LYS H 169 17.54 64.37 31.97
N GLN H 170 18.00 65.56 31.57
CA GLN H 170 17.21 66.46 30.75
C GLN H 170 17.66 66.49 29.30
N GLY H 171 18.66 65.71 28.91
CA GLY H 171 19.05 65.64 27.53
C GLY H 171 18.05 64.87 26.69
N ASN H 172 18.10 65.12 25.38
CA ASN H 172 17.22 64.41 24.46
C ASN H 172 17.57 62.93 24.43
N PHE H 173 16.56 62.11 24.13
CA PHE H 173 16.78 60.67 24.03
C PHE H 173 17.78 60.38 22.93
N LYS H 174 18.97 59.90 23.31
CA LYS H 174 20.04 59.65 22.34
C LYS H 174 20.31 58.16 22.13
N ASN H 175 19.63 57.28 22.85
CA ASN H 175 19.79 55.84 22.68
C ASN H 175 18.42 55.20 22.61
N LEU H 176 18.25 54.28 21.67
CA LEU H 176 16.98 53.60 21.44
C LEU H 176 17.18 52.11 21.61
N ARG H 177 16.28 51.47 22.35
CA ARG H 177 16.34 50.05 22.68
C ARG H 177 15.17 49.36 21.99
N GLU H 178 15.46 48.36 21.17
CA GLU H 178 14.45 47.65 20.41
C GLU H 178 14.50 46.16 20.75
N PHE H 179 13.33 45.55 20.88
CA PHE H 179 13.23 44.16 21.29
C PHE H 179 12.10 43.49 20.53
N VAL H 180 12.28 42.20 20.24
CA VAL H 180 11.27 41.39 19.59
C VAL H 180 11.13 40.08 20.36
N PHE H 181 9.90 39.72 20.70
CA PHE H 181 9.61 38.53 21.49
C PHE H 181 8.73 37.59 20.68
N LYS H 182 9.10 36.31 20.65
CA LYS H 182 8.28 35.28 20.02
C LYS H 182 8.14 34.10 20.96
N ASN H 183 7.05 33.35 20.80
CA ASN H 183 6.81 32.16 21.62
C ASN H 183 6.24 31.07 20.71
N ILE H 184 7.12 30.20 20.21
CA ILE H 184 6.75 29.17 19.25
C ILE H 184 7.34 27.84 19.68
N ASP H 185 6.53 26.78 19.60
CA ASP H 185 6.97 25.42 19.87
C ASP H 185 7.57 25.30 21.26
N GLY H 186 6.89 25.90 22.23
CA GLY H 186 7.38 25.86 23.59
C GLY H 186 8.71 26.53 23.80
N TYR H 187 9.13 27.38 22.87
CA TYR H 187 10.38 28.11 22.96
C TYR H 187 10.10 29.59 22.94
N PHE H 188 10.65 30.31 23.90
CA PHE H 188 10.50 31.76 24.00
C PHE H 188 11.80 32.40 23.51
N LYS H 189 11.72 33.10 22.38
CA LYS H 189 12.89 33.69 21.75
C LYS H 189 12.85 35.20 21.88
N ILE H 190 13.99 35.78 22.25
CA ILE H 190 14.11 37.22 22.47
C ILE H 190 15.27 37.74 21.64
N TYR H 191 14.98 38.71 20.77
CA TYR H 191 15.95 39.40 19.94
C TYR H 191 16.01 40.86 20.40
N SER H 192 17.17 41.49 20.23
CA SER H 192 17.38 42.84 20.76
C SER H 192 18.31 43.63 19.87
N LYS H 193 18.32 44.95 20.09
CA LYS H 193 19.27 45.85 19.44
C LYS H 193 19.28 47.18 20.18
N HIS H 194 20.45 47.81 20.21
CA HIS H 194 20.63 49.13 20.80
C HIS H 194 21.23 50.05 19.76
N THR H 195 20.65 51.24 19.59
CA THR H 195 21.11 52.15 18.55
C THR H 195 21.20 53.59 19.07
N PRO H 196 22.35 54.22 18.99
CA PRO H 196 22.44 55.64 19.36
C PRO H 196 21.71 56.50 18.34
N ILE H 197 20.95 57.47 18.83
CA ILE H 197 20.17 58.37 17.98
C ILE H 197 20.45 59.80 18.41
N ASN H 198 19.94 60.75 17.61
CA ASN H 198 19.98 62.18 17.96
C ASN H 198 18.64 62.77 17.52
N LEU H 199 17.67 62.73 18.42
CA LEU H 199 16.31 63.14 18.07
C LEU H 199 15.49 63.24 19.35
N VAL H 200 14.31 63.84 19.23
CA VAL H 200 13.44 64.10 20.37
C VAL H 200 12.21 63.22 20.34
N ARG H 201 11.70 62.93 19.15
CA ARG H 201 10.47 62.18 19.01
C ARG H 201 10.44 61.53 17.63
N ASP H 202 9.62 60.47 17.51
CA ASP H 202 9.39 59.73 16.27
C ASP H 202 10.57 58.84 15.91
N LEU H 203 10.29 57.70 15.31
CA LEU H 203 11.34 56.75 14.94
C LEU H 203 12.05 57.23 13.69
N PRO H 204 13.37 57.37 13.71
CA PRO H 204 14.08 57.92 12.55
C PRO H 204 14.05 56.97 11.37
N GLN H 205 14.22 57.56 10.18
CA GLN H 205 14.29 56.77 8.95
C GLN H 205 15.63 56.04 8.91
N GLY H 206 15.65 54.81 9.41
CA GLY H 206 16.90 54.06 9.48
C GLY H 206 16.64 52.58 9.53
N PHE H 207 17.63 51.81 9.10
CA PHE H 207 17.54 50.35 9.03
C PHE H 207 18.48 49.74 10.07
N SER H 208 17.98 48.75 10.79
CA SER H 208 18.76 48.11 11.85
C SER H 208 18.37 46.65 11.96
N ALA H 209 19.36 45.77 11.77
CA ALA H 209 19.12 44.34 11.92
C ALA H 209 19.02 43.98 13.41
N LEU H 210 18.14 43.03 13.70
CA LEU H 210 17.93 42.55 15.07
C LEU H 210 18.64 41.22 15.26
N GLU H 211 19.44 41.13 16.31
CA GLU H 211 20.25 39.96 16.60
C GLU H 211 19.63 39.15 17.73
N PRO H 212 19.77 37.82 17.69
CA PRO H 212 19.27 37.01 18.81
C PRO H 212 19.96 37.37 20.12
N LEU H 213 19.19 37.30 21.20
CA LEU H 213 19.75 37.53 22.52
C LEU H 213 19.59 36.31 23.40
N VAL H 214 18.45 35.63 23.33
CA VAL H 214 18.26 34.46 24.18
C VAL H 214 17.16 33.58 23.62
N ASP H 215 17.28 32.28 23.88
CA ASP H 215 16.22 31.30 23.69
C ASP H 215 15.95 30.64 25.02
N LEU H 216 14.67 30.38 25.31
CA LEU H 216 14.27 29.78 26.57
C LEU H 216 13.38 28.58 26.28
N PRO H 217 13.60 27.44 26.94
CA PRO H 217 12.82 26.24 26.66
C PRO H 217 11.55 26.14 27.48
N ILE H 218 11.13 27.28 28.05
CA ILE H 218 10.14 27.26 29.13
C ILE H 218 8.86 26.55 28.71
N GLY H 219 8.31 26.91 27.57
CA GLY H 219 7.16 26.20 27.07
C GLY H 219 5.86 26.46 27.80
N ILE H 220 5.73 27.58 28.51
CA ILE H 220 4.46 27.96 29.10
C ILE H 220 3.58 28.55 28.01
N ASN H 221 2.30 28.71 28.31
CA ASN H 221 1.35 29.28 27.36
C ASN H 221 1.08 30.74 27.74
N ILE H 222 1.38 31.65 26.83
CA ILE H 222 1.30 33.08 27.08
C ILE H 222 0.35 33.72 26.08
N THR H 223 -0.61 34.51 26.59
CA THR H 223 -1.51 35.27 25.75
C THR H 223 -1.65 36.74 26.15
N ARG H 224 -1.09 37.15 27.27
CA ARG H 224 -1.26 38.51 27.77
C ARG H 224 0.07 39.09 28.19
N PHE H 225 0.18 40.41 28.06
CA PHE H 225 1.42 41.15 28.13
C PHE H 225 1.19 42.43 28.94
N GLN H 226 2.19 42.83 29.72
CA GLN H 226 2.11 44.12 30.39
C GLN H 226 3.53 44.60 30.67
N THR H 227 3.67 45.91 30.88
CA THR H 227 4.98 46.54 30.99
C THR H 227 5.14 47.27 32.32
N LEU H 228 6.33 47.17 32.89
CA LEU H 228 6.72 47.85 34.12
C LEU H 228 7.48 49.12 33.79
N LEU H 229 7.91 49.84 34.82
CA LEU H 229 8.62 51.10 34.66
C LEU H 229 9.14 51.55 36.02
N ALA H 230 9.80 52.70 36.03
CA ALA H 230 10.40 53.28 37.23
C ALA H 230 9.71 54.59 37.59
N LEU H 231 9.71 54.88 38.89
CA LEU H 231 8.98 56.01 39.46
C LEU H 231 9.92 56.90 40.26
N HIS H 232 9.80 58.22 40.07
CA HIS H 232 10.63 59.19 40.78
C HIS H 232 9.85 59.73 41.99
N ARG H 233 9.89 58.96 43.07
CA ARG H 233 9.35 59.44 44.33
C ARG H 233 10.31 60.42 44.97
N SER H 234 9.75 61.44 45.62
CA SER H 234 10.56 62.46 46.29
C SER H 234 9.71 63.14 47.34
N TYR H 235 10.36 64.00 48.13
CA TYR H 235 9.64 64.75 49.16
C TYR H 235 8.66 65.74 48.57
N LEU H 236 8.86 66.16 47.33
CA LEU H 236 7.95 67.10 46.68
C LEU H 236 6.61 66.48 46.33
N THR H 237 6.48 65.16 46.40
CA THR H 237 5.24 64.46 46.08
C THR H 237 4.67 63.84 47.35
N PRO H 238 3.89 64.59 48.13
CA PRO H 238 3.33 64.02 49.36
C PRO H 238 2.07 63.23 49.10
N GLY H 239 1.42 62.77 50.17
CA GLY H 239 0.22 61.96 50.03
C GLY H 239 0.52 60.48 50.24
N ASP H 240 -0.52 59.68 50.03
CA ASP H 240 -0.41 58.23 50.20
C ASP H 240 0.27 57.62 48.96
N SER H 241 0.26 56.30 48.88
CA SER H 241 0.84 55.60 47.74
C SER H 241 0.05 55.81 46.46
N SER H 242 -1.17 56.36 46.56
CA SER H 242 -2.00 56.53 45.37
C SER H 242 -1.59 57.72 44.52
N SER H 243 -1.09 58.80 45.13
CA SER H 243 -0.91 60.05 44.41
C SER H 243 0.48 60.68 44.55
N GLY H 244 1.29 60.26 45.52
CA GLY H 244 2.58 60.90 45.70
C GLY H 244 3.66 60.37 44.78
N TRP H 245 3.65 60.79 43.51
CA TRP H 245 4.56 60.21 42.55
C TRP H 245 4.70 61.13 41.34
N THR H 246 5.77 60.90 40.58
CA THR H 246 6.01 61.56 39.29
C THR H 246 6.55 60.53 38.31
N ALA H 247 6.07 60.58 37.07
CA ALA H 247 6.41 59.54 36.09
C ALA H 247 7.75 59.81 35.42
N GLY H 248 7.86 60.91 34.69
CA GLY H 248 9.04 61.21 33.92
C GLY H 248 8.88 60.85 32.46
N ALA H 249 9.72 61.46 31.62
CA ALA H 249 9.61 61.30 30.17
C ALA H 249 10.01 59.89 29.76
N ALA H 250 9.35 59.38 28.73
CA ALA H 250 9.61 58.03 28.21
C ALA H 250 9.01 57.93 26.81
N ALA H 251 8.97 56.72 26.28
CA ALA H 251 8.35 56.41 25.00
C ALA H 251 8.14 54.90 24.95
N TYR H 252 6.93 54.48 24.58
CA TYR H 252 6.50 53.10 24.79
C TYR H 252 5.76 52.59 23.55
N TYR H 253 6.42 52.70 22.40
CA TYR H 253 5.85 52.21 21.14
C TYR H 253 5.55 50.72 21.22
N VAL H 254 4.48 50.29 20.56
CA VAL H 254 4.13 48.88 20.49
C VAL H 254 3.58 48.54 19.11
N GLY H 255 4.03 47.42 18.56
CA GLY H 255 3.52 46.95 17.28
C GLY H 255 3.02 45.52 17.35
N TYR H 256 2.85 44.88 16.20
CA TYR H 256 2.41 43.48 16.17
C TYR H 256 3.00 42.80 14.95
N LEU H 257 2.92 41.46 14.95
CA LEU H 257 3.54 40.65 13.92
C LEU H 257 2.49 39.85 13.17
N GLN H 258 2.77 39.60 11.90
CA GLN H 258 1.93 38.78 11.04
C GLN H 258 2.83 37.92 10.16
N PRO H 259 2.32 36.80 9.66
CA PRO H 259 3.09 36.04 8.66
C PRO H 259 3.34 36.87 7.43
N ARG H 260 4.53 36.72 6.85
CA ARG H 260 4.96 37.56 5.75
C ARG H 260 6.07 36.84 4.99
N THR H 261 6.38 37.37 3.82
CA THR H 261 7.48 36.90 3.00
C THR H 261 8.39 38.08 2.69
N PHE H 262 9.67 37.93 3.02
CA PHE H 262 10.62 39.02 2.87
C PHE H 262 11.78 38.59 1.99
N LEU H 263 12.46 39.57 1.41
CA LEU H 263 13.71 39.38 0.70
C LEU H 263 14.79 40.15 1.44
N LEU H 264 15.86 39.45 1.83
CA LEU H 264 16.93 40.03 2.63
C LEU H 264 18.20 40.05 1.82
N LYS H 265 18.94 41.17 1.89
CA LYS H 265 20.22 41.29 1.22
C LYS H 265 21.33 41.16 2.24
N TYR H 266 22.24 40.21 2.01
CA TYR H 266 23.39 40.00 2.87
C TYR H 266 24.63 40.64 2.25
N ASN H 267 25.47 41.24 3.08
CA ASN H 267 26.73 41.78 2.61
C ASN H 267 27.84 40.76 2.80
N GLU H 268 28.99 41.05 2.18
CA GLU H 268 30.08 40.08 2.16
C GLU H 268 30.62 39.77 3.55
N ASN H 269 30.33 40.61 4.53
CA ASN H 269 30.71 40.32 5.91
C ASN H 269 29.64 39.55 6.67
N GLY H 270 28.47 39.33 6.06
CA GLY H 270 27.45 38.51 6.67
C GLY H 270 26.40 39.24 7.47
N THR H 271 26.17 40.52 7.21
CA THR H 271 25.19 41.31 7.95
C THR H 271 24.08 41.78 7.03
N ILE H 272 22.85 41.72 7.53
CA ILE H 272 21.70 42.20 6.79
C ILE H 272 21.79 43.71 6.65
N THR H 273 21.56 44.22 5.44
CA THR H 273 21.58 45.66 5.20
C THR H 273 20.36 46.21 4.47
N ASP H 274 19.59 45.38 3.78
CA ASP H 274 18.40 45.84 3.08
C ASP H 274 17.36 44.74 3.07
N ALA H 275 16.10 45.14 3.09
CA ALA H 275 14.98 44.20 3.06
C ALA H 275 13.89 44.74 2.15
N VAL H 276 13.17 43.82 1.52
CA VAL H 276 12.09 44.15 0.61
C VAL H 276 10.89 43.29 0.97
N ASP H 277 9.77 43.94 1.25
CA ASP H 277 8.51 43.23 1.44
C ASP H 277 8.04 42.65 0.11
N CYS H 278 7.33 41.53 0.18
CA CYS H 278 6.82 40.86 -1.01
C CYS H 278 5.32 40.92 -1.11
N ALA H 279 4.67 41.81 -0.37
CA ALA H 279 3.23 42.02 -0.51
C ALA H 279 2.81 43.47 -0.42
N LEU H 280 3.74 44.40 -0.20
CA LEU H 280 3.37 45.78 0.04
C LEU H 280 2.88 46.47 -1.22
N ASP H 281 3.60 46.32 -2.33
CA ASP H 281 3.35 47.12 -3.51
C ASP H 281 3.63 46.28 -4.74
N PRO H 282 2.98 46.55 -5.88
CA PRO H 282 3.29 45.80 -7.10
C PRO H 282 4.75 45.87 -7.50
N LEU H 283 5.40 47.01 -7.32
CA LEU H 283 6.82 47.09 -7.59
C LEU H 283 7.59 46.14 -6.68
N SER H 284 7.23 46.09 -5.40
CA SER H 284 7.85 45.14 -4.49
C SER H 284 7.55 43.71 -4.91
N GLU H 285 6.35 43.47 -5.45
CA GLU H 285 6.03 42.15 -5.96
C GLU H 285 6.98 41.75 -7.09
N THR H 286 7.23 42.68 -8.02
CA THR H 286 8.15 42.39 -9.12
C THR H 286 9.55 42.15 -8.60
N LYS H 287 10.01 42.97 -7.65
CA LYS H 287 11.35 42.78 -7.09
C LYS H 287 11.48 41.41 -6.44
N CYS H 288 10.48 41.02 -5.65
CA CYS H 288 10.53 39.71 -4.99
C CYS H 288 10.47 38.58 -6.00
N THR H 289 9.74 38.77 -7.10
CA THR H 289 9.65 37.72 -8.11
C THR H 289 10.96 37.54 -8.85
N LEU H 290 11.63 38.63 -9.19
CA LEU H 290 12.86 38.56 -9.98
C LEU H 290 14.10 38.33 -9.13
N LYS H 291 13.97 38.28 -7.81
CA LYS H 291 15.11 38.09 -6.91
C LYS H 291 16.20 39.14 -7.18
N SER H 292 15.77 40.39 -7.33
CA SER H 292 16.71 41.47 -7.60
C SER H 292 16.20 42.75 -6.96
N PHE H 293 17.12 43.68 -6.75
CA PHE H 293 16.77 45.00 -6.25
C PHE H 293 16.58 46.03 -7.35
N THR H 294 16.87 45.67 -8.60
CA THR H 294 16.68 46.56 -9.73
C THR H 294 16.06 45.79 -10.87
N VAL H 295 15.09 46.40 -11.53
CA VAL H 295 14.37 45.78 -12.64
C VAL H 295 14.50 46.69 -13.85
N GLU H 296 14.83 46.11 -15.00
CA GLU H 296 14.95 46.88 -16.22
C GLU H 296 13.58 47.12 -16.84
N LYS H 297 13.54 48.05 -17.78
CA LYS H 297 12.28 48.43 -18.43
C LYS H 297 11.63 47.21 -19.06
N GLY H 298 10.33 47.05 -18.82
CA GLY H 298 9.61 45.96 -19.44
C GLY H 298 8.37 45.58 -18.66
N ILE H 299 7.77 44.47 -19.08
CA ILE H 299 6.56 43.94 -18.50
C ILE H 299 6.86 42.58 -17.93
N TYR H 300 6.32 42.29 -16.74
CA TYR H 300 6.54 41.03 -16.06
C TYR H 300 5.23 40.49 -15.54
N GLN H 301 5.18 39.18 -15.33
CA GLN H 301 4.03 38.51 -14.78
C GLN H 301 4.35 38.04 -13.36
N THR H 302 3.47 38.34 -12.42
CA THR H 302 3.77 38.11 -11.00
C THR H 302 2.88 37.04 -10.38
N SER H 303 1.57 37.18 -10.45
CA SER H 303 0.69 36.28 -9.72
C SER H 303 -0.61 36.12 -10.51
N ASN H 304 -1.64 35.63 -9.85
CA ASN H 304 -2.92 35.36 -10.47
C ASN H 304 -4.04 36.10 -9.75
N PHE H 305 -5.06 36.47 -10.51
CA PHE H 305 -6.23 37.17 -10.01
C PHE H 305 -7.45 36.27 -10.13
N ARG H 306 -8.15 36.05 -9.03
CA ARG H 306 -9.26 35.12 -8.97
C ARG H 306 -10.41 35.74 -8.19
N VAL H 307 -11.63 35.47 -8.65
CA VAL H 307 -12.85 35.94 -8.00
C VAL H 307 -13.31 34.85 -7.05
N GLN H 308 -13.92 35.25 -5.92
CA GLN H 308 -14.35 34.29 -4.93
C GLN H 308 -15.87 34.22 -4.85
N PRO H 309 -16.43 33.07 -4.49
CA PRO H 309 -17.87 32.95 -4.36
C PRO H 309 -18.41 33.76 -3.19
N THR H 310 -19.70 34.08 -3.27
CA THR H 310 -20.36 34.89 -2.25
C THR H 310 -21.50 34.18 -1.52
N GLU H 311 -22.07 33.12 -2.08
CA GLU H 311 -23.24 32.50 -1.47
C GLU H 311 -23.28 31.02 -1.86
N SER H 312 -24.34 30.34 -1.42
CA SER H 312 -24.55 28.92 -1.71
C SER H 312 -26.05 28.66 -1.67
N ILE H 313 -26.65 28.47 -2.84
CA ILE H 313 -28.09 28.34 -2.96
C ILE H 313 -28.43 27.08 -3.74
N VAL H 314 -29.59 26.49 -3.45
CA VAL H 314 -30.11 25.33 -4.14
C VAL H 314 -31.60 25.52 -4.36
N ARG H 315 -32.18 24.73 -5.27
CA ARG H 315 -33.63 24.72 -5.46
C ARG H 315 -34.10 23.29 -5.68
N PHE H 316 -35.41 23.09 -5.62
CA PHE H 316 -36.01 21.77 -5.73
C PHE H 316 -37.47 21.93 -6.14
N PRO H 317 -38.09 20.86 -6.66
CA PRO H 317 -39.50 20.98 -7.07
C PRO H 317 -40.42 21.25 -5.89
N ASN H 318 -41.66 21.64 -6.22
CA ASN H 318 -42.53 22.21 -5.19
C ASN H 318 -42.92 21.30 -4.02
N ILE H 319 -43.84 20.36 -4.25
CA ILE H 319 -44.50 19.72 -3.12
C ILE H 319 -44.68 18.23 -3.27
N THR H 320 -44.51 17.72 -4.50
CA THR H 320 -44.97 16.39 -4.92
C THR H 320 -46.24 15.97 -4.20
N ASN H 321 -46.35 14.71 -3.79
CA ASN H 321 -47.57 14.18 -3.19
C ASN H 321 -47.45 14.14 -1.67
N LEU H 322 -48.20 15.00 -0.99
CA LEU H 322 -48.20 15.02 0.46
C LEU H 322 -49.02 13.86 1.00
N CYS H 323 -48.54 13.26 2.09
CA CYS H 323 -49.18 12.07 2.62
C CYS H 323 -50.50 12.42 3.32
N PRO H 324 -51.49 11.52 3.28
CA PRO H 324 -52.78 11.76 3.93
C PRO H 324 -52.76 11.37 5.41
N PHE H 325 -51.94 12.07 6.18
CA PHE H 325 -51.88 11.81 7.62
C PHE H 325 -53.13 12.26 8.34
N GLY H 326 -53.80 13.29 7.80
CA GLY H 326 -55.03 13.76 8.42
C GLY H 326 -56.11 12.70 8.47
N GLU H 327 -56.21 11.90 7.40
CA GLU H 327 -57.19 10.82 7.38
C GLU H 327 -56.93 9.82 8.49
N VAL H 328 -55.66 9.46 8.70
CA VAL H 328 -55.32 8.48 9.74
C VAL H 328 -55.56 9.07 11.13
N PHE H 329 -55.08 10.30 11.36
CA PHE H 329 -55.17 10.87 12.70
C PHE H 329 -56.57 11.37 13.02
N ASN H 330 -57.28 11.92 12.05
CA ASN H 330 -58.58 12.53 12.28
C ASN H 330 -59.73 11.59 11.94
N ALA H 331 -59.56 10.29 12.19
CA ALA H 331 -60.62 9.32 11.97
C ALA H 331 -61.54 9.25 13.19
N THR H 332 -62.81 8.95 12.92
CA THR H 332 -63.78 8.85 14.00
C THR H 332 -63.56 7.61 14.84
N ARG H 333 -63.31 6.47 14.20
CA ARG H 333 -63.02 5.21 14.87
C ARG H 333 -61.68 4.70 14.35
N PHE H 334 -60.78 4.34 15.26
CA PHE H 334 -59.41 3.99 14.86
C PHE H 334 -59.27 2.49 14.65
N ALA H 335 -59.41 1.71 15.71
CA ALA H 335 -59.31 0.26 15.71
C ALA H 335 -59.50 -0.22 17.14
N SER H 336 -59.59 -1.52 17.31
CA SER H 336 -59.59 -2.11 18.64
C SER H 336 -58.15 -2.42 19.06
N VAL H 337 -57.95 -2.55 20.37
CA VAL H 337 -56.61 -2.77 20.89
C VAL H 337 -56.06 -4.12 20.44
N TYR H 338 -56.93 -5.14 20.37
CA TYR H 338 -56.53 -6.42 19.82
C TYR H 338 -56.85 -6.54 18.34
N ALA H 339 -57.56 -5.58 17.76
CA ALA H 339 -57.86 -5.57 16.34
C ALA H 339 -57.26 -4.32 15.70
N TRP H 340 -56.01 -4.03 16.04
CA TRP H 340 -55.31 -2.87 15.50
C TRP H 340 -55.24 -2.93 13.98
N ASN H 341 -55.49 -1.78 13.34
CA ASN H 341 -55.42 -1.68 11.90
C ASN H 341 -53.98 -1.51 11.43
N ARG H 342 -53.72 -1.93 10.20
CA ARG H 342 -52.41 -1.81 9.57
C ARG H 342 -52.58 -1.08 8.24
N LYS H 343 -51.97 0.09 8.13
CA LYS H 343 -52.05 0.90 6.91
C LYS H 343 -50.64 1.10 6.37
N ARG H 344 -50.49 0.87 5.07
CA ARG H 344 -49.20 1.02 4.41
C ARG H 344 -49.14 2.35 3.68
N ILE H 345 -47.99 3.01 3.78
CA ILE H 345 -47.75 4.29 3.10
C ILE H 345 -46.46 4.16 2.30
N SER H 346 -46.53 4.50 1.02
CA SER H 346 -45.37 4.47 0.14
C SER H 346 -45.64 5.41 -1.03
N ASN H 347 -44.56 5.75 -1.75
CA ASN H 347 -44.63 6.66 -2.88
C ASN H 347 -45.27 7.98 -2.50
N CYS H 348 -44.84 8.51 -1.35
CA CYS H 348 -45.38 9.77 -0.85
C CYS H 348 -44.37 10.39 0.09
N VAL H 349 -44.56 11.68 0.37
CA VAL H 349 -43.68 12.43 1.26
C VAL H 349 -44.49 12.85 2.48
N ALA H 350 -43.91 12.70 3.66
CA ALA H 350 -44.53 13.07 4.92
C ALA H 350 -43.59 13.96 5.70
N ASP H 351 -44.05 15.17 6.03
CA ASP H 351 -43.28 16.11 6.85
C ASP H 351 -43.57 15.78 8.30
N TYR H 352 -42.71 14.97 8.92
CA TYR H 352 -42.91 14.60 10.30
C TYR H 352 -42.77 15.79 11.24
N SER H 353 -42.03 16.81 10.82
CA SER H 353 -41.77 17.95 11.69
C SER H 353 -43.06 18.64 12.10
N VAL H 354 -43.99 18.83 11.16
CA VAL H 354 -45.24 19.51 11.49
C VAL H 354 -46.07 18.70 12.47
N LEU H 355 -45.75 17.42 12.65
CA LEU H 355 -46.44 16.63 13.67
C LEU H 355 -46.08 17.10 15.08
N TYR H 356 -44.92 17.71 15.27
CA TYR H 356 -44.57 18.31 16.55
C TYR H 356 -44.19 19.78 16.45
N ASN H 357 -44.27 20.38 15.26
CA ASN H 357 -44.00 21.80 15.13
C ASN H 357 -45.07 22.63 15.85
N SER H 358 -46.34 22.34 15.58
CA SER H 358 -47.44 23.00 16.27
C SER H 358 -48.59 21.98 16.35
N ALA H 359 -48.64 21.26 17.46
CA ALA H 359 -49.64 20.22 17.63
C ALA H 359 -49.84 19.95 19.11
N SER H 360 -51.05 19.52 19.46
CA SER H 360 -51.39 19.13 20.81
C SER H 360 -51.13 17.65 21.08
N PHE H 361 -50.61 16.92 20.10
CA PHE H 361 -50.36 15.50 20.23
C PHE H 361 -49.18 15.28 21.19
N SER H 362 -49.49 14.98 22.44
CA SER H 362 -48.46 14.77 23.44
C SER H 362 -47.90 13.36 23.35
N THR H 363 -46.88 13.09 24.18
CA THR H 363 -46.23 11.79 24.27
C THR H 363 -45.71 11.34 22.90
N PHE H 364 -45.01 12.24 22.22
CA PHE H 364 -44.40 11.94 20.92
C PHE H 364 -43.07 11.23 21.20
N LYS H 365 -43.15 9.93 21.44
CA LYS H 365 -41.99 9.14 21.87
C LYS H 365 -41.51 8.28 20.71
N CYS H 366 -40.33 8.57 20.20
CA CYS H 366 -39.78 7.88 19.04
C CYS H 366 -38.69 6.92 19.50
N TYR H 367 -38.76 5.68 18.99
CA TYR H 367 -37.78 4.64 19.32
C TYR H 367 -36.85 4.47 18.12
N GLY H 368 -35.58 4.78 18.32
CA GLY H 368 -34.60 4.72 17.26
C GLY H 368 -34.02 6.09 16.92
N VAL H 369 -34.32 6.57 15.71
CA VAL H 369 -33.90 7.91 15.34
C VAL H 369 -34.58 8.93 16.23
N SER H 370 -33.89 10.04 16.49
CA SER H 370 -34.40 11.05 17.40
C SER H 370 -35.69 11.66 16.84
N PRO H 371 -36.59 12.12 17.72
CA PRO H 371 -37.80 12.80 17.24
C PRO H 371 -37.50 14.02 16.40
N THR H 372 -36.41 14.73 16.67
CA THR H 372 -35.94 15.76 15.76
C THR H 372 -35.14 15.12 14.64
N LYS H 373 -35.03 15.85 13.52
CA LYS H 373 -34.30 15.38 12.34
C LYS H 373 -34.92 14.08 11.82
N LEU H 374 -36.16 14.23 11.35
CA LEU H 374 -36.89 13.12 10.75
C LEU H 374 -37.11 13.28 9.24
N ASN H 375 -37.02 14.50 8.72
CA ASN H 375 -37.29 14.70 7.29
C ASN H 375 -36.16 14.14 6.43
N ASP H 376 -34.92 14.23 6.92
CA ASP H 376 -33.78 13.81 6.10
C ASP H 376 -33.78 12.30 5.87
N LEU H 377 -34.16 11.51 6.87
CA LEU H 377 -34.18 10.06 6.71
C LEU H 377 -35.17 9.67 5.64
N CYS H 378 -34.79 8.70 4.81
CA CYS H 378 -35.46 8.47 3.53
C CYS H 378 -35.54 6.96 3.33
N PHE H 379 -36.76 6.41 3.30
CA PHE H 379 -36.97 4.97 3.45
C PHE H 379 -37.84 4.39 2.34
N THR H 380 -38.23 3.12 2.52
CA THR H 380 -38.98 2.35 1.52
C THR H 380 -40.49 2.41 1.76
N ASN H 381 -40.93 1.96 2.94
CA ASN H 381 -42.35 1.90 3.26
C ASN H 381 -42.57 2.26 4.72
N VAL H 382 -43.78 2.73 5.02
CA VAL H 382 -44.16 3.14 6.37
C VAL H 382 -45.39 2.36 6.79
N TYR H 383 -45.40 1.84 8.02
CA TYR H 383 -46.53 1.09 8.54
C TYR H 383 -47.15 1.88 9.69
N ALA H 384 -48.48 2.03 9.65
CA ALA H 384 -49.21 2.80 10.65
C ALA H 384 -50.24 1.90 11.33
N ASP H 385 -50.24 1.89 12.65
CA ASP H 385 -51.21 1.17 13.45
C ASP H 385 -51.84 2.13 14.46
N SER H 386 -53.08 1.86 14.83
CA SER H 386 -53.78 2.73 15.76
C SER H 386 -54.67 1.89 16.67
N PHE H 387 -54.92 2.42 17.87
CA PHE H 387 -55.71 1.73 18.88
C PHE H 387 -55.99 2.69 20.03
N VAL H 388 -56.71 2.18 21.03
CA VAL H 388 -57.04 2.94 22.24
C VAL H 388 -56.85 2.03 23.44
N ILE H 389 -56.20 2.57 24.48
CA ILE H 389 -55.94 1.82 25.71
C ILE H 389 -56.31 2.70 26.90
N ARG H 390 -56.27 2.09 28.08
CA ARG H 390 -56.51 2.83 29.31
C ARG H 390 -55.36 3.83 29.54
N GLY H 391 -55.65 4.84 30.35
CA GLY H 391 -54.68 5.90 30.57
C GLY H 391 -53.39 5.39 31.20
N ASP H 392 -53.49 4.37 32.05
CA ASP H 392 -52.33 3.82 32.73
C ASP H 392 -51.58 2.78 31.91
N GLU H 393 -52.14 2.33 30.79
CA GLU H 393 -51.53 1.30 29.97
C GLU H 393 -50.55 1.86 28.95
N VAL H 394 -50.43 3.18 28.84
CA VAL H 394 -49.54 3.78 27.84
C VAL H 394 -48.10 3.41 28.12
N ARG H 395 -47.74 3.18 29.38
CA ARG H 395 -46.38 2.76 29.70
C ARG H 395 -46.08 1.37 29.15
N GLN H 396 -47.11 0.54 28.98
CA GLN H 396 -46.92 -0.80 28.45
C GLN H 396 -46.54 -0.81 26.98
N ILE H 397 -46.73 0.30 26.26
CA ILE H 397 -46.47 0.36 24.83
C ILE H 397 -45.00 0.74 24.68
N ALA H 398 -44.13 -0.26 24.72
CA ALA H 398 -42.70 -0.08 24.58
C ALA H 398 -42.07 -1.42 24.22
N PRO H 399 -40.89 -1.42 23.61
CA PRO H 399 -40.22 -2.70 23.31
C PRO H 399 -39.98 -3.51 24.57
N GLY H 400 -40.13 -4.82 24.44
CA GLY H 400 -40.04 -5.68 25.61
C GLY H 400 -41.20 -5.42 26.55
N GLN H 401 -40.88 -5.13 27.80
CA GLN H 401 -41.86 -4.77 28.83
C GLN H 401 -42.83 -5.92 29.12
N THR H 402 -43.71 -5.73 30.10
CA THR H 402 -44.67 -6.75 30.49
C THR H 402 -46.01 -6.05 30.71
N GLY H 403 -46.95 -6.78 31.31
CA GLY H 403 -48.26 -6.25 31.64
C GLY H 403 -49.35 -6.90 30.81
N LYS H 404 -50.59 -6.47 31.09
CA LYS H 404 -51.74 -7.00 30.37
C LYS H 404 -51.67 -6.63 28.89
N ILE H 405 -51.30 -5.38 28.59
CA ILE H 405 -51.06 -4.98 27.21
C ILE H 405 -49.64 -5.37 26.81
N ALA H 406 -49.41 -5.44 25.50
CA ALA H 406 -48.14 -5.82 24.89
C ALA H 406 -47.76 -7.27 25.16
N ASP H 407 -48.65 -8.04 25.78
CA ASP H 407 -48.40 -9.45 26.04
C ASP H 407 -49.57 -10.37 25.70
N TYR H 408 -50.80 -9.85 25.62
CA TYR H 408 -51.96 -10.67 25.33
C TYR H 408 -52.77 -10.21 24.13
N ASN H 409 -52.56 -8.99 23.65
CA ASN H 409 -53.35 -8.48 22.53
C ASN H 409 -52.51 -7.96 21.38
N TYR H 410 -51.38 -7.29 21.66
CA TYR H 410 -50.51 -6.79 20.60
C TYR H 410 -49.11 -6.64 21.16
N LYS H 411 -48.24 -7.61 20.85
CA LYS H 411 -46.85 -7.59 21.31
C LYS H 411 -46.03 -6.65 20.44
N LEU H 412 -45.16 -5.88 21.08
CA LEU H 412 -44.33 -4.91 20.37
C LEU H 412 -42.93 -5.46 20.23
N PRO H 413 -42.46 -5.75 19.01
CA PRO H 413 -41.12 -6.33 18.85
C PRO H 413 -40.03 -5.35 19.21
N ASP H 414 -38.89 -5.90 19.64
CA ASP H 414 -37.74 -5.09 19.97
C ASP H 414 -37.05 -4.61 18.70
N ASP H 415 -35.95 -3.87 18.87
CA ASP H 415 -35.21 -3.29 17.75
C ASP H 415 -36.13 -2.41 16.88
N PHE H 416 -37.00 -1.66 17.53
CA PHE H 416 -37.99 -0.86 16.80
C PHE H 416 -37.38 0.42 16.28
N THR H 417 -37.73 0.76 15.03
CA THR H 417 -37.30 2.00 14.38
C THR H 417 -38.57 2.73 13.94
N GLY H 418 -39.13 3.52 14.83
CA GLY H 418 -40.36 4.21 14.54
C GLY H 418 -40.70 5.20 15.63
N CYS H 419 -41.99 5.46 15.79
CA CYS H 419 -42.43 6.42 16.79
C CYS H 419 -43.85 6.10 17.24
N VAL H 420 -44.21 6.68 18.39
CA VAL H 420 -45.51 6.46 19.02
C VAL H 420 -46.08 7.81 19.42
N ILE H 421 -47.33 8.07 19.05
CA ILE H 421 -48.05 9.27 19.44
C ILE H 421 -49.31 8.86 20.18
N ALA H 422 -49.36 9.17 21.47
CA ALA H 422 -50.51 8.85 22.31
C ALA H 422 -51.08 10.16 22.83
N TRP H 423 -52.32 10.46 22.45
CA TRP H 423 -52.95 11.72 22.81
C TRP H 423 -54.30 11.45 23.49
N ASN H 424 -54.58 12.21 24.54
CA ASN H 424 -55.84 12.05 25.26
C ASN H 424 -57.01 12.50 24.39
N SER H 425 -58.11 11.77 24.49
CA SER H 425 -59.36 12.11 23.81
C SER H 425 -60.49 11.94 24.81
N ASN H 426 -61.23 13.02 25.07
CA ASN H 426 -62.32 12.98 26.03
C ASN H 426 -63.53 13.77 25.55
N ASN H 427 -63.67 13.96 24.24
CA ASN H 427 -64.80 14.70 23.69
C ASN H 427 -65.53 13.89 22.63
N LEU H 428 -64.78 13.10 21.85
CA LEU H 428 -65.35 12.23 20.84
C LEU H 428 -65.58 10.80 21.34
N ASP H 429 -65.31 10.54 22.61
CA ASP H 429 -65.43 9.21 23.17
C ASP H 429 -65.64 9.34 24.68
N SER H 430 -65.51 8.22 25.39
CA SER H 430 -65.81 8.14 26.82
C SER H 430 -67.26 8.58 27.09
N LYS H 431 -68.19 7.80 26.54
CA LYS H 431 -69.60 8.15 26.56
C LYS H 431 -70.10 8.34 27.99
N VAL H 432 -70.90 9.39 28.20
CA VAL H 432 -71.51 9.62 29.49
C VAL H 432 -72.49 8.51 29.79
N GLY H 433 -72.50 8.06 31.03
CA GLY H 433 -73.35 6.93 31.42
C GLY H 433 -72.71 5.59 31.17
N GLY H 434 -72.22 5.37 29.94
CA GLY H 434 -71.53 4.14 29.62
C GLY H 434 -70.95 4.10 28.22
N ASN H 435 -69.69 3.72 28.11
CA ASN H 435 -69.01 3.53 26.83
C ASN H 435 -68.44 2.12 26.82
N TYR H 436 -69.22 1.16 26.32
CA TYR H 436 -68.83 -0.25 26.30
C TYR H 436 -69.01 -0.76 24.88
N ASN H 437 -68.00 -0.52 24.05
CA ASN H 437 -67.94 -1.02 22.68
C ASN H 437 -66.61 -1.63 22.33
N TYR H 438 -65.53 -1.28 23.02
CA TYR H 438 -64.23 -1.86 22.78
C TYR H 438 -64.18 -3.29 23.31
N LEU H 439 -63.20 -4.04 22.81
CA LEU H 439 -63.00 -5.42 23.23
C LEU H 439 -61.52 -5.70 23.37
N TYR H 440 -61.19 -6.65 24.25
CA TYR H 440 -59.80 -7.05 24.43
C TYR H 440 -59.78 -8.46 25.00
N ARG H 441 -58.62 -9.11 24.88
CA ARG H 441 -58.44 -10.46 25.41
C ARG H 441 -57.88 -10.39 26.83
N LEU H 442 -58.50 -11.17 27.73
CA LEU H 442 -58.08 -11.25 29.12
C LEU H 442 -57.21 -12.47 29.40
N PHE H 443 -57.72 -13.67 29.11
CA PHE H 443 -57.01 -14.91 29.37
C PHE H 443 -56.54 -15.51 28.05
N ARG H 444 -55.26 -15.83 27.97
CA ARG H 444 -54.68 -16.47 26.80
C ARG H 444 -53.83 -17.65 27.23
N LYS H 445 -53.78 -18.67 26.37
CA LYS H 445 -53.03 -19.89 26.68
C LYS H 445 -51.53 -19.65 26.74
N SER H 446 -51.03 -18.60 26.09
CA SER H 446 -49.60 -18.32 26.07
C SER H 446 -49.39 -16.83 25.81
N ASN H 447 -48.15 -16.45 25.53
CA ASN H 447 -47.80 -15.08 25.20
C ASN H 447 -48.01 -14.85 23.70
N LEU H 448 -47.51 -13.73 23.20
CA LEU H 448 -47.69 -13.34 21.81
C LEU H 448 -46.39 -13.49 21.03
N LYS H 449 -46.42 -13.06 19.77
CA LYS H 449 -45.29 -13.08 18.86
C LYS H 449 -45.09 -11.69 18.28
N PRO H 450 -43.90 -11.37 17.80
CA PRO H 450 -43.69 -10.07 17.15
C PRO H 450 -44.62 -9.90 15.96
N PHE H 451 -45.28 -8.74 15.91
CA PHE H 451 -46.29 -8.44 14.89
C PHE H 451 -47.32 -9.56 14.78
N GLU H 452 -47.84 -9.98 15.93
CA GLU H 452 -48.87 -11.00 15.99
C GLU H 452 -50.09 -10.45 16.72
N ARG H 453 -51.27 -10.67 16.14
CA ARG H 453 -52.53 -10.20 16.70
C ARG H 453 -53.48 -11.38 16.85
N ASP H 454 -54.20 -11.41 17.96
CA ASP H 454 -55.14 -12.48 18.27
C ASP H 454 -56.56 -11.92 18.23
N ILE H 455 -57.26 -12.18 17.13
CA ILE H 455 -58.66 -11.79 16.98
C ILE H 455 -59.51 -13.05 16.93
N SER H 456 -60.29 -13.28 17.99
CA SER H 456 -61.13 -14.46 18.10
C SER H 456 -62.10 -14.27 19.25
N THR H 457 -63.14 -15.09 19.26
CA THR H 457 -64.15 -15.08 20.32
C THR H 457 -64.26 -16.43 21.04
N GLU H 458 -63.25 -17.28 20.91
CA GLU H 458 -63.28 -18.59 21.54
C GLU H 458 -63.19 -18.44 23.06
N ILE H 459 -63.99 -19.24 23.77
CA ILE H 459 -63.97 -19.25 25.23
C ILE H 459 -62.78 -20.06 25.71
N TYR H 460 -62.02 -19.49 26.63
CA TYR H 460 -60.82 -20.14 27.14
C TYR H 460 -61.14 -21.00 28.35
N GLN H 461 -60.52 -22.18 28.41
CA GLN H 461 -60.68 -23.10 29.52
C GLN H 461 -59.49 -22.96 30.47
N ALA H 462 -59.79 -22.72 31.75
CA ALA H 462 -58.75 -22.47 32.73
C ALA H 462 -58.22 -23.74 33.38
N GLY H 463 -59.04 -24.77 33.51
CA GLY H 463 -58.61 -25.99 34.18
C GLY H 463 -58.37 -27.15 33.25
N SER H 464 -58.56 -28.37 33.75
CA SER H 464 -58.34 -29.59 32.97
C SER H 464 -59.65 -30.20 32.49
N THR H 465 -60.77 -29.50 32.68
CA THR H 465 -62.07 -30.00 32.25
C THR H 465 -62.48 -29.31 30.95
N PRO H 466 -62.56 -30.02 29.84
CA PRO H 466 -62.96 -29.37 28.57
C PRO H 466 -64.40 -28.88 28.64
N CYS H 467 -64.60 -27.64 28.21
CA CYS H 467 -65.93 -27.01 28.21
C CYS H 467 -66.40 -26.82 26.78
N ASN H 468 -67.62 -27.28 26.50
CA ASN H 468 -68.19 -27.18 25.16
C ASN H 468 -69.18 -26.01 25.13
N GLY H 469 -68.63 -24.81 24.98
CA GLY H 469 -69.45 -23.62 24.84
C GLY H 469 -70.29 -23.28 26.05
N VAL H 470 -69.70 -23.37 27.25
CA VAL H 470 -70.40 -23.03 28.49
C VAL H 470 -69.52 -22.11 29.32
N GLU H 471 -70.13 -21.10 29.93
CA GLU H 471 -69.44 -20.18 30.82
C GLU H 471 -69.67 -20.65 32.25
N GLY H 472 -68.95 -21.69 32.62
CA GLY H 472 -69.05 -22.30 33.93
C GLY H 472 -67.71 -22.30 34.64
N PHE H 473 -67.48 -23.36 35.41
CA PHE H 473 -66.22 -23.51 36.12
C PHE H 473 -65.07 -23.61 35.12
N ASN H 474 -63.92 -23.06 35.51
CA ASN H 474 -62.65 -23.09 34.79
C ASN H 474 -62.81 -22.94 33.28
N CYS H 475 -63.76 -22.09 32.88
CA CYS H 475 -64.00 -21.82 31.47
C CYS H 475 -64.56 -20.39 31.39
N TYR H 476 -63.70 -19.45 31.03
CA TYR H 476 -64.03 -18.03 31.08
C TYR H 476 -63.87 -17.39 29.72
N PHE H 477 -64.71 -16.40 29.44
CA PHE H 477 -64.64 -15.65 28.19
C PHE H 477 -63.47 -14.68 28.25
N PRO H 478 -62.50 -14.75 27.33
CA PRO H 478 -61.36 -13.84 27.40
C PRO H 478 -61.65 -12.44 26.91
N LEU H 479 -62.72 -12.23 26.14
CA LEU H 479 -63.01 -10.94 25.54
C LEU H 479 -63.86 -10.11 26.49
N GLN H 480 -63.37 -8.93 26.84
CA GLN H 480 -64.06 -8.04 27.77
C GLN H 480 -63.92 -6.61 27.27
N SER H 481 -64.81 -5.74 27.74
CA SER H 481 -64.96 -4.39 27.21
C SER H 481 -64.37 -3.33 28.14
N TYR H 482 -64.02 -2.19 27.54
CA TYR H 482 -63.52 -1.04 28.30
C TYR H 482 -64.59 -0.52 29.24
N GLY H 483 -64.21 -0.31 30.50
CA GLY H 483 -65.10 0.32 31.45
C GLY H 483 -64.88 1.82 31.53
N PHE H 484 -64.75 2.46 30.37
CA PHE H 484 -64.49 3.89 30.32
C PHE H 484 -65.73 4.69 30.68
N GLN H 485 -65.53 5.74 31.46
CA GLN H 485 -66.59 6.56 32.03
C GLN H 485 -66.31 8.02 31.73
N PRO H 486 -67.34 8.87 31.75
CA PRO H 486 -67.11 10.30 31.49
C PRO H 486 -66.14 10.94 32.46
N THR H 487 -66.09 10.48 33.71
CA THR H 487 -65.15 10.98 34.71
C THR H 487 -64.51 9.80 35.43
N ASN H 488 -64.03 8.83 34.63
CA ASN H 488 -63.39 7.64 35.21
C ASN H 488 -62.11 8.02 35.94
N GLY H 489 -61.33 8.92 35.37
CA GLY H 489 -60.08 9.34 35.99
C GLY H 489 -59.01 9.55 34.95
N VAL H 490 -57.96 10.28 35.36
CA VAL H 490 -56.87 10.61 34.45
C VAL H 490 -56.16 9.35 33.97
N GLY H 491 -56.05 8.36 34.84
CA GLY H 491 -55.47 7.08 34.47
C GLY H 491 -56.39 6.16 33.71
N TYR H 492 -57.63 6.59 33.44
CA TYR H 492 -58.60 5.78 32.72
C TYR H 492 -59.16 6.50 31.50
N GLN H 493 -58.69 7.75 31.24
CA GLN H 493 -59.24 8.49 30.10
C GLN H 493 -58.79 7.86 28.79
N PRO H 494 -59.60 8.00 27.73
CA PRO H 494 -59.22 7.43 26.43
C PRO H 494 -58.00 8.09 25.83
N TYR H 495 -56.92 7.32 25.72
CA TYR H 495 -55.67 7.79 25.11
C TYR H 495 -55.53 7.09 23.77
N ARG H 496 -55.87 7.80 22.69
CA ARG H 496 -55.74 7.21 21.37
C ARG H 496 -54.27 7.21 20.94
N VAL H 497 -53.79 6.06 20.49
CA VAL H 497 -52.38 5.83 20.22
C VAL H 497 -52.22 5.42 18.77
N VAL H 498 -51.26 6.04 18.09
CA VAL H 498 -50.87 5.65 16.74
C VAL H 498 -49.37 5.42 16.72
N VAL H 499 -48.96 4.25 16.23
CA VAL H 499 -47.56 3.88 16.14
C VAL H 499 -47.18 3.77 14.66
N LEU H 500 -46.04 4.37 14.32
CA LEU H 500 -45.47 4.30 12.98
C LEU H 500 -44.18 3.50 13.02
N SER H 501 -44.02 2.62 12.04
CA SER H 501 -42.84 1.78 11.89
C SER H 501 -42.19 2.05 10.54
N PHE H 502 -40.87 2.18 10.55
CA PHE H 502 -40.09 2.48 9.36
C PHE H 502 -39.31 1.25 8.93
N GLU H 503 -39.37 0.94 7.63
CA GLU H 503 -38.68 -0.22 7.10
C GLU H 503 -37.79 0.20 5.94
N LEU H 504 -36.75 -0.59 5.70
CA LEU H 504 -35.80 -0.32 4.63
C LEU H 504 -35.18 -1.65 4.22
N LEU H 505 -35.27 -1.97 2.93
CA LEU H 505 -34.80 -3.25 2.41
C LEU H 505 -34.08 -3.00 1.09
N HIS H 506 -33.72 -4.09 0.41
CA HIS H 506 -33.00 -4.02 -0.86
C HIS H 506 -34.01 -3.71 -1.98
N ALA H 507 -34.44 -2.44 -2.01
CA ALA H 507 -35.37 -1.96 -3.01
C ALA H 507 -35.25 -0.44 -3.06
N PRO H 508 -35.60 0.19 -4.18
CA PRO H 508 -35.53 1.65 -4.24
C PRO H 508 -36.45 2.30 -3.22
N ALA H 509 -35.96 3.38 -2.60
CA ALA H 509 -36.73 4.10 -1.59
C ALA H 509 -37.80 4.95 -2.28
N THR H 510 -39.03 4.90 -1.75
CA THR H 510 -40.13 5.62 -2.37
C THR H 510 -40.94 6.49 -1.42
N VAL H 511 -40.87 6.29 -0.11
CA VAL H 511 -41.44 7.22 0.85
C VAL H 511 -40.28 7.96 1.52
N CYS H 512 -40.28 9.28 1.41
CA CYS H 512 -39.07 10.02 1.71
C CYS H 512 -39.47 11.43 2.10
N GLY H 513 -38.60 12.12 2.83
CA GLY H 513 -38.98 13.35 3.47
C GLY H 513 -38.25 14.63 3.10
N PRO H 514 -37.99 14.85 1.79
CA PRO H 514 -37.21 16.07 1.50
C PRO H 514 -38.02 17.35 1.73
N LYS H 515 -36.48 20.12 1.19
CA LYS H 515 -36.43 21.29 0.32
C LYS H 515 -35.81 22.48 1.04
N LYS H 516 -34.59 22.84 0.69
CA LYS H 516 -34.00 24.05 1.25
C LYS H 516 -34.77 25.28 0.81
N SER H 517 -35.11 25.35 -0.48
CA SER H 517 -35.98 26.39 -1.04
C SER H 517 -35.39 27.78 -0.80
N THR H 518 -34.25 28.03 -1.42
CA THR H 518 -33.59 29.32 -1.38
C THR H 518 -33.78 30.03 -2.71
N ASN H 519 -34.24 31.28 -2.66
CA ASN H 519 -34.48 32.03 -3.88
C ASN H 519 -33.17 32.22 -4.65
N LEU H 520 -33.22 32.02 -5.95
CA LEU H 520 -32.03 32.08 -6.77
C LEU H 520 -31.55 33.51 -6.95
N VAL H 521 -30.25 33.66 -7.19
CA VAL H 521 -29.62 34.93 -7.48
C VAL H 521 -28.85 34.81 -8.79
N LYS H 522 -28.90 35.86 -9.60
CA LYS H 522 -28.29 35.85 -10.91
C LYS H 522 -27.20 36.91 -10.99
N ASN H 523 -26.29 36.70 -11.93
CA ASN H 523 -25.20 37.64 -12.21
C ASN H 523 -24.31 37.85 -10.99
N LYS H 524 -24.02 36.77 -10.27
CA LYS H 524 -23.08 36.79 -9.16
C LYS H 524 -22.32 35.49 -9.13
N CYS H 525 -21.06 35.55 -8.70
CA CYS H 525 -20.26 34.34 -8.56
C CYS H 525 -20.74 33.57 -7.34
N VAL H 526 -21.64 32.61 -7.53
CA VAL H 526 -22.34 31.96 -6.44
C VAL H 526 -22.25 30.45 -6.59
N ASN H 527 -22.03 29.77 -5.48
CA ASN H 527 -22.06 28.31 -5.46
C ASN H 527 -23.49 27.80 -5.64
N PHE H 528 -23.62 26.60 -6.19
CA PHE H 528 -24.97 26.09 -6.48
C PHE H 528 -24.96 24.57 -6.50
N ASN H 529 -26.11 24.00 -6.14
CA ASN H 529 -26.38 22.57 -6.33
C ASN H 529 -27.86 22.44 -6.69
N PHE H 530 -28.16 22.45 -7.98
CA PHE H 530 -29.55 22.53 -8.43
C PHE H 530 -30.32 21.27 -8.04
N ASN H 531 -29.94 20.12 -8.57
CA ASN H 531 -30.70 18.90 -8.30
C ASN H 531 -29.81 17.70 -8.02
N GLY H 532 -28.53 17.90 -7.74
CA GLY H 532 -27.62 16.79 -7.55
C GLY H 532 -26.27 17.10 -8.17
N LEU H 533 -26.27 18.08 -9.07
CA LEU H 533 -25.04 18.58 -9.69
C LEU H 533 -24.57 19.81 -8.94
N THR H 534 -23.30 19.82 -8.56
CA THR H 534 -22.73 20.88 -7.74
C THR H 534 -21.70 21.64 -8.55
N GLY H 535 -21.76 22.97 -8.49
CA GLY H 535 -20.83 23.78 -9.26
C GLY H 535 -20.71 25.19 -8.73
N THR H 536 -19.82 25.94 -9.37
CA THR H 536 -19.57 27.33 -9.02
C THR H 536 -19.46 28.13 -10.29
N GLY H 537 -20.25 29.20 -10.40
CA GLY H 537 -20.20 30.05 -11.57
C GLY H 537 -21.38 30.97 -11.69
N VAL H 538 -21.17 32.14 -12.31
CA VAL H 538 -22.28 33.06 -12.52
C VAL H 538 -23.30 32.44 -13.46
N LEU H 539 -24.56 32.77 -13.25
CA LEU H 539 -25.65 32.18 -14.03
C LEU H 539 -26.61 33.27 -14.47
N THR H 540 -26.95 33.27 -15.76
CA THR H 540 -27.75 34.30 -16.38
C THR H 540 -28.98 33.67 -17.04
N GLU H 541 -29.71 34.49 -17.80
CA GLU H 541 -30.87 34.02 -18.55
C GLU H 541 -30.49 33.85 -20.01
N SER H 542 -30.74 32.65 -20.55
CA SER H 542 -30.38 32.29 -21.91
C SER H 542 -31.64 32.18 -22.76
N ASN H 543 -31.45 31.71 -24.00
CA ASN H 543 -32.55 31.60 -24.96
C ASN H 543 -32.59 30.25 -25.67
N LYS H 544 -31.62 29.38 -25.45
CA LYS H 544 -31.65 28.06 -26.07
C LYS H 544 -32.82 27.24 -25.55
N LYS H 545 -33.47 26.50 -26.45
CA LYS H 545 -34.70 25.81 -26.13
C LYS H 545 -34.42 24.34 -25.85
N PHE H 546 -34.85 23.88 -24.68
CA PHE H 546 -34.76 22.48 -24.31
C PHE H 546 -35.97 21.71 -24.80
N LEU H 547 -35.81 20.40 -24.89
CA LEU H 547 -36.96 19.53 -25.10
C LEU H 547 -37.73 19.41 -23.78
N PRO H 548 -39.01 19.07 -23.84
CA PRO H 548 -39.81 19.03 -22.61
C PRO H 548 -39.25 18.09 -21.54
N PHE H 549 -38.63 16.99 -21.91
CA PHE H 549 -38.12 16.04 -20.93
C PHE H 549 -36.68 16.28 -20.53
N GLN H 550 -36.03 17.31 -21.10
CA GLN H 550 -34.64 17.55 -20.79
C GLN H 550 -34.47 18.09 -19.38
N GLN H 551 -33.28 17.90 -18.83
CA GLN H 551 -32.94 18.40 -17.49
C GLN H 551 -31.83 19.42 -17.48
N PHE H 552 -30.78 19.23 -18.29
CA PHE H 552 -29.72 20.21 -18.42
C PHE H 552 -28.97 19.93 -19.71
N GLY H 553 -28.08 20.85 -20.08
CA GLY H 553 -27.32 20.73 -21.30
C GLY H 553 -25.85 20.47 -21.02
N ARG H 554 -25.09 20.31 -22.09
CA ARG H 554 -23.65 20.11 -22.01
C ARG H 554 -23.03 20.66 -23.29
N ASP H 555 -21.78 20.31 -23.53
CA ASP H 555 -21.05 20.79 -24.69
C ASP H 555 -19.92 19.81 -25.00
N ILE H 556 -19.03 20.21 -25.90
CA ILE H 556 -17.86 19.41 -26.18
C ILE H 556 -17.00 19.34 -24.92
N ALA H 557 -16.29 18.23 -24.76
CA ALA H 557 -15.42 17.93 -23.63
C ALA H 557 -16.18 17.74 -22.33
N ASP H 558 -17.52 17.65 -22.39
CA ASP H 558 -18.35 17.28 -21.24
C ASP H 558 -18.16 18.23 -20.07
N THR H 559 -18.52 19.49 -20.29
CA THR H 559 -18.56 20.50 -19.25
C THR H 559 -19.98 21.04 -19.16
N THR H 560 -20.66 20.78 -18.06
CA THR H 560 -22.05 21.16 -17.92
C THR H 560 -22.20 22.67 -18.10
N ASP H 561 -22.95 23.05 -19.14
CA ASP H 561 -23.06 24.45 -19.53
C ASP H 561 -24.38 25.06 -19.09
N ALA H 562 -25.50 24.51 -19.51
CA ALA H 562 -26.80 25.05 -19.16
C ALA H 562 -27.40 24.25 -18.00
N VAL H 563 -28.56 24.71 -17.54
CA VAL H 563 -29.27 24.02 -16.46
C VAL H 563 -30.71 24.47 -16.48
N ARG H 564 -31.60 23.67 -15.90
CA ARG H 564 -33.02 24.01 -15.78
C ARG H 564 -33.41 23.94 -14.32
N ASP H 565 -33.93 25.05 -13.80
CA ASP H 565 -34.34 25.10 -12.40
C ASP H 565 -35.60 24.27 -12.20
N PRO H 566 -35.64 23.38 -11.22
CA PRO H 566 -36.85 22.55 -11.03
C PRO H 566 -38.10 23.34 -10.74
N GLN H 567 -37.99 24.50 -10.07
CA GLN H 567 -39.17 25.20 -9.60
C GLN H 567 -39.96 25.80 -10.76
N THR H 568 -39.28 26.49 -11.67
CA THR H 568 -39.94 27.21 -12.75
C THR H 568 -39.55 26.71 -14.13
N LEU H 569 -38.88 25.56 -14.22
CA LEU H 569 -38.53 24.90 -15.49
C LEU H 569 -37.92 25.86 -16.51
N GLU H 570 -37.22 26.89 -16.04
CA GLU H 570 -36.60 27.85 -16.92
C GLU H 570 -35.19 27.39 -17.31
N ILE H 571 -34.55 28.17 -18.17
CA ILE H 571 -33.24 27.86 -18.71
C ILE H 571 -32.23 28.86 -18.18
N LEU H 572 -31.10 28.37 -17.67
CA LEU H 572 -30.06 29.21 -17.13
C LEU H 572 -28.71 28.80 -17.71
N ASP H 573 -27.91 29.79 -18.06
CA ASP H 573 -26.53 29.53 -18.45
C ASP H 573 -25.65 29.40 -17.21
N ILE H 574 -24.39 29.02 -17.45
CA ILE H 574 -23.39 28.92 -16.38
C ILE H 574 -22.05 29.32 -16.99
N THR H 575 -21.46 30.38 -16.46
CA THR H 575 -20.17 30.84 -16.90
C THR H 575 -19.18 30.79 -15.74
N PRO H 576 -18.01 30.20 -15.92
CA PRO H 576 -17.03 30.17 -14.83
C PRO H 576 -16.64 31.58 -14.41
N CYS H 577 -16.44 31.76 -13.11
CA CYS H 577 -16.10 33.07 -12.59
C CYS H 577 -14.75 33.53 -13.14
N SER H 578 -14.64 34.82 -13.40
CA SER H 578 -13.50 35.36 -14.13
C SER H 578 -12.20 35.12 -13.36
N PHE H 579 -11.14 34.82 -14.11
CA PHE H 579 -9.81 34.66 -13.53
C PHE H 579 -8.78 35.02 -14.59
N GLY H 580 -7.58 35.35 -14.13
CA GLY H 580 -6.53 35.73 -15.06
C GLY H 580 -5.22 35.91 -14.36
N GLY H 581 -4.27 36.51 -15.07
CA GLY H 581 -2.95 36.74 -14.50
C GLY H 581 -2.54 38.20 -14.52
N VAL H 582 -2.24 38.76 -13.36
CA VAL H 582 -1.84 40.16 -13.30
C VAL H 582 -0.48 40.34 -13.97
N SER H 583 -0.22 41.55 -14.45
CA SER H 583 1.09 41.88 -15.00
C SER H 583 1.46 43.29 -14.58
N VAL H 584 2.76 43.53 -14.46
CA VAL H 584 3.30 44.81 -14.01
C VAL H 584 4.20 45.36 -15.11
N ILE H 585 3.98 46.62 -15.47
CA ILE H 585 4.78 47.32 -16.46
C ILE H 585 5.59 48.37 -15.74
N THR H 586 6.91 48.35 -15.93
CA THR H 586 7.77 49.30 -15.26
C THR H 586 8.79 49.92 -16.22
N PRO H 587 9.06 51.22 -16.09
CA PRO H 587 10.06 51.86 -16.94
C PRO H 587 11.48 51.54 -16.54
N GLY H 588 11.70 50.89 -15.42
CA GLY H 588 13.03 50.61 -14.94
C GLY H 588 13.34 51.43 -13.70
N THR H 589 13.84 50.76 -12.66
CA THR H 589 14.10 51.46 -11.41
C THR H 589 15.18 52.52 -11.55
N ASN H 590 16.02 52.43 -12.58
CA ASN H 590 17.05 53.45 -12.76
C ASN H 590 16.44 54.80 -13.13
N THR H 591 15.20 54.81 -13.61
CA THR H 591 14.56 56.03 -14.07
C THR H 591 13.45 56.52 -13.14
N SER H 592 12.53 55.64 -12.76
CA SER H 592 11.42 56.03 -11.90
C SER H 592 10.94 54.84 -11.10
N ASN H 593 9.91 55.06 -10.28
CA ASN H 593 9.35 54.03 -9.45
C ASN H 593 7.88 53.76 -9.73
N GLN H 594 7.28 54.45 -10.69
CA GLN H 594 5.89 54.20 -11.00
C GLN H 594 5.73 52.88 -11.76
N VAL H 595 4.53 52.30 -11.67
CA VAL H 595 4.21 51.07 -12.35
C VAL H 595 2.80 51.19 -12.93
N ALA H 596 2.51 50.33 -13.90
CA ALA H 596 1.18 50.24 -14.49
C ALA H 596 0.74 48.79 -14.46
N VAL H 597 -0.45 48.53 -13.92
CA VAL H 597 -0.90 47.16 -13.72
C VAL H 597 -1.84 46.78 -14.85
N LEU H 598 -1.78 45.51 -15.27
CA LEU H 598 -2.61 45.02 -16.36
C LEU H 598 -3.28 43.73 -15.93
N TYR H 599 -4.61 43.75 -15.86
CA TYR H 599 -5.41 42.57 -15.55
C TYR H 599 -5.92 41.96 -16.84
N GLN H 600 -5.77 40.65 -16.97
CA GLN H 600 -6.00 39.96 -18.23
C GLN H 600 -7.41 39.39 -18.31
N ASP H 601 -8.08 39.66 -19.43
CA ASP H 601 -9.37 39.05 -19.75
C ASP H 601 -10.40 39.29 -18.66
N VAL H 602 -10.66 40.56 -18.37
CA VAL H 602 -11.63 40.95 -17.35
C VAL H 602 -12.36 42.19 -17.82
N ASN H 603 -13.69 42.11 -17.90
CA ASN H 603 -14.48 43.33 -17.98
C ASN H 603 -14.18 44.17 -16.76
N CYS H 604 -13.50 45.31 -16.99
CA CYS H 604 -12.63 45.84 -15.95
C CYS H 604 -13.40 46.32 -14.73
N THR H 605 -14.72 46.46 -14.83
CA THR H 605 -15.51 46.91 -13.71
C THR H 605 -15.39 45.99 -12.50
N GLU H 606 -14.95 44.76 -12.69
CA GLU H 606 -14.82 43.80 -11.61
C GLU H 606 -13.46 43.84 -10.93
N VAL H 607 -12.58 44.77 -11.32
CA VAL H 607 -11.23 44.78 -10.77
C VAL H 607 -11.18 44.96 -9.26
N PRO H 608 -12.01 45.80 -8.60
CA PRO H 608 -11.81 46.05 -7.17
C PRO H 608 -11.98 44.81 -6.30
N VAL H 609 -12.66 43.76 -6.80
CA VAL H 609 -12.98 42.61 -5.95
C VAL H 609 -11.71 41.90 -5.49
N ALA H 610 -10.76 41.71 -6.38
CA ALA H 610 -9.49 41.08 -6.02
C ALA H 610 -8.36 41.54 -6.93
N THR H 617 -2.35 45.33 -0.10
CA THR H 617 -3.48 45.78 0.70
C THR H 617 -3.32 47.20 1.27
N PRO H 618 -2.17 47.54 1.88
CA PRO H 618 -2.02 48.92 2.38
C PRO H 618 -1.94 49.96 1.27
N THR H 619 -1.07 49.73 0.29
CA THR H 619 -0.90 50.63 -0.84
C THR H 619 -1.51 50.08 -2.12
N TRP H 620 -1.93 48.81 -2.13
CA TRP H 620 -2.56 48.26 -3.32
C TRP H 620 -3.88 48.93 -3.66
N ARG H 621 -4.49 49.64 -2.71
CA ARG H 621 -5.76 50.31 -2.97
C ARG H 621 -5.49 51.71 -3.52
N VAL H 622 -4.56 51.80 -4.47
CA VAL H 622 -4.42 53.00 -5.30
C VAL H 622 -4.32 52.53 -6.74
N TYR H 623 -4.02 51.24 -6.92
CA TYR H 623 -4.02 50.61 -8.22
C TYR H 623 -5.28 49.78 -8.46
N SER H 624 -6.19 49.76 -7.50
CA SER H 624 -7.54 49.26 -7.69
C SER H 624 -8.49 50.44 -7.80
N THR H 625 -9.51 50.29 -8.64
CA THR H 625 -10.41 51.39 -8.97
C THR H 625 -9.60 52.55 -9.53
N GLY H 626 -9.23 53.50 -8.69
CA GLY H 626 -8.35 54.56 -9.13
C GLY H 626 -9.04 55.55 -10.05
N SER H 627 -8.23 56.31 -10.78
CA SER H 627 -8.71 57.36 -11.66
C SER H 627 -8.56 57.05 -13.15
N ASN H 628 -7.44 56.46 -13.57
CA ASN H 628 -7.20 56.14 -14.96
C ASN H 628 -7.37 54.64 -15.16
N VAL H 629 -8.38 54.27 -15.95
CA VAL H 629 -8.63 52.88 -16.30
C VAL H 629 -8.81 52.81 -17.81
N PHE H 630 -7.99 51.99 -18.47
CA PHE H 630 -8.07 51.85 -19.92
C PHE H 630 -8.42 50.41 -20.25
N GLN H 631 -9.39 50.24 -21.14
CA GLN H 631 -9.89 48.92 -21.52
C GLN H 631 -9.35 48.53 -22.89
N THR H 632 -8.66 47.41 -22.95
CA THR H 632 -8.07 46.91 -24.18
C THR H 632 -8.52 45.47 -24.40
N ARG H 633 -8.09 44.89 -25.52
CA ARG H 633 -8.46 43.50 -25.82
C ARG H 633 -7.81 42.54 -24.84
N ALA H 634 -6.56 42.81 -24.44
CA ALA H 634 -5.87 41.92 -23.52
C ALA H 634 -6.45 41.96 -22.12
N GLY H 635 -7.18 43.01 -21.78
CA GLY H 635 -7.65 43.19 -20.43
C GLY H 635 -7.86 44.68 -20.17
N CYS H 636 -7.71 45.06 -18.91
CA CYS H 636 -7.70 46.48 -18.59
C CYS H 636 -6.43 46.83 -17.82
N LEU H 637 -5.86 47.98 -18.14
CA LEU H 637 -4.67 48.46 -17.45
C LEU H 637 -5.02 49.70 -16.65
N ILE H 638 -4.50 49.74 -15.43
CA ILE H 638 -4.69 50.83 -14.49
C ILE H 638 -3.35 51.50 -14.28
N GLY H 639 -3.35 52.83 -14.33
CA GLY H 639 -2.15 53.60 -14.14
C GLY H 639 -1.57 54.20 -15.40
N ALA H 640 -2.32 54.21 -16.50
CA ALA H 640 -1.82 54.73 -17.76
C ALA H 640 -2.84 55.68 -18.38
N GLU H 641 -2.35 56.56 -19.24
CA GLU H 641 -3.17 57.56 -19.92
C GLU H 641 -3.26 57.22 -21.39
N HIS H 642 -4.48 57.16 -21.91
CA HIS H 642 -4.66 56.94 -23.34
C HIS H 642 -4.32 58.21 -24.11
N VAL H 643 -3.60 58.05 -25.22
CA VAL H 643 -3.17 59.17 -26.04
C VAL H 643 -3.55 58.89 -27.48
N ASN H 644 -4.04 59.92 -28.18
CA ASN H 644 -4.53 59.72 -29.54
C ASN H 644 -3.39 59.51 -30.52
N ASN H 645 -2.33 60.33 -30.43
CA ASN H 645 -1.23 60.18 -31.37
C ASN H 645 -0.47 58.88 -31.12
N SER H 646 0.47 58.59 -32.01
CA SER H 646 1.13 57.29 -32.01
C SER H 646 2.65 57.47 -32.14
N TYR H 647 3.39 56.52 -31.56
CA TYR H 647 4.84 56.51 -31.64
C TYR H 647 5.37 55.12 -31.94
N GLU H 648 6.68 54.95 -31.86
CA GLU H 648 7.28 53.64 -31.99
C GLU H 648 6.90 52.78 -30.79
N CYS H 649 7.06 51.46 -30.93
CA CYS H 649 6.60 50.54 -29.90
C CYS H 649 7.65 50.37 -28.81
N ASP H 650 7.38 50.93 -27.64
CA ASP H 650 8.08 50.63 -26.40
C ASP H 650 7.52 49.34 -25.84
N ILE H 651 7.66 49.11 -24.54
CA ILE H 651 7.13 47.93 -23.85
C ILE H 651 5.78 47.54 -24.45
N PRO H 652 5.64 46.34 -25.00
CA PRO H 652 4.41 45.97 -25.70
C PRO H 652 3.38 45.33 -24.79
N ILE H 653 2.11 45.46 -25.20
CA ILE H 653 1.00 44.93 -24.42
C ILE H 653 0.30 43.82 -25.19
N GLY H 654 -0.27 44.15 -26.32
CA GLY H 654 -0.99 43.19 -27.13
C GLY H 654 -2.09 43.87 -27.91
N ALA H 655 -2.40 43.30 -29.07
CA ALA H 655 -3.43 43.82 -29.98
C ALA H 655 -3.14 45.24 -30.42
N GLY H 656 -1.86 45.61 -30.47
CA GLY H 656 -1.46 46.89 -31.01
C GLY H 656 -1.43 48.04 -30.01
N ILE H 657 -1.05 47.78 -28.77
CA ILE H 657 -0.89 48.82 -27.76
C ILE H 657 0.51 48.72 -27.18
N CYS H 658 1.23 49.83 -27.15
CA CYS H 658 2.60 49.86 -26.67
C CYS H 658 2.72 50.95 -25.61
N ALA H 659 2.73 50.57 -24.34
CA ALA H 659 2.88 51.54 -23.27
C ALA H 659 4.31 52.07 -23.24
N SER H 660 4.47 53.26 -22.67
CA SER H 660 5.78 53.91 -22.60
C SER H 660 5.78 54.92 -21.48
N TYR H 661 6.96 55.46 -21.19
CA TYR H 661 7.17 56.43 -20.13
C TYR H 661 7.62 57.76 -20.73
N GLN H 662 6.93 58.84 -20.39
CA GLN H 662 7.31 60.15 -20.89
C GLN H 662 7.46 61.14 -19.75
N GLN H 677 5.68 63.96 -17.13
CA GLN H 677 6.29 62.77 -16.52
C GLN H 677 5.22 61.80 -16.05
N SER H 678 4.90 60.82 -16.88
CA SER H 678 3.88 59.83 -16.56
C SER H 678 4.07 58.63 -17.47
N ILE H 679 3.07 57.74 -17.48
CA ILE H 679 3.07 56.56 -18.33
C ILE H 679 1.88 56.65 -19.27
N ILE H 680 2.11 56.43 -20.55
CA ILE H 680 1.07 56.52 -21.56
C ILE H 680 0.91 55.17 -22.24
N ALA H 681 -0.27 54.95 -22.82
CA ALA H 681 -0.58 53.75 -23.56
C ALA H 681 -1.22 54.16 -24.88
N TYR H 682 -0.59 53.81 -25.98
CA TYR H 682 -1.01 54.30 -27.29
C TYR H 682 -0.98 53.17 -28.30
N THR H 683 -1.78 53.34 -29.36
CA THR H 683 -1.71 52.42 -30.48
C THR H 683 -0.39 52.58 -31.21
N MET H 684 0.11 51.47 -31.74
CA MET H 684 1.45 51.45 -32.30
C MET H 684 1.48 52.11 -33.67
N SER H 685 2.65 52.62 -34.04
CA SER H 685 2.89 53.18 -35.35
C SER H 685 3.79 52.25 -36.16
N LEU H 686 3.66 52.27 -37.47
CA LEU H 686 4.39 51.36 -38.33
C LEU H 686 5.47 52.03 -39.15
N GLY H 687 5.66 53.35 -38.99
CA GLY H 687 6.68 54.06 -39.72
C GLY H 687 6.12 55.31 -40.35
N ALA H 688 6.96 55.97 -41.14
CA ALA H 688 6.60 57.25 -41.75
C ALA H 688 6.10 57.02 -43.17
N GLU H 689 5.00 57.68 -43.52
CA GLU H 689 4.47 57.57 -44.87
C GLU H 689 5.44 58.15 -45.87
N ASN H 690 5.47 57.54 -47.06
CA ASN H 690 6.39 58.00 -48.11
C ASN H 690 5.84 57.48 -49.44
N SER H 691 5.37 58.39 -50.28
CA SER H 691 4.85 58.05 -51.60
C SER H 691 5.87 58.46 -52.65
N VAL H 692 6.15 57.55 -53.57
CA VAL H 692 7.17 57.77 -54.60
C VAL H 692 6.51 58.43 -55.80
N ALA H 693 7.11 59.52 -56.27
CA ALA H 693 6.61 60.23 -57.45
C ALA H 693 6.89 59.37 -58.68
N TYR H 694 5.87 58.67 -59.16
CA TYR H 694 6.02 57.72 -60.25
C TYR H 694 5.25 58.19 -61.46
N SER H 695 5.93 58.30 -62.59
CA SER H 695 5.30 58.65 -63.85
C SER H 695 6.00 57.88 -64.97
N ASN H 696 5.29 57.70 -66.07
CA ASN H 696 5.73 56.74 -67.07
C ASN H 696 6.94 57.18 -67.87
N ASN H 697 7.55 58.34 -67.58
CA ASN H 697 8.81 58.66 -68.26
C ASN H 697 9.79 59.38 -67.33
N SER H 698 9.79 59.04 -66.05
CA SER H 698 10.68 59.69 -65.10
C SER H 698 11.49 58.64 -64.34
N ILE H 699 12.77 58.93 -64.13
CA ILE H 699 13.69 58.02 -63.46
C ILE H 699 14.48 58.81 -62.42
N ALA H 700 15.05 58.09 -61.46
CA ALA H 700 15.91 58.69 -60.45
C ALA H 700 17.23 57.93 -60.43
N ILE H 701 18.33 58.64 -60.62
CA ILE H 701 19.64 58.02 -60.66
C ILE H 701 20.51 58.59 -59.55
N PRO H 702 21.25 57.77 -58.82
CA PRO H 702 22.12 58.31 -57.77
C PRO H 702 23.34 58.99 -58.35
N THR H 703 23.99 59.79 -57.51
CA THR H 703 25.21 60.48 -57.89
C THR H 703 26.32 60.37 -56.86
N ASN H 704 26.07 59.71 -55.74
CA ASN H 704 27.10 59.56 -54.71
C ASN H 704 26.84 58.27 -53.96
N PHE H 705 27.83 57.85 -53.17
CA PHE H 705 27.75 56.58 -52.49
C PHE H 705 28.29 56.71 -51.07
N THR H 706 27.93 55.74 -50.24
CA THR H 706 28.48 55.62 -48.89
C THR H 706 28.87 54.18 -48.65
N ILE H 707 29.97 53.99 -47.93
CA ILE H 707 30.43 52.67 -47.53
C ILE H 707 30.09 52.49 -46.06
N SER H 708 29.34 51.44 -45.75
CA SER H 708 28.85 51.24 -44.39
C SER H 708 29.19 49.84 -43.92
N VAL H 709 29.64 49.71 -42.68
CA VAL H 709 29.97 48.43 -42.09
C VAL H 709 28.90 48.09 -41.05
N THR H 710 28.35 46.89 -41.15
CA THR H 710 27.27 46.44 -40.30
C THR H 710 27.72 45.20 -39.54
N THR H 711 27.30 45.08 -38.29
CA THR H 711 27.75 44.00 -37.43
C THR H 711 26.69 42.91 -37.33
N GLU H 712 27.13 41.68 -37.10
CA GLU H 712 26.21 40.56 -36.92
C GLU H 712 26.82 39.60 -35.90
N ILE H 713 25.97 39.01 -35.07
CA ILE H 713 26.42 38.17 -33.95
C ILE H 713 25.74 36.82 -34.04
N LEU H 714 26.51 35.73 -33.85
CA LEU H 714 25.94 34.40 -33.91
C LEU H 714 26.57 33.46 -32.89
N PRO H 715 25.77 32.77 -32.08
CA PRO H 715 26.33 31.74 -31.19
C PRO H 715 26.69 30.49 -31.96
N VAL H 716 27.67 29.75 -31.45
CA VAL H 716 28.12 28.53 -32.12
C VAL H 716 28.24 27.35 -31.16
N SER H 717 28.20 27.59 -29.86
CA SER H 717 28.53 26.50 -28.95
C SER H 717 27.94 26.74 -27.58
N MET H 718 27.70 25.65 -26.86
CA MET H 718 27.30 25.66 -25.47
C MET H 718 28.50 25.33 -24.59
N THR H 719 28.24 25.04 -23.32
CA THR H 719 29.27 24.57 -22.40
C THR H 719 29.06 23.08 -22.19
N LYS H 720 30.10 22.29 -22.46
CA LYS H 720 30.01 20.85 -22.27
C LYS H 720 29.84 20.52 -20.79
N THR H 721 28.97 19.57 -20.50
CA THR H 721 28.69 19.21 -19.11
C THR H 721 28.37 17.74 -19.02
N SER H 722 28.49 17.20 -17.81
CA SER H 722 28.17 15.81 -17.54
C SER H 722 27.63 15.69 -16.13
N VAL H 723 26.78 14.67 -15.91
CA VAL H 723 26.19 14.42 -14.61
C VAL H 723 26.23 12.92 -14.35
N ASP H 724 26.75 12.53 -13.19
CA ASP H 724 26.82 11.13 -12.79
C ASP H 724 25.48 10.72 -12.20
N CYS H 725 24.78 9.82 -12.89
CA CYS H 725 23.41 9.48 -12.50
C CYS H 725 23.35 8.87 -11.10
N THR H 726 24.14 7.83 -10.86
CA THR H 726 24.09 7.15 -9.58
C THR H 726 24.54 8.05 -8.44
N MET H 727 25.60 8.83 -8.66
CA MET H 727 26.09 9.71 -7.61
C MET H 727 25.08 10.81 -7.29
N TYR H 728 24.38 11.30 -8.31
CA TYR H 728 23.41 12.36 -8.06
C TYR H 728 22.17 11.82 -7.35
N ILE H 729 21.66 10.67 -7.79
CA ILE H 729 20.41 10.16 -7.24
C ILE H 729 20.60 9.70 -5.80
N CYS H 730 21.67 8.96 -5.53
CA CYS H 730 21.89 8.35 -4.22
C CYS H 730 22.92 9.11 -3.40
N GLY H 731 24.13 9.27 -3.93
CA GLY H 731 25.16 9.97 -3.20
C GLY H 731 25.85 9.14 -2.15
N ASP H 732 26.51 8.06 -2.58
CA ASP H 732 27.36 7.24 -1.73
C ASP H 732 26.58 6.56 -0.60
N SER H 733 25.41 6.02 -0.89
CA SER H 733 24.65 5.21 0.04
C SER H 733 24.34 3.87 -0.62
N THR H 734 24.93 2.80 -0.10
CA THR H 734 24.87 1.52 -0.79
C THR H 734 23.44 0.99 -0.89
N GLU H 735 22.63 1.20 0.15
CA GLU H 735 21.24 0.74 0.11
C GLU H 735 20.48 1.43 -1.01
N CYS H 736 20.69 2.73 -1.18
CA CYS H 736 20.04 3.45 -2.26
C CYS H 736 20.48 2.89 -3.61
N SER H 737 21.76 2.58 -3.76
CA SER H 737 22.23 2.01 -5.01
C SER H 737 21.59 0.67 -5.29
N ASN H 738 21.49 -0.18 -4.27
CA ASN H 738 20.85 -1.48 -4.46
C ASN H 738 19.39 -1.31 -4.86
N LEU H 739 18.70 -0.35 -4.25
CA LEU H 739 17.33 -0.07 -4.66
C LEU H 739 17.26 0.44 -6.10
N LEU H 740 18.25 1.22 -6.52
CA LEU H 740 18.22 1.83 -7.85
C LEU H 740 18.49 0.81 -8.94
N LEU H 741 19.37 -0.17 -8.69
CA LEU H 741 19.69 -1.14 -9.74
C LEU H 741 18.46 -1.92 -10.21
N GLN H 742 17.38 -1.94 -9.44
CA GLN H 742 16.19 -2.65 -9.89
C GLN H 742 15.55 -1.97 -11.09
N TYR H 743 15.56 -0.64 -11.15
CA TYR H 743 14.82 0.06 -12.19
C TYR H 743 15.34 -0.27 -13.58
N GLY H 744 16.65 -0.46 -13.72
CA GLY H 744 17.16 -0.90 -14.99
C GLY H 744 18.32 -0.10 -15.53
N SER H 745 18.16 0.46 -16.72
CA SER H 745 19.28 1.09 -17.41
C SER H 745 18.97 2.53 -17.82
N PHE H 746 18.43 3.32 -16.89
CA PHE H 746 18.20 4.74 -17.19
C PHE H 746 19.51 5.52 -17.23
N CYS H 747 20.39 5.28 -16.26
CA CYS H 747 21.59 6.09 -16.14
C CYS H 747 22.49 5.93 -17.36
N THR H 748 22.54 4.73 -17.93
CA THR H 748 23.32 4.52 -19.15
C THR H 748 22.79 5.40 -20.28
N GLN H 749 21.47 5.44 -20.45
CA GLN H 749 20.88 6.26 -21.50
C GLN H 749 21.18 7.73 -21.27
N LEU H 750 21.05 8.20 -20.03
CA LEU H 750 21.29 9.60 -19.75
C LEU H 750 22.73 9.99 -20.03
N ASN H 751 23.68 9.15 -19.58
CA ASN H 751 25.09 9.44 -19.84
C ASN H 751 25.38 9.43 -21.33
N ARG H 752 24.77 8.49 -22.08
CA ARG H 752 24.97 8.47 -23.51
C ARG H 752 24.49 9.76 -24.17
N ALA H 753 23.30 10.22 -23.79
CA ALA H 753 22.76 11.44 -24.38
C ALA H 753 23.66 12.63 -24.08
N LEU H 754 24.10 12.75 -22.84
CA LEU H 754 24.94 13.89 -22.48
C LEU H 754 26.29 13.83 -23.20
N THR H 755 26.85 12.63 -23.37
CA THR H 755 28.09 12.52 -24.13
C THR H 755 27.91 12.94 -25.59
N GLY H 756 26.78 12.55 -26.19
CA GLY H 756 26.53 12.96 -27.56
C GLY H 756 26.44 14.47 -27.71
N ILE H 757 25.66 15.11 -26.84
CA ILE H 757 25.57 16.56 -26.93
C ILE H 757 26.80 17.25 -26.40
N ALA H 758 27.73 16.51 -25.81
CA ALA H 758 29.01 17.10 -25.43
C ALA H 758 30.00 17.09 -26.60
N VAL H 759 29.97 16.06 -27.44
CA VAL H 759 30.87 16.05 -28.59
C VAL H 759 30.33 16.91 -29.73
N GLU H 760 29.01 17.09 -29.79
CA GLU H 760 28.45 17.93 -30.86
C GLU H 760 29.03 19.34 -30.83
N GLN H 761 29.36 19.86 -29.64
CA GLN H 761 29.87 21.23 -29.56
C GLN H 761 31.23 21.36 -30.25
N ASP H 762 32.12 20.41 -30.00
CA ASP H 762 33.41 20.43 -30.66
C ASP H 762 33.25 20.27 -32.16
N LYS H 763 32.30 19.43 -32.58
CA LYS H 763 32.05 19.33 -34.02
C LYS H 763 31.60 20.68 -34.57
N ASN H 764 30.75 21.39 -33.84
CA ASN H 764 30.27 22.69 -34.31
C ASN H 764 31.41 23.68 -34.50
N THR H 765 32.27 23.81 -33.48
CA THR H 765 33.37 24.76 -33.59
C THR H 765 34.31 24.39 -34.72
N GLN H 766 34.64 23.10 -34.85
CA GLN H 766 35.51 22.66 -35.93
C GLN H 766 34.91 23.00 -37.28
N GLU H 767 33.61 22.79 -37.45
CA GLU H 767 32.97 23.09 -38.72
C GLU H 767 32.97 24.58 -39.01
N VAL H 768 32.71 25.40 -38.01
CA VAL H 768 32.56 26.83 -38.24
C VAL H 768 33.90 27.47 -38.59
N PHE H 769 34.94 27.17 -37.81
CA PHE H 769 36.18 27.94 -37.93
C PHE H 769 37.24 27.30 -38.81
N ALA H 770 37.41 25.98 -38.74
CA ALA H 770 38.53 25.31 -39.42
C ALA H 770 38.16 25.07 -40.87
N GLN H 771 38.28 26.12 -41.68
CA GLN H 771 37.98 26.04 -43.10
C GLN H 771 39.17 26.36 -44.00
N VAL H 772 40.26 26.89 -43.46
CA VAL H 772 41.43 27.22 -44.25
C VAL H 772 42.48 26.15 -44.02
N LYS H 773 43.09 25.68 -45.10
CA LYS H 773 44.02 24.55 -45.00
C LYS H 773 45.30 24.94 -44.28
N GLN H 774 45.88 26.09 -44.64
CA GLN H 774 47.17 26.50 -44.09
C GLN H 774 47.09 27.92 -43.57
N ILE H 775 47.90 28.22 -42.57
CA ILE H 775 47.86 29.52 -41.90
C ILE H 775 48.65 30.53 -42.72
N TYR H 776 48.01 31.65 -43.03
CA TYR H 776 48.64 32.74 -43.77
C TYR H 776 49.12 33.82 -42.82
N LYS H 777 49.90 34.76 -43.36
CA LYS H 777 50.45 35.84 -42.57
C LYS H 777 50.53 37.12 -43.41
N THR H 778 50.23 38.25 -42.79
CA THR H 778 50.33 39.52 -43.47
C THR H 778 51.80 39.89 -43.66
N PRO H 779 52.10 40.70 -44.68
CA PRO H 779 53.48 41.18 -44.83
C PRO H 779 53.84 42.11 -43.69
N PRO H 780 55.12 42.22 -43.35
CA PRO H 780 55.53 43.10 -42.24
C PRO H 780 55.22 44.56 -42.52
N ILE H 781 55.72 45.08 -43.64
CA ILE H 781 55.38 46.44 -44.04
C ILE H 781 53.94 46.48 -44.51
N LYS H 782 53.18 47.46 -44.02
CA LYS H 782 51.75 47.51 -44.23
C LYS H 782 51.40 48.82 -44.94
N ASP H 783 51.35 48.77 -46.27
CA ASP H 783 50.92 49.91 -47.09
C ASP H 783 49.95 49.37 -48.13
N PHE H 784 48.67 49.38 -47.79
CA PHE H 784 47.63 48.77 -48.62
C PHE H 784 47.02 49.73 -49.63
N GLY H 785 47.51 50.96 -49.70
CA GLY H 785 46.97 51.93 -50.63
C GLY H 785 46.06 52.97 -50.03
N GLY H 786 45.93 53.01 -48.71
CA GLY H 786 45.09 54.01 -48.07
C GLY H 786 44.26 53.43 -46.96
N PHE H 787 43.90 52.15 -47.10
CA PHE H 787 43.06 51.51 -46.11
C PHE H 787 43.85 51.26 -44.83
N ASN H 788 43.13 50.96 -43.75
CA ASN H 788 43.75 50.85 -42.43
C ASN H 788 43.01 49.78 -41.64
N PHE H 789 43.61 48.61 -41.53
CA PHE H 789 43.02 47.48 -40.82
C PHE H 789 43.56 47.32 -39.40
N SER H 790 44.10 48.39 -38.81
CA SER H 790 44.70 48.26 -37.50
C SER H 790 43.72 47.83 -36.43
N GLN H 791 42.43 48.05 -36.63
CA GLN H 791 41.44 47.74 -35.62
C GLN H 791 40.94 46.30 -35.68
N ILE H 792 41.39 45.52 -36.65
CA ILE H 792 40.98 44.12 -36.72
C ILE H 792 42.15 43.16 -36.80
N LEU H 793 43.34 43.57 -37.23
CA LEU H 793 44.47 42.67 -37.26
C LEU H 793 44.98 42.43 -35.84
N PRO H 794 45.65 41.30 -35.61
CA PRO H 794 46.16 41.02 -34.26
C PRO H 794 47.19 42.05 -33.84
N ASP H 795 47.22 42.30 -32.52
CA ASP H 795 48.14 43.28 -31.95
C ASP H 795 49.31 42.56 -31.30
N PRO H 796 50.52 42.66 -31.85
CA PRO H 796 51.65 41.93 -31.26
C PRO H 796 51.98 42.37 -29.84
N SER H 797 51.82 43.66 -29.52
CA SER H 797 52.29 44.17 -28.24
C SER H 797 51.54 43.56 -27.07
N LYS H 798 50.22 43.46 -27.17
CA LYS H 798 49.40 43.01 -26.06
C LYS H 798 49.64 41.52 -25.78
N PRO H 799 49.39 41.09 -24.55
CA PRO H 799 49.36 39.65 -24.27
C PRO H 799 48.25 38.99 -25.08
N SER H 800 48.49 37.72 -25.45
CA SER H 800 47.69 37.02 -26.44
C SER H 800 47.75 37.75 -27.77
N LYS H 801 46.98 37.31 -28.76
CA LYS H 801 47.04 37.89 -30.09
C LYS H 801 45.74 38.60 -30.48
N ARG H 802 44.85 38.82 -29.53
CA ARG H 802 43.52 39.30 -29.87
C ARG H 802 43.56 40.76 -30.32
N SER H 803 42.83 41.06 -31.39
CA SER H 803 42.71 42.41 -31.89
C SER H 803 41.84 43.24 -30.95
N PRO H 804 41.92 44.57 -31.03
CA PRO H 804 41.19 45.41 -30.07
C PRO H 804 39.70 45.11 -30.00
N ILE H 805 39.05 44.86 -31.13
CA ILE H 805 37.62 44.56 -31.09
C ILE H 805 37.36 43.25 -30.36
N GLU H 806 38.20 42.25 -30.56
CA GLU H 806 38.06 41.01 -29.80
C GLU H 806 38.25 41.26 -28.31
N ASP H 807 39.16 42.15 -27.95
CA ASP H 807 39.35 42.49 -26.55
C ASP H 807 38.09 43.14 -25.97
N LEU H 808 37.48 44.05 -26.72
CA LEU H 808 36.24 44.67 -26.26
C LEU H 808 35.15 43.63 -26.07
N LEU H 809 35.04 42.71 -27.02
CA LEU H 809 34.02 41.67 -26.91
C LEU H 809 34.25 40.79 -25.69
N PHE H 810 35.51 40.40 -25.45
CA PHE H 810 35.78 39.55 -24.30
C PHE H 810 35.52 40.27 -22.99
N ASN H 811 35.91 41.54 -22.90
CA ASN H 811 35.67 42.27 -21.66
C ASN H 811 34.19 42.48 -21.41
N LYS H 812 33.41 42.73 -22.46
CA LYS H 812 31.99 43.00 -22.27
C LYS H 812 31.25 41.79 -21.72
N VAL H 813 31.57 40.60 -22.21
CA VAL H 813 30.87 39.39 -21.78
C VAL H 813 31.45 38.91 -20.46
N THR H 814 30.58 38.68 -19.48
CA THR H 814 30.98 38.19 -18.16
C THR H 814 30.10 37.01 -17.78
N LEU H 815 30.55 36.28 -16.76
CA LEU H 815 29.82 35.12 -16.25
C LEU H 815 28.48 35.56 -15.66
N ALA H 839 28.57 24.79 -12.37
CA ALA H 839 29.49 25.92 -12.43
C ALA H 839 30.74 25.64 -11.61
N GLN H 840 30.55 25.07 -10.42
CA GLN H 840 31.63 24.72 -9.52
C GLN H 840 31.54 23.22 -9.20
N LYS H 841 32.39 22.77 -8.28
CA LYS H 841 32.41 21.37 -7.88
C LYS H 841 31.19 21.09 -7.01
N PHE H 842 30.23 20.34 -7.55
CA PHE H 842 28.98 20.05 -6.86
C PHE H 842 28.76 18.56 -6.77
N ASN H 843 27.55 18.16 -6.40
CA ASN H 843 27.20 16.75 -6.22
C ASN H 843 27.07 16.10 -7.60
N GLY H 844 28.16 15.49 -8.07
CA GLY H 844 28.11 14.73 -9.31
C GLY H 844 28.08 15.55 -10.57
N LEU H 845 28.53 16.80 -10.53
CA LEU H 845 28.49 17.69 -11.68
C LEU H 845 29.92 18.03 -12.10
N THR H 846 30.21 17.86 -13.39
CA THR H 846 31.52 18.18 -13.92
C THR H 846 31.37 18.95 -15.22
N VAL H 847 32.38 19.74 -15.56
CA VAL H 847 32.38 20.53 -16.78
C VAL H 847 33.64 20.18 -17.56
N LEU H 848 33.46 19.59 -18.72
CA LEU H 848 34.62 19.26 -19.55
C LEU H 848 35.14 20.51 -20.26
N PRO H 849 36.46 20.63 -20.44
CA PRO H 849 36.98 21.81 -21.12
C PRO H 849 36.79 21.71 -22.61
N PRO H 850 36.76 22.84 -23.31
CA PRO H 850 36.66 22.79 -24.78
C PRO H 850 37.91 22.19 -25.39
N LEU H 851 37.74 21.57 -26.56
CA LEU H 851 38.88 20.95 -27.21
C LEU H 851 39.83 21.99 -27.78
N LEU H 852 39.30 23.11 -28.28
CA LEU H 852 40.09 24.17 -28.87
C LEU H 852 40.11 25.35 -27.92
N THR H 853 41.27 25.68 -27.37
CA THR H 853 41.34 26.85 -26.51
C THR H 853 41.25 28.12 -27.36
N ASP H 854 41.00 29.24 -26.70
CA ASP H 854 40.71 30.47 -27.41
C ASP H 854 41.88 30.92 -28.28
N GLU H 855 43.10 30.54 -27.93
CA GLU H 855 44.25 30.98 -28.71
C GLU H 855 44.20 30.44 -30.13
N MET H 856 43.88 29.15 -30.30
CA MET H 856 43.80 28.62 -31.66
C MET H 856 42.62 29.20 -32.43
N ILE H 857 41.53 29.52 -31.74
CA ILE H 857 40.41 30.16 -32.42
C ILE H 857 40.84 31.52 -32.96
N ALA H 858 41.56 32.29 -32.14
CA ALA H 858 42.10 33.56 -32.62
C ALA H 858 43.06 33.34 -33.78
N GLN H 859 43.84 32.26 -33.72
CA GLN H 859 44.78 31.97 -34.80
C GLN H 859 44.05 31.71 -36.11
N TYR H 860 42.99 30.90 -36.08
CA TYR H 860 42.19 30.69 -37.29
C TYR H 860 41.57 31.97 -37.80
N THR H 861 41.03 32.80 -36.91
CA THR H 861 40.42 34.04 -37.40
C THR H 861 41.46 34.94 -38.04
N SER H 862 42.65 35.03 -37.45
CA SER H 862 43.71 35.83 -38.05
C SER H 862 44.15 35.26 -39.39
N ALA H 863 44.21 33.94 -39.50
CA ALA H 863 44.58 33.33 -40.77
C ALA H 863 43.57 33.68 -41.85
N LEU H 864 42.29 33.53 -41.54
CA LEU H 864 41.25 33.87 -42.52
C LEU H 864 41.33 35.34 -42.91
N LEU H 865 41.50 36.22 -41.93
CA LEU H 865 41.52 37.65 -42.21
C LEU H 865 42.72 38.02 -43.08
N ALA H 866 43.90 37.47 -42.77
CA ALA H 866 45.08 37.76 -43.59
C ALA H 866 44.91 37.22 -45.00
N GLY H 867 44.33 36.02 -45.12
CA GLY H 867 44.12 35.45 -46.43
C GLY H 867 43.18 36.29 -47.29
N THR H 868 42.07 36.74 -46.71
CA THR H 868 41.15 37.54 -47.50
C THR H 868 41.64 38.95 -47.74
N ILE H 869 42.56 39.45 -46.91
CA ILE H 869 43.13 40.77 -47.17
C ILE H 869 44.12 40.70 -48.31
N THR H 870 44.99 39.69 -48.31
CA THR H 870 46.08 39.68 -49.27
C THR H 870 45.71 39.00 -50.59
N SER H 871 45.10 37.82 -50.53
CA SER H 871 44.93 36.99 -51.70
C SER H 871 43.55 37.08 -52.33
N GLY H 872 42.71 38.00 -51.87
CA GLY H 872 41.38 38.10 -52.45
C GLY H 872 40.51 36.94 -52.02
N TRP H 873 39.68 36.46 -52.93
CA TRP H 873 38.88 35.28 -52.70
C TRP H 873 39.45 34.05 -53.40
N THR H 874 40.62 34.17 -54.02
CA THR H 874 41.19 33.06 -54.75
C THR H 874 41.75 31.98 -53.82
N PHE H 875 41.85 32.24 -52.53
CA PHE H 875 42.33 31.22 -51.62
C PHE H 875 41.24 30.27 -51.18
N GLY H 876 40.00 30.49 -51.61
CA GLY H 876 38.93 29.57 -51.32
C GLY H 876 38.80 28.50 -52.38
N ALA H 877 39.31 28.78 -53.57
CA ALA H 877 39.23 27.82 -54.67
C ALA H 877 40.45 26.90 -54.70
N GLY H 878 41.63 27.48 -54.89
CA GLY H 878 42.84 26.71 -54.95
C GLY H 878 43.97 27.39 -54.21
N PRO H 879 45.13 27.51 -54.85
CA PRO H 879 46.26 28.20 -54.22
C PRO H 879 45.94 29.68 -54.06
N ALA H 880 46.52 30.27 -53.02
CA ALA H 880 46.32 31.69 -52.78
C ALA H 880 47.11 32.50 -53.81
N LEU H 881 46.43 33.39 -54.51
CA LEU H 881 47.04 34.21 -55.55
C LEU H 881 47.10 35.66 -55.10
N GLN H 882 48.31 36.20 -55.05
CA GLN H 882 48.55 37.54 -54.58
C GLN H 882 48.01 38.59 -55.56
N ILE H 883 47.53 39.70 -55.00
CA ILE H 883 46.97 40.80 -55.79
C ILE H 883 46.91 42.06 -54.94
N PRO H 884 47.30 43.22 -55.45
CA PRO H 884 47.23 44.45 -54.66
C PRO H 884 45.81 44.78 -54.26
N PHE H 885 45.67 45.40 -53.08
CA PHE H 885 44.34 45.61 -52.53
C PHE H 885 43.46 46.53 -53.37
N PRO H 886 43.91 47.69 -53.85
CA PRO H 886 42.99 48.52 -54.63
C PRO H 886 42.42 47.83 -55.86
N MET H 887 43.21 47.01 -56.56
CA MET H 887 42.63 46.35 -57.72
C MET H 887 41.71 45.19 -57.37
N GLN H 888 41.59 44.79 -56.12
CA GLN H 888 40.52 43.85 -55.83
C GLN H 888 39.25 44.55 -55.37
N MET H 889 39.38 45.70 -54.71
CA MET H 889 38.17 46.48 -54.48
C MET H 889 37.60 46.99 -55.80
N ALA H 890 38.46 47.25 -56.78
CA ALA H 890 37.97 47.63 -58.11
C ALA H 890 37.12 46.53 -58.71
N TYR H 891 37.59 45.28 -58.65
CA TYR H 891 36.80 44.20 -59.21
C TYR H 891 35.57 43.92 -58.35
N ARG H 892 35.64 44.18 -57.05
CA ARG H 892 34.46 43.99 -56.23
C ARG H 892 33.38 45.01 -56.58
N PHE H 893 33.76 46.24 -56.93
CA PHE H 893 32.79 47.14 -57.56
C PHE H 893 32.30 46.59 -58.88
N ASN H 894 33.22 46.14 -59.74
CA ASN H 894 32.81 45.65 -61.05
C ASN H 894 31.83 44.49 -60.95
N GLY H 895 31.81 43.80 -59.82
CA GLY H 895 30.87 42.73 -59.60
C GLY H 895 29.47 43.13 -59.20
N ILE H 896 29.19 44.42 -59.00
CA ILE H 896 27.84 44.86 -58.66
C ILE H 896 27.32 45.89 -59.67
N GLY H 897 27.91 45.95 -60.86
CA GLY H 897 27.40 46.78 -61.92
C GLY H 897 28.07 48.13 -62.07
N VAL H 898 28.87 48.55 -61.10
CA VAL H 898 29.57 49.81 -61.17
C VAL H 898 30.92 49.60 -61.82
N THR H 899 31.22 50.38 -62.86
CA THR H 899 32.48 50.21 -63.57
C THR H 899 33.65 50.64 -62.70
N GLN H 900 34.86 50.43 -63.22
CA GLN H 900 36.07 50.64 -62.44
C GLN H 900 36.49 52.09 -62.37
N ASN H 901 35.99 52.95 -63.27
CA ASN H 901 36.35 54.37 -63.21
C ASN H 901 35.95 54.98 -61.88
N VAL H 902 34.90 54.46 -61.25
CA VAL H 902 34.39 55.06 -60.03
C VAL H 902 35.40 54.90 -58.90
N LEU H 903 36.10 53.77 -58.85
CA LEU H 903 37.01 53.55 -57.72
C LEU H 903 38.31 54.29 -57.90
N TYR H 904 39.03 54.05 -58.99
CA TYR H 904 40.38 54.56 -59.12
C TYR H 904 40.42 56.07 -59.02
N GLU H 905 39.31 56.74 -59.35
CA GLU H 905 39.24 58.19 -59.28
C GLU H 905 38.70 58.69 -57.94
N ASN H 906 38.30 57.80 -57.04
CA ASN H 906 37.76 58.19 -55.74
C ASN H 906 38.37 57.35 -54.64
N GLN H 907 39.66 57.05 -54.77
CA GLN H 907 40.30 56.17 -53.79
C GLN H 907 40.35 56.81 -52.41
N LYS H 908 40.69 58.10 -52.34
CA LYS H 908 40.83 58.77 -51.05
C LYS H 908 39.51 58.78 -50.29
N LEU H 909 38.42 59.10 -50.97
CA LEU H 909 37.11 59.17 -50.32
C LEU H 909 36.72 57.81 -49.75
N ILE H 910 36.87 56.75 -50.54
CA ILE H 910 36.48 55.43 -50.09
C ILE H 910 37.35 55.00 -48.92
N ALA H 911 38.65 55.26 -49.00
CA ALA H 911 39.54 54.91 -47.88
C ALA H 911 39.10 55.61 -46.61
N ASN H 912 38.81 56.91 -46.69
CA ASN H 912 38.42 57.65 -45.50
C ASN H 912 37.10 57.14 -44.94
N GLN H 913 36.13 56.87 -45.79
CA GLN H 913 34.84 56.36 -45.31
C GLN H 913 35.01 55.01 -44.63
N PHE H 914 35.81 54.13 -45.23
CA PHE H 914 36.06 52.82 -44.65
C PHE H 914 36.69 52.94 -43.27
N ASN H 915 37.75 53.77 -43.16
CA ASN H 915 38.43 53.94 -41.89
C ASN H 915 37.49 54.50 -40.83
N SER H 916 36.70 55.51 -41.20
CA SER H 916 35.81 56.12 -40.22
C SER H 916 34.73 55.15 -39.77
N ALA H 917 34.22 54.32 -40.68
CA ALA H 917 33.19 53.36 -40.30
C ALA H 917 33.73 52.34 -39.31
N ILE H 918 34.92 51.79 -39.58
CA ILE H 918 35.48 50.84 -38.62
C ILE H 918 35.79 51.53 -37.30
N GLY H 919 36.20 52.79 -37.35
CA GLY H 919 36.40 53.53 -36.12
C GLY H 919 35.12 53.67 -35.31
N LYS H 920 34.00 53.83 -36.00
CA LYS H 920 32.73 53.98 -35.30
C LYS H 920 32.23 52.66 -34.71
N ILE H 921 32.62 51.53 -35.30
CA ILE H 921 32.13 50.24 -34.81
C ILE H 921 32.46 50.04 -33.34
N GLN H 922 33.68 50.42 -32.93
CA GLN H 922 34.09 50.20 -31.55
C GLN H 922 33.15 50.89 -30.58
N ASP H 923 32.92 52.18 -30.78
CA ASP H 923 32.02 52.91 -29.90
C ASP H 923 30.59 52.38 -30.02
N SER H 924 30.20 51.95 -31.22
CA SER H 924 28.85 51.43 -31.39
C SER H 924 28.60 50.22 -30.52
N LEU H 925 29.55 49.28 -30.47
CA LEU H 925 29.34 48.10 -29.64
C LEU H 925 29.79 48.30 -28.20
N SER H 926 30.50 49.39 -27.89
CA SER H 926 30.97 49.59 -26.53
C SER H 926 30.00 50.41 -25.71
N SER H 927 29.47 51.50 -26.27
CA SER H 927 28.62 52.40 -25.50
C SER H 927 27.34 51.72 -25.05
N THR H 928 26.61 51.11 -25.98
CA THR H 928 25.35 50.47 -25.62
C THR H 928 25.62 49.18 -24.86
N PRO H 929 24.97 48.96 -23.71
CA PRO H 929 25.22 47.74 -22.93
C PRO H 929 24.69 46.49 -23.60
N SER H 930 23.42 46.50 -24.00
CA SER H 930 22.75 45.30 -24.48
C SER H 930 22.99 45.08 -25.97
N ALA H 931 24.25 44.88 -26.31
CA ALA H 931 24.64 44.49 -27.66
C ALA H 931 24.94 43.00 -27.78
N LEU H 932 25.66 42.44 -26.80
CA LEU H 932 25.95 41.02 -26.78
C LEU H 932 24.74 40.29 -26.18
N GLY H 933 23.67 40.28 -26.94
CA GLY H 933 22.42 39.72 -26.49
C GLY H 933 22.39 38.21 -26.43
N LYS H 934 22.50 37.58 -27.60
CA LYS H 934 22.32 36.13 -27.68
C LYS H 934 23.40 35.39 -26.90
N LEU H 935 24.64 35.87 -26.96
CA LEU H 935 25.74 35.20 -26.28
C LEU H 935 25.52 35.16 -24.77
N GLN H 936 25.05 36.26 -24.20
CA GLN H 936 24.73 36.26 -22.78
C GLN H 936 23.47 35.47 -22.48
N ASP H 937 22.50 35.48 -23.40
CA ASP H 937 21.26 34.77 -23.18
C ASP H 937 21.50 33.27 -23.05
N VAL H 938 22.37 32.72 -23.88
CA VAL H 938 22.64 31.29 -23.83
C VAL H 938 23.21 30.91 -22.47
N VAL H 939 24.20 31.69 -22.01
CA VAL H 939 24.84 31.40 -20.73
C VAL H 939 23.83 31.50 -19.59
N ASN H 940 22.99 32.53 -19.62
CA ASN H 940 22.01 32.70 -18.55
C ASN H 940 21.02 31.53 -18.52
N GLN H 941 20.55 31.10 -19.70
CA GLN H 941 19.61 29.99 -19.73
C GLN H 941 20.24 28.72 -19.16
N ASN H 942 21.47 28.41 -19.59
CA ASN H 942 22.11 27.19 -19.10
C ASN H 942 22.35 27.26 -17.60
N ALA H 943 22.81 28.41 -17.11
CA ALA H 943 23.05 28.54 -15.67
C ALA H 943 21.75 28.38 -14.88
N GLN H 944 20.66 28.98 -15.37
CA GLN H 944 19.39 28.86 -14.67
C GLN H 944 18.92 27.41 -14.62
N ALA H 945 19.01 26.70 -15.75
CA ALA H 945 18.56 25.31 -15.76
C ALA H 945 19.38 24.46 -14.80
N LEU H 946 20.71 24.62 -14.83
CA LEU H 946 21.55 23.81 -13.96
C LEU H 946 21.32 24.15 -12.50
N ASN H 947 21.12 25.44 -12.19
CA ASN H 947 20.82 25.84 -10.82
C ASN H 947 19.52 25.23 -10.33
N THR H 948 18.49 25.22 -11.18
CA THR H 948 17.24 24.58 -10.80
C THR H 948 17.44 23.10 -10.54
N LEU H 949 18.23 22.44 -11.39
CA LEU H 949 18.50 21.02 -11.19
C LEU H 949 19.14 20.77 -9.83
N VAL H 950 20.14 21.58 -9.47
CA VAL H 950 20.78 21.41 -8.17
C VAL H 950 19.80 21.70 -7.05
N LYS H 951 19.02 22.76 -7.17
CA LYS H 951 18.08 23.15 -6.12
C LYS H 951 17.04 22.08 -5.87
N GLN H 952 16.70 21.30 -6.90
CA GLN H 952 15.65 20.29 -6.74
C GLN H 952 16.02 19.20 -5.75
N LEU H 953 17.29 19.08 -5.36
CA LEU H 953 17.71 18.01 -4.46
C LEU H 953 17.11 18.10 -3.07
N SER H 954 16.56 19.24 -2.68
CA SER H 954 16.09 19.47 -1.32
C SER H 954 14.58 19.43 -1.22
N SER H 955 13.92 18.51 -1.92
CA SER H 955 12.47 18.39 -1.88
C SER H 955 12.07 17.01 -1.36
N ASN H 956 11.04 16.98 -0.51
CA ASN H 956 10.62 15.73 0.11
C ASN H 956 10.06 14.75 -0.90
N PHE H 957 9.32 15.25 -1.89
CA PHE H 957 8.67 14.42 -2.90
C PHE H 957 7.65 13.47 -2.26
N GLY H 958 7.11 13.84 -1.11
CA GLY H 958 6.11 13.04 -0.45
C GLY H 958 6.61 12.14 0.67
N ALA H 959 7.86 12.28 1.08
CA ALA H 959 8.41 11.51 2.18
C ALA H 959 8.55 12.40 3.41
N ILE H 960 9.10 11.82 4.48
CA ILE H 960 9.14 12.54 5.75
C ILE H 960 10.39 13.41 5.86
N SER H 961 11.42 13.14 5.07
CA SER H 961 12.63 13.94 5.13
C SER H 961 13.32 13.95 3.77
N SER H 962 14.16 14.96 3.56
CA SER H 962 14.84 15.17 2.30
C SER H 962 16.28 14.65 2.29
N VAL H 963 16.87 14.43 3.45
CA VAL H 963 18.23 13.90 3.54
C VAL H 963 18.16 12.41 3.79
N LEU H 964 18.98 11.66 3.06
CA LEU H 964 18.88 10.20 3.09
C LEU H 964 19.34 9.62 4.42
N ASN H 965 20.36 10.22 5.03
CA ASN H 965 20.94 9.66 6.25
C ASN H 965 19.92 9.67 7.39
N ASP H 966 19.11 10.72 7.48
CA ASP H 966 18.08 10.76 8.52
C ASP H 966 17.07 9.63 8.32
N ILE H 967 16.67 9.38 7.08
CA ILE H 967 15.75 8.30 6.80
C ILE H 967 16.37 6.96 7.21
N LEU H 968 17.65 6.77 6.89
CA LEU H 968 18.32 5.53 7.27
C LEU H 968 18.37 5.38 8.79
N SER H 969 18.64 6.47 9.51
CA SER H 969 18.85 6.38 10.95
C SER H 969 17.54 6.15 11.69
N ARG H 970 16.49 6.89 11.33
CA ARG H 970 15.29 6.91 12.15
C ARG H 970 14.27 5.83 11.80
N LEU H 971 14.57 4.96 10.84
CA LEU H 971 13.60 3.97 10.40
C LEU H 971 14.27 2.62 10.23
N ASP H 972 13.46 1.55 10.34
CA ASP H 972 13.95 0.22 10.03
C ASP H 972 13.80 -0.06 8.55
N PRO H 973 14.70 -0.87 7.98
CA PRO H 973 14.75 -1.08 6.52
C PRO H 973 13.42 -1.54 5.94
N PRO H 974 12.71 -2.51 6.55
CA PRO H 974 11.57 -3.12 5.85
C PRO H 974 10.50 -2.13 5.43
N GLU H 975 10.38 -0.99 6.11
CA GLU H 975 9.49 0.07 5.65
C GLU H 975 10.23 1.36 5.30
N ALA H 976 11.53 1.45 5.57
CA ALA H 976 12.31 2.55 5.02
C ALA H 976 12.54 2.39 3.53
N GLU H 977 12.35 1.17 3.00
CA GLU H 977 12.45 0.97 1.56
C GLU H 977 11.44 1.82 0.82
N VAL H 978 10.21 1.91 1.33
CA VAL H 978 9.19 2.74 0.69
C VAL H 978 9.61 4.21 0.72
N GLN H 979 10.14 4.67 1.85
CA GLN H 979 10.55 6.05 1.96
C GLN H 979 11.65 6.38 0.94
N ILE H 980 12.62 5.48 0.79
CA ILE H 980 13.67 5.71 -0.21
C ILE H 980 13.08 5.70 -1.61
N ASP H 981 12.20 4.74 -1.89
CA ASP H 981 11.60 4.65 -3.21
C ASP H 981 10.80 5.88 -3.56
N ARG H 982 10.29 6.59 -2.55
CA ARG H 982 9.59 7.83 -2.81
C ARG H 982 10.52 8.88 -3.42
N LEU H 983 11.71 9.05 -2.84
CA LEU H 983 12.65 10.05 -3.35
C LEU H 983 13.24 9.64 -4.69
N ILE H 984 13.46 8.33 -4.89
CA ILE H 984 14.12 7.88 -6.11
C ILE H 984 13.33 8.33 -7.33
N THR H 985 12.01 8.13 -7.31
CA THR H 985 11.19 8.47 -8.47
C THR H 985 11.26 9.96 -8.79
N GLY H 986 11.15 10.80 -7.76
CA GLY H 986 11.18 12.24 -7.99
C GLY H 986 12.50 12.72 -8.56
N ARG H 987 13.60 12.27 -7.97
CA ARG H 987 14.91 12.69 -8.47
C ARG H 987 15.12 12.21 -9.90
N LEU H 988 14.72 10.97 -10.19
CA LEU H 988 14.86 10.45 -11.54
C LEU H 988 14.06 11.28 -12.53
N GLN H 989 12.83 11.65 -12.17
CA GLN H 989 12.00 12.45 -13.06
C GLN H 989 12.62 13.80 -13.33
N SER H 990 13.15 14.45 -12.29
CA SER H 990 13.80 15.74 -12.48
C SER H 990 14.98 15.62 -13.42
N LEU H 991 15.80 14.59 -13.24
CA LEU H 991 16.93 14.39 -14.15
C LEU H 991 16.46 14.20 -15.58
N GLN H 992 15.39 13.42 -15.77
CA GLN H 992 14.88 13.17 -17.12
C GLN H 992 14.46 14.46 -17.80
N THR H 993 13.70 15.29 -17.08
CA THR H 993 13.22 16.52 -17.72
C THR H 993 14.39 17.46 -18.02
N TYR H 994 15.40 17.51 -17.16
CA TYR H 994 16.58 18.32 -17.47
C TYR H 994 17.25 17.85 -18.75
N VAL H 995 17.41 16.54 -18.90
CA VAL H 995 18.08 16.01 -20.08
C VAL H 995 17.30 16.36 -21.35
N THR H 996 15.97 16.24 -21.29
CA THR H 996 15.16 16.57 -22.46
C THR H 996 15.32 18.04 -22.85
N GLN H 997 15.27 18.94 -21.87
CA GLN H 997 15.46 20.35 -22.17
C GLN H 997 16.81 20.58 -22.82
N GLN H 998 17.86 19.93 -22.30
CA GLN H 998 19.18 20.12 -22.88
C GLN H 998 19.24 19.63 -24.32
N LEU H 999 18.57 18.51 -24.62
CA LEU H 999 18.56 18.02 -26.00
C LEU H 999 17.95 19.04 -26.95
N ILE H 1000 16.79 19.59 -26.57
CA ILE H 1000 16.14 20.54 -27.47
C ILE H 1000 17.01 21.78 -27.68
N ARG H 1001 17.59 22.30 -26.59
CA ARG H 1001 18.45 23.48 -26.73
C ARG H 1001 19.65 23.17 -27.60
N ALA H 1002 20.20 21.97 -27.48
CA ALA H 1002 21.34 21.59 -28.33
C ALA H 1002 20.96 21.59 -29.79
N ALA H 1003 19.74 21.11 -30.10
CA ALA H 1003 19.30 21.14 -31.49
C ALA H 1003 19.25 22.57 -32.02
N GLU H 1004 18.70 23.49 -31.22
CA GLU H 1004 18.63 24.88 -31.68
C GLU H 1004 20.02 25.46 -31.91
N ILE H 1005 20.94 25.21 -30.98
CA ILE H 1005 22.29 25.75 -31.13
C ILE H 1005 22.97 25.17 -32.36
N ARG H 1006 22.73 23.89 -32.65
CA ARG H 1006 23.31 23.31 -33.86
C ARG H 1006 22.78 23.99 -35.11
N ALA H 1007 21.49 24.32 -35.13
CA ALA H 1007 20.94 25.06 -36.26
C ALA H 1007 21.68 26.38 -36.44
N SER H 1008 21.87 27.12 -35.34
CA SER H 1008 22.58 28.39 -35.43
C SER H 1008 24.01 28.20 -35.92
N ALA H 1009 24.68 27.15 -35.45
CA ALA H 1009 26.06 26.91 -35.86
C ALA H 1009 26.15 26.62 -37.35
N ASN H 1010 25.19 25.84 -37.87
CA ASN H 1010 25.20 25.57 -39.30
C ASN H 1010 24.97 26.84 -40.11
N LEU H 1011 24.06 27.71 -39.64
CA LEU H 1011 23.87 28.98 -40.33
C LEU H 1011 25.15 29.80 -40.33
N ALA H 1012 25.85 29.85 -39.19
CA ALA H 1012 27.08 30.61 -39.13
C ALA H 1012 28.13 30.05 -40.06
N ALA H 1013 28.23 28.73 -40.15
CA ALA H 1013 29.18 28.11 -41.07
C ALA H 1013 28.88 28.49 -42.50
N THR H 1014 27.60 28.44 -42.89
CA THR H 1014 27.25 28.82 -44.26
C THR H 1014 27.58 30.28 -44.53
N LYS H 1015 27.28 31.16 -43.58
CA LYS H 1015 27.59 32.58 -43.78
C LYS H 1015 29.09 32.79 -43.93
N MET H 1016 29.88 32.12 -43.10
CA MET H 1016 31.33 32.26 -43.20
C MET H 1016 31.83 31.78 -44.55
N SER H 1017 31.29 30.66 -45.03
CA SER H 1017 31.78 30.12 -46.29
C SER H 1017 31.36 30.98 -47.48
N GLU H 1018 30.16 31.54 -47.44
CA GLU H 1018 29.65 32.25 -48.61
C GLU H 1018 30.02 33.71 -48.66
N CYS H 1019 30.19 34.37 -47.52
CA CYS H 1019 30.41 35.81 -47.51
C CYS H 1019 31.86 36.21 -47.28
N VAL H 1020 32.58 35.53 -46.38
CA VAL H 1020 33.99 35.86 -46.18
C VAL H 1020 34.83 35.39 -47.35
N LEU H 1021 34.62 34.16 -47.80
CA LEU H 1021 35.47 33.54 -48.81
C LEU H 1021 35.08 33.93 -50.23
N GLY H 1022 34.08 34.79 -50.41
CA GLY H 1022 33.71 35.22 -51.74
C GLY H 1022 32.60 36.24 -51.68
N GLN H 1023 32.44 36.96 -52.77
CA GLN H 1023 31.36 37.93 -52.88
C GLN H 1023 30.03 37.20 -52.99
N SER H 1024 28.96 37.85 -52.55
CA SER H 1024 27.63 37.25 -52.57
C SER H 1024 26.67 38.12 -53.35
N LYS H 1025 25.63 37.48 -53.90
CA LYS H 1025 24.59 38.17 -54.64
C LYS H 1025 23.20 37.88 -54.08
N ARG H 1026 23.11 37.28 -52.89
CA ARG H 1026 21.84 37.04 -52.25
C ARG H 1026 21.47 38.26 -51.42
N VAL H 1027 20.27 38.79 -51.65
CA VAL H 1027 19.88 40.06 -51.05
C VAL H 1027 19.68 39.91 -49.56
N ASP H 1028 20.28 40.82 -48.79
CA ASP H 1028 20.18 40.87 -47.34
C ASP H 1028 20.60 39.56 -46.66
N PHE H 1029 21.39 38.74 -47.33
CA PHE H 1029 22.01 37.62 -46.63
C PHE H 1029 23.15 38.09 -45.76
N CYS H 1030 23.99 38.98 -46.30
CA CYS H 1030 25.06 39.61 -45.54
C CYS H 1030 24.96 41.12 -45.74
N GLY H 1031 24.77 41.86 -44.65
CA GLY H 1031 24.70 43.30 -44.73
C GLY H 1031 23.32 43.80 -45.11
N LYS H 1032 23.25 45.11 -45.33
CA LYS H 1032 22.02 45.77 -45.75
C LYS H 1032 22.37 46.65 -46.95
N GLY H 1033 22.23 46.11 -48.15
CA GLY H 1033 22.57 46.80 -49.36
C GLY H 1033 23.41 45.92 -50.24
N TYR H 1034 24.06 46.53 -51.23
CA TYR H 1034 24.99 45.79 -52.07
C TYR H 1034 26.20 45.37 -51.25
N HIS H 1035 26.73 44.19 -51.56
CA HIS H 1035 27.73 43.56 -50.72
C HIS H 1035 29.12 43.67 -51.34
N LEU H 1036 30.12 43.90 -50.50
CA LEU H 1036 31.50 44.01 -50.95
C LEU H 1036 32.43 42.96 -50.35
N MET H 1037 32.45 42.81 -49.02
CA MET H 1037 33.20 41.73 -48.38
C MET H 1037 32.82 41.68 -46.92
N SER H 1038 33.46 40.79 -46.17
CA SER H 1038 33.17 40.62 -44.76
C SER H 1038 34.44 40.23 -44.03
N PHE H 1039 34.45 40.49 -42.73
CA PHE H 1039 35.58 40.14 -41.87
C PHE H 1039 35.05 39.44 -40.62
N PRO H 1040 35.66 38.34 -40.20
CA PRO H 1040 35.21 37.65 -39.00
C PRO H 1040 35.98 38.09 -37.76
N GLN H 1041 35.35 37.85 -36.60
CA GLN H 1041 35.96 38.13 -35.32
C GLN H 1041 35.47 37.09 -34.33
N SER H 1042 36.36 36.67 -33.43
CA SER H 1042 36.01 35.66 -32.45
C SER H 1042 35.20 36.27 -31.31
N ALA H 1043 34.71 35.40 -30.43
CA ALA H 1043 33.88 35.80 -29.31
C ALA H 1043 33.86 34.66 -28.31
N PRO H 1044 33.41 34.92 -27.06
CA PRO H 1044 33.37 33.85 -26.05
C PRO H 1044 32.79 32.53 -26.54
N HIS H 1045 31.57 32.54 -27.03
CA HIS H 1045 30.93 31.33 -27.53
C HIS H 1045 30.23 31.59 -28.85
N GLY H 1046 30.87 32.37 -29.72
CA GLY H 1046 30.23 32.72 -30.96
C GLY H 1046 31.18 33.41 -31.89
N VAL H 1047 30.61 34.01 -32.93
CA VAL H 1047 31.38 34.69 -33.96
C VAL H 1047 30.66 35.98 -34.34
N VAL H 1048 31.43 37.02 -34.63
CA VAL H 1048 30.89 38.33 -34.99
C VAL H 1048 31.40 38.69 -36.37
N PHE H 1049 30.49 38.99 -37.27
CA PHE H 1049 30.81 39.35 -38.64
C PHE H 1049 30.73 40.86 -38.82
N LEU H 1050 31.63 41.41 -39.63
CA LEU H 1050 31.58 42.80 -40.05
C LEU H 1050 31.40 42.81 -41.57
N HIS H 1051 30.23 43.23 -42.04
CA HIS H 1051 29.90 43.26 -43.46
C HIS H 1051 30.14 44.66 -43.99
N VAL H 1052 30.87 44.77 -45.10
CA VAL H 1052 31.07 46.03 -45.79
C VAL H 1052 30.05 46.12 -46.92
N THR H 1053 29.34 47.23 -47.01
CA THR H 1053 28.27 47.37 -47.98
C THR H 1053 28.35 48.73 -48.65
N TYR H 1054 27.85 48.80 -49.88
CA TYR H 1054 27.86 50.00 -50.71
C TYR H 1054 26.43 50.46 -50.89
N VAL H 1055 26.14 51.70 -50.51
CA VAL H 1055 24.78 52.22 -50.49
C VAL H 1055 24.72 53.53 -51.26
N PRO H 1056 23.88 53.65 -52.29
CA PRO H 1056 23.81 54.90 -53.04
C PRO H 1056 23.06 55.99 -52.29
N ALA H 1057 23.29 57.23 -52.73
CA ALA H 1057 22.68 58.40 -52.12
C ALA H 1057 22.88 59.59 -53.04
N GLN H 1058 22.14 60.67 -52.75
CA GLN H 1058 22.11 61.89 -53.56
C GLN H 1058 21.63 61.61 -54.98
N GLU H 1059 20.37 61.20 -55.06
CA GLU H 1059 19.77 60.88 -56.34
C GLU H 1059 19.19 62.13 -57.01
N LYS H 1060 18.91 62.00 -58.30
CA LYS H 1060 18.45 63.12 -59.11
C LYS H 1060 17.46 62.64 -60.15
N ASN H 1061 16.49 63.49 -60.49
CA ASN H 1061 15.49 63.18 -61.49
C ASN H 1061 16.05 63.25 -62.90
N PHE H 1062 15.46 62.47 -63.80
CA PHE H 1062 15.72 62.57 -65.23
C PHE H 1062 14.51 62.03 -65.97
N THR H 1063 14.42 62.33 -67.27
CA THR H 1063 13.34 61.81 -68.10
C THR H 1063 13.92 60.85 -69.12
N THR H 1064 13.35 59.65 -69.20
CA THR H 1064 13.93 58.56 -69.99
C THR H 1064 13.11 58.31 -71.23
N ALA H 1065 13.50 57.27 -71.94
CA ALA H 1065 12.80 56.77 -73.12
C ALA H 1065 13.31 55.37 -73.40
N PRO H 1066 12.45 54.46 -73.86
CA PRO H 1066 12.91 53.08 -74.08
C PRO H 1066 14.00 52.97 -75.13
N ALA H 1067 13.85 53.61 -76.28
CA ALA H 1067 14.86 53.49 -77.32
C ALA H 1067 14.78 54.68 -78.25
N ILE H 1068 15.88 54.93 -78.97
CA ILE H 1068 15.95 56.05 -79.90
C ILE H 1068 15.56 55.56 -81.29
N CYS H 1069 15.07 56.46 -82.13
CA CYS H 1069 14.86 56.16 -83.54
C CYS H 1069 15.67 57.14 -84.36
N HIS H 1070 16.66 56.64 -85.07
CA HIS H 1070 17.49 57.44 -85.96
C HIS H 1070 17.58 56.74 -87.30
N ASP H 1071 17.50 57.51 -88.38
CA ASP H 1071 17.55 56.99 -89.74
C ASP H 1071 16.47 55.95 -89.99
N GLY H 1072 15.39 55.98 -89.22
CA GLY H 1072 14.32 55.01 -89.35
C GLY H 1072 14.54 53.72 -88.60
N LYS H 1073 15.70 53.54 -87.98
CA LYS H 1073 16.01 52.32 -87.24
C LYS H 1073 16.06 52.61 -85.75
N ALA H 1074 15.68 51.62 -84.95
CA ALA H 1074 15.60 51.77 -83.51
C ALA H 1074 16.90 51.32 -82.87
N HIS H 1075 17.47 52.18 -82.04
CA HIS H 1075 18.70 51.89 -81.30
C HIS H 1075 18.35 51.73 -79.83
N PHE H 1076 18.80 50.62 -79.25
CA PHE H 1076 18.65 50.26 -77.85
C PHE H 1076 20.00 50.36 -77.13
N PRO H 1077 20.01 50.68 -75.85
CA PRO H 1077 21.29 50.81 -75.14
C PRO H 1077 21.92 49.45 -74.93
N ARG H 1078 23.24 49.45 -74.78
CA ARG H 1078 23.95 48.18 -74.61
C ARG H 1078 23.93 47.73 -73.16
N GLU H 1079 24.47 48.55 -72.25
CA GLU H 1079 24.48 48.22 -70.83
C GLU H 1079 24.13 49.44 -69.99
N GLY H 1080 23.11 50.19 -70.39
CA GLY H 1080 22.78 51.40 -69.66
C GLY H 1080 21.37 51.84 -69.96
N VAL H 1081 21.08 53.08 -69.54
CA VAL H 1081 19.78 53.69 -69.74
C VAL H 1081 19.96 55.06 -70.37
N PHE H 1082 18.91 55.52 -71.04
CA PHE H 1082 18.87 56.83 -71.66
C PHE H 1082 18.30 57.85 -70.69
N VAL H 1083 18.92 59.02 -70.64
CA VAL H 1083 18.47 60.10 -69.79
C VAL H 1083 18.56 61.41 -70.56
N SER H 1084 17.99 62.45 -69.97
CA SER H 1084 17.94 63.77 -70.60
C SER H 1084 17.77 64.82 -69.52
N ASN H 1085 18.74 65.72 -69.41
CA ASN H 1085 18.61 66.78 -68.41
C ASN H 1085 17.53 67.79 -68.78
N GLY H 1086 17.03 67.76 -70.01
CA GLY H 1086 16.00 68.68 -70.44
C GLY H 1086 16.24 69.20 -71.83
N THR H 1087 17.50 69.11 -72.29
CA THR H 1087 17.87 69.59 -73.62
C THR H 1087 18.40 68.50 -74.52
N HIS H 1088 19.35 67.70 -74.06
CA HIS H 1088 19.99 66.67 -74.88
C HIS H 1088 19.70 65.30 -74.29
N TRP H 1089 20.20 64.26 -74.96
CA TRP H 1089 20.03 62.89 -74.51
C TRP H 1089 21.40 62.23 -74.32
N PHE H 1090 21.51 61.44 -73.27
CA PHE H 1090 22.77 60.81 -72.90
C PHE H 1090 22.52 59.36 -72.50
N VAL H 1091 23.59 58.58 -72.50
CA VAL H 1091 23.57 57.19 -72.04
C VAL H 1091 24.38 57.11 -70.76
N THR H 1092 23.79 56.54 -69.72
CA THR H 1092 24.44 56.42 -68.43
C THR H 1092 24.26 55.03 -67.86
N GLN H 1093 25.18 54.64 -66.98
CA GLN H 1093 25.06 53.35 -66.32
C GLN H 1093 23.99 53.40 -65.24
N ARG H 1094 23.55 52.21 -64.82
CA ARG H 1094 22.37 52.11 -63.96
C ARG H 1094 22.59 52.74 -62.60
N ASN H 1095 23.74 52.49 -61.98
CA ASN H 1095 23.94 52.79 -60.56
C ASN H 1095 24.79 54.02 -60.32
N PHE H 1096 25.16 54.75 -61.36
CA PHE H 1096 25.97 55.94 -61.20
C PHE H 1096 25.66 56.88 -62.35
N TYR H 1097 25.99 58.14 -62.18
CA TYR H 1097 25.68 59.16 -63.18
C TYR H 1097 26.97 59.59 -63.86
N GLU H 1098 27.26 59.00 -65.01
CA GLU H 1098 28.35 59.42 -65.89
C GLU H 1098 27.80 59.57 -67.29
N PRO H 1099 27.21 60.73 -67.60
CA PRO H 1099 26.62 60.91 -68.93
C PRO H 1099 27.67 60.81 -70.03
N GLN H 1100 27.25 60.26 -71.17
CA GLN H 1100 28.14 60.08 -72.29
C GLN H 1100 27.38 60.30 -73.58
N ILE H 1101 28.12 60.62 -74.64
CA ILE H 1101 27.51 60.85 -75.94
C ILE H 1101 27.04 59.53 -76.53
N ILE H 1102 25.86 59.54 -77.14
CA ILE H 1102 25.30 58.32 -77.71
C ILE H 1102 25.97 58.03 -79.05
N THR H 1103 27.01 57.22 -79.02
CA THR H 1103 27.71 56.80 -80.23
C THR H 1103 27.05 55.54 -80.76
N THR H 1104 27.69 54.90 -81.73
CA THR H 1104 27.16 53.68 -82.31
C THR H 1104 27.87 52.42 -81.83
N ASP H 1105 28.82 52.54 -80.90
CA ASP H 1105 29.49 51.38 -80.35
C ASP H 1105 29.04 51.06 -78.93
N ASN H 1106 28.20 51.88 -78.32
CA ASN H 1106 27.58 51.55 -77.04
C ASN H 1106 26.06 51.43 -77.16
N THR H 1107 25.57 51.04 -78.33
CA THR H 1107 24.16 50.80 -78.56
C THR H 1107 24.01 49.90 -79.78
N PHE H 1108 22.90 49.19 -79.86
CA PHE H 1108 22.68 48.24 -80.94
C PHE H 1108 21.32 48.42 -81.58
N VAL H 1109 21.23 48.07 -82.86
CA VAL H 1109 20.06 48.32 -83.68
C VAL H 1109 19.23 47.06 -83.76
N SER H 1110 17.90 47.22 -83.85
CA SER H 1110 17.00 46.07 -83.99
C SER H 1110 15.70 46.55 -84.62
N GLY H 1111 15.53 46.30 -85.91
CA GLY H 1111 14.28 46.59 -86.58
C GLY H 1111 14.04 48.09 -86.76
N ASN H 1112 12.82 48.41 -87.18
CA ASN H 1112 12.38 49.79 -87.34
C ASN H 1112 11.66 50.27 -86.09
N CYS H 1113 11.32 51.55 -86.07
CA CYS H 1113 10.84 52.20 -84.86
C CYS H 1113 9.34 52.42 -84.86
N ASP H 1114 8.55 51.44 -85.32
CA ASP H 1114 7.11 51.52 -85.25
C ASP H 1114 6.51 50.71 -84.10
N VAL H 1115 7.06 49.54 -83.81
CA VAL H 1115 6.44 48.64 -82.84
C VAL H 1115 6.56 49.18 -81.43
N VAL H 1116 7.72 49.77 -81.09
CA VAL H 1116 7.97 50.21 -79.73
C VAL H 1116 7.13 51.45 -79.43
N ILE H 1117 6.64 51.55 -78.20
CA ILE H 1117 5.90 52.72 -77.75
C ILE H 1117 6.80 53.53 -76.83
N GLY H 1118 6.84 54.84 -77.04
CA GLY H 1118 7.70 55.71 -76.28
C GLY H 1118 9.00 56.08 -76.98
N ILE H 1119 9.15 55.74 -78.25
CA ILE H 1119 10.37 56.07 -78.97
C ILE H 1119 10.49 57.59 -79.12
N VAL H 1120 11.69 58.10 -78.91
CA VAL H 1120 11.97 59.51 -79.10
C VAL H 1120 12.86 59.67 -80.34
N ASN H 1121 13.08 60.92 -80.72
CA ASN H 1121 13.89 61.26 -81.89
C ASN H 1121 15.19 61.89 -81.44
N ASN H 1122 16.30 61.43 -82.02
CA ASN H 1122 17.60 62.03 -81.77
C ASN H 1122 18.57 61.45 -82.80
N THR H 1123 19.78 61.97 -82.81
CA THR H 1123 20.80 61.55 -83.75
C THR H 1123 21.90 60.79 -83.02
N VAL H 1124 22.31 59.65 -83.57
CA VAL H 1124 23.36 58.83 -82.99
C VAL H 1124 24.65 59.13 -83.75
N TYR H 1125 25.57 59.80 -83.06
CA TYR H 1125 26.84 60.17 -83.68
C TYR H 1125 27.64 58.92 -83.99
N ASP H 1126 28.29 58.92 -85.16
CA ASP H 1126 29.10 57.79 -85.59
C ASP H 1126 30.56 58.18 -85.62
N PRO H 1127 31.46 57.39 -85.03
CA PRO H 1127 32.85 57.87 -84.90
C PRO H 1127 33.65 57.80 -86.18
N LEU H 1128 33.33 56.87 -87.08
CA LEU H 1128 34.16 56.67 -88.27
C LEU H 1128 34.00 57.78 -89.30
N GLN H 1129 32.89 58.51 -89.26
CA GLN H 1129 32.62 59.50 -90.31
C GLN H 1129 33.62 60.64 -90.34
N PRO H 1130 33.99 61.29 -89.23
CA PRO H 1130 35.01 62.34 -89.31
C PRO H 1130 36.34 61.85 -89.84
N GLU H 1131 36.77 60.66 -89.44
CA GLU H 1131 38.03 60.12 -89.96
C GLU H 1131 37.93 59.84 -91.45
N LEU H 1132 36.80 59.29 -91.90
CA LEU H 1132 36.62 59.04 -93.32
C LEU H 1132 36.63 60.35 -94.11
N ASP H 1133 35.99 61.38 -93.58
CA ASP H 1133 36.03 62.68 -94.25
C ASP H 1133 37.44 63.23 -94.29
N SER H 1134 38.20 63.03 -93.22
CA SER H 1134 39.58 63.52 -93.19
C SER H 1134 40.45 62.81 -94.22
N PHE H 1135 40.32 61.50 -94.37
CA PHE H 1135 41.21 60.73 -95.23
C PHE H 1135 40.58 60.24 -96.52
N LYS H 1136 39.29 59.89 -96.50
CA LYS H 1136 38.59 59.40 -97.69
C LYS H 1136 39.26 58.14 -98.25
N GLN I 1 -63.08 -16.70 -14.92
CA GLN I 1 -62.56 -17.98 -15.34
C GLN I 1 -62.08 -17.95 -16.79
N CYS I 2 -60.94 -18.59 -17.05
CA CYS I 2 -60.33 -18.64 -18.37
C CYS I 2 -60.51 -20.02 -18.97
N VAL I 3 -60.97 -20.07 -20.22
CA VAL I 3 -61.18 -21.32 -20.93
C VAL I 3 -60.07 -21.49 -21.95
N ASN I 4 -59.81 -22.75 -22.31
CA ASN I 4 -58.79 -23.06 -23.31
C ASN I 4 -59.30 -22.65 -24.69
N LEU I 5 -58.95 -21.45 -25.14
CA LEU I 5 -59.40 -20.98 -26.44
C LEU I 5 -58.80 -21.85 -27.54
N THR I 6 -59.66 -22.51 -28.30
CA THR I 6 -59.26 -23.48 -29.30
C THR I 6 -59.37 -22.86 -30.70
N THR I 7 -59.23 -23.70 -31.73
CA THR I 7 -59.34 -23.30 -33.14
C THR I 7 -58.26 -22.29 -33.52
N ARG I 8 -57.01 -22.65 -33.25
CA ARG I 8 -55.85 -21.87 -33.64
C ARG I 8 -54.91 -22.80 -34.42
N THR I 9 -55.04 -22.79 -35.74
CA THR I 9 -54.21 -23.66 -36.57
C THR I 9 -52.75 -23.24 -36.51
N GLN I 10 -51.87 -24.24 -36.50
CA GLN I 10 -50.44 -23.98 -36.35
C GLN I 10 -49.88 -23.23 -37.56
N LEU I 11 -48.82 -22.48 -37.32
CA LEU I 11 -48.12 -21.72 -38.35
C LEU I 11 -46.72 -21.37 -37.87
N PRO I 12 -45.67 -21.71 -38.63
CA PRO I 12 -44.32 -21.39 -38.18
C PRO I 12 -44.09 -19.89 -38.15
N PRO I 13 -43.25 -19.40 -37.24
CA PRO I 13 -43.02 -17.96 -37.16
C PRO I 13 -42.29 -17.44 -38.40
N ALA I 14 -42.58 -16.19 -38.73
CA ALA I 14 -41.97 -15.53 -39.87
C ALA I 14 -40.76 -14.73 -39.42
N TYR I 15 -40.21 -13.90 -40.32
CA TYR I 15 -39.08 -13.04 -39.99
C TYR I 15 -39.14 -11.80 -40.85
N THR I 16 -38.56 -10.72 -40.36
CA THR I 16 -38.39 -9.52 -41.18
C THR I 16 -37.18 -8.75 -40.68
N ASN I 17 -36.81 -7.71 -41.43
CA ASN I 17 -35.57 -6.98 -41.21
C ASN I 17 -35.86 -5.56 -40.78
N SER I 18 -35.22 -5.14 -39.69
CA SER I 18 -35.39 -3.78 -39.18
C SER I 18 -34.40 -2.85 -39.86
N PHE I 19 -34.89 -1.68 -40.29
CA PHE I 19 -34.11 -0.75 -41.09
C PHE I 19 -33.84 0.49 -40.24
N THR I 20 -32.80 0.43 -39.41
CA THR I 20 -32.38 1.55 -38.56
C THR I 20 -33.55 2.08 -37.73
N ARG I 21 -34.05 1.23 -36.84
CA ARG I 21 -35.11 1.60 -35.93
C ARG I 21 -34.75 1.15 -34.52
N GLY I 22 -35.30 1.84 -33.53
CA GLY I 22 -35.04 1.49 -32.16
C GLY I 22 -33.90 2.26 -31.54
N VAL I 23 -33.90 3.58 -31.74
CA VAL I 23 -32.92 4.47 -31.16
C VAL I 23 -33.62 5.34 -30.13
N TYR I 24 -33.11 5.35 -28.90
CA TYR I 24 -33.75 6.03 -27.80
C TYR I 24 -32.72 6.89 -27.07
N TYR I 25 -33.15 8.09 -26.68
CA TYR I 25 -32.30 9.01 -25.93
C TYR I 25 -31.79 8.31 -24.67
N PRO I 26 -30.48 8.04 -24.58
CA PRO I 26 -29.97 7.29 -23.43
C PRO I 26 -30.23 7.96 -22.09
N ASP I 27 -30.22 9.29 -22.02
CA ASP I 27 -30.44 9.99 -20.77
C ASP I 27 -31.03 11.36 -21.06
N LYS I 28 -31.07 12.21 -20.03
CA LYS I 28 -31.67 13.53 -20.13
C LYS I 28 -30.55 14.58 -20.19
N VAL I 29 -30.03 14.80 -21.39
CA VAL I 29 -28.99 15.78 -21.63
C VAL I 29 -29.27 16.47 -22.95
N PHE I 30 -29.09 17.79 -22.98
CA PHE I 30 -29.28 18.58 -24.18
C PHE I 30 -27.94 18.82 -24.84
N ARG I 31 -27.81 18.37 -26.09
CA ARG I 31 -26.62 18.65 -26.89
C ARG I 31 -27.07 19.24 -28.22
N SER I 32 -26.35 20.24 -28.69
CA SER I 32 -26.74 20.98 -29.88
C SER I 32 -25.65 20.90 -30.94
N SER I 33 -26.01 20.39 -32.11
CA SER I 33 -25.14 20.41 -33.29
C SER I 33 -23.79 19.75 -33.01
N VAL I 34 -23.81 18.63 -32.30
CA VAL I 34 -22.61 17.85 -32.05
C VAL I 34 -22.90 16.39 -32.34
N LEU I 35 -21.83 15.63 -32.54
CA LEU I 35 -21.91 14.19 -32.76
C LEU I 35 -21.33 13.49 -31.54
N HIS I 36 -22.12 12.63 -30.92
CA HIS I 36 -21.71 11.97 -29.68
C HIS I 36 -21.52 10.49 -29.91
N SER I 37 -20.81 9.85 -28.99
CA SER I 37 -20.55 8.42 -29.04
C SER I 37 -20.99 7.78 -27.74
N THR I 38 -21.85 6.77 -27.82
CA THR I 38 -22.38 6.12 -26.64
C THR I 38 -22.18 4.62 -26.73
N GLN I 39 -22.13 3.97 -25.57
CA GLN I 39 -21.91 2.52 -25.46
C GLN I 39 -22.95 1.97 -24.49
N ASP I 40 -24.00 1.35 -25.02
CA ASP I 40 -25.09 0.91 -24.16
C ASP I 40 -25.92 -0.13 -24.92
N LEU I 41 -27.08 -0.47 -24.38
CA LEU I 41 -27.94 -1.50 -24.94
C LEU I 41 -28.75 -0.91 -26.09
N PHE I 42 -28.71 -1.58 -27.25
CA PHE I 42 -29.39 -1.08 -28.44
C PHE I 42 -29.78 -2.26 -29.32
N LEU I 43 -30.73 -2.00 -30.22
CA LEU I 43 -31.10 -2.96 -31.24
C LEU I 43 -30.16 -2.81 -32.43
N PRO I 44 -29.40 -3.84 -32.80
CA PRO I 44 -28.45 -3.71 -33.91
C PRO I 44 -29.17 -3.37 -35.21
N PHE I 45 -28.50 -2.55 -36.03
CA PHE I 45 -29.07 -2.20 -37.33
C PHE I 45 -29.13 -3.43 -38.21
N PHE I 46 -30.13 -3.45 -39.08
CA PHE I 46 -30.34 -4.55 -40.04
C PHE I 46 -30.36 -5.89 -39.32
N SER I 47 -31.36 -6.05 -38.45
CA SER I 47 -31.49 -7.24 -37.63
C SER I 47 -32.82 -7.93 -37.92
N ASN I 48 -32.87 -9.21 -37.55
CA ASN I 48 -34.05 -10.04 -37.78
C ASN I 48 -34.98 -9.94 -36.59
N VAL I 49 -36.26 -9.68 -36.86
CA VAL I 49 -37.28 -9.61 -35.83
C VAL I 49 -38.45 -10.50 -36.23
N THR I 50 -39.04 -11.16 -35.24
CA THR I 50 -40.14 -12.09 -35.42
C THR I 50 -41.43 -11.32 -35.71
N TRP I 51 -42.38 -12.00 -36.35
CA TRP I 51 -43.58 -11.38 -36.90
C TRP I 51 -44.83 -12.14 -36.48
N PHE I 52 -45.01 -12.33 -35.17
CA PHE I 52 -46.30 -12.83 -34.71
C PHE I 52 -47.39 -11.88 -35.16
N HIS I 53 -48.51 -12.44 -35.62
CA HIS I 53 -49.65 -11.61 -35.98
C HIS I 53 -50.91 -12.45 -35.91
N ALA I 54 -52.05 -11.77 -35.84
CA ALA I 54 -53.35 -12.42 -35.73
C ALA I 54 -54.29 -11.87 -36.79
N ILE I 55 -54.90 -12.78 -37.55
CA ILE I 55 -55.88 -12.42 -38.57
C ILE I 55 -56.82 -13.60 -38.76
N HIS I 56 -58.08 -13.29 -39.06
CA HIS I 56 -59.13 -14.31 -39.04
C HIS I 56 -59.05 -15.27 -40.24
N VAL I 57 -58.38 -14.87 -41.31
CA VAL I 57 -58.24 -15.70 -42.51
C VAL I 57 -59.61 -16.08 -43.06
N THR I 63 -58.47 -21.30 -39.68
CA THR I 63 -57.29 -21.05 -38.88
C THR I 63 -57.54 -19.95 -37.86
N LYS I 64 -57.75 -18.74 -38.37
CA LYS I 64 -58.09 -17.55 -37.59
C LYS I 64 -56.88 -17.05 -36.81
N ARG I 65 -55.82 -17.86 -36.77
CA ARG I 65 -54.46 -17.46 -36.38
C ARG I 65 -54.46 -16.48 -35.20
N PHE I 66 -55.05 -16.90 -34.09
CA PHE I 66 -54.93 -16.12 -32.86
C PHE I 66 -53.62 -16.46 -32.18
N ASP I 67 -52.72 -15.48 -32.12
CA ASP I 67 -51.37 -15.69 -31.61
C ASP I 67 -51.12 -14.76 -30.43
N ASN I 68 -50.63 -15.31 -29.33
CA ASN I 68 -50.19 -14.55 -28.17
C ASN I 68 -49.21 -15.40 -27.37
N PRO I 69 -48.05 -15.73 -27.92
CA PRO I 69 -47.16 -16.67 -27.23
C PRO I 69 -46.46 -16.05 -26.02
N VAL I 70 -45.53 -16.80 -25.44
CA VAL I 70 -44.76 -16.37 -24.29
C VAL I 70 -43.29 -16.34 -24.70
N LEU I 71 -42.60 -15.26 -24.39
CA LEU I 71 -41.28 -15.00 -24.94
C LEU I 71 -40.26 -14.79 -23.83
N PRO I 72 -38.99 -15.04 -24.12
CA PRO I 72 -37.95 -14.82 -23.11
C PRO I 72 -37.46 -13.38 -23.10
N PHE I 73 -37.26 -12.85 -21.90
CA PHE I 73 -36.76 -11.50 -21.67
C PHE I 73 -35.29 -11.62 -21.31
N ASN I 74 -34.44 -11.71 -22.34
CA ASN I 74 -33.03 -11.96 -22.11
C ASN I 74 -32.38 -10.82 -21.34
N ASP I 75 -32.23 -9.67 -21.98
CA ASP I 75 -31.66 -8.49 -21.36
C ASP I 75 -32.58 -7.28 -21.43
N GLY I 76 -33.09 -6.97 -22.62
CA GLY I 76 -34.07 -5.92 -22.81
C GLY I 76 -34.84 -6.24 -24.06
N VAL I 77 -35.97 -5.57 -24.25
CA VAL I 77 -36.84 -5.97 -25.35
C VAL I 77 -37.30 -4.75 -26.14
N TYR I 78 -37.72 -5.02 -27.37
CA TYR I 78 -38.25 -4.02 -28.29
C TYR I 78 -39.57 -4.54 -28.84
N PHE I 79 -40.58 -3.67 -28.87
CA PHE I 79 -41.93 -4.03 -29.28
C PHE I 79 -42.41 -3.00 -30.29
N ALA I 80 -43.05 -3.45 -31.36
CA ALA I 80 -43.54 -2.53 -32.38
C ALA I 80 -44.88 -3.02 -32.91
N SER I 81 -45.96 -2.32 -32.56
CA SER I 81 -47.29 -2.72 -32.96
C SER I 81 -47.79 -1.82 -34.09
N THR I 82 -48.22 -2.42 -35.18
CA THR I 82 -48.83 -1.69 -36.29
C THR I 82 -50.30 -2.09 -36.37
N GLU I 83 -51.18 -1.11 -36.19
CA GLU I 83 -52.62 -1.39 -36.21
C GLU I 83 -53.37 -0.08 -36.41
N LYS I 84 -54.68 -0.22 -36.61
CA LYS I 84 -55.59 0.90 -36.71
C LYS I 84 -56.84 0.74 -35.85
N SER I 85 -57.20 -0.47 -35.45
CA SER I 85 -58.45 -0.73 -34.75
C SER I 85 -58.27 -0.82 -33.24
N ASN I 86 -57.10 -0.46 -32.72
CA ASN I 86 -56.83 -0.45 -31.28
C ASN I 86 -57.13 -1.82 -30.65
N ILE I 87 -56.37 -2.82 -31.09
CA ILE I 87 -56.54 -4.18 -30.60
C ILE I 87 -55.50 -4.58 -29.56
N ILE I 88 -54.30 -4.00 -29.61
CA ILE I 88 -53.28 -4.33 -28.63
C ILE I 88 -53.71 -3.81 -27.25
N ARG I 89 -53.17 -4.46 -26.21
CA ARG I 89 -53.60 -4.20 -24.84
C ARG I 89 -52.39 -4.30 -23.91
N GLY I 90 -52.67 -4.45 -22.63
CA GLY I 90 -51.63 -4.49 -21.62
C GLY I 90 -50.70 -5.68 -21.77
N TRP I 91 -49.64 -5.64 -20.97
CA TRP I 91 -48.44 -6.46 -21.12
C TRP I 91 -48.07 -7.00 -19.75
N ILE I 92 -47.43 -8.16 -19.72
CA ILE I 92 -47.19 -8.83 -18.43
C ILE I 92 -45.77 -9.38 -18.41
N PHE I 93 -45.12 -9.20 -17.27
CA PHE I 93 -43.74 -9.63 -17.08
C PHE I 93 -43.66 -10.44 -15.79
N GLY I 94 -42.84 -11.47 -15.78
CA GLY I 94 -42.73 -12.27 -14.57
C GLY I 94 -41.68 -13.35 -14.71
N THR I 95 -41.35 -13.94 -13.57
CA THR I 95 -40.32 -14.99 -13.50
C THR I 95 -40.92 -16.39 -13.47
N THR I 96 -41.83 -16.65 -12.54
CA THR I 96 -42.46 -17.96 -12.41
C THR I 96 -43.91 -17.99 -12.86
N LEU I 97 -44.63 -16.88 -12.74
CA LEU I 97 -46.01 -16.76 -13.21
C LEU I 97 -46.94 -17.74 -12.49
N ASP I 98 -46.77 -17.85 -11.17
CA ASP I 98 -47.66 -18.68 -10.37
C ASP I 98 -48.01 -18.04 -9.03
N SER I 99 -47.90 -16.72 -8.91
CA SER I 99 -48.19 -15.93 -7.72
C SER I 99 -47.21 -16.18 -6.59
N LYS I 100 -46.26 -17.11 -6.74
CA LYS I 100 -45.24 -17.31 -5.73
C LYS I 100 -44.19 -16.22 -5.74
N THR I 101 -44.04 -15.52 -6.86
CA THR I 101 -43.10 -14.41 -6.99
C THR I 101 -43.82 -13.24 -7.65
N GLN I 102 -43.41 -12.03 -7.28
CA GLN I 102 -44.05 -10.83 -7.82
C GLN I 102 -43.93 -10.79 -9.34
N SER I 103 -44.99 -10.33 -9.99
CA SER I 103 -45.02 -10.18 -11.43
C SER I 103 -45.69 -8.88 -11.80
N LEU I 104 -45.15 -8.20 -12.80
CA LEU I 104 -45.63 -6.88 -13.21
C LEU I 104 -46.75 -7.01 -14.23
N LEU I 105 -47.82 -6.26 -13.99
CA LEU I 105 -48.97 -6.20 -14.87
C LEU I 105 -49.15 -4.77 -15.36
N ILE I 106 -49.46 -4.64 -16.64
CA ILE I 106 -49.98 -3.40 -17.21
C ILE I 106 -51.22 -3.76 -18.00
N VAL I 107 -52.29 -3.02 -17.82
CA VAL I 107 -53.46 -3.13 -18.68
C VAL I 107 -53.84 -1.75 -19.19
N ASN I 108 -54.18 -1.71 -20.47
CA ASN I 108 -54.63 -0.50 -21.15
C ASN I 108 -56.08 -0.66 -21.58
N ASN I 109 -56.94 -1.10 -20.68
CA ASN I 109 -58.36 -1.17 -21.00
C ASN I 109 -58.94 0.23 -21.08
N ALA I 110 -60.23 0.31 -21.38
CA ALA I 110 -60.88 1.61 -21.54
C ALA I 110 -60.86 2.39 -20.24
N THR I 111 -61.10 1.71 -19.11
CA THR I 111 -61.29 2.42 -17.84
C THR I 111 -60.06 3.22 -17.45
N ASN I 112 -58.89 2.59 -17.43
CA ASN I 112 -57.68 3.24 -16.92
C ASN I 112 -56.46 2.57 -17.56
N VAL I 113 -55.30 3.10 -17.21
CA VAL I 113 -54.01 2.48 -17.55
C VAL I 113 -53.44 1.97 -16.23
N VAL I 114 -53.75 0.72 -15.90
CA VAL I 114 -53.51 0.19 -14.56
C VAL I 114 -52.20 -0.57 -14.54
N ILE I 115 -51.35 -0.27 -13.56
CA ILE I 115 -50.06 -0.92 -13.39
C ILE I 115 -50.01 -1.52 -11.99
N LYS I 116 -49.56 -2.77 -11.89
CA LYS I 116 -49.55 -3.47 -10.60
C LYS I 116 -48.33 -4.39 -10.53
N VAL I 117 -48.01 -4.79 -9.30
CA VAL I 117 -46.89 -5.68 -9.03
C VAL I 117 -47.35 -6.84 -8.14
N CYS I 118 -48.66 -7.03 -8.05
CA CYS I 118 -49.22 -7.99 -7.10
C CYS I 118 -48.84 -9.43 -7.47
N GLU I 119 -48.80 -10.29 -6.46
CA GLU I 119 -48.42 -11.70 -6.63
C GLU I 119 -49.67 -12.55 -6.75
N PHE I 120 -50.31 -12.46 -7.91
CA PHE I 120 -51.61 -13.02 -8.16
C PHE I 120 -51.53 -14.10 -9.24
N GLN I 121 -52.14 -15.25 -8.97
CA GLN I 121 -51.97 -16.40 -9.85
C GLN I 121 -52.71 -16.16 -11.16
N PHE I 122 -52.02 -16.45 -12.26
CA PHE I 122 -52.45 -16.09 -13.60
C PHE I 122 -53.11 -17.27 -14.30
N CYS I 123 -53.52 -17.02 -15.55
CA CYS I 123 -54.06 -18.04 -16.43
C CYS I 123 -53.04 -18.36 -17.51
N ASN I 124 -53.01 -19.63 -17.91
CA ASN I 124 -52.14 -20.03 -19.02
C ASN I 124 -52.51 -19.34 -20.31
N ASP I 125 -53.76 -18.88 -20.45
CA ASP I 125 -54.21 -18.18 -21.65
C ASP I 125 -54.87 -16.88 -21.23
N PRO I 126 -54.08 -15.83 -21.00
CA PRO I 126 -54.67 -14.54 -20.60
C PRO I 126 -55.63 -14.02 -21.65
N PHE I 127 -56.72 -13.42 -21.20
CA PHE I 127 -57.84 -13.10 -22.09
C PHE I 127 -58.44 -11.76 -21.72
N LEU I 128 -58.47 -10.86 -22.70
CA LEU I 128 -59.31 -9.67 -22.68
C LEU I 128 -60.22 -9.72 -23.91
N GLY I 129 -61.48 -9.34 -23.72
CA GLY I 129 -62.44 -9.45 -24.80
C GLY I 129 -63.56 -8.44 -24.75
N VAL I 130 -63.83 -7.80 -25.89
CA VAL I 130 -64.88 -6.80 -26.02
C VAL I 130 -66.03 -7.45 -26.78
N TYR I 131 -67.17 -7.60 -26.11
CA TYR I 131 -68.37 -8.14 -26.74
C TYR I 131 -69.20 -7.00 -27.31
N TYR I 132 -69.44 -7.03 -28.61
CA TYR I 132 -70.27 -6.03 -29.24
C TYR I 132 -71.70 -6.14 -28.73
N HIS I 133 -72.23 -5.05 -28.18
CA HIS I 133 -73.60 -5.03 -27.68
C HIS I 133 -74.56 -4.72 -28.81
N LYS I 134 -75.60 -5.53 -28.94
CA LYS I 134 -76.67 -5.29 -29.90
C LYS I 134 -77.89 -4.63 -29.27
N ASN I 135 -78.29 -5.08 -28.08
CA ASN I 135 -79.38 -4.42 -27.37
C ASN I 135 -79.04 -2.97 -27.07
N ASN I 136 -77.81 -2.71 -26.62
CA ASN I 136 -77.30 -1.37 -26.44
C ASN I 136 -76.43 -1.03 -27.65
N LYS I 137 -76.74 0.07 -28.32
CA LYS I 137 -76.02 0.46 -29.53
C LYS I 137 -74.64 1.01 -29.15
N SER I 138 -73.78 0.10 -28.72
CA SER I 138 -72.44 0.47 -28.28
C SER I 138 -71.53 -0.74 -28.32
N TRP I 139 -70.23 -0.47 -28.30
CA TRP I 139 -69.20 -1.50 -28.17
C TRP I 139 -68.66 -1.42 -26.75
N MET I 140 -68.69 -2.54 -26.03
CA MET I 140 -68.30 -2.54 -24.64
C MET I 140 -67.52 -3.81 -24.30
N GLU I 141 -66.48 -3.64 -23.48
CA GLU I 141 -65.71 -4.79 -23.01
C GLU I 141 -66.56 -5.65 -22.09
N SER I 142 -66.39 -6.96 -22.19
CA SER I 142 -67.16 -7.88 -21.38
C SER I 142 -66.36 -9.01 -20.73
N GLU I 143 -65.12 -9.28 -21.15
CA GLU I 143 -64.34 -10.38 -20.60
C GLU I 143 -62.99 -9.87 -20.16
N PHE I 144 -62.65 -10.11 -18.89
CA PHE I 144 -61.33 -9.77 -18.35
C PHE I 144 -60.94 -10.95 -17.44
N ARG I 145 -60.24 -11.93 -18.02
CA ARG I 145 -59.87 -13.13 -17.29
C ARG I 145 -58.43 -13.49 -17.69
N VAL I 146 -57.49 -13.18 -16.81
CA VAL I 146 -56.09 -13.53 -17.03
C VAL I 146 -55.54 -14.17 -15.77
N TYR I 147 -56.30 -14.05 -14.67
CA TYR I 147 -55.81 -14.47 -13.37
C TYR I 147 -56.99 -14.81 -12.47
N SER I 148 -56.68 -15.43 -11.32
CA SER I 148 -57.70 -15.79 -10.35
C SER I 148 -58.06 -14.61 -9.45
N SER I 149 -57.11 -14.16 -8.64
CA SER I 149 -57.35 -13.11 -7.68
C SER I 149 -56.02 -12.60 -7.14
N ALA I 150 -56.01 -11.34 -6.72
CA ALA I 150 -54.82 -10.69 -6.18
C ALA I 150 -54.81 -10.80 -4.66
N ASN I 151 -53.65 -11.15 -4.11
CA ASN I 151 -53.50 -11.28 -2.66
C ASN I 151 -52.98 -10.01 -2.02
N ASN I 152 -51.81 -9.54 -2.46
CA ASN I 152 -51.15 -8.39 -1.85
C ASN I 152 -50.20 -7.75 -2.85
N CYS I 153 -49.98 -6.46 -2.67
CA CYS I 153 -49.21 -5.66 -3.61
C CYS I 153 -48.26 -4.76 -2.84
N THR I 154 -47.15 -4.41 -3.48
CA THR I 154 -46.19 -3.47 -2.90
C THR I 154 -46.09 -2.16 -3.66
N PHE I 155 -46.47 -2.17 -4.94
CA PHE I 155 -46.44 -0.98 -5.78
C PHE I 155 -47.79 -0.85 -6.49
N GLU I 156 -48.11 0.37 -6.89
CA GLU I 156 -49.31 0.59 -7.69
C GLU I 156 -49.25 1.97 -8.31
N TYR I 157 -49.67 2.05 -9.57
CA TYR I 157 -49.98 3.32 -10.22
C TYR I 157 -51.29 3.14 -10.98
N VAL I 158 -52.08 4.20 -11.05
CA VAL I 158 -53.34 4.18 -11.76
C VAL I 158 -53.42 5.45 -12.60
N SER I 159 -54.24 5.40 -13.64
CA SER I 159 -54.50 6.54 -14.48
C SER I 159 -55.81 7.21 -14.10
N GLN I 160 -55.97 8.45 -14.56
CA GLN I 160 -57.23 9.15 -14.39
C GLN I 160 -58.29 8.54 -15.32
N PRO I 161 -59.58 8.78 -15.04
CA PRO I 161 -60.65 8.26 -15.91
C PRO I 161 -60.37 8.43 -17.40
N PHE I 162 -60.45 7.31 -18.13
CA PHE I 162 -60.04 7.25 -19.52
C PHE I 162 -61.12 6.59 -20.35
N LEU I 163 -61.04 6.81 -21.67
CA LEU I 163 -61.97 6.20 -22.61
C LEU I 163 -61.27 5.98 -23.94
N MET I 164 -61.81 5.05 -24.73
CA MET I 164 -61.32 4.82 -26.09
C MET I 164 -62.50 4.63 -27.04
N ASP I 165 -62.20 4.73 -28.34
CA ASP I 165 -63.22 4.53 -29.37
C ASP I 165 -63.72 3.09 -29.37
N LEU I 166 -62.79 2.12 -29.33
CA LEU I 166 -63.13 0.70 -29.38
C LEU I 166 -63.96 0.36 -30.61
N GLU I 167 -63.62 0.99 -31.73
CA GLU I 167 -64.31 0.80 -33.00
C GLU I 167 -63.38 0.10 -33.97
N GLY I 168 -63.83 -1.02 -34.52
CA GLY I 168 -63.00 -1.81 -35.41
C GLY I 168 -63.38 -1.67 -36.87
N LYS I 169 -62.44 -1.18 -37.68
CA LYS I 169 -62.62 -1.06 -39.11
C LYS I 169 -61.43 -1.68 -39.82
N GLN I 170 -61.68 -2.31 -40.95
CA GLN I 170 -60.66 -3.05 -41.70
C GLN I 170 -60.19 -2.22 -42.88
N GLY I 171 -58.87 -2.08 -43.01
CA GLY I 171 -58.31 -1.30 -44.09
C GLY I 171 -56.81 -1.25 -43.97
N ASN I 172 -56.21 -0.30 -44.70
CA ASN I 172 -54.76 -0.13 -44.64
C ASN I 172 -54.32 0.23 -43.23
N PHE I 173 -53.27 -0.43 -42.76
CA PHE I 173 -52.75 -0.14 -41.43
C PHE I 173 -52.27 1.30 -41.37
N LYS I 174 -52.58 1.99 -40.29
CA LYS I 174 -52.37 3.43 -40.23
C LYS I 174 -51.69 3.95 -38.97
N ASN I 175 -51.54 3.15 -37.93
CA ASN I 175 -50.89 3.59 -36.70
C ASN I 175 -49.72 2.67 -36.37
N LEU I 176 -48.59 3.26 -36.00
CA LEU I 176 -47.40 2.53 -35.62
C LEU I 176 -46.94 3.00 -34.24
N ARG I 177 -46.79 2.08 -33.30
CA ARG I 177 -46.40 2.40 -31.94
C ARG I 177 -45.19 1.58 -31.55
N GLU I 178 -44.13 2.24 -31.12
CA GLU I 178 -42.86 1.59 -30.81
C GLU I 178 -42.54 1.77 -29.34
N PHE I 179 -42.03 0.71 -28.71
CA PHE I 179 -41.72 0.70 -27.29
C PHE I 179 -40.41 -0.05 -27.07
N VAL I 180 -39.64 0.41 -26.10
CA VAL I 180 -38.40 -0.23 -25.69
C VAL I 180 -38.41 -0.38 -24.19
N PHE I 181 -38.18 -1.60 -23.70
CA PHE I 181 -38.22 -1.90 -22.28
C PHE I 181 -36.84 -2.30 -21.81
N LYS I 182 -36.36 -1.64 -20.76
CA LYS I 182 -35.08 -2.00 -20.17
C LYS I 182 -35.20 -2.00 -18.66
N ASN I 183 -34.86 -3.11 -18.03
CA ASN I 183 -34.95 -3.24 -16.57
C ASN I 183 -33.55 -3.40 -16.01
N ILE I 184 -33.05 -2.34 -15.38
CA ILE I 184 -31.68 -2.30 -14.87
C ILE I 184 -31.69 -1.62 -13.51
N ASP I 185 -30.91 -2.16 -12.57
CA ASP I 185 -30.65 -1.53 -11.28
C ASP I 185 -31.96 -1.30 -10.51
N GLY I 186 -32.83 -2.30 -10.52
CA GLY I 186 -34.10 -2.17 -9.83
C GLY I 186 -35.02 -1.11 -10.41
N TYR I 187 -34.73 -0.62 -11.61
CA TYR I 187 -35.56 0.37 -12.27
C TYR I 187 -36.02 -0.19 -13.61
N PHE I 188 -37.32 -0.13 -13.85
CA PHE I 188 -37.92 -0.56 -15.10
C PHE I 188 -38.25 0.68 -15.93
N LYS I 189 -37.61 0.83 -17.08
CA LYS I 189 -37.70 2.03 -17.88
C LYS I 189 -38.34 1.73 -19.22
N ILE I 190 -39.26 2.60 -19.63
CA ILE I 190 -40.02 2.44 -20.86
C ILE I 190 -39.76 3.66 -21.75
N TYR I 191 -39.46 3.41 -23.01
CA TYR I 191 -39.38 4.45 -24.02
C TYR I 191 -40.40 4.17 -25.11
N SER I 192 -40.98 5.23 -25.69
CA SER I 192 -42.13 5.03 -26.54
C SER I 192 -42.20 6.09 -27.63
N LYS I 193 -42.97 5.78 -28.67
CA LYS I 193 -43.30 6.74 -29.71
C LYS I 193 -44.51 6.23 -30.49
N HIS I 194 -45.23 7.16 -31.12
CA HIS I 194 -46.51 6.87 -31.76
C HIS I 194 -46.61 7.52 -33.14
N THR I 195 -45.59 7.32 -33.97
CA THR I 195 -45.59 7.92 -35.30
C THR I 195 -46.65 7.27 -36.19
N PRO I 196 -47.23 8.03 -37.12
CA PRO I 196 -48.24 7.47 -38.03
C PRO I 196 -47.65 6.92 -39.32
N ILE I 197 -48.37 5.95 -39.89
CA ILE I 197 -47.98 5.33 -41.15
C ILE I 197 -49.21 5.24 -42.05
N ASN I 198 -48.96 5.02 -43.34
CA ASN I 198 -50.04 4.83 -44.31
C ASN I 198 -49.69 3.73 -45.31
N LEU I 199 -49.14 2.62 -44.82
CA LEU I 199 -48.74 1.53 -45.70
C LEU I 199 -49.18 0.22 -45.08
N VAL I 200 -49.35 -0.80 -45.92
CA VAL I 200 -50.02 -2.03 -45.52
C VAL I 200 -49.23 -2.78 -44.45
N ARG I 201 -47.95 -3.02 -44.69
CA ARG I 201 -47.23 -4.01 -43.89
C ARG I 201 -45.75 -3.66 -43.80
N ASP I 202 -45.07 -4.32 -42.86
CA ASP I 202 -43.63 -4.21 -42.64
C ASP I 202 -43.24 -2.83 -42.11
N LEU I 203 -42.05 -2.75 -41.52
CA LEU I 203 -41.56 -1.49 -40.97
C LEU I 203 -41.15 -0.57 -42.11
N PRO I 204 -41.68 0.64 -42.19
CA PRO I 204 -41.18 1.59 -43.20
C PRO I 204 -39.74 1.96 -42.93
N GLN I 205 -39.01 2.23 -44.01
CA GLN I 205 -37.60 2.63 -43.90
C GLN I 205 -37.54 4.06 -43.39
N GLY I 206 -37.44 4.21 -42.07
CA GLY I 206 -37.41 5.54 -41.49
C GLY I 206 -36.71 5.51 -40.15
N PHE I 207 -36.34 6.70 -39.68
CA PHE I 207 -35.61 6.86 -38.43
C PHE I 207 -36.42 7.70 -37.47
N SER I 208 -36.52 7.25 -36.22
CA SER I 208 -37.24 7.98 -35.19
C SER I 208 -36.63 7.65 -33.83
N ALA I 209 -36.72 8.61 -32.91
CA ALA I 209 -36.15 8.46 -31.59
C ALA I 209 -37.27 8.35 -30.57
N LEU I 210 -37.06 7.51 -29.56
CA LEU I 210 -38.10 7.18 -28.57
C LEU I 210 -37.84 7.97 -27.30
N GLU I 211 -38.55 9.08 -27.13
CA GLU I 211 -38.42 9.89 -25.94
C GLU I 211 -38.89 9.09 -24.72
N PRO I 212 -38.21 9.21 -23.58
CA PRO I 212 -38.59 8.39 -22.42
C PRO I 212 -40.02 8.66 -21.99
N LEU I 213 -40.68 7.60 -21.53
CA LEU I 213 -42.06 7.69 -21.09
C LEU I 213 -42.20 7.62 -19.58
N VAL I 214 -41.54 6.64 -18.93
CA VAL I 214 -41.59 6.55 -17.49
C VAL I 214 -40.48 5.64 -16.99
N ASP I 215 -39.94 5.96 -15.83
CA ASP I 215 -39.05 5.10 -15.07
C ASP I 215 -39.74 4.74 -13.77
N LEU I 216 -39.84 3.43 -13.50
CA LEU I 216 -40.60 2.94 -12.35
C LEU I 216 -39.69 2.12 -11.45
N PRO I 217 -39.57 2.47 -10.17
CA PRO I 217 -38.74 1.68 -9.25
C PRO I 217 -39.53 0.52 -8.67
N ILE I 218 -39.12 -0.71 -9.01
CA ILE I 218 -39.76 -1.90 -8.45
C ILE I 218 -38.70 -2.81 -7.85
N GLY I 219 -37.68 -3.15 -8.64
CA GLY I 219 -36.72 -4.16 -8.23
C GLY I 219 -37.15 -5.57 -8.55
N ILE I 220 -38.22 -5.76 -9.30
CA ILE I 220 -38.70 -7.10 -9.63
C ILE I 220 -37.70 -7.82 -10.52
N ASN I 221 -37.60 -9.13 -10.36
CA ASN I 221 -36.81 -9.98 -11.24
C ASN I 221 -37.67 -10.35 -12.45
N ILE I 222 -37.26 -9.89 -13.63
CA ILE I 222 -38.03 -10.09 -14.85
C ILE I 222 -37.23 -10.99 -15.78
N THR I 223 -37.87 -12.08 -16.21
CA THR I 223 -37.25 -13.01 -17.16
C THR I 223 -38.18 -13.44 -18.28
N ARG I 224 -39.49 -13.39 -18.10
CA ARG I 224 -40.43 -13.90 -19.08
C ARG I 224 -41.47 -12.82 -19.40
N PHE I 225 -41.83 -12.72 -20.67
CA PHE I 225 -42.65 -11.63 -21.19
C PHE I 225 -43.85 -12.21 -21.94
N GLN I 226 -44.99 -11.53 -21.83
CA GLN I 226 -46.19 -11.99 -22.54
C GLN I 226 -47.11 -10.80 -22.77
N THR I 227 -48.03 -10.99 -23.72
CA THR I 227 -48.92 -9.93 -24.18
C THR I 227 -50.37 -10.25 -23.82
N LEU I 228 -51.12 -9.23 -23.45
CA LEU I 228 -52.57 -9.34 -23.28
C LEU I 228 -53.25 -8.78 -24.52
N LEU I 229 -54.24 -9.51 -25.03
CA LEU I 229 -54.88 -9.17 -26.29
C LEU I 229 -56.38 -9.03 -26.10
N ALA I 230 -56.96 -8.07 -26.82
CA ALA I 230 -58.40 -7.83 -26.78
C ALA I 230 -59.07 -8.56 -27.94
N LEU I 231 -60.13 -9.31 -27.63
CA LEU I 231 -60.83 -10.15 -28.58
C LEU I 231 -62.25 -9.64 -28.78
N HIS I 232 -62.82 -9.96 -29.94
CA HIS I 232 -64.17 -9.52 -30.30
C HIS I 232 -65.06 -10.74 -30.52
N ARG I 233 -66.22 -10.74 -29.86
CA ARG I 233 -67.23 -11.76 -30.03
C ARG I 233 -68.50 -11.12 -30.57
N SER I 234 -69.08 -11.72 -31.60
CA SER I 234 -70.27 -11.16 -32.25
C SER I 234 -71.14 -12.29 -32.75
N TYR I 235 -72.29 -11.92 -33.32
CA TYR I 235 -73.22 -12.89 -33.88
C TYR I 235 -72.68 -13.54 -35.15
N LEU I 236 -71.71 -12.92 -35.81
CA LEU I 236 -71.12 -13.53 -36.99
C LEU I 236 -70.37 -14.83 -36.64
N THR I 237 -69.84 -14.91 -35.43
CA THR I 237 -69.16 -16.11 -34.93
C THR I 237 -69.75 -16.47 -33.58
N PRO I 238 -70.98 -17.00 -33.56
CA PRO I 238 -71.62 -17.33 -32.28
C PRO I 238 -71.24 -18.72 -31.80
N GLY I 239 -71.86 -19.16 -30.70
CA GLY I 239 -71.62 -20.50 -30.20
C GLY I 239 -70.92 -20.52 -28.86
N ASP I 240 -70.08 -21.54 -28.65
CA ASP I 240 -69.35 -21.66 -27.41
C ASP I 240 -68.34 -20.52 -27.27
N SER I 241 -68.16 -20.07 -26.02
CA SER I 241 -67.27 -18.95 -25.75
C SER I 241 -65.81 -19.29 -26.05
N SER I 242 -65.46 -20.58 -26.11
CA SER I 242 -64.08 -20.97 -26.39
C SER I 242 -63.71 -20.79 -27.86
N SER I 243 -64.71 -20.80 -28.76
CA SER I 243 -64.44 -20.66 -30.18
C SER I 243 -65.33 -19.65 -30.88
N GLY I 244 -66.25 -19.01 -30.17
CA GLY I 244 -67.11 -18.00 -30.77
C GLY I 244 -66.52 -16.61 -30.76
N TRP I 245 -65.54 -16.35 -31.62
CA TRP I 245 -64.83 -15.09 -31.57
C TRP I 245 -64.26 -14.76 -32.95
N THR I 246 -63.89 -13.49 -33.12
CA THR I 246 -63.16 -13.00 -34.28
C THR I 246 -61.97 -12.19 -33.80
N ALA I 247 -60.82 -12.38 -34.45
CA ALA I 247 -59.54 -11.86 -33.97
C ALA I 247 -59.17 -10.51 -34.55
N GLY I 248 -59.98 -9.93 -35.43
CA GLY I 248 -59.60 -8.66 -36.04
C GLY I 248 -58.37 -8.82 -36.92
N ALA I 249 -57.52 -7.80 -36.92
CA ALA I 249 -56.29 -7.82 -37.72
C ALA I 249 -55.22 -7.07 -36.95
N ALA I 250 -54.38 -7.82 -36.22
CA ALA I 250 -53.36 -7.25 -35.36
C ALA I 250 -51.98 -7.73 -35.80
N ALA I 251 -51.03 -6.80 -35.85
CA ALA I 251 -49.65 -7.12 -36.18
C ALA I 251 -48.73 -6.50 -35.16
N TYR I 252 -47.84 -7.31 -34.59
CA TYR I 252 -46.88 -6.80 -33.62
C TYR I 252 -45.57 -7.54 -33.79
N TYR I 253 -44.47 -6.81 -33.67
CA TYR I 253 -43.13 -7.29 -33.97
C TYR I 253 -42.30 -7.24 -32.70
N VAL I 254 -41.45 -8.24 -32.52
CA VAL I 254 -40.59 -8.34 -31.33
C VAL I 254 -39.14 -8.39 -31.79
N GLY I 255 -38.30 -7.61 -31.15
CA GLY I 255 -36.87 -7.66 -31.41
C GLY I 255 -36.10 -8.08 -30.18
N TYR I 256 -34.82 -7.71 -30.10
CA TYR I 256 -34.03 -7.97 -28.92
C TYR I 256 -32.88 -6.98 -28.88
N LEU I 257 -32.31 -6.81 -27.68
CA LEU I 257 -31.32 -5.78 -27.43
C LEU I 257 -29.97 -6.41 -27.11
N GLN I 258 -28.90 -5.77 -27.58
CA GLN I 258 -27.54 -6.22 -27.34
C GLN I 258 -26.68 -5.03 -26.95
N PRO I 259 -25.59 -5.26 -26.21
CA PRO I 259 -24.68 -4.16 -25.87
C PRO I 259 -23.84 -3.77 -27.07
N ARG I 260 -23.97 -2.52 -27.52
CA ARG I 260 -23.30 -2.04 -28.71
C ARG I 260 -22.91 -0.58 -28.53
N THR I 261 -22.04 -0.12 -29.43
CA THR I 261 -21.57 1.26 -29.46
C THR I 261 -22.13 1.95 -30.68
N PHE I 262 -22.80 3.08 -30.47
CA PHE I 262 -23.30 3.88 -31.58
C PHE I 262 -22.70 5.27 -31.57
N LEU I 263 -22.80 5.93 -32.72
CA LEU I 263 -22.55 7.34 -32.87
C LEU I 263 -23.89 8.01 -33.19
N LEU I 264 -24.26 9.00 -32.40
CA LEU I 264 -25.54 9.67 -32.55
C LEU I 264 -25.32 11.10 -33.03
N LYS I 265 -26.21 11.57 -33.90
CA LYS I 265 -26.16 12.92 -34.45
C LYS I 265 -27.23 13.77 -33.79
N TYR I 266 -26.82 14.90 -33.22
CA TYR I 266 -27.73 15.83 -32.57
C TYR I 266 -27.86 17.09 -33.43
N ASN I 267 -29.09 17.53 -33.66
CA ASN I 267 -29.31 18.76 -34.39
C ASN I 267 -29.32 19.94 -33.41
N GLU I 268 -29.62 21.14 -33.91
CA GLU I 268 -29.52 22.33 -33.09
C GLU I 268 -30.59 22.37 -32.01
N ASN I 269 -31.69 21.65 -32.17
CA ASN I 269 -32.76 21.65 -31.20
C ASN I 269 -32.72 20.46 -30.25
N GLY I 270 -31.66 19.65 -30.32
CA GLY I 270 -31.48 18.55 -29.39
C GLY I 270 -32.17 17.27 -29.78
N THR I 271 -32.73 17.16 -30.98
CA THR I 271 -33.42 15.96 -31.43
C THR I 271 -32.48 15.09 -32.25
N ILE I 272 -32.46 13.79 -31.95
CA ILE I 272 -31.61 12.87 -32.69
C ILE I 272 -32.15 12.70 -34.09
N THR I 273 -31.30 12.91 -35.10
CA THR I 273 -31.72 12.79 -36.49
C THR I 273 -31.06 11.64 -37.23
N ASP I 274 -29.94 11.11 -36.74
CA ASP I 274 -29.28 10.01 -37.44
C ASP I 274 -28.37 9.27 -36.46
N ALA I 275 -28.09 8.02 -36.81
CA ALA I 275 -27.24 7.20 -35.98
C ALA I 275 -26.38 6.30 -36.87
N VAL I 276 -25.24 5.90 -36.35
CA VAL I 276 -24.30 5.04 -37.06
C VAL I 276 -23.84 3.94 -36.14
N ASP I 277 -24.03 2.69 -36.56
CA ASP I 277 -23.50 1.56 -35.81
C ASP I 277 -21.98 1.52 -35.95
N CYS I 278 -21.31 1.05 -34.90
CA CYS I 278 -19.87 0.97 -34.90
C CYS I 278 -19.35 -0.45 -35.07
N ALA I 279 -20.22 -1.39 -35.43
CA ALA I 279 -19.77 -2.76 -35.68
C ALA I 279 -20.39 -3.40 -36.91
N LEU I 280 -21.34 -2.75 -37.58
CA LEU I 280 -22.02 -3.38 -38.70
C LEU I 280 -21.10 -3.61 -39.89
N ASP I 281 -20.38 -2.57 -40.30
CA ASP I 281 -19.67 -2.58 -41.57
C ASP I 281 -18.30 -1.93 -41.40
N PRO I 282 -17.31 -2.34 -42.20
CA PRO I 282 -16.02 -1.64 -42.16
C PRO I 282 -16.14 -0.15 -42.37
N LEU I 283 -17.01 0.29 -43.28
CA LEU I 283 -17.25 1.71 -43.45
C LEU I 283 -17.80 2.33 -42.17
N SER I 284 -18.71 1.61 -41.51
CA SER I 284 -19.26 2.11 -40.25
C SER I 284 -18.18 2.24 -39.20
N GLU I 285 -17.26 1.30 -39.14
CA GLU I 285 -16.16 1.40 -38.18
C GLU I 285 -15.25 2.56 -38.52
N THR I 286 -15.01 2.82 -39.80
CA THR I 286 -14.22 3.98 -40.19
C THR I 286 -14.88 5.27 -39.76
N LYS I 287 -16.19 5.39 -39.98
CA LYS I 287 -16.92 6.57 -39.53
C LYS I 287 -16.84 6.71 -38.02
N CYS I 288 -17.00 5.60 -37.29
CA CYS I 288 -16.93 5.65 -35.84
C CYS I 288 -15.56 6.10 -35.36
N THR I 289 -14.50 5.68 -36.05
CA THR I 289 -13.15 6.10 -35.67
C THR I 289 -12.93 7.58 -35.97
N LEU I 290 -13.29 8.03 -37.16
CA LEU I 290 -13.05 9.42 -37.54
C LEU I 290 -13.95 10.40 -36.80
N LYS I 291 -14.95 9.92 -36.08
CA LYS I 291 -15.85 10.79 -35.30
C LYS I 291 -16.56 11.81 -36.20
N SER I 292 -16.98 11.38 -37.37
CA SER I 292 -17.69 12.24 -38.30
C SER I 292 -18.38 11.37 -39.34
N PHE I 293 -19.08 12.02 -40.26
CA PHE I 293 -19.64 11.36 -41.43
C PHE I 293 -18.84 11.78 -42.66
N THR I 294 -19.16 11.15 -43.78
CA THR I 294 -18.69 11.57 -45.10
C THR I 294 -17.16 11.67 -45.14
N VAL I 295 -16.53 10.50 -45.00
CA VAL I 295 -15.08 10.44 -45.07
C VAL I 295 -14.61 10.60 -46.51
N GLU I 296 -13.44 11.21 -46.68
CA GLU I 296 -12.87 11.44 -48.00
C GLU I 296 -11.93 10.28 -48.36
N LYS I 297 -11.14 10.46 -49.41
CA LYS I 297 -10.24 9.41 -49.87
C LYS I 297 -9.17 9.11 -48.82
N GLY I 298 -8.35 8.11 -49.11
CA GLY I 298 -7.23 7.76 -48.27
C GLY I 298 -7.43 6.44 -47.56
N ILE I 299 -6.36 6.01 -46.89
CA ILE I 299 -6.33 4.79 -46.12
C ILE I 299 -6.31 5.15 -44.64
N TYR I 300 -7.17 4.51 -43.86
CA TYR I 300 -7.32 4.82 -42.44
C TYR I 300 -7.17 3.56 -41.62
N GLN I 301 -6.33 3.62 -40.59
CA GLN I 301 -6.24 2.52 -39.63
C GLN I 301 -7.50 2.49 -38.77
N THR I 302 -7.95 1.30 -38.42
CA THR I 302 -9.19 1.24 -37.66
C THR I 302 -9.09 0.41 -36.38
N SER I 303 -8.37 -0.70 -36.39
CA SER I 303 -8.25 -1.53 -35.19
C SER I 303 -7.12 -2.53 -35.41
N ASN I 304 -6.96 -3.46 -34.46
CA ASN I 304 -5.92 -4.46 -34.49
C ASN I 304 -6.53 -5.85 -34.38
N PHE I 305 -5.95 -6.81 -35.08
CA PHE I 305 -6.41 -8.18 -35.05
C PHE I 305 -5.32 -9.07 -34.49
N ARG I 306 -5.72 -10.08 -33.73
CA ARG I 306 -4.79 -10.89 -32.96
C ARG I 306 -5.35 -12.30 -32.83
N VAL I 307 -4.60 -13.29 -33.34
CA VAL I 307 -5.04 -14.67 -33.27
C VAL I 307 -5.07 -15.11 -31.81
N GLN I 308 -6.08 -15.88 -31.45
CA GLN I 308 -6.17 -16.33 -30.07
C GLN I 308 -5.80 -17.81 -29.96
N PRO I 309 -5.23 -18.22 -28.84
CA PRO I 309 -4.80 -19.62 -28.71
C PRO I 309 -5.97 -20.58 -28.63
N THR I 310 -5.72 -21.81 -29.04
CA THR I 310 -6.72 -22.87 -29.02
C THR I 310 -6.76 -23.62 -27.70
N GLU I 311 -6.31 -22.99 -26.62
CA GLU I 311 -6.51 -23.48 -25.25
C GLU I 311 -5.71 -24.75 -24.97
N SER I 312 -5.10 -25.32 -26.01
CA SER I 312 -4.32 -26.53 -25.81
C SER I 312 -3.09 -26.24 -24.95
N ILE I 313 -2.59 -27.27 -24.28
CA ILE I 313 -1.47 -27.14 -23.36
C ILE I 313 -0.42 -28.19 -23.75
N VAL I 314 0.78 -28.07 -23.15
CA VAL I 314 1.93 -28.87 -23.52
C VAL I 314 2.62 -29.40 -22.25
N ARG I 315 3.40 -30.47 -22.42
CA ARG I 315 3.78 -31.40 -21.36
C ARG I 315 5.08 -31.00 -20.66
N PHE I 316 5.33 -31.67 -19.51
CA PHE I 316 6.62 -31.76 -18.84
C PHE I 316 6.63 -32.99 -17.94
N PRO I 317 7.11 -34.13 -18.39
CA PRO I 317 6.91 -35.34 -17.58
C PRO I 317 8.09 -36.31 -17.48
N ASN I 318 7.71 -37.60 -17.58
CA ASN I 318 8.53 -38.79 -17.39
C ASN I 318 8.82 -39.01 -15.92
N ILE I 319 8.59 -40.24 -15.44
CA ILE I 319 8.50 -40.53 -14.00
C ILE I 319 9.64 -41.42 -13.53
N THR I 320 9.73 -42.64 -14.07
CA THR I 320 10.79 -43.60 -13.78
C THR I 320 10.87 -43.98 -12.29
N ASN I 321 11.73 -43.31 -11.54
CA ASN I 321 12.17 -43.78 -10.22
C ASN I 321 11.06 -43.61 -9.19
N LEU I 322 10.04 -44.45 -9.32
CA LEU I 322 8.91 -44.42 -8.40
C LEU I 322 9.31 -44.97 -7.03
N CYS I 323 8.71 -44.43 -5.98
CA CYS I 323 9.01 -44.89 -4.64
C CYS I 323 8.50 -46.31 -4.42
N PRO I 324 9.23 -47.14 -3.70
CA PRO I 324 8.78 -48.52 -3.39
C PRO I 324 7.92 -48.56 -2.14
N PHE I 325 6.72 -48.00 -2.22
CA PHE I 325 5.79 -48.08 -1.10
C PHE I 325 5.38 -49.52 -0.82
N GLY I 326 5.33 -50.35 -1.86
CA GLY I 326 4.98 -51.75 -1.67
C GLY I 326 5.91 -52.48 -0.73
N GLU I 327 7.09 -51.92 -0.46
CA GLU I 327 7.98 -52.51 0.52
C GLU I 327 7.35 -52.52 1.91
N VAL I 328 6.70 -51.42 2.29
CA VAL I 328 6.17 -51.32 3.64
C VAL I 328 4.75 -51.88 3.73
N PHE I 329 3.93 -51.68 2.71
CA PHE I 329 2.55 -52.14 2.76
C PHE I 329 2.46 -53.64 2.56
N ASN I 330 3.34 -54.21 1.73
CA ASN I 330 3.30 -55.61 1.37
C ASN I 330 4.35 -56.45 2.10
N ALA I 331 4.93 -55.92 3.19
CA ALA I 331 5.85 -56.71 3.99
C ALA I 331 5.07 -57.79 4.74
N THR I 332 5.76 -58.89 5.04
CA THR I 332 5.11 -60.01 5.70
C THR I 332 4.82 -59.71 7.17
N ARG I 333 5.87 -59.50 7.96
CA ARG I 333 5.75 -59.19 9.38
C ARG I 333 6.19 -57.76 9.60
N PHE I 334 5.30 -56.93 10.15
CA PHE I 334 5.57 -55.50 10.18
C PHE I 334 6.49 -55.12 11.34
N ALA I 335 5.99 -55.22 12.56
CA ALA I 335 6.77 -54.88 13.75
C ALA I 335 5.91 -55.11 14.98
N SER I 336 6.55 -55.18 16.14
CA SER I 336 5.87 -55.05 17.41
C SER I 336 5.63 -53.57 17.71
N VAL I 337 4.69 -53.30 18.61
CA VAL I 337 4.27 -51.91 18.84
C VAL I 337 5.41 -51.08 19.42
N TYR I 338 6.14 -51.64 20.40
CA TYR I 338 7.25 -50.91 20.98
C TYR I 338 8.50 -50.93 20.11
N ALA I 339 8.61 -51.89 19.20
CA ALA I 339 9.73 -51.96 18.27
C ALA I 339 9.37 -51.34 16.93
N TRP I 340 8.54 -50.30 16.94
CA TRP I 340 8.03 -49.71 15.71
C TRP I 340 9.18 -49.14 14.89
N ASN I 341 9.10 -49.34 13.58
CA ASN I 341 10.20 -48.93 12.72
C ASN I 341 10.12 -47.44 12.41
N ARG I 342 11.25 -46.91 11.94
CA ARG I 342 11.37 -45.52 11.48
C ARG I 342 12.00 -45.59 10.10
N LYS I 343 11.17 -45.74 9.07
CA LYS I 343 11.67 -45.86 7.70
C LYS I 343 11.74 -44.50 7.03
N ARG I 344 12.90 -44.20 6.45
CA ARG I 344 13.13 -42.92 5.78
C ARG I 344 12.94 -43.08 4.28
N ILE I 345 12.19 -42.15 3.69
CA ILE I 345 11.99 -42.10 2.25
C ILE I 345 12.34 -40.69 1.80
N SER I 346 13.26 -40.58 0.85
CA SER I 346 13.68 -39.29 0.33
C SER I 346 14.31 -39.50 -1.04
N ASN I 347 14.44 -38.40 -1.79
CA ASN I 347 15.04 -38.41 -3.12
C ASN I 347 14.31 -39.39 -4.04
N CYS I 348 12.99 -39.24 -4.10
CA CYS I 348 12.15 -40.17 -4.83
C CYS I 348 10.80 -39.54 -5.10
N VAL I 349 10.11 -40.06 -6.11
CA VAL I 349 8.78 -39.62 -6.49
C VAL I 349 7.77 -40.65 -6.01
N ALA I 350 6.77 -40.19 -5.27
CA ALA I 350 5.78 -41.07 -4.67
C ALA I 350 4.39 -40.71 -5.18
N ASP I 351 3.69 -41.71 -5.72
CA ASP I 351 2.35 -41.53 -6.27
C ASP I 351 1.35 -41.81 -5.15
N TYR I 352 1.09 -40.80 -4.33
CA TYR I 352 0.13 -40.94 -3.26
C TYR I 352 -1.28 -41.14 -3.78
N SER I 353 -1.57 -40.67 -4.99
CA SER I 353 -2.92 -40.75 -5.53
C SER I 353 -3.36 -42.19 -5.70
N VAL I 354 -2.48 -43.05 -6.21
CA VAL I 354 -2.85 -44.44 -6.42
C VAL I 354 -2.97 -45.18 -5.09
N LEU I 355 -2.39 -44.65 -4.02
CA LEU I 355 -2.45 -45.33 -2.74
C LEU I 355 -3.86 -45.38 -2.19
N TYR I 356 -4.64 -44.32 -2.39
CA TYR I 356 -5.98 -44.22 -1.82
C TYR I 356 -7.09 -44.11 -2.84
N ASN I 357 -6.80 -43.67 -4.07
CA ASN I 357 -7.85 -43.46 -5.05
C ASN I 357 -8.54 -44.77 -5.39
N SER I 358 -7.78 -45.85 -5.53
CA SER I 358 -8.34 -47.17 -5.82
C SER I 358 -7.62 -48.18 -4.92
N ALA I 359 -8.19 -48.39 -3.73
CA ALA I 359 -7.62 -49.33 -2.79
C ALA I 359 -8.69 -49.73 -1.79
N SER I 360 -8.48 -50.88 -1.15
CA SER I 360 -9.38 -51.39 -0.12
C SER I 360 -8.91 -51.08 1.29
N PHE I 361 -7.83 -50.31 1.44
CA PHE I 361 -7.29 -49.98 2.76
C PHE I 361 -8.27 -49.08 3.49
N SER I 362 -8.94 -49.64 4.49
CA SER I 362 -9.93 -48.90 5.26
C SER I 362 -9.25 -47.91 6.21
N THR I 363 -10.07 -47.09 6.87
CA THR I 363 -9.61 -46.14 7.88
C THR I 363 -8.59 -45.15 7.29
N PHE I 364 -9.01 -44.47 6.23
CA PHE I 364 -8.17 -43.47 5.59
C PHE I 364 -8.47 -42.08 6.19
N LYS I 365 -7.96 -41.87 7.40
CA LYS I 365 -8.11 -40.59 8.09
C LYS I 365 -6.76 -39.88 8.05
N CYS I 366 -6.57 -39.09 7.00
CA CYS I 366 -5.31 -38.40 6.75
C CYS I 366 -5.42 -37.00 7.34
N TYR I 367 -4.75 -36.77 8.45
CA TYR I 367 -4.87 -35.51 9.16
C TYR I 367 -3.88 -34.49 8.62
N GLY I 368 -4.31 -33.24 8.57
CA GLY I 368 -3.49 -32.18 8.01
C GLY I 368 -4.01 -31.70 6.67
N VAL I 369 -3.25 -31.92 5.61
CA VAL I 369 -3.70 -31.54 4.27
C VAL I 369 -4.81 -32.49 3.82
N SER I 370 -5.64 -32.01 2.90
CA SER I 370 -6.72 -32.83 2.38
C SER I 370 -6.15 -34.00 1.57
N PRO I 371 -6.81 -35.15 1.56
CA PRO I 371 -6.37 -36.23 0.66
C PRO I 371 -6.38 -35.81 -0.80
N THR I 372 -7.36 -35.01 -1.18
CA THR I 372 -7.33 -34.38 -2.50
C THR I 372 -6.27 -33.28 -2.52
N LYS I 373 -5.75 -33.00 -3.71
CA LYS I 373 -4.70 -31.98 -3.89
C LYS I 373 -3.50 -32.27 -3.00
N LEU I 374 -3.18 -33.55 -2.83
CA LEU I 374 -2.05 -33.95 -2.01
C LEU I 374 -0.80 -34.25 -2.83
N ASN I 375 -0.94 -34.66 -4.08
CA ASN I 375 0.22 -34.88 -4.92
C ASN I 375 0.89 -33.58 -5.34
N ASP I 376 0.18 -32.45 -5.27
CA ASP I 376 0.76 -31.19 -5.70
C ASP I 376 1.83 -30.71 -4.72
N LEU I 377 1.61 -30.89 -3.43
CA LEU I 377 2.58 -30.46 -2.42
C LEU I 377 3.83 -31.32 -2.46
N CYS I 378 4.94 -30.73 -2.01
CA CYS I 378 6.23 -31.40 -2.00
C CYS I 378 6.90 -31.21 -0.65
N PHE I 379 7.49 -32.27 -0.12
CA PHE I 379 8.19 -32.26 1.15
C PHE I 379 9.63 -32.72 0.97
N THR I 380 10.37 -32.74 2.08
CA THR I 380 11.79 -33.09 2.07
C THR I 380 12.01 -34.56 2.44
N ASN I 381 11.50 -34.98 3.59
CA ASN I 381 11.70 -36.34 4.08
C ASN I 381 10.37 -36.95 4.49
N VAL I 382 10.28 -38.27 4.36
CA VAL I 382 9.08 -39.03 4.73
C VAL I 382 9.50 -40.07 5.75
N TYR I 383 8.85 -40.04 6.93
CA TYR I 383 9.09 -41.04 7.97
C TYR I 383 7.84 -41.90 8.11
N ALA I 384 8.02 -43.20 7.91
CA ALA I 384 6.93 -44.17 7.99
C ALA I 384 7.20 -45.13 9.15
N ASP I 385 6.21 -45.27 10.03
CA ASP I 385 6.30 -46.18 11.17
C ASP I 385 5.18 -47.22 11.06
N SER I 386 5.56 -48.49 11.17
CA SER I 386 4.62 -49.59 10.96
C SER I 386 4.59 -50.47 12.19
N PHE I 387 3.38 -50.85 12.62
CA PHE I 387 3.23 -51.75 13.75
C PHE I 387 1.83 -52.33 13.75
N VAL I 388 1.69 -53.47 14.42
CA VAL I 388 0.41 -54.17 14.52
C VAL I 388 -0.13 -53.97 15.93
N ILE I 389 -1.40 -53.56 16.03
CA ILE I 389 -2.06 -53.37 17.31
C ILE I 389 -3.45 -54.01 17.25
N ARG I 390 -4.19 -53.85 18.34
CA ARG I 390 -5.46 -54.52 18.50
C ARG I 390 -6.52 -53.83 17.63
N GLY I 391 -7.63 -54.51 17.39
CA GLY I 391 -8.67 -53.96 16.55
C GLY I 391 -9.26 -52.67 17.11
N ASP I 392 -9.53 -52.64 18.41
CA ASP I 392 -10.20 -51.50 19.02
C ASP I 392 -9.25 -50.35 19.34
N GLU I 393 -7.95 -50.54 19.20
CA GLU I 393 -6.97 -49.52 19.56
C GLU I 393 -6.71 -48.52 18.43
N VAL I 394 -7.39 -48.66 17.29
CA VAL I 394 -7.16 -47.75 16.17
C VAL I 394 -7.59 -46.33 16.52
N ARG I 395 -8.58 -46.18 17.40
CA ARG I 395 -9.05 -44.83 17.73
C ARG I 395 -8.06 -44.09 18.60
N GLN I 396 -7.22 -44.81 19.33
CA GLN I 396 -6.30 -44.15 20.27
C GLN I 396 -5.20 -43.37 19.54
N ILE I 397 -4.75 -43.86 18.39
CA ILE I 397 -3.65 -43.21 17.68
C ILE I 397 -4.20 -42.01 16.92
N ALA I 398 -4.17 -40.85 17.58
CA ALA I 398 -4.68 -39.61 17.03
C ALA I 398 -4.05 -38.46 17.79
N PRO I 399 -4.12 -37.22 17.25
CA PRO I 399 -3.56 -36.07 17.98
C PRO I 399 -4.00 -36.01 19.44
N GLY I 400 -3.06 -36.13 20.34
CA GLY I 400 -3.36 -36.16 21.77
C GLY I 400 -3.85 -37.53 22.22
N GLN I 401 -5.10 -37.60 22.67
CA GLN I 401 -5.76 -38.84 23.06
C GLN I 401 -5.08 -39.51 24.25
N THR I 402 -5.68 -40.60 24.74
CA THR I 402 -5.20 -41.28 25.93
C THR I 402 -5.34 -42.79 25.69
N GLY I 403 -5.26 -43.55 26.77
CA GLY I 403 -5.44 -44.99 26.70
C GLY I 403 -4.12 -45.74 26.78
N LYS I 404 -4.22 -47.05 26.56
CA LYS I 404 -3.02 -47.88 26.57
C LYS I 404 -2.09 -47.52 25.42
N ILE I 405 -2.64 -47.23 24.26
CA ILE I 405 -1.84 -46.86 23.10
C ILE I 405 -1.84 -45.34 22.96
N ALA I 406 -0.86 -44.83 22.22
CA ALA I 406 -0.66 -43.39 21.99
C ALA I 406 -0.33 -42.67 23.29
N ASP I 407 -0.20 -43.42 24.38
CA ASP I 407 0.14 -42.86 25.68
C ASP I 407 1.19 -43.65 26.44
N TYR I 408 1.40 -44.93 26.12
CA TYR I 408 2.34 -45.78 26.84
C TYR I 408 3.39 -46.44 25.97
N ASN I 409 3.13 -46.63 24.69
CA ASN I 409 4.07 -47.34 23.83
C ASN I 409 4.43 -46.62 22.55
N TYR I 410 3.49 -45.88 21.95
CA TYR I 410 3.78 -45.08 20.75
C TYR I 410 2.99 -43.77 20.85
N LYS I 411 3.62 -42.75 21.42
CA LYS I 411 2.96 -41.47 21.61
C LYS I 411 2.92 -40.70 20.30
N LEU I 412 1.74 -40.18 19.97
CA LEU I 412 1.56 -39.36 18.77
C LEU I 412 1.62 -37.90 19.15
N PRO I 413 2.54 -37.11 18.58
CA PRO I 413 2.58 -35.68 18.90
C PRO I 413 1.36 -34.96 18.38
N ASP I 414 1.03 -33.85 19.04
CA ASP I 414 0.02 -32.95 18.52
C ASP I 414 0.59 -32.17 17.34
N ASP I 415 -0.30 -31.44 16.65
CA ASP I 415 0.06 -30.71 15.44
C ASP I 415 0.67 -31.66 14.41
N PHE I 416 -0.01 -32.79 14.21
CA PHE I 416 0.51 -33.86 13.38
C PHE I 416 0.68 -33.41 11.93
N THR I 417 1.82 -33.75 11.36
CA THR I 417 2.12 -33.50 9.94
C THR I 417 2.47 -34.84 9.32
N GLY I 418 1.45 -35.56 8.87
CA GLY I 418 1.64 -36.89 8.35
C GLY I 418 0.31 -37.50 7.98
N CYS I 419 0.33 -38.82 7.74
CA CYS I 419 -0.87 -39.52 7.33
C CYS I 419 -0.99 -40.81 8.12
N VAL I 420 -2.23 -41.27 8.30
CA VAL I 420 -2.54 -42.44 9.10
C VAL I 420 -3.30 -43.43 8.24
N ILE I 421 -2.81 -44.67 8.16
CA ILE I 421 -3.48 -45.74 7.43
C ILE I 421 -3.54 -46.96 8.33
N ALA I 422 -4.70 -47.59 8.40
CA ALA I 422 -4.88 -48.84 9.16
C ALA I 422 -5.77 -49.75 8.32
N TRP I 423 -5.16 -50.63 7.55
CA TRP I 423 -5.87 -51.59 6.72
C TRP I 423 -5.97 -52.91 7.47
N ASN I 424 -7.17 -53.48 7.50
CA ASN I 424 -7.43 -54.66 8.30
C ASN I 424 -6.71 -55.87 7.74
N SER I 425 -6.46 -56.85 8.60
CA SER I 425 -5.81 -58.08 8.21
C SER I 425 -6.31 -59.22 9.09
N ASN I 426 -6.67 -60.34 8.46
CA ASN I 426 -7.10 -61.51 9.20
C ASN I 426 -6.52 -62.80 8.62
N ASN I 427 -5.70 -62.72 7.58
CA ASN I 427 -5.05 -63.89 7.00
C ASN I 427 -3.54 -63.83 7.03
N LEU I 428 -2.93 -62.65 6.86
CA LEU I 428 -1.49 -62.50 7.01
C LEU I 428 -1.05 -62.60 8.46
N ASP I 429 -1.99 -62.60 9.40
CA ASP I 429 -1.69 -62.66 10.82
C ASP I 429 -2.81 -63.43 11.50
N SER I 430 -2.74 -63.51 12.83
CA SER I 430 -3.71 -64.27 13.63
C SER I 430 -3.77 -65.72 13.17
N LYS I 431 -2.64 -66.40 13.29
CA LYS I 431 -2.54 -67.79 12.87
C LYS I 431 -3.46 -68.67 13.71
N VAL I 432 -3.81 -69.83 13.14
CA VAL I 432 -4.75 -70.72 13.79
C VAL I 432 -4.19 -71.18 15.14
N GLY I 433 -5.10 -71.37 16.10
CA GLY I 433 -4.69 -71.71 17.45
C GLY I 433 -4.34 -70.50 18.27
N GLY I 434 -3.39 -69.71 17.80
CA GLY I 434 -3.00 -68.49 18.49
C GLY I 434 -1.75 -67.87 17.90
N ASN I 435 -1.75 -66.55 17.76
CA ASN I 435 -0.61 -65.80 17.25
C ASN I 435 -0.02 -65.00 18.39
N TYR I 436 1.18 -65.39 18.84
CA TYR I 436 1.87 -64.75 19.96
C TYR I 436 3.29 -64.47 19.51
N ASN I 437 3.47 -63.31 18.86
CA ASN I 437 4.79 -62.91 18.41
C ASN I 437 5.09 -61.47 18.84
N TYR I 438 4.06 -60.65 18.90
CA TYR I 438 4.20 -59.25 19.26
C TYR I 438 4.00 -59.05 20.76
N LEU I 439 4.62 -58.01 21.29
CA LEU I 439 4.56 -57.69 22.71
C LEU I 439 4.24 -56.21 22.87
N TYR I 440 3.73 -55.86 24.04
CA TYR I 440 3.43 -54.46 24.35
C TYR I 440 3.75 -54.18 25.81
N ARG I 441 4.06 -52.92 26.09
CA ARG I 441 4.32 -52.48 27.45
C ARG I 441 3.02 -52.28 28.22
N LEU I 442 3.03 -52.66 29.49
CA LEU I 442 1.88 -52.48 30.37
C LEU I 442 2.10 -51.36 31.38
N PHE I 443 3.16 -51.43 32.17
CA PHE I 443 3.40 -50.51 33.26
C PHE I 443 4.60 -49.62 32.94
N ARG I 444 4.46 -48.33 33.18
CA ARG I 444 5.56 -47.39 33.03
C ARG I 444 5.53 -46.38 34.17
N LYS I 445 6.73 -45.96 34.59
CA LYS I 445 6.84 -45.01 35.69
C LYS I 445 6.32 -43.62 35.31
N SER I 446 6.22 -43.34 34.02
CA SER I 446 5.77 -42.04 33.56
C SER I 446 5.14 -42.18 32.18
N ASN I 447 4.72 -41.05 31.62
CA ASN I 447 4.13 -41.03 30.29
C ASN I 447 5.23 -40.95 29.24
N LEU I 448 4.86 -40.72 27.98
CA LEU I 448 5.80 -40.70 26.87
C LEU I 448 5.87 -39.32 26.24
N LYS I 449 7.07 -38.82 26.07
CA LYS I 449 7.23 -37.61 25.28
C LYS I 449 6.97 -37.91 23.81
N PRO I 450 6.53 -36.90 23.04
CA PRO I 450 6.18 -37.16 21.64
C PRO I 450 7.34 -37.75 20.85
N PHE I 451 7.02 -38.75 20.02
CA PHE I 451 7.99 -39.43 19.18
C PHE I 451 9.11 -40.07 20.02
N GLU I 452 8.70 -41.00 20.87
CA GLU I 452 9.61 -41.72 21.74
C GLU I 452 9.47 -43.22 21.53
N ARG I 453 10.60 -43.91 21.49
CA ARG I 453 10.66 -45.37 21.36
C ARG I 453 11.29 -45.91 22.64
N ASP I 454 10.45 -46.39 23.56
CA ASP I 454 10.92 -46.91 24.85
C ASP I 454 10.99 -48.43 24.76
N ILE I 455 12.09 -48.91 24.21
CA ILE I 455 12.41 -50.34 24.23
C ILE I 455 13.21 -50.62 25.49
N SER I 456 12.61 -51.39 26.41
CA SER I 456 13.25 -51.69 27.67
C SER I 456 12.71 -53.02 28.20
N THR I 457 13.59 -53.79 28.83
CA THR I 457 13.21 -55.08 29.39
C THR I 457 13.47 -55.16 30.89
N GLU I 458 13.80 -54.05 31.53
CA GLU I 458 13.98 -54.03 32.98
C GLU I 458 12.64 -54.21 33.68
N ILE I 459 12.66 -54.92 34.80
CA ILE I 459 11.43 -55.18 35.55
C ILE I 459 11.01 -53.91 36.27
N TYR I 460 9.75 -53.52 36.08
CA TYR I 460 9.22 -52.31 36.70
C TYR I 460 8.84 -52.60 38.15
N GLN I 461 9.12 -51.63 39.02
CA GLN I 461 8.83 -51.73 40.45
C GLN I 461 7.70 -50.78 40.81
N ALA I 462 6.68 -51.30 41.49
CA ALA I 462 5.48 -50.55 41.78
C ALA I 462 5.47 -49.93 43.18
N GLY I 463 6.01 -50.63 44.18
CA GLY I 463 6.02 -50.10 45.53
C GLY I 463 7.24 -49.28 45.83
N SER I 464 7.95 -49.61 46.92
CA SER I 464 9.17 -48.91 47.29
C SER I 464 10.28 -49.87 47.71
N THR I 465 10.11 -51.17 47.51
CA THR I 465 11.12 -52.15 47.88
C THR I 465 11.89 -52.59 46.66
N PRO I 466 13.21 -52.39 46.61
CA PRO I 466 13.98 -52.83 45.45
C PRO I 466 13.90 -54.34 45.25
N CYS I 467 13.88 -54.75 43.99
CA CYS I 467 13.79 -56.16 43.61
C CYS I 467 14.97 -56.50 42.71
N ASN I 468 15.64 -57.62 43.02
CA ASN I 468 16.81 -58.06 42.26
C ASN I 468 16.41 -59.09 41.22
N GLY I 469 15.67 -58.63 40.22
CA GLY I 469 15.25 -59.49 39.13
C GLY I 469 14.34 -60.63 39.55
N VAL I 470 13.43 -60.36 40.48
CA VAL I 470 12.47 -61.36 40.96
C VAL I 470 11.08 -60.86 40.63
N GLU I 471 10.24 -61.76 40.11
CA GLU I 471 8.89 -61.40 39.67
C GLU I 471 7.89 -61.75 40.77
N GLY I 472 7.70 -60.79 41.67
CA GLY I 472 6.77 -60.91 42.76
C GLY I 472 5.93 -59.65 42.89
N PHE I 473 5.58 -59.34 44.14
CA PHE I 473 4.82 -58.14 44.42
C PHE I 473 5.68 -56.90 44.19
N ASN I 474 5.01 -55.79 43.85
CA ASN I 474 5.63 -54.48 43.61
C ASN I 474 6.85 -54.55 42.69
N CYS I 475 6.91 -55.59 41.85
CA CYS I 475 7.99 -55.74 40.88
C CYS I 475 7.46 -56.61 39.76
N TYR I 476 7.10 -55.99 38.64
CA TYR I 476 6.35 -56.66 37.59
C TYR I 476 6.98 -56.38 36.23
N PHE I 477 6.82 -57.32 35.31
CA PHE I 477 7.39 -57.21 33.98
C PHE I 477 6.36 -56.60 33.03
N PRO I 478 6.59 -55.39 32.53
CA PRO I 478 5.54 -54.72 31.74
C PRO I 478 5.18 -55.44 30.44
N LEU I 479 6.11 -56.14 29.82
CA LEU I 479 5.85 -56.69 28.49
C LEU I 479 4.86 -57.84 28.56
N GLN I 480 3.84 -57.79 27.70
CA GLN I 480 2.83 -58.83 27.62
C GLN I 480 2.46 -59.06 26.16
N SER I 481 1.99 -60.26 25.85
CA SER I 481 1.75 -60.67 24.48
C SER I 481 0.33 -60.36 24.04
N TYR I 482 0.19 -60.07 22.75
CA TYR I 482 -1.13 -59.94 22.14
C TYR I 482 -1.90 -61.26 22.24
N GLY I 483 -3.18 -61.17 22.53
CA GLY I 483 -4.02 -62.34 22.55
C GLY I 483 -4.72 -62.57 21.23
N PHE I 484 -3.94 -62.68 20.14
CA PHE I 484 -4.54 -62.97 18.84
C PHE I 484 -5.19 -64.35 18.86
N GLN I 485 -6.39 -64.41 18.27
CA GLN I 485 -7.14 -65.65 18.15
C GLN I 485 -7.75 -65.72 16.77
N PRO I 486 -7.97 -66.93 16.26
CA PRO I 486 -8.59 -67.04 14.93
C PRO I 486 -9.95 -66.38 14.83
N THR I 487 -10.73 -66.39 15.91
CA THR I 487 -12.06 -65.79 15.95
C THR I 487 -12.20 -64.97 17.23
N ASN I 488 -11.21 -64.12 17.50
CA ASN I 488 -11.24 -63.29 18.69
C ASN I 488 -12.45 -62.35 18.69
N GLY I 489 -12.72 -61.73 17.56
CA GLY I 489 -13.83 -60.79 17.44
C GLY I 489 -13.50 -59.69 16.46
N VAL I 490 -14.55 -59.08 15.92
CA VAL I 490 -14.38 -58.03 14.93
C VAL I 490 -13.61 -56.85 15.51
N GLY I 491 -13.89 -56.50 16.77
CA GLY I 491 -13.14 -55.47 17.45
C GLY I 491 -11.81 -55.92 17.99
N TYR I 492 -11.49 -57.21 17.88
CA TYR I 492 -10.24 -57.77 18.38
C TYR I 492 -9.55 -58.57 17.28
N GLN I 493 -9.47 -57.97 16.09
CA GLN I 493 -8.66 -58.57 15.04
C GLN I 493 -7.34 -57.83 14.89
N PRO I 494 -6.26 -58.55 14.57
CA PRO I 494 -4.95 -57.90 14.42
C PRO I 494 -4.97 -56.88 13.29
N TYR I 495 -4.68 -55.63 13.64
CA TYR I 495 -4.72 -54.53 12.67
C TYR I 495 -3.31 -53.99 12.47
N ARG I 496 -2.82 -54.09 11.24
CA ARG I 496 -1.55 -53.47 10.89
C ARG I 496 -1.77 -52.01 10.54
N VAL I 497 -0.98 -51.14 11.13
CA VAL I 497 -1.13 -49.70 10.99
C VAL I 497 0.20 -49.11 10.54
N VAL I 498 0.15 -48.23 9.55
CA VAL I 498 1.29 -47.46 9.10
C VAL I 498 0.97 -45.99 9.23
N VAL I 499 1.85 -45.25 9.90
CA VAL I 499 1.69 -43.82 10.11
C VAL I 499 2.81 -43.10 9.38
N LEU I 500 2.45 -42.06 8.63
CA LEU I 500 3.41 -41.31 7.86
C LEU I 500 3.81 -40.04 8.59
N SER I 501 4.88 -39.40 8.12
CA SER I 501 5.35 -38.17 8.74
C SER I 501 5.90 -37.26 7.65
N PHE I 502 5.22 -36.13 7.43
CA PHE I 502 5.71 -35.10 6.53
C PHE I 502 6.43 -34.02 7.33
N GLU I 503 7.49 -33.48 6.75
CA GLU I 503 8.27 -32.50 7.48
C GLU I 503 8.93 -31.53 6.50
N LEU I 504 9.08 -30.29 6.94
CA LEU I 504 9.75 -29.25 6.19
C LEU I 504 10.83 -28.61 7.06
N LEU I 505 11.85 -28.09 6.40
CA LEU I 505 12.96 -27.44 7.09
C LEU I 505 13.72 -26.60 6.07
N HIS I 506 14.86 -26.05 6.49
CA HIS I 506 15.72 -25.27 5.58
C HIS I 506 16.60 -26.22 4.79
N ALA I 507 15.95 -26.94 3.87
CA ALA I 507 16.61 -27.95 3.07
C ALA I 507 15.81 -28.16 1.79
N PRO I 508 16.43 -28.66 0.73
CA PRO I 508 15.68 -28.93 -0.50
C PRO I 508 14.63 -30.03 -0.31
N ALA I 509 13.54 -29.90 -1.05
CA ALA I 509 12.46 -30.88 -1.01
C ALA I 509 12.64 -31.88 -2.14
N THR I 510 12.61 -33.18 -1.81
CA THR I 510 12.95 -34.22 -2.76
C THR I 510 11.93 -35.36 -2.80
N VAL I 511 10.67 -35.11 -2.43
CA VAL I 511 9.64 -36.14 -2.51
C VAL I 511 8.30 -35.50 -2.84
N CYS I 512 7.77 -35.79 -4.04
CA CYS I 512 6.46 -35.39 -4.52
C CYS I 512 6.29 -35.95 -5.93
N GLY I 513 5.05 -35.96 -6.41
CA GLY I 513 4.78 -36.48 -7.74
C GLY I 513 3.93 -35.57 -8.60
N PRO I 514 4.52 -35.05 -9.70
CA PRO I 514 3.73 -34.33 -10.69
C PRO I 514 3.26 -35.24 -11.82
N LYS I 515 2.33 -34.76 -12.65
CA LYS I 515 1.87 -35.53 -13.79
C LYS I 515 1.17 -34.60 -14.77
N LYS I 516 1.78 -34.43 -15.95
CA LYS I 516 1.07 -33.74 -17.02
C LYS I 516 0.87 -34.66 -18.22
N SER I 517 1.98 -35.16 -18.78
CA SER I 517 1.96 -36.15 -19.86
C SER I 517 0.91 -35.84 -20.93
N THR I 518 0.75 -34.57 -21.27
CA THR I 518 -0.21 -34.17 -22.29
C THR I 518 0.44 -34.14 -23.66
N ASN I 519 -0.22 -34.73 -24.64
CA ASN I 519 0.32 -34.77 -25.99
C ASN I 519 0.47 -33.37 -26.56
N LEU I 520 1.50 -33.17 -27.37
CA LEU I 520 1.77 -31.86 -27.94
C LEU I 520 1.15 -31.75 -29.32
N VAL I 521 0.94 -30.51 -29.76
CA VAL I 521 0.41 -30.22 -31.09
C VAL I 521 1.27 -29.14 -31.72
N LYS I 522 1.55 -29.29 -33.02
CA LYS I 522 2.40 -28.36 -33.73
C LYS I 522 1.60 -27.60 -34.77
N ASN I 523 2.13 -26.45 -35.17
CA ASN I 523 1.54 -25.62 -36.22
C ASN I 523 0.14 -25.17 -35.84
N LYS I 524 0.01 -24.63 -34.63
CA LYS I 524 -1.26 -24.12 -34.14
C LYS I 524 -0.98 -23.20 -32.97
N CYS I 525 -1.75 -22.11 -32.88
CA CYS I 525 -1.54 -21.13 -31.81
C CYS I 525 -1.92 -21.78 -30.49
N VAL I 526 -0.93 -22.23 -29.74
CA VAL I 526 -1.12 -23.04 -28.55
C VAL I 526 -0.42 -22.39 -27.37
N ASN I 527 -1.03 -22.53 -26.20
CA ASN I 527 -0.49 -22.01 -24.94
C ASN I 527 0.27 -23.15 -24.27
N PHE I 528 1.60 -23.07 -24.30
CA PHE I 528 2.46 -24.15 -23.83
C PHE I 528 3.01 -23.84 -22.44
N ASN I 529 3.31 -24.92 -21.71
CA ASN I 529 3.95 -24.84 -20.40
C ASN I 529 4.84 -26.07 -20.27
N PHE I 530 6.11 -25.92 -20.62
CA PHE I 530 7.10 -26.96 -20.39
C PHE I 530 7.48 -26.92 -18.91
N ASN I 531 8.51 -27.67 -18.52
CA ASN I 531 8.89 -27.70 -17.11
C ASN I 531 9.40 -26.32 -16.69
N GLY I 532 8.59 -25.61 -15.92
CA GLY I 532 8.93 -24.28 -15.47
C GLY I 532 8.43 -23.15 -16.36
N LEU I 533 9.02 -23.01 -17.56
CA LEU I 533 8.70 -21.87 -18.39
C LEU I 533 7.34 -22.03 -19.06
N THR I 534 6.70 -20.91 -19.36
CA THR I 534 5.38 -20.86 -19.97
C THR I 534 5.39 -19.86 -21.11
N GLY I 535 4.41 -19.99 -22.00
CA GLY I 535 4.28 -19.00 -23.05
C GLY I 535 3.19 -19.41 -24.04
N THR I 536 3.07 -18.62 -25.10
CA THR I 536 2.14 -18.87 -26.18
C THR I 536 2.85 -18.78 -27.51
N GLY I 537 2.55 -19.69 -28.42
CA GLY I 537 3.19 -19.65 -29.72
C GLY I 537 2.76 -20.83 -30.57
N VAL I 538 3.41 -20.96 -31.72
CA VAL I 538 3.15 -22.04 -32.65
C VAL I 538 4.41 -22.90 -32.73
N LEU I 539 4.39 -24.03 -32.05
CA LEU I 539 5.57 -24.88 -31.97
C LEU I 539 5.83 -25.55 -33.32
N THR I 540 7.09 -25.56 -33.74
CA THR I 540 7.45 -26.20 -35.00
C THR I 540 8.81 -26.87 -34.88
N GLU I 541 9.02 -27.88 -35.70
CA GLU I 541 10.29 -28.59 -35.70
C GLU I 541 11.39 -27.72 -36.29
N SER I 542 12.61 -27.93 -35.80
CA SER I 542 13.75 -27.10 -36.17
C SER I 542 14.96 -27.97 -36.45
N ASN I 543 16.00 -27.35 -37.00
CA ASN I 543 17.26 -28.02 -37.31
C ASN I 543 18.40 -27.54 -36.44
N LYS I 544 18.12 -26.81 -35.36
CA LYS I 544 19.17 -26.34 -34.48
C LYS I 544 19.77 -27.53 -33.73
N LYS I 545 20.97 -27.32 -33.20
CA LYS I 545 21.69 -28.35 -32.45
C LYS I 545 21.93 -27.86 -31.03
N PHE I 546 21.45 -28.62 -30.06
CA PHE I 546 21.69 -28.35 -28.66
C PHE I 546 22.77 -29.26 -28.12
N LEU I 547 23.54 -28.74 -27.17
CA LEU I 547 24.47 -29.58 -26.45
C LEU I 547 23.68 -30.55 -25.56
N PRO I 548 24.25 -31.71 -25.25
CA PRO I 548 23.50 -32.74 -24.51
C PRO I 548 22.91 -32.26 -23.21
N PHE I 549 23.52 -31.28 -22.54
CA PHE I 549 23.01 -30.85 -21.25
C PHE I 549 22.11 -29.62 -21.35
N GLN I 550 22.18 -28.86 -22.44
CA GLN I 550 21.37 -27.66 -22.57
C GLN I 550 19.90 -28.01 -22.72
N GLN I 551 19.04 -27.13 -22.22
CA GLN I 551 17.60 -27.40 -22.22
C GLN I 551 16.83 -26.50 -23.18
N PHE I 552 16.91 -25.19 -23.03
CA PHE I 552 16.13 -24.29 -23.88
C PHE I 552 17.01 -23.15 -24.37
N GLY I 553 16.96 -22.89 -25.67
CA GLY I 553 17.79 -21.89 -26.28
C GLY I 553 17.30 -20.48 -26.02
N ARG I 554 17.96 -19.52 -26.65
CA ARG I 554 17.64 -18.12 -26.50
C ARG I 554 18.28 -17.36 -27.66
N ASP I 555 18.09 -16.05 -27.65
CA ASP I 555 18.64 -15.19 -28.70
C ASP I 555 19.01 -13.85 -28.08
N ILE I 556 19.34 -12.88 -28.93
CA ILE I 556 19.63 -11.54 -28.43
C ILE I 556 18.39 -10.98 -27.75
N ALA I 557 18.61 -10.05 -26.83
CA ALA I 557 17.58 -9.42 -26.02
C ALA I 557 16.86 -10.40 -25.10
N ASP I 558 17.33 -11.65 -25.02
CA ASP I 558 16.86 -12.64 -24.06
C ASP I 558 15.36 -12.88 -24.18
N THR I 559 14.96 -13.41 -25.33
CA THR I 559 13.61 -13.91 -25.55
C THR I 559 13.70 -15.36 -25.99
N THR I 560 12.92 -16.22 -25.35
CA THR I 560 12.98 -17.65 -25.63
C THR I 560 12.71 -17.91 -27.11
N ASP I 561 13.51 -18.79 -27.70
CA ASP I 561 13.38 -19.07 -29.12
C ASP I 561 13.46 -20.55 -29.47
N ALA I 562 13.62 -21.44 -28.49
CA ALA I 562 13.65 -22.87 -28.76
C ALA I 562 13.47 -23.59 -27.44
N VAL I 563 12.88 -24.78 -27.50
CA VAL I 563 12.67 -25.60 -26.32
C VAL I 563 13.00 -27.04 -26.67
N ARG I 564 13.35 -27.82 -25.65
CA ARG I 564 13.55 -29.26 -25.79
C ARG I 564 12.59 -29.97 -24.84
N ASP I 565 11.72 -30.80 -25.40
CA ASP I 565 10.75 -31.48 -24.56
C ASP I 565 11.40 -32.63 -23.80
N PRO I 566 10.93 -32.92 -22.59
CA PRO I 566 11.59 -33.97 -21.79
C PRO I 566 11.41 -35.37 -22.35
N GLN I 567 10.22 -35.71 -22.83
CA GLN I 567 9.92 -37.09 -23.15
C GLN I 567 10.70 -37.57 -24.37
N THR I 568 10.70 -36.81 -25.45
CA THR I 568 11.27 -37.28 -26.70
C THR I 568 12.58 -36.60 -27.08
N LEU I 569 13.00 -35.59 -26.32
CA LEU I 569 14.28 -34.91 -26.56
C LEU I 569 14.38 -34.40 -27.99
N GLU I 570 13.49 -33.47 -28.32
CA GLU I 570 13.42 -32.87 -29.64
C GLU I 570 13.48 -31.36 -29.52
N ILE I 571 14.09 -30.72 -30.51
CA ILE I 571 14.28 -29.28 -30.50
C ILE I 571 13.14 -28.65 -31.29
N LEU I 572 12.35 -27.80 -30.64
CA LEU I 572 11.21 -27.14 -31.25
C LEU I 572 11.44 -25.64 -31.22
N ASP I 573 11.24 -24.99 -32.38
CA ASP I 573 11.29 -23.54 -32.43
C ASP I 573 10.04 -22.94 -31.80
N ILE I 574 10.06 -21.62 -31.64
CA ILE I 574 8.93 -20.87 -31.12
C ILE I 574 8.84 -19.56 -31.88
N THR I 575 7.68 -19.30 -32.49
CA THR I 575 7.45 -18.02 -33.14
C THR I 575 6.15 -17.43 -32.63
N PRO I 576 6.08 -16.11 -32.47
CA PRO I 576 4.90 -15.50 -31.86
C PRO I 576 3.68 -15.68 -32.74
N CYS I 577 2.52 -15.72 -32.08
CA CYS I 577 1.27 -16.00 -32.79
C CYS I 577 0.85 -14.75 -33.55
N SER I 578 0.30 -14.95 -34.75
CA SER I 578 0.15 -13.86 -35.71
C SER I 578 -0.74 -12.75 -35.18
N PHE I 579 -0.40 -11.51 -35.53
CA PHE I 579 -1.17 -10.33 -35.16
C PHE I 579 -0.77 -9.19 -36.07
N GLY I 580 -1.62 -8.17 -36.11
CA GLY I 580 -1.34 -7.02 -36.95
C GLY I 580 -2.42 -5.97 -36.81
N GLY I 581 -2.34 -4.97 -37.69
CA GLY I 581 -3.32 -3.89 -37.67
C GLY I 581 -4.12 -3.78 -38.96
N VAL I 582 -5.45 -3.82 -38.83
CA VAL I 582 -6.32 -3.78 -40.00
C VAL I 582 -6.52 -2.35 -40.44
N SER I 583 -6.61 -2.13 -41.75
CA SER I 583 -6.86 -0.80 -42.29
C SER I 583 -7.89 -0.87 -43.40
N VAL I 584 -8.51 0.27 -43.69
CA VAL I 584 -9.61 0.36 -44.63
C VAL I 584 -9.26 1.36 -45.72
N ILE I 585 -9.52 0.98 -46.97
CA ILE I 585 -9.35 1.86 -48.12
C ILE I 585 -10.74 2.23 -48.63
N THR I 586 -11.01 3.53 -48.76
CA THR I 586 -12.27 4.05 -49.24
C THR I 586 -12.01 5.03 -50.38
N PRO I 587 -12.86 5.04 -51.40
CA PRO I 587 -12.67 6.01 -52.49
C PRO I 587 -13.38 7.33 -52.24
N GLY I 588 -13.76 7.58 -50.99
CA GLY I 588 -14.47 8.79 -50.66
C GLY I 588 -15.96 8.56 -50.55
N THR I 589 -16.59 9.11 -49.51
CA THR I 589 -17.98 8.77 -49.22
C THR I 589 -18.91 9.22 -50.32
N ASN I 590 -18.72 10.44 -50.84
CA ASN I 590 -19.67 10.94 -51.83
C ASN I 590 -19.61 10.15 -53.12
N THR I 591 -18.42 9.70 -53.52
CA THR I 591 -18.26 9.10 -54.84
C THR I 591 -18.84 7.69 -54.90
N SER I 592 -18.65 6.90 -53.86
CA SER I 592 -19.15 5.53 -53.85
C SER I 592 -19.30 5.09 -52.41
N ASN I 593 -19.56 3.80 -52.22
CA ASN I 593 -19.84 3.27 -50.90
C ASN I 593 -18.92 2.10 -50.59
N GLN I 594 -18.62 1.28 -51.60
CA GLN I 594 -17.85 0.07 -51.39
C GLN I 594 -16.42 0.42 -50.98
N VAL I 595 -15.82 -0.46 -50.17
CA VAL I 595 -14.50 -0.25 -49.60
C VAL I 595 -13.68 -1.52 -49.80
N ALA I 596 -12.41 -1.44 -49.43
CA ALA I 596 -11.52 -2.60 -49.43
C ALA I 596 -10.80 -2.66 -48.10
N VAL I 597 -10.37 -3.86 -47.71
CA VAL I 597 -9.80 -4.08 -46.39
C VAL I 597 -8.39 -4.64 -46.55
N LEU I 598 -7.44 -4.04 -45.84
CA LEU I 598 -6.05 -4.48 -45.87
C LEU I 598 -5.67 -5.03 -44.51
N TYR I 599 -5.35 -6.33 -44.46
CA TYR I 599 -4.83 -6.95 -43.26
C TYR I 599 -3.32 -6.94 -43.34
N GLN I 600 -2.67 -6.55 -42.26
CA GLN I 600 -1.26 -6.15 -42.30
C GLN I 600 -0.37 -7.25 -41.76
N ASP I 601 0.66 -7.59 -42.54
CA ASP I 601 1.70 -8.54 -42.13
C ASP I 601 1.10 -9.88 -41.69
N VAL I 602 0.47 -10.55 -42.65
CA VAL I 602 -0.08 -11.87 -42.40
C VAL I 602 -0.24 -12.63 -43.70
N ASN I 603 0.20 -13.89 -43.74
CA ASN I 603 -0.15 -14.76 -44.85
C ASN I 603 -1.65 -14.89 -44.90
N CYS I 604 -2.22 -14.72 -46.09
CA CYS I 604 -3.62 -14.35 -46.13
C CYS I 604 -4.54 -15.57 -46.02
N THR I 605 -3.97 -16.76 -45.84
CA THR I 605 -4.80 -17.95 -45.66
C THR I 605 -5.60 -17.89 -44.37
N GLU I 606 -5.01 -17.35 -43.30
CA GLU I 606 -5.63 -17.38 -41.98
C GLU I 606 -6.30 -16.06 -41.63
N VAL I 607 -6.76 -15.31 -42.63
CA VAL I 607 -7.54 -14.10 -42.35
C VAL I 607 -8.85 -14.40 -41.64
N PRO I 608 -9.70 -15.33 -42.11
CA PRO I 608 -11.00 -15.50 -41.46
C PRO I 608 -10.92 -16.07 -40.05
N VAL I 609 -9.81 -16.73 -39.70
CA VAL I 609 -9.70 -17.33 -38.38
C VAL I 609 -9.68 -16.24 -37.31
N ALA I 610 -8.91 -15.18 -37.54
CA ALA I 610 -8.82 -14.11 -36.55
C ALA I 610 -10.00 -13.16 -36.61
N ILE I 611 -10.70 -13.13 -37.75
CA ILE I 611 -11.82 -12.22 -37.97
C ILE I 611 -11.40 -10.78 -37.74
N PRO I 618 -22.14 -10.53 -39.20
CA PRO I 618 -23.10 -9.73 -39.96
C PRO I 618 -22.70 -9.59 -41.43
N THR I 619 -22.35 -8.36 -41.84
CA THR I 619 -21.87 -8.10 -43.18
C THR I 619 -20.35 -8.15 -43.27
N TRP I 620 -19.66 -8.26 -42.14
CA TRP I 620 -18.20 -8.32 -42.14
C TRP I 620 -17.68 -9.56 -42.86
N ARG I 621 -18.46 -10.63 -42.90
CA ARG I 621 -17.99 -11.86 -43.53
C ARG I 621 -17.80 -11.73 -45.03
N VAL I 622 -18.46 -10.76 -45.66
CA VAL I 622 -18.31 -10.59 -47.11
C VAL I 622 -16.88 -10.18 -47.44
N TYR I 623 -16.30 -9.28 -46.65
CA TYR I 623 -14.92 -8.87 -46.84
C TYR I 623 -13.94 -9.81 -46.14
N SER I 624 -14.43 -10.83 -45.44
CA SER I 624 -13.58 -11.85 -44.84
C SER I 624 -13.54 -13.04 -45.79
N THR I 625 -12.43 -13.17 -46.53
CA THR I 625 -12.24 -14.23 -47.51
C THR I 625 -13.33 -14.19 -48.58
N GLY I 626 -13.34 -13.09 -49.33
CA GLY I 626 -14.23 -12.94 -50.46
C GLY I 626 -13.69 -13.64 -51.69
N SER I 627 -14.30 -13.32 -52.83
CA SER I 627 -13.86 -13.90 -54.09
C SER I 627 -12.45 -13.44 -54.44
N ASN I 628 -12.16 -12.16 -54.25
CA ASN I 628 -10.88 -11.58 -54.61
C ASN I 628 -10.04 -11.39 -53.36
N VAL I 629 -8.92 -12.09 -53.29
CA VAL I 629 -7.89 -11.87 -52.29
C VAL I 629 -6.56 -11.74 -52.99
N PHE I 630 -5.82 -10.67 -52.69
CA PHE I 630 -4.55 -10.39 -53.32
C PHE I 630 -3.47 -10.33 -52.25
N GLN I 631 -2.28 -10.77 -52.59
CA GLN I 631 -1.17 -10.82 -51.65
C GLN I 631 -0.11 -9.80 -52.05
N THR I 632 0.24 -8.92 -51.13
CA THR I 632 1.28 -7.92 -51.34
C THR I 632 2.39 -8.14 -50.31
N ARG I 633 3.35 -7.22 -50.29
CA ARG I 633 4.38 -7.29 -49.26
C ARG I 633 3.87 -6.79 -47.92
N ALA I 634 2.90 -5.89 -47.92
CA ALA I 634 2.41 -5.30 -46.68
C ALA I 634 1.39 -6.15 -45.95
N GLY I 635 0.87 -7.20 -46.59
CA GLY I 635 -0.16 -8.02 -45.98
C GLY I 635 -0.99 -8.67 -47.06
N CYS I 636 -2.31 -8.73 -46.88
CA CYS I 636 -3.18 -9.11 -47.98
C CYS I 636 -4.37 -8.17 -48.06
N LEU I 637 -4.81 -7.95 -49.29
CA LEU I 637 -5.84 -6.98 -49.63
C LEU I 637 -7.07 -7.73 -50.12
N ILE I 638 -8.23 -7.39 -49.57
CA ILE I 638 -9.48 -8.05 -49.88
C ILE I 638 -10.47 -7.03 -50.39
N GLY I 639 -11.13 -7.33 -51.50
CA GLY I 639 -12.12 -6.46 -52.09
C GLY I 639 -11.66 -5.70 -53.31
N ALA I 640 -10.43 -5.90 -53.76
CA ALA I 640 -9.90 -5.16 -54.91
C ALA I 640 -9.38 -6.14 -55.95
N GLU I 641 -9.33 -5.67 -57.19
CA GLU I 641 -8.88 -6.48 -58.31
C GLU I 641 -7.48 -6.07 -58.74
N HIS I 642 -6.58 -7.04 -58.88
CA HIS I 642 -5.27 -6.72 -59.41
C HIS I 642 -5.35 -6.41 -60.89
N VAL I 643 -4.61 -5.40 -61.33
CA VAL I 643 -4.65 -4.97 -62.72
C VAL I 643 -3.22 -4.95 -63.27
N ASN I 644 -3.04 -5.49 -64.47
CA ASN I 644 -1.71 -5.55 -65.08
C ASN I 644 -1.24 -4.20 -65.59
N ASN I 645 -2.14 -3.24 -65.79
CA ASN I 645 -1.73 -1.92 -66.22
C ASN I 645 -0.96 -1.21 -65.12
N SER I 646 -0.52 0.01 -65.42
CA SER I 646 0.16 0.85 -64.44
C SER I 646 -0.28 2.29 -64.63
N TYR I 647 -0.60 2.97 -63.54
CA TYR I 647 -1.03 4.36 -63.60
C TYR I 647 -0.34 5.18 -62.53
N GLU I 648 -0.75 6.44 -62.38
CA GLU I 648 -0.26 7.25 -61.29
C GLU I 648 -0.83 6.75 -59.96
N CYS I 649 -0.26 7.23 -58.87
CA CYS I 649 -0.60 6.71 -57.55
C CYS I 649 -1.73 7.51 -56.93
N ASP I 650 -2.91 6.90 -56.86
CA ASP I 650 -3.97 7.32 -55.97
C ASP I 650 -3.64 6.72 -54.62
N ILE I 651 -4.62 6.54 -53.74
CA ILE I 651 -4.41 6.04 -52.38
C ILE I 651 -3.31 5.00 -52.32
N PRO I 652 -2.23 5.22 -51.58
CA PRO I 652 -1.10 4.30 -51.58
C PRO I 652 -1.29 3.16 -50.58
N ILE I 653 -0.51 2.11 -50.78
CA ILE I 653 -0.55 0.95 -49.90
C ILE I 653 0.81 0.69 -49.29
N GLY I 654 1.79 0.40 -50.13
CA GLY I 654 3.13 0.10 -49.67
C GLY I 654 3.85 -0.76 -50.69
N ALA I 655 5.18 -0.69 -50.66
CA ALA I 655 6.04 -1.46 -51.55
C ALA I 655 5.69 -1.21 -53.01
N GLY I 656 5.37 0.04 -53.33
CA GLY I 656 5.09 0.41 -54.71
C GLY I 656 3.82 -0.17 -55.28
N ILE I 657 2.74 -0.20 -54.50
CA ILE I 657 1.43 -0.65 -54.97
C ILE I 657 0.41 0.40 -54.59
N CYS I 658 -0.40 0.83 -55.55
CA CYS I 658 -1.42 1.84 -55.31
C CYS I 658 -2.79 1.31 -55.71
N ALA I 659 -3.80 1.66 -54.92
CA ALA I 659 -5.17 1.26 -55.15
C ALA I 659 -6.01 2.49 -55.47
N SER I 660 -6.96 2.33 -56.40
CA SER I 660 -7.75 3.46 -56.87
C SER I 660 -9.11 2.97 -57.32
N TYR I 661 -9.94 3.92 -57.76
CA TYR I 661 -11.29 3.68 -58.23
C TYR I 661 -11.33 3.87 -59.75
N GLN I 662 -11.83 2.86 -60.46
CA GLN I 662 -11.81 2.89 -61.92
C GLN I 662 -12.66 4.03 -62.47
N GLN I 677 -16.70 1.34 -61.03
CA GLN I 677 -17.56 0.24 -60.63
C GLN I 677 -16.81 -0.77 -59.76
N SER I 678 -15.50 -0.58 -59.62
CA SER I 678 -14.68 -1.51 -58.85
C SER I 678 -13.45 -0.79 -58.34
N ILE I 679 -12.80 -1.39 -57.35
CA ILE I 679 -11.57 -0.87 -56.78
C ILE I 679 -10.42 -1.72 -57.28
N ILE I 680 -9.43 -1.08 -57.89
CA ILE I 680 -8.34 -1.79 -58.53
C ILE I 680 -7.04 -1.50 -57.78
N ALA I 681 -6.10 -2.43 -57.89
CA ALA I 681 -4.78 -2.30 -57.31
C ALA I 681 -3.74 -2.59 -58.38
N TYR I 682 -2.74 -1.71 -58.49
CA TYR I 682 -1.75 -1.82 -59.55
C TYR I 682 -0.38 -1.44 -59.01
N THR I 683 0.63 -1.68 -59.84
CA THR I 683 1.98 -1.23 -59.54
C THR I 683 2.14 0.21 -59.97
N MET I 684 2.79 1.02 -59.14
CA MET I 684 2.90 2.44 -59.42
C MET I 684 3.68 2.68 -60.70
N SER I 685 3.36 3.76 -61.40
CA SER I 685 4.07 4.17 -62.60
C SER I 685 4.75 5.50 -62.33
N LEU I 686 6.05 5.57 -62.61
CA LEU I 686 6.82 6.75 -62.25
C LEU I 686 6.43 7.95 -63.10
N GLY I 687 6.23 7.74 -64.39
CA GLY I 687 5.83 8.84 -65.26
C GLY I 687 5.83 8.41 -66.71
N ALA I 688 5.46 9.36 -67.56
CA ALA I 688 5.41 9.10 -68.99
C ALA I 688 6.80 8.90 -69.54
N GLU I 689 6.99 7.84 -70.31
CA GLU I 689 8.28 7.58 -70.93
C GLU I 689 8.60 8.70 -71.91
N ASN I 690 9.89 9.00 -72.06
CA ASN I 690 10.30 10.07 -72.96
C ASN I 690 11.74 9.83 -73.41
N SER I 691 12.09 10.45 -74.52
CA SER I 691 13.45 10.41 -75.04
C SER I 691 13.68 11.66 -75.86
N VAL I 692 14.95 12.01 -76.02
CA VAL I 692 15.36 13.22 -76.73
C VAL I 692 16.32 12.83 -77.84
N ALA I 693 16.09 13.37 -79.03
CA ALA I 693 16.95 13.10 -80.18
C ALA I 693 18.27 13.82 -79.97
N TYR I 694 19.27 13.08 -79.53
CA TYR I 694 20.59 13.64 -79.25
C TYR I 694 21.53 13.28 -80.39
N SER I 695 22.24 14.28 -80.91
CA SER I 695 23.24 14.06 -81.94
C SER I 695 24.36 15.05 -81.72
N ASN I 696 25.54 14.72 -82.22
CA ASN I 696 26.71 15.54 -81.89
C ASN I 696 26.76 16.86 -82.65
N ASN I 697 25.78 17.17 -83.50
CA ASN I 697 25.74 18.50 -84.09
C ASN I 697 24.31 19.01 -84.25
N SER I 698 23.41 18.65 -83.33
CA SER I 698 22.02 19.07 -83.41
C SER I 698 21.61 19.78 -82.13
N ILE I 699 20.96 20.95 -82.28
CA ILE I 699 20.53 21.75 -81.15
C ILE I 699 19.05 22.05 -81.31
N ALA I 700 18.42 22.50 -80.23
CA ALA I 700 17.02 22.88 -80.24
C ALA I 700 16.84 24.18 -79.50
N ILE I 701 16.32 25.20 -80.18
CA ILE I 701 16.19 26.54 -79.65
C ILE I 701 14.72 26.89 -79.58
N PRO I 702 14.22 27.46 -78.50
CA PRO I 702 12.81 27.87 -78.45
C PRO I 702 12.54 29.06 -79.35
N THR I 703 11.25 29.27 -79.63
CA THR I 703 10.82 30.41 -80.43
C THR I 703 9.68 31.19 -79.79
N ASN I 704 9.19 30.76 -78.64
CA ASN I 704 8.09 31.47 -77.99
C ASN I 704 8.21 31.25 -76.49
N PHE I 705 7.40 31.98 -75.73
CA PHE I 705 7.50 31.95 -74.28
C PHE I 705 6.13 32.09 -73.65
N THR I 706 6.03 31.68 -72.40
CA THR I 706 4.81 31.86 -71.63
C THR I 706 5.18 32.36 -70.24
N ILE I 707 4.45 33.37 -69.78
CA ILE I 707 4.55 33.79 -68.39
C ILE I 707 3.64 32.92 -67.55
N SER I 708 4.06 32.62 -66.33
CA SER I 708 3.26 31.80 -65.44
C SER I 708 3.35 32.34 -64.03
N VAL I 709 2.33 32.05 -63.23
CA VAL I 709 2.30 32.48 -61.83
C VAL I 709 2.03 31.24 -60.98
N THR I 710 2.80 31.09 -59.91
CA THR I 710 2.76 29.89 -59.09
C THR I 710 2.58 30.27 -57.63
N THR I 711 1.78 29.49 -56.91
CA THR I 711 1.42 29.77 -55.53
C THR I 711 2.30 28.97 -54.58
N GLU I 712 2.72 29.61 -53.50
CA GLU I 712 3.47 28.94 -52.44
C GLU I 712 2.92 29.38 -51.09
N ILE I 713 2.76 28.45 -50.17
CA ILE I 713 2.11 28.70 -48.89
C ILE I 713 3.05 28.29 -47.77
N LEU I 714 3.19 29.15 -46.75
CA LEU I 714 4.06 28.83 -45.63
C LEU I 714 3.47 29.31 -44.31
N PRO I 715 3.46 28.47 -43.28
CA PRO I 715 3.05 28.95 -41.95
C PRO I 715 4.16 29.76 -41.30
N VAL I 716 3.77 30.70 -40.45
CA VAL I 716 4.74 31.52 -39.74
C VAL I 716 4.53 31.56 -38.23
N SER I 717 3.36 31.22 -37.71
CA SER I 717 3.16 31.33 -36.27
C SER I 717 2.00 30.44 -35.85
N MET I 718 1.92 30.20 -34.54
CA MET I 718 0.85 29.41 -33.95
C MET I 718 0.23 30.19 -32.81
N THR I 719 -0.88 29.67 -32.30
CA THR I 719 -1.60 30.36 -31.25
C THR I 719 -0.83 30.34 -29.94
N LYS I 720 -0.70 31.51 -29.32
CA LYS I 720 -0.02 31.63 -28.03
C LYS I 720 -0.97 31.20 -26.93
N THR I 721 -0.53 30.27 -26.09
CA THR I 721 -1.35 29.74 -25.01
C THR I 721 -0.60 29.85 -23.70
N SER I 722 -1.35 29.76 -22.61
CA SER I 722 -0.76 29.81 -21.28
C SER I 722 -1.61 28.96 -20.34
N VAL I 723 -0.93 28.21 -19.48
CA VAL I 723 -1.59 27.34 -18.50
C VAL I 723 -0.82 27.47 -17.19
N ASP I 724 -1.57 27.58 -16.09
CA ASP I 724 -0.98 27.61 -14.76
C ASP I 724 -1.35 26.33 -14.02
N CYS I 725 -0.39 25.80 -13.25
CA CYS I 725 -0.62 24.57 -12.52
C CYS I 725 -1.80 24.65 -11.56
N THR I 726 -1.66 25.48 -10.52
CA THR I 726 -2.48 25.35 -9.33
C THR I 726 -3.96 25.29 -9.67
N MET I 727 -4.41 26.10 -10.64
CA MET I 727 -5.80 26.03 -11.06
C MET I 727 -6.11 24.69 -11.72
N TYR I 728 -5.14 24.09 -12.39
CA TYR I 728 -5.40 22.89 -13.18
C TYR I 728 -5.24 21.63 -12.33
N ILE I 729 -4.05 21.43 -11.75
CA ILE I 729 -3.75 20.17 -11.07
C ILE I 729 -4.65 19.98 -9.86
N CYS I 730 -4.72 20.97 -8.98
CA CYS I 730 -5.48 20.81 -7.75
C CYS I 730 -6.85 21.46 -7.81
N GLY I 731 -6.90 22.78 -7.94
CA GLY I 731 -8.16 23.45 -8.14
C GLY I 731 -8.81 23.86 -6.84
N ASP I 732 -8.72 25.15 -6.48
CA ASP I 732 -9.43 25.75 -5.36
C ASP I 732 -9.52 24.86 -4.12
N SER I 733 -8.44 24.16 -3.78
CA SER I 733 -8.40 23.33 -2.59
C SER I 733 -7.09 23.57 -1.86
N THR I 734 -7.18 23.85 -0.56
CA THR I 734 -6.00 24.25 0.20
C THR I 734 -5.08 23.07 0.45
N GLU I 735 -5.64 21.93 0.88
CA GLU I 735 -4.80 20.79 1.24
C GLU I 735 -4.09 20.22 0.01
N CYS I 736 -4.75 20.24 -1.14
CA CYS I 736 -4.09 19.80 -2.37
C CYS I 736 -2.89 20.68 -2.69
N SER I 737 -3.04 22.00 -2.51
CA SER I 737 -1.91 22.89 -2.73
C SER I 737 -0.80 22.63 -1.73
N ASN I 738 -1.17 22.35 -0.47
CA ASN I 738 -0.15 22.05 0.53
C ASN I 738 0.64 20.80 0.15
N LEU I 739 -0.06 19.76 -0.33
CA LEU I 739 0.65 18.57 -0.78
C LEU I 739 1.51 18.85 -2.00
N LEU I 740 1.00 19.64 -2.94
CA LEU I 740 1.74 19.93 -4.16
C LEU I 740 3.00 20.73 -3.87
N LEU I 741 2.99 21.56 -2.82
CA LEU I 741 4.15 22.37 -2.51
C LEU I 741 5.40 21.54 -2.23
N GLN I 742 5.23 20.27 -1.85
CA GLN I 742 6.37 19.42 -1.57
C GLN I 742 7.11 18.97 -2.82
N TYR I 743 6.50 19.11 -4.00
CA TYR I 743 7.09 18.56 -5.20
C TYR I 743 8.16 19.46 -5.81
N GLY I 744 8.34 20.66 -5.29
CA GLY I 744 9.42 21.50 -5.77
C GLY I 744 8.99 22.64 -6.65
N SER I 745 9.76 22.92 -7.69
CA SER I 745 9.56 24.08 -8.55
C SER I 745 9.26 23.67 -9.99
N PHE I 746 8.41 22.66 -10.17
CA PHE I 746 8.03 22.25 -11.52
C PHE I 746 7.27 23.35 -12.24
N CYS I 747 6.37 24.02 -11.53
CA CYS I 747 5.43 24.91 -12.19
C CYS I 747 6.10 26.19 -12.66
N THR I 748 7.08 26.68 -11.92
CA THR I 748 7.81 27.86 -12.38
C THR I 748 8.49 27.58 -13.71
N GLN I 749 9.16 26.44 -13.82
CA GLN I 749 9.84 26.14 -15.08
C GLN I 749 8.86 25.83 -16.19
N LEU I 750 7.70 25.24 -15.88
CA LEU I 750 6.71 25.02 -16.92
C LEU I 750 6.20 26.34 -17.48
N ASN I 751 5.85 27.28 -16.59
CA ASN I 751 5.36 28.57 -17.06
C ASN I 751 6.44 29.31 -17.83
N ARG I 752 7.69 29.22 -17.38
CA ARG I 752 8.79 29.85 -18.12
C ARG I 752 8.91 29.26 -19.52
N ALA I 753 8.82 27.94 -19.63
CA ALA I 753 8.93 27.30 -20.93
C ALA I 753 7.82 27.76 -21.87
N LEU I 754 6.59 27.86 -21.36
CA LEU I 754 5.50 28.30 -22.22
C LEU I 754 5.64 29.76 -22.61
N THR I 755 6.08 30.61 -21.69
CA THR I 755 6.29 32.02 -22.00
C THR I 755 7.33 32.21 -23.09
N GLY I 756 8.35 31.35 -23.11
CA GLY I 756 9.34 31.45 -24.16
C GLY I 756 8.73 31.31 -25.54
N ILE I 757 7.87 30.31 -25.72
CA ILE I 757 7.19 30.12 -27.00
C ILE I 757 6.26 31.30 -27.28
N ALA I 758 5.57 31.78 -26.26
CA ALA I 758 4.65 32.90 -26.45
C ALA I 758 5.37 34.10 -27.03
N VAL I 759 6.56 34.41 -26.53
CA VAL I 759 7.32 35.53 -27.07
C VAL I 759 7.87 35.20 -28.46
N GLU I 760 8.33 33.96 -28.64
CA GLU I 760 8.95 33.59 -29.91
C GLU I 760 7.98 33.74 -31.07
N GLN I 761 6.69 33.56 -30.83
CA GLN I 761 5.72 33.72 -31.92
C GLN I 761 5.74 35.16 -32.46
N ASP I 762 5.69 36.13 -31.56
CA ASP I 762 5.74 37.53 -31.98
C ASP I 762 7.06 37.84 -32.66
N LYS I 763 8.16 37.27 -32.16
CA LYS I 763 9.44 37.49 -32.82
C LYS I 763 9.42 36.96 -34.25
N ASN I 764 8.81 35.79 -34.46
CA ASN I 764 8.72 35.22 -35.80
C ASN I 764 7.96 36.14 -36.73
N THR I 765 6.80 36.61 -36.29
CA THR I 765 6.02 37.48 -37.17
C THR I 765 6.78 38.77 -37.49
N GLN I 766 7.41 39.37 -36.48
CA GLN I 766 8.19 40.58 -36.71
C GLN I 766 9.30 40.34 -37.74
N GLU I 767 10.00 39.21 -37.62
CA GLU I 767 11.08 38.93 -38.54
C GLU I 767 10.57 38.75 -39.97
N VAL I 768 9.49 38.01 -40.14
CA VAL I 768 9.06 37.66 -41.49
C VAL I 768 8.44 38.86 -42.19
N PHE I 769 7.71 39.71 -41.48
CA PHE I 769 6.96 40.76 -42.17
C PHE I 769 7.61 42.13 -42.08
N ALA I 770 8.05 42.55 -40.89
CA ALA I 770 8.54 43.91 -40.68
C ALA I 770 9.93 44.04 -41.28
N GLN I 771 9.99 44.34 -42.57
CA GLN I 771 11.25 44.47 -43.28
C GLN I 771 11.37 45.77 -44.06
N VAL I 772 10.50 46.74 -43.83
CA VAL I 772 10.52 48.02 -44.53
C VAL I 772 10.60 49.14 -43.51
N LYS I 773 11.46 50.13 -43.79
CA LYS I 773 11.59 51.26 -42.88
C LYS I 773 10.41 52.21 -42.99
N GLN I 774 9.81 52.32 -44.18
CA GLN I 774 8.73 53.26 -44.42
C GLN I 774 7.54 52.53 -45.02
N ILE I 775 6.39 53.20 -45.01
CA ILE I 775 5.16 52.66 -45.57
C ILE I 775 4.94 53.36 -46.90
N TYR I 776 5.27 52.68 -48.00
CA TYR I 776 5.07 53.25 -49.31
C TYR I 776 3.59 53.23 -49.69
N LYS I 777 3.28 53.78 -50.85
CA LYS I 777 1.89 53.86 -51.28
C LYS I 777 1.84 54.12 -52.78
N THR I 778 0.97 53.40 -53.47
CA THR I 778 0.87 53.52 -54.91
C THR I 778 0.29 54.88 -55.30
N PRO I 779 0.61 55.38 -56.48
CA PRO I 779 0.01 56.63 -56.93
C PRO I 779 -1.49 56.45 -57.14
N PRO I 780 -2.27 57.53 -57.04
CA PRO I 780 -3.73 57.39 -57.16
C PRO I 780 -4.18 56.81 -58.49
N ILE I 781 -3.48 57.12 -59.57
CA ILE I 781 -3.84 56.63 -60.90
C ILE I 781 -3.06 55.36 -61.18
N LYS I 782 -3.55 54.58 -62.14
CA LYS I 782 -2.96 53.29 -62.48
C LYS I 782 -2.71 53.24 -63.99
N ASP I 783 -1.46 53.43 -64.38
CA ASP I 783 -1.04 53.41 -65.78
C ASP I 783 0.23 52.58 -65.94
N PHE I 784 0.24 51.37 -65.40
CA PHE I 784 1.43 50.54 -65.40
C PHE I 784 1.63 49.86 -66.76
N GLY I 785 1.70 50.68 -67.80
CA GLY I 785 2.06 50.21 -69.12
C GLY I 785 1.19 49.11 -69.68
N GLY I 786 -0.05 48.99 -69.22
CA GLY I 786 -0.96 47.97 -69.67
C GLY I 786 -1.13 46.81 -68.72
N PHE I 787 -0.24 46.67 -67.73
CA PHE I 787 -0.41 45.63 -66.72
C PHE I 787 -1.56 46.00 -65.79
N ASN I 788 -2.01 45.02 -65.02
CA ASN I 788 -3.20 45.20 -64.18
C ASN I 788 -3.00 44.45 -62.87
N PHE I 789 -2.88 45.21 -61.77
CA PHE I 789 -2.65 44.66 -60.45
C PHE I 789 -3.88 44.74 -59.56
N SER I 790 -5.06 44.91 -60.15
CA SER I 790 -6.26 45.17 -59.34
C SER I 790 -6.58 44.00 -58.42
N GLN I 791 -6.12 42.80 -58.76
CA GLN I 791 -6.42 41.64 -57.93
C GLN I 791 -5.65 41.68 -56.61
N ILE I 792 -4.43 42.19 -56.63
CA ILE I 792 -3.54 42.03 -55.48
C ILE I 792 -3.49 43.31 -54.64
N LEU I 793 -3.75 44.46 -55.26
CA LEU I 793 -3.67 45.71 -54.53
C LEU I 793 -4.84 45.84 -53.56
N PRO I 794 -4.68 46.62 -52.49
CA PRO I 794 -5.78 46.77 -51.54
C PRO I 794 -6.99 47.44 -52.17
N ASP I 795 -8.17 47.05 -51.71
CA ASP I 795 -9.43 47.52 -52.25
C ASP I 795 -10.17 48.36 -51.21
N PRO I 796 -10.41 49.65 -51.47
CA PRO I 796 -11.04 50.49 -50.43
C PRO I 796 -12.51 50.17 -50.20
N SER I 797 -13.29 49.96 -51.27
CA SER I 797 -14.73 49.77 -51.15
C SER I 797 -15.07 48.33 -50.75
N LYS I 798 -14.55 47.95 -49.59
CA LYS I 798 -14.54 46.58 -49.09
C LYS I 798 -14.25 46.64 -47.59
N PRO I 799 -14.13 45.53 -46.87
CA PRO I 799 -13.60 45.62 -45.51
C PRO I 799 -12.18 46.20 -45.52
N SER I 800 -11.64 46.38 -44.33
CA SER I 800 -10.67 47.42 -44.03
C SER I 800 -9.64 47.69 -45.12
N LYS I 801 -8.81 46.71 -45.44
CA LYS I 801 -7.75 46.94 -46.42
C LYS I 801 -7.48 45.77 -47.35
N ARG I 802 -8.14 44.64 -47.20
CA ARG I 802 -7.68 43.43 -47.84
C ARG I 802 -7.99 43.44 -49.34
N SER I 803 -7.06 42.89 -50.11
CA SER I 803 -7.27 42.67 -51.52
C SER I 803 -8.20 41.48 -51.72
N PRO I 804 -8.76 41.32 -52.93
CA PRO I 804 -9.65 40.17 -53.16
C PRO I 804 -9.05 38.83 -52.80
N ILE I 805 -7.77 38.60 -53.11
CA ILE I 805 -7.17 37.30 -52.83
C ILE I 805 -7.02 37.09 -51.33
N GLU I 806 -6.64 38.14 -50.60
CA GLU I 806 -6.53 38.01 -49.15
C GLU I 806 -7.89 37.72 -48.53
N ASP I 807 -8.95 38.35 -49.04
CA ASP I 807 -10.29 38.06 -48.54
C ASP I 807 -10.69 36.63 -48.83
N LEU I 808 -10.38 36.12 -50.02
CA LEU I 808 -10.68 34.73 -50.31
C LEU I 808 -9.93 33.81 -49.35
N LEU I 809 -8.67 34.14 -49.06
CA LEU I 809 -7.88 33.34 -48.14
C LEU I 809 -8.49 33.32 -46.75
N PHE I 810 -8.88 34.48 -46.23
CA PHE I 810 -9.47 34.51 -44.90
C PHE I 810 -10.81 33.79 -44.86
N ASN I 811 -11.62 33.93 -45.90
CA ASN I 811 -12.92 33.27 -45.90
C ASN I 811 -12.77 31.75 -45.96
N LYS I 812 -11.82 31.24 -46.74
CA LYS I 812 -11.72 29.81 -46.93
C LYS I 812 -11.26 29.10 -45.66
N VAL I 813 -10.35 29.70 -44.91
CA VAL I 813 -9.80 29.07 -43.71
C VAL I 813 -10.77 29.28 -42.55
N THR I 814 -11.22 28.17 -41.95
CA THR I 814 -12.14 28.21 -40.83
C THR I 814 -11.62 27.32 -39.71
N LEU I 815 -11.89 27.72 -38.48
CA LEU I 815 -11.46 26.97 -37.31
C LEU I 815 -12.53 25.97 -36.86
N ALA I 839 -10.28 28.39 -28.92
CA ALA I 839 -10.88 27.75 -27.76
C ALA I 839 -11.42 28.78 -26.78
N GLN I 840 -12.49 28.41 -26.08
CA GLN I 840 -13.13 29.32 -25.14
C GLN I 840 -12.48 29.22 -23.76
N LYS I 841 -13.02 29.95 -22.80
CA LYS I 841 -12.45 29.98 -21.47
C LYS I 841 -12.76 28.69 -20.73
N PHE I 842 -11.73 27.96 -20.34
CA PHE I 842 -11.82 26.71 -19.62
C PHE I 842 -11.13 26.86 -18.27
N ASN I 843 -10.93 25.74 -17.58
CA ASN I 843 -10.31 25.74 -16.26
C ASN I 843 -8.79 25.81 -16.40
N GLY I 844 -8.24 27.00 -16.17
CA GLY I 844 -6.81 27.18 -16.10
C GLY I 844 -6.12 27.48 -17.41
N LEU I 845 -6.83 27.45 -18.53
CA LEU I 845 -6.23 27.74 -19.81
C LEU I 845 -6.50 29.19 -20.20
N THR I 846 -5.59 29.76 -20.99
CA THR I 846 -5.74 31.13 -21.42
C THR I 846 -5.07 31.30 -22.77
N VAL I 847 -5.65 32.16 -23.60
CA VAL I 847 -5.11 32.46 -24.92
C VAL I 847 -4.70 33.92 -24.95
N LEU I 848 -3.47 34.19 -25.35
CA LEU I 848 -3.10 35.60 -25.40
C LEU I 848 -3.26 36.14 -26.81
N PRO I 849 -3.71 37.39 -26.96
CA PRO I 849 -3.90 37.94 -28.29
C PRO I 849 -2.55 38.17 -28.96
N PRO I 850 -2.49 38.06 -30.29
CA PRO I 850 -1.23 38.36 -30.98
C PRO I 850 -0.88 39.83 -30.86
N LEU I 851 0.42 40.12 -30.90
CA LEU I 851 0.86 41.48 -30.70
C LEU I 851 0.52 42.37 -31.89
N LEU I 852 0.53 41.82 -33.10
CA LEU I 852 0.23 42.56 -34.30
C LEU I 852 -1.15 42.15 -34.82
N THR I 853 -2.05 43.12 -34.94
CA THR I 853 -3.37 42.83 -35.47
C THR I 853 -3.30 42.64 -36.98
N ASP I 854 -4.38 42.10 -37.54
CA ASP I 854 -4.39 41.76 -38.96
C ASP I 854 -4.27 43.00 -39.84
N GLU I 855 -4.80 44.14 -39.38
CA GLU I 855 -4.70 45.36 -40.18
C GLU I 855 -3.25 45.78 -40.36
N MET I 856 -2.45 45.66 -39.31
CA MET I 856 -1.05 46.03 -39.43
C MET I 856 -0.31 45.11 -40.40
N ILE I 857 -0.62 43.82 -40.37
CA ILE I 857 0.00 42.90 -41.31
C ILE I 857 -0.38 43.25 -42.73
N ALA I 858 -1.66 43.57 -42.96
CA ALA I 858 -2.08 44.00 -44.28
C ALA I 858 -1.36 45.27 -44.70
N GLN I 859 -1.12 46.18 -43.76
CA GLN I 859 -0.39 47.40 -44.08
C GLN I 859 1.03 47.09 -44.52
N TYR I 860 1.71 46.20 -43.81
CA TYR I 860 3.06 45.79 -44.24
C TYR I 860 3.04 45.20 -45.64
N THR I 861 2.12 44.28 -45.91
CA THR I 861 2.11 43.64 -47.22
C THR I 861 1.81 44.66 -48.31
N SER I 862 0.91 45.60 -48.04
CA SER I 862 0.62 46.65 -49.02
C SER I 862 1.84 47.52 -49.26
N ALA I 863 2.58 47.85 -48.20
CA ALA I 863 3.79 48.65 -48.39
C ALA I 863 4.80 47.91 -49.26
N LEU I 864 5.02 46.63 -48.98
CA LEU I 864 5.97 45.86 -49.78
C LEU I 864 5.55 45.80 -51.24
N LEU I 865 4.25 45.55 -51.48
CA LEU I 865 3.77 45.44 -52.85
C LEU I 865 3.89 46.76 -53.60
N ALA I 866 3.54 47.87 -52.94
CA ALA I 866 3.67 49.17 -53.59
C ALA I 866 5.13 49.49 -53.89
N GLY I 867 6.02 49.18 -52.95
CA GLY I 867 7.43 49.43 -53.20
C GLY I 867 7.97 48.65 -54.37
N THR I 868 7.62 47.36 -54.46
CA THR I 868 8.15 46.56 -55.56
C THR I 868 7.48 46.88 -56.89
N ILE I 869 6.25 47.37 -56.89
CA ILE I 869 5.63 47.80 -58.14
C ILE I 869 6.29 49.08 -58.64
N THR I 870 6.50 50.05 -57.74
CA THR I 870 6.95 51.37 -58.17
C THR I 870 8.45 51.40 -58.41
N SER I 871 9.25 50.93 -57.45
CA SER I 871 10.68 51.24 -57.42
C SER I 871 11.58 50.04 -57.68
N GLY I 872 11.05 48.93 -58.17
CA GLY I 872 11.93 47.82 -58.49
C GLY I 872 12.49 47.18 -57.24
N TRP I 873 13.75 46.77 -57.31
CA TRP I 873 14.43 46.25 -56.12
C TRP I 873 15.27 47.30 -55.41
N THR I 874 15.37 48.52 -55.96
CA THR I 874 16.27 49.50 -55.35
C THR I 874 15.87 49.84 -53.93
N PHE I 875 14.58 49.79 -53.61
CA PHE I 875 14.16 50.12 -52.26
C PHE I 875 14.63 49.10 -51.24
N GLY I 876 15.08 47.93 -51.69
CA GLY I 876 15.65 46.96 -50.75
C GLY I 876 17.04 47.35 -50.27
N ALA I 877 17.83 47.95 -51.15
CA ALA I 877 19.22 48.28 -50.80
C ALA I 877 19.31 49.61 -50.07
N GLY I 878 18.92 50.69 -50.73
CA GLY I 878 19.03 52.01 -50.15
C GLY I 878 17.72 52.77 -50.20
N PRO I 879 17.75 53.94 -50.82
CA PRO I 879 16.52 54.74 -50.96
C PRO I 879 15.80 54.42 -52.25
N ALA I 880 14.47 54.55 -52.19
CA ALA I 880 13.63 54.16 -53.32
C ALA I 880 13.83 55.12 -54.49
N LEU I 881 14.07 54.56 -55.67
CA LEU I 881 14.20 55.32 -56.91
C LEU I 881 13.17 54.83 -57.90
N GLN I 882 12.38 55.75 -58.44
CA GLN I 882 11.27 55.36 -59.30
C GLN I 882 11.77 54.87 -60.65
N ILE I 883 10.93 54.12 -61.34
CA ILE I 883 11.27 53.49 -62.61
C ILE I 883 9.98 53.09 -63.32
N PRO I 884 9.82 53.37 -64.61
CA PRO I 884 8.63 52.91 -65.31
C PRO I 884 8.56 51.39 -65.32
N PHE I 885 7.36 50.86 -65.07
CA PHE I 885 7.23 49.40 -64.97
C PHE I 885 7.58 48.68 -66.26
N PRO I 886 7.08 49.08 -67.44
CA PRO I 886 7.49 48.39 -68.66
C PRO I 886 8.97 48.51 -68.94
N MET I 887 9.67 49.41 -68.26
CA MET I 887 11.11 49.50 -68.40
C MET I 887 11.84 48.70 -67.34
N GLN I 888 11.24 48.50 -66.16
CA GLN I 888 11.93 47.66 -65.19
C GLN I 888 11.80 46.20 -65.58
N MET I 889 10.66 45.79 -66.13
CA MET I 889 10.59 44.41 -66.60
C MET I 889 11.51 44.22 -67.80
N ALA I 890 11.78 45.29 -68.54
CA ALA I 890 12.57 45.18 -69.74
C ALA I 890 13.97 44.69 -69.44
N TYR I 891 14.59 45.17 -68.37
CA TYR I 891 15.85 44.60 -67.93
C TYR I 891 15.71 43.71 -66.71
N ARG I 892 14.49 43.32 -66.36
CA ARG I 892 14.35 42.09 -65.60
C ARG I 892 14.45 40.87 -66.50
N PHE I 893 14.07 40.99 -67.78
CA PHE I 893 14.48 39.96 -68.74
C PHE I 893 15.98 39.91 -68.90
N ASN I 894 16.65 41.05 -68.87
CA ASN I 894 18.08 41.07 -69.09
C ASN I 894 18.83 40.22 -68.08
N GLY I 895 18.22 39.96 -66.92
CA GLY I 895 18.85 39.07 -65.95
C GLY I 895 18.93 37.63 -66.41
N ILE I 896 17.89 37.14 -67.07
CA ILE I 896 17.82 35.72 -67.40
C ILE I 896 18.38 35.46 -68.79
N GLY I 897 19.04 36.46 -69.36
CA GLY I 897 19.78 36.27 -70.59
C GLY I 897 19.07 36.63 -71.88
N VAL I 898 17.82 37.06 -71.81
CA VAL I 898 17.08 37.50 -72.98
C VAL I 898 17.21 39.02 -73.10
N THR I 899 17.60 39.49 -74.28
CA THR I 899 17.87 40.91 -74.49
C THR I 899 16.59 41.73 -74.34
N GLN I 900 16.74 43.05 -74.39
CA GLN I 900 15.64 43.94 -74.06
C GLN I 900 14.57 43.95 -75.12
N ASN I 901 14.96 43.99 -76.40
CA ASN I 901 13.99 44.27 -77.46
C ASN I 901 12.87 43.26 -77.50
N VAL I 902 13.08 42.06 -76.95
CA VAL I 902 12.01 41.08 -76.90
C VAL I 902 10.79 41.64 -76.17
N LEU I 903 11.01 42.25 -75.00
CA LEU I 903 9.88 42.81 -74.27
C LEU I 903 9.29 44.01 -75.00
N TYR I 904 10.13 44.92 -75.46
CA TYR I 904 9.58 46.12 -76.08
C TYR I 904 8.83 45.82 -77.36
N GLU I 905 9.06 44.66 -77.96
CA GLU I 905 8.33 44.28 -79.16
C GLU I 905 7.25 43.24 -78.91
N ASN I 906 7.15 42.69 -77.70
CA ASN I 906 6.02 41.83 -77.38
C ASN I 906 5.29 42.29 -76.11
N GLN I 907 5.32 43.59 -75.82
CA GLN I 907 4.72 44.14 -74.61
C GLN I 907 3.25 43.75 -74.48
N LYS I 908 2.47 43.92 -75.54
CA LYS I 908 1.03 43.68 -75.43
C LYS I 908 0.74 42.22 -75.10
N LEU I 909 1.42 41.30 -75.79
CA LEU I 909 1.21 39.88 -75.53
C LEU I 909 1.64 39.52 -74.11
N ILE I 910 2.77 40.06 -73.66
CA ILE I 910 3.23 39.75 -72.30
C ILE I 910 2.23 40.25 -71.28
N ALA I 911 1.73 41.46 -71.46
CA ALA I 911 0.75 42.01 -70.53
C ALA I 911 -0.50 41.15 -70.49
N ASN I 912 -0.97 40.71 -71.66
CA ASN I 912 -2.17 39.87 -71.69
C ASN I 912 -1.94 38.56 -70.96
N GLN I 913 -0.78 37.93 -71.17
CA GLN I 913 -0.52 36.67 -70.49
C GLN I 913 -0.45 36.86 -68.98
N PHE I 914 0.19 37.94 -68.54
CA PHE I 914 0.29 38.22 -67.11
C PHE I 914 -1.08 38.41 -66.48
N ASN I 915 -1.91 39.24 -67.11
CA ASN I 915 -3.25 39.48 -66.59
C ASN I 915 -4.05 38.20 -66.55
N SER I 916 -3.98 37.39 -67.60
CA SER I 916 -4.75 36.15 -67.65
C SER I 916 -4.31 35.20 -66.55
N ALA I 917 -3.01 35.09 -66.30
CA ALA I 917 -2.53 34.18 -65.26
C ALA I 917 -3.01 34.61 -63.88
N ILE I 918 -2.91 35.91 -63.59
CA ILE I 918 -3.39 36.35 -62.28
C ILE I 918 -4.90 36.16 -62.18
N GLY I 919 -5.63 36.35 -63.27
CA GLY I 919 -7.05 36.04 -63.23
C GLY I 919 -7.31 34.59 -62.90
N LYS I 920 -6.53 33.69 -63.47
CA LYS I 920 -6.73 32.26 -63.23
C LYS I 920 -6.41 31.86 -61.80
N ILE I 921 -5.47 32.55 -61.15
CA ILE I 921 -4.95 32.02 -59.88
C ILE I 921 -6.04 31.98 -58.81
N GLN I 922 -6.91 32.99 -58.76
CA GLN I 922 -7.89 33.00 -57.68
C GLN I 922 -8.98 31.96 -57.90
N ASP I 923 -9.36 31.73 -59.16
CA ASP I 923 -10.27 30.62 -59.44
C ASP I 923 -9.63 29.29 -59.10
N SER I 924 -8.33 29.15 -59.35
CA SER I 924 -7.65 27.92 -58.96
C SER I 924 -7.70 27.72 -57.45
N LEU I 925 -7.50 28.80 -56.69
CA LEU I 925 -7.60 28.69 -55.24
C LEU I 925 -9.01 28.33 -54.80
N SER I 926 -10.02 29.02 -55.35
CA SER I 926 -11.37 28.89 -54.84
C SER I 926 -11.99 27.55 -55.22
N SER I 927 -11.83 27.13 -56.49
CA SER I 927 -12.52 25.94 -56.97
C SER I 927 -12.06 24.69 -56.23
N THR I 928 -10.76 24.56 -56.00
CA THR I 928 -10.26 23.42 -55.25
C THR I 928 -10.74 23.53 -53.81
N PRO I 929 -11.45 22.52 -53.30
CA PRO I 929 -12.04 22.65 -51.95
C PRO I 929 -11.03 22.86 -50.85
N SER I 930 -9.86 22.22 -50.94
CA SER I 930 -8.86 22.34 -49.88
C SER I 930 -7.47 22.24 -50.54
N ALA I 931 -6.92 23.39 -50.88
CA ALA I 931 -5.52 23.50 -51.26
C ALA I 931 -4.70 24.27 -50.24
N LEU I 932 -5.35 24.90 -49.27
CA LEU I 932 -4.62 25.57 -48.19
C LEU I 932 -3.76 24.56 -47.43
N GLY I 933 -4.37 23.48 -46.96
CA GLY I 933 -3.58 22.41 -46.38
C GLY I 933 -2.85 22.84 -45.13
N LYS I 934 -1.54 23.06 -45.28
CA LYS I 934 -0.66 23.28 -44.14
C LYS I 934 -1.21 24.33 -43.19
N LEU I 935 -1.64 25.48 -43.72
CA LEU I 935 -2.14 26.55 -42.88
C LEU I 935 -3.27 26.07 -41.97
N GLN I 936 -4.21 25.32 -42.53
CA GLN I 936 -5.26 24.73 -41.71
C GLN I 936 -4.71 23.65 -40.81
N ASP I 937 -3.84 22.79 -41.37
CA ASP I 937 -3.44 21.57 -40.69
C ASP I 937 -2.93 21.85 -39.29
N VAL I 938 -1.96 22.76 -39.18
CA VAL I 938 -1.34 23.04 -37.88
C VAL I 938 -2.40 23.38 -36.85
N VAL I 939 -3.38 24.20 -37.24
CA VAL I 939 -4.41 24.62 -36.28
C VAL I 939 -5.08 23.41 -35.67
N ASN I 940 -5.53 22.47 -36.53
CA ASN I 940 -6.19 21.28 -36.04
C ASN I 940 -5.33 20.61 -34.97
N GLN I 941 -4.05 20.39 -35.28
CA GLN I 941 -3.19 19.70 -34.35
C GLN I 941 -3.26 20.33 -32.98
N ASN I 942 -3.07 21.65 -32.92
CA ASN I 942 -3.07 22.32 -31.62
C ASN I 942 -4.36 22.02 -30.89
N ALA I 943 -5.49 22.26 -31.53
CA ALA I 943 -6.77 22.02 -30.89
C ALA I 943 -6.83 20.60 -30.36
N GLN I 944 -6.48 19.63 -31.21
CA GLN I 944 -6.57 18.24 -30.80
C GLN I 944 -5.77 18.01 -29.53
N ALA I 945 -4.52 18.46 -29.53
CA ALA I 945 -3.67 18.24 -28.36
C ALA I 945 -4.35 18.82 -27.13
N LEU I 946 -4.81 20.06 -27.24
CA LEU I 946 -5.39 20.71 -26.08
C LEU I 946 -6.57 19.92 -25.56
N ASN I 947 -7.40 19.39 -26.46
CA ASN I 947 -8.57 18.63 -26.03
C ASN I 947 -8.15 17.47 -25.14
N THR I 948 -7.13 16.72 -25.56
CA THR I 948 -6.72 15.57 -24.77
C THR I 948 -6.38 15.99 -23.35
N LEU I 949 -5.71 17.14 -23.21
CA LEU I 949 -5.36 17.63 -21.89
C LEU I 949 -6.60 17.72 -21.02
N VAL I 950 -7.64 18.37 -21.53
CA VAL I 950 -8.89 18.47 -20.77
C VAL I 950 -9.44 17.09 -20.49
N LYS I 951 -9.46 16.22 -21.49
CA LYS I 951 -9.98 14.88 -21.28
C LYS I 951 -9.10 14.05 -20.36
N GLN I 952 -7.88 14.49 -20.10
CA GLN I 952 -7.06 13.80 -19.12
C GLN I 952 -7.47 14.11 -17.70
N LEU I 953 -8.33 15.11 -17.50
CA LEU I 953 -8.66 15.54 -16.15
C LEU I 953 -9.58 14.55 -15.45
N SER I 954 -10.44 13.85 -16.21
CA SER I 954 -11.39 12.90 -15.64
C SER I 954 -10.82 11.50 -15.79
N SER I 955 -9.85 11.17 -14.94
CA SER I 955 -9.25 9.84 -14.92
C SER I 955 -8.98 9.45 -13.48
N ASN I 956 -9.36 8.22 -13.12
CA ASN I 956 -9.20 7.78 -11.74
C ASN I 956 -7.74 7.65 -11.36
N PHE I 957 -6.88 7.28 -12.31
CA PHE I 957 -5.45 7.12 -12.05
C PHE I 957 -5.20 6.13 -10.92
N GLY I 958 -6.02 5.08 -10.86
CA GLY I 958 -5.92 4.13 -9.78
C GLY I 958 -6.29 4.68 -8.42
N ALA I 959 -7.37 5.45 -8.33
CA ALA I 959 -7.85 5.99 -7.07
C ALA I 959 -9.34 5.75 -6.96
N ILE I 960 -9.93 6.22 -5.85
CA ILE I 960 -11.34 5.97 -5.58
C ILE I 960 -12.21 6.70 -6.59
N SER I 961 -11.96 7.99 -6.80
CA SER I 961 -12.81 8.79 -7.66
C SER I 961 -11.99 9.90 -8.31
N SER I 962 -12.54 10.44 -9.39
CA SER I 962 -11.87 11.46 -10.18
C SER I 962 -12.21 12.88 -9.76
N VAL I 963 -12.99 13.05 -8.71
CA VAL I 963 -13.37 14.37 -8.21
C VAL I 963 -12.69 14.57 -6.87
N LEU I 964 -11.93 15.66 -6.75
CA LEU I 964 -11.17 15.91 -5.54
C LEU I 964 -12.08 16.09 -4.33
N ASN I 965 -13.19 16.80 -4.51
CA ASN I 965 -14.10 17.06 -3.41
C ASN I 965 -14.68 15.77 -2.85
N ASP I 966 -15.02 14.82 -3.73
CA ASP I 966 -15.52 13.53 -3.29
C ASP I 966 -14.49 12.84 -2.39
N ILE I 967 -13.24 12.79 -2.84
CA ILE I 967 -12.20 12.11 -2.08
C ILE I 967 -12.02 12.76 -0.72
N LEU I 968 -11.93 14.10 -0.68
CA LEU I 968 -11.68 14.77 0.58
C LEU I 968 -12.87 14.67 1.52
N SER I 969 -14.10 14.67 1.00
CA SER I 969 -15.27 14.66 1.85
C SER I 969 -15.55 13.28 2.42
N ARG I 970 -15.37 12.23 1.63
CA ARG I 970 -15.81 10.90 2.06
C ARG I 970 -14.80 10.18 2.94
N LEU I 971 -13.64 10.77 3.23
CA LEU I 971 -12.62 10.06 3.99
C LEU I 971 -11.83 11.04 4.84
N ASP I 972 -11.15 10.49 5.84
CA ASP I 972 -10.28 11.30 6.69
C ASP I 972 -9.05 11.75 5.92
N PRO I 973 -8.49 12.90 6.27
CA PRO I 973 -7.31 13.41 5.56
C PRO I 973 -6.14 12.44 5.58
N PRO I 974 -5.78 11.84 6.74
CA PRO I 974 -4.63 10.93 6.73
C PRO I 974 -4.78 9.77 5.78
N GLU I 975 -5.99 9.25 5.62
CA GLU I 975 -6.20 8.18 4.65
C GLU I 975 -6.22 8.72 3.21
N ALA I 976 -6.91 9.83 2.98
CA ALA I 976 -7.12 10.34 1.62
C ALA I 976 -5.86 10.98 1.03
N GLU I 977 -4.84 11.21 1.84
CA GLU I 977 -3.62 11.82 1.34
C GLU I 977 -3.01 10.99 0.21
N VAL I 978 -3.08 9.66 0.31
CA VAL I 978 -2.48 8.79 -0.71
C VAL I 978 -3.20 8.96 -2.04
N GLN I 979 -4.54 8.98 -2.01
CA GLN I 979 -5.30 9.17 -3.24
C GLN I 979 -4.99 10.53 -3.85
N ILE I 980 -4.92 11.56 -3.01
CA ILE I 980 -4.58 12.89 -3.52
C ILE I 980 -3.22 12.85 -4.21
N ASP I 981 -2.26 12.15 -3.60
CA ASP I 981 -0.93 12.07 -4.20
C ASP I 981 -0.98 11.35 -5.55
N ARG I 982 -1.78 10.30 -5.66
CA ARG I 982 -1.87 9.59 -6.93
C ARG I 982 -2.41 10.50 -8.03
N LEU I 983 -3.47 11.25 -7.73
CA LEU I 983 -3.98 12.20 -8.71
C LEU I 983 -2.94 13.25 -9.07
N ILE I 984 -2.20 13.74 -8.07
CA ILE I 984 -1.17 14.73 -8.34
C ILE I 984 -0.16 14.19 -9.34
N THR I 985 0.33 12.98 -9.10
CA THR I 985 1.35 12.41 -9.99
C THR I 985 0.81 12.26 -11.40
N GLY I 986 -0.40 11.73 -11.54
CA GLY I 986 -0.95 11.53 -12.86
C GLY I 986 -1.08 12.83 -13.64
N ARG I 987 -1.69 13.83 -13.00
CA ARG I 987 -1.91 15.09 -13.70
C ARG I 987 -0.59 15.77 -14.04
N LEU I 988 0.38 15.72 -13.13
CA LEU I 988 1.68 16.33 -13.40
C LEU I 988 2.35 15.69 -14.60
N GLN I 989 2.31 14.35 -14.69
CA GLN I 989 2.91 13.69 -15.83
C GLN I 989 2.23 14.08 -17.13
N SER I 990 0.90 14.17 -17.12
CA SER I 990 0.19 14.58 -18.33
C SER I 990 0.61 15.98 -18.77
N LEU I 991 0.71 16.91 -17.82
CA LEU I 991 1.12 18.27 -18.16
C LEU I 991 2.53 18.29 -18.73
N GLN I 992 3.44 17.49 -18.14
CA GLN I 992 4.80 17.41 -18.67
C GLN I 992 4.80 16.98 -20.13
N THR I 993 4.04 15.94 -20.45
CA THR I 993 4.00 15.47 -21.83
C THR I 993 3.47 16.56 -22.76
N TYR I 994 2.42 17.25 -22.34
CA TYR I 994 1.87 18.30 -23.21
C TYR I 994 2.89 19.39 -23.49
N VAL I 995 3.60 19.84 -22.44
CA VAL I 995 4.57 20.91 -22.65
C VAL I 995 5.69 20.47 -23.57
N THR I 996 6.17 19.23 -23.40
CA THR I 996 7.23 18.74 -24.28
C THR I 996 6.77 18.72 -25.74
N GLN I 997 5.54 18.25 -25.98
CA GLN I 997 5.03 18.23 -27.34
C GLN I 997 4.95 19.64 -27.92
N GLN I 998 4.50 20.60 -27.12
CA GLN I 998 4.40 21.97 -27.61
C GLN I 998 5.77 22.52 -27.98
N LEU I 999 6.79 22.25 -27.16
CA LEU I 999 8.13 22.74 -27.48
C LEU I 999 8.61 22.17 -28.81
N ILE I 1000 8.43 20.85 -28.99
CA ILE I 1000 8.92 20.22 -30.21
C ILE I 1000 8.22 20.80 -31.42
N ARG I 1001 6.91 21.02 -31.34
CA ARG I 1001 6.20 21.60 -32.48
C ARG I 1001 6.65 23.02 -32.77
N ALA I 1002 6.86 23.82 -31.71
CA ALA I 1002 7.27 25.20 -31.91
C ALA I 1002 8.61 25.29 -32.61
N ALA I 1003 9.51 24.33 -32.35
CA ALA I 1003 10.79 24.34 -33.07
C ALA I 1003 10.58 24.27 -34.57
N GLU I 1004 9.73 23.35 -35.03
CA GLU I 1004 9.49 23.21 -36.45
C GLU I 1004 8.81 24.44 -37.03
N ILE I 1005 7.85 25.01 -36.30
CA ILE I 1005 7.21 26.23 -36.80
C ILE I 1005 8.24 27.35 -36.96
N ARG I 1006 9.17 27.47 -36.02
CA ARG I 1006 10.19 28.49 -36.13
C ARG I 1006 11.09 28.24 -37.33
N ALA I 1007 11.39 26.98 -37.63
CA ALA I 1007 12.16 26.66 -38.83
C ALA I 1007 11.44 27.14 -40.08
N SER I 1008 10.13 26.86 -40.17
CA SER I 1008 9.38 27.31 -41.33
C SER I 1008 9.34 28.83 -41.41
N ALA I 1009 9.24 29.50 -40.27
CA ALA I 1009 9.24 30.96 -40.27
C ALA I 1009 10.56 31.52 -40.80
N ASN I 1010 11.67 30.90 -40.40
CA ASN I 1010 12.96 31.33 -40.92
C ASN I 1010 13.04 31.15 -42.43
N LEU I 1011 12.56 30.01 -42.93
CA LEU I 1011 12.55 29.81 -44.37
C LEU I 1011 11.70 30.86 -45.07
N ALA I 1012 10.55 31.20 -44.48
CA ALA I 1012 9.69 32.22 -45.07
C ALA I 1012 10.40 33.57 -45.11
N ALA I 1013 11.10 33.92 -44.04
CA ALA I 1013 11.82 35.19 -44.01
C ALA I 1013 12.89 35.23 -45.09
N THR I 1014 13.63 34.13 -45.25
CA THR I 1014 14.60 34.06 -46.34
C THR I 1014 13.94 34.29 -47.68
N LYS I 1015 12.91 33.49 -47.99
CA LYS I 1015 12.25 33.63 -49.28
C LYS I 1015 11.75 35.04 -49.51
N MET I 1016 11.22 35.69 -48.46
CA MET I 1016 10.86 37.09 -48.57
C MET I 1016 12.04 37.92 -49.04
N SER I 1017 13.17 37.82 -48.34
CA SER I 1017 14.30 38.70 -48.63
C SER I 1017 14.85 38.49 -50.03
N GLU I 1018 15.17 37.24 -50.39
CA GLU I 1018 15.71 37.01 -51.73
C GLU I 1018 14.69 37.26 -52.83
N CYS I 1019 13.49 36.66 -52.73
CA CYS I 1019 12.62 36.65 -53.90
C CYS I 1019 11.78 37.91 -54.05
N VAL I 1020 11.32 38.53 -52.97
CA VAL I 1020 10.45 39.70 -53.14
C VAL I 1020 11.27 40.94 -53.42
N LEU I 1021 12.36 41.15 -52.68
CA LEU I 1021 13.16 42.35 -52.79
C LEU I 1021 14.22 42.28 -53.87
N GLY I 1022 14.25 41.21 -54.65
CA GLY I 1022 15.22 41.12 -55.73
C GLY I 1022 14.99 39.89 -56.58
N GLN I 1023 15.63 39.89 -57.74
CA GLN I 1023 15.63 38.73 -58.60
C GLN I 1023 16.54 37.65 -58.02
N SER I 1024 16.25 36.40 -58.34
CA SER I 1024 16.99 35.27 -57.80
C SER I 1024 17.58 34.43 -58.91
N LYS I 1025 18.75 33.84 -58.65
CA LYS I 1025 19.43 32.98 -59.61
C LYS I 1025 19.55 31.55 -59.13
N ARG I 1026 18.89 31.19 -58.04
CA ARG I 1026 18.91 29.83 -57.53
C ARG I 1026 17.75 29.05 -58.12
N VAL I 1027 18.06 27.93 -58.78
CA VAL I 1027 17.05 27.20 -59.53
C VAL I 1027 16.02 26.60 -58.58
N ASP I 1028 14.74 26.74 -58.93
CA ASP I 1028 13.62 26.18 -58.18
C ASP I 1028 13.56 26.67 -56.74
N PHE I 1029 14.18 27.80 -56.43
CA PHE I 1029 13.95 28.40 -55.13
C PHE I 1029 12.61 29.10 -55.06
N CYS I 1030 12.21 29.75 -56.16
CA CYS I 1030 10.91 30.40 -56.26
C CYS I 1030 10.28 30.02 -57.60
N GLY I 1031 9.34 29.10 -57.58
CA GLY I 1031 8.65 28.69 -58.78
C GLY I 1031 9.50 27.77 -59.63
N LYS I 1032 8.92 27.33 -60.75
CA LYS I 1032 9.59 26.48 -61.71
C LYS I 1032 9.82 27.30 -62.98
N GLY I 1033 11.07 27.36 -63.43
CA GLY I 1033 11.46 28.15 -64.57
C GLY I 1033 12.34 29.31 -64.15
N TYR I 1034 12.72 30.09 -65.14
CA TYR I 1034 13.48 31.31 -64.86
C TYR I 1034 12.60 32.29 -64.11
N HIS I 1035 13.19 32.98 -63.13
CA HIS I 1035 12.42 33.76 -62.17
C HIS I 1035 12.41 35.24 -62.57
N LEU I 1036 11.27 35.89 -62.34
CA LEU I 1036 11.12 37.30 -62.67
C LEU I 1036 10.84 38.18 -61.46
N MET I 1037 9.84 37.84 -60.65
CA MET I 1037 9.56 38.58 -59.42
C MET I 1037 8.54 37.80 -58.61
N SER I 1038 8.15 38.36 -57.48
CA SER I 1038 7.20 37.68 -56.59
C SER I 1038 6.36 38.72 -55.89
N PHE I 1039 5.18 38.30 -55.45
CA PHE I 1039 4.25 39.17 -54.76
C PHE I 1039 3.77 38.48 -53.49
N PRO I 1040 3.83 39.13 -52.33
CA PRO I 1040 3.38 38.51 -51.10
C PRO I 1040 1.92 38.81 -50.79
N GLN I 1041 1.31 37.90 -50.04
CA GLN I 1041 -0.05 38.09 -49.54
C GLN I 1041 -0.12 37.46 -48.16
N SER I 1042 -0.98 38.02 -47.31
CA SER I 1042 -1.07 37.52 -45.95
C SER I 1042 -2.04 36.35 -45.89
N ALA I 1043 -2.10 35.72 -44.72
CA ALA I 1043 -3.00 34.61 -44.48
C ALA I 1043 -3.27 34.57 -42.98
N PRO I 1044 -4.24 33.77 -42.53
CA PRO I 1044 -4.56 33.78 -41.09
C PRO I 1044 -3.37 33.53 -40.19
N HIS I 1045 -2.50 32.57 -40.54
CA HIS I 1045 -1.31 32.31 -39.73
C HIS I 1045 -0.12 32.03 -40.62
N GLY I 1046 0.05 32.81 -41.68
CA GLY I 1046 1.15 32.55 -42.59
C GLY I 1046 1.12 33.47 -43.78
N VAL I 1047 1.94 33.12 -44.76
CA VAL I 1047 2.15 33.96 -45.92
C VAL I 1047 1.98 33.13 -47.19
N VAL I 1048 1.60 33.80 -48.27
CA VAL I 1048 1.40 33.17 -49.58
C VAL I 1048 2.15 33.99 -50.61
N PHE I 1049 3.09 33.36 -51.29
CA PHE I 1049 3.83 34.01 -52.36
C PHE I 1049 3.24 33.65 -53.71
N LEU I 1050 3.28 34.62 -54.63
CA LEU I 1050 2.96 34.39 -56.03
C LEU I 1050 4.22 34.67 -56.83
N HIS I 1051 4.82 33.63 -57.40
CA HIS I 1051 6.04 33.75 -58.18
C HIS I 1051 5.70 33.88 -59.66
N VAL I 1052 6.30 34.84 -60.34
CA VAL I 1052 6.10 35.05 -61.76
C VAL I 1052 7.33 34.53 -62.49
N THR I 1053 7.13 33.59 -63.41
CA THR I 1053 8.24 32.90 -64.05
C THR I 1053 8.07 32.91 -65.57
N TYR I 1054 9.22 32.80 -66.23
CA TYR I 1054 9.34 32.81 -67.69
C TYR I 1054 9.67 31.40 -68.15
N VAL I 1055 8.80 30.81 -68.97
CA VAL I 1055 8.97 29.42 -69.40
C VAL I 1055 9.01 29.38 -70.92
N PRO I 1056 10.09 28.91 -71.54
CA PRO I 1056 10.14 28.85 -73.00
C PRO I 1056 9.28 27.72 -73.55
N ALA I 1057 8.97 27.82 -74.84
CA ALA I 1057 8.12 26.83 -75.51
C ALA I 1057 8.19 27.05 -77.01
N GLN I 1058 7.64 26.08 -77.75
CA GLN I 1058 7.65 26.06 -79.22
C GLN I 1058 9.09 25.99 -79.76
N GLU I 1059 9.77 24.92 -79.38
CA GLU I 1059 11.15 24.74 -79.80
C GLU I 1059 11.24 24.24 -81.22
N LYS I 1060 12.29 24.68 -81.91
CA LYS I 1060 12.61 24.21 -83.25
C LYS I 1060 14.08 23.81 -83.28
N ASN I 1061 14.40 22.78 -84.05
CA ASN I 1061 15.72 22.19 -84.00
C ASN I 1061 16.54 22.52 -85.24
N PHE I 1062 17.84 22.72 -85.04
CA PHE I 1062 18.77 23.12 -86.09
C PHE I 1062 20.05 22.33 -85.96
N THR I 1063 20.99 22.59 -86.86
CA THR I 1063 22.34 22.01 -86.82
C THR I 1063 23.35 23.09 -86.48
N THR I 1064 24.32 22.75 -85.65
CA THR I 1064 25.27 23.71 -85.11
C THR I 1064 26.69 23.39 -85.56
N ALA I 1065 27.64 24.10 -84.97
CA ALA I 1065 29.07 23.92 -85.19
C ALA I 1065 29.82 24.69 -84.12
N PRO I 1066 30.96 24.18 -83.64
CA PRO I 1066 31.68 24.89 -82.57
C PRO I 1066 32.13 26.29 -82.97
N ALA I 1067 32.86 26.42 -84.07
CA ALA I 1067 33.39 27.72 -84.46
C ALA I 1067 33.68 27.71 -85.95
N ILE I 1068 33.51 28.87 -86.57
CA ILE I 1068 33.74 28.99 -88.01
C ILE I 1068 35.23 29.07 -88.27
N CYS I 1069 35.67 28.69 -89.47
CA CYS I 1069 37.06 28.84 -89.88
C CYS I 1069 37.07 29.60 -91.21
N HIS I 1070 37.37 30.89 -91.14
CA HIS I 1070 37.42 31.73 -92.33
C HIS I 1070 38.78 32.39 -92.42
N ASP I 1071 39.31 32.47 -93.65
CA ASP I 1071 40.61 33.06 -93.92
C ASP I 1071 41.72 32.40 -93.12
N GLY I 1072 41.56 31.12 -92.79
CA GLY I 1072 42.54 30.41 -92.00
C GLY I 1072 42.49 30.67 -90.52
N LYS I 1073 41.54 31.47 -90.04
CA LYS I 1073 41.43 31.82 -88.62
C LYS I 1073 40.09 31.36 -88.09
N ALA I 1074 40.09 30.92 -86.84
CA ALA I 1074 38.88 30.39 -86.22
C ALA I 1074 38.13 31.49 -85.48
N HIS I 1075 36.86 31.67 -85.83
CA HIS I 1075 35.99 32.68 -85.24
C HIS I 1075 34.99 32.01 -84.31
N PHE I 1076 34.92 32.50 -83.08
CA PHE I 1076 33.99 32.05 -82.06
C PHE I 1076 32.94 33.12 -81.81
N PRO I 1077 31.77 32.76 -81.28
CA PRO I 1077 30.72 33.75 -81.06
C PRO I 1077 30.94 34.50 -79.76
N ARG I 1078 30.71 35.82 -79.80
CA ARG I 1078 30.89 36.62 -78.60
C ARG I 1078 29.87 36.26 -77.54
N GLU I 1079 28.60 36.15 -77.92
CA GLU I 1079 27.56 35.73 -76.99
C GLU I 1079 26.41 35.16 -77.83
N GLY I 1080 26.25 33.86 -77.78
CA GLY I 1080 25.25 33.17 -78.57
C GLY I 1080 25.85 31.93 -79.19
N VAL I 1081 25.08 31.31 -80.08
CA VAL I 1081 25.49 30.08 -80.74
C VAL I 1081 25.32 30.23 -82.24
N PHE I 1082 25.93 29.31 -82.97
CA PHE I 1082 25.79 29.24 -84.42
C PHE I 1082 24.68 28.26 -84.78
N VAL I 1083 23.86 28.63 -85.75
CA VAL I 1083 22.79 27.77 -86.22
C VAL I 1083 22.74 27.84 -87.73
N SER I 1084 22.02 26.90 -88.34
CA SER I 1084 21.90 26.85 -89.78
C SER I 1084 20.57 26.22 -90.15
N ASN I 1085 19.82 26.89 -91.02
CA ASN I 1085 18.53 26.38 -91.46
C ASN I 1085 18.66 25.41 -92.62
N GLY I 1086 19.88 25.08 -93.04
CA GLY I 1086 20.08 24.08 -94.06
C GLY I 1086 21.12 24.45 -95.09
N THR I 1087 21.19 25.72 -95.45
CA THR I 1087 22.18 26.20 -96.40
C THR I 1087 23.08 27.29 -95.82
N HIS I 1088 22.50 28.29 -95.16
CA HIS I 1088 23.25 29.42 -94.64
C HIS I 1088 23.45 29.27 -93.13
N TRP I 1089 24.31 30.12 -92.60
CA TRP I 1089 24.65 30.10 -91.18
C TRP I 1089 24.33 31.44 -90.54
N PHE I 1090 23.92 31.40 -89.27
CA PHE I 1090 23.52 32.58 -88.54
C PHE I 1090 23.99 32.46 -87.10
N VAL I 1091 24.02 33.59 -86.41
CA VAL I 1091 24.36 33.66 -84.99
C VAL I 1091 23.11 34.11 -84.25
N THR I 1092 22.76 33.38 -83.19
CA THR I 1092 21.55 33.69 -82.44
C THR I 1092 21.82 33.63 -80.95
N GLN I 1093 21.02 34.35 -80.18
CA GLN I 1093 21.13 34.27 -78.73
C GLN I 1093 20.57 32.94 -78.24
N ARG I 1094 20.92 32.59 -77.01
CA ARG I 1094 20.74 31.21 -76.56
C ARG I 1094 19.29 30.87 -76.23
N ASN I 1095 18.53 31.82 -75.66
CA ASN I 1095 17.20 31.52 -75.15
C ASN I 1095 16.09 31.94 -76.09
N PHE I 1096 16.41 32.38 -77.30
CA PHE I 1096 15.40 32.87 -78.23
C PHE I 1096 15.97 32.74 -79.62
N TYR I 1097 15.12 32.84 -80.62
CA TYR I 1097 15.54 32.68 -82.00
C TYR I 1097 15.34 34.01 -82.74
N GLU I 1098 16.43 34.76 -82.88
CA GLU I 1098 16.47 35.95 -83.72
C GLU I 1098 17.77 35.93 -84.51
N PRO I 1099 17.80 35.21 -85.62
CA PRO I 1099 19.06 35.03 -86.35
C PRO I 1099 19.59 36.35 -86.87
N GLN I 1100 20.92 36.44 -86.95
CA GLN I 1100 21.60 37.62 -87.45
C GLN I 1100 22.75 37.21 -88.33
N ILE I 1101 23.13 38.10 -89.25
CA ILE I 1101 24.24 37.82 -90.14
C ILE I 1101 25.54 37.78 -89.35
N ILE I 1102 26.40 36.83 -89.67
CA ILE I 1102 27.69 36.72 -89.00
C ILE I 1102 28.58 37.87 -89.44
N THR I 1103 28.95 38.73 -88.51
CA THR I 1103 29.84 39.84 -88.80
C THR I 1103 31.12 39.67 -88.00
N THR I 1104 31.98 40.69 -88.04
CA THR I 1104 33.23 40.66 -87.32
C THR I 1104 33.16 41.39 -85.98
N ASP I 1105 31.99 41.87 -85.58
CA ASP I 1105 31.85 42.52 -84.29
C ASP I 1105 31.01 41.73 -83.28
N ASN I 1106 30.30 40.69 -83.72
CA ASN I 1106 29.66 39.75 -82.82
C ASN I 1106 30.42 38.45 -82.70
N THR I 1107 31.64 38.40 -83.21
CA THR I 1107 32.50 37.23 -83.11
C THR I 1107 33.91 37.68 -82.77
N PHE I 1108 34.68 36.79 -82.15
CA PHE I 1108 36.06 37.08 -81.84
C PHE I 1108 36.96 35.97 -82.36
N VAL I 1109 38.17 36.35 -82.75
CA VAL I 1109 39.13 35.45 -83.37
C VAL I 1109 40.09 34.94 -82.31
N SER I 1110 40.60 33.72 -82.50
CA SER I 1110 41.59 33.15 -81.59
C SER I 1110 42.21 31.93 -82.23
N GLY I 1111 43.54 31.84 -82.15
CA GLY I 1111 44.21 30.62 -82.55
C GLY I 1111 44.21 30.40 -84.06
N ASN I 1112 44.40 29.13 -84.41
CA ASN I 1112 44.50 28.70 -85.80
C ASN I 1112 43.32 27.78 -86.14
N CYS I 1113 43.23 27.43 -87.42
CA CYS I 1113 42.05 26.73 -87.91
C CYS I 1113 42.02 25.28 -87.48
N ASP I 1114 43.17 24.59 -87.56
CA ASP I 1114 43.17 23.13 -87.49
C ASP I 1114 43.06 22.56 -86.09
N VAL I 1115 43.21 23.38 -85.04
CA VAL I 1115 43.22 22.84 -83.69
C VAL I 1115 41.84 22.35 -83.27
N VAL I 1116 40.80 23.12 -83.56
CA VAL I 1116 39.45 22.79 -83.12
C VAL I 1116 38.91 21.63 -83.94
N ILE I 1117 38.09 20.80 -83.31
CA ILE I 1117 37.50 19.64 -83.96
C ILE I 1117 36.02 19.92 -84.21
N GLY I 1118 35.60 19.82 -85.47
CA GLY I 1118 34.23 20.02 -85.84
C GLY I 1118 33.90 21.35 -86.47
N ILE I 1119 34.91 22.14 -86.83
CA ILE I 1119 34.65 23.45 -87.44
C ILE I 1119 34.02 23.28 -88.81
N VAL I 1120 33.48 24.39 -89.32
CA VAL I 1120 32.89 24.44 -90.65
C VAL I 1120 33.37 25.68 -91.36
N ASN I 1121 33.30 25.66 -92.68
CA ASN I 1121 33.76 26.76 -93.52
C ASN I 1121 32.58 27.68 -93.83
N ASN I 1122 32.80 28.98 -93.68
CA ASN I 1122 31.81 29.97 -94.07
C ASN I 1122 32.42 31.36 -93.99
N THR I 1123 31.97 32.25 -94.85
CA THR I 1123 32.50 33.61 -94.87
C THR I 1123 32.00 34.40 -93.67
N VAL I 1124 32.80 35.37 -93.24
CA VAL I 1124 32.44 36.28 -92.15
C VAL I 1124 32.38 37.68 -92.73
N TYR I 1125 31.17 38.25 -92.77
CA TYR I 1125 30.98 39.56 -93.37
C TYR I 1125 31.64 40.64 -92.52
N ASP I 1126 32.14 41.67 -93.18
CA ASP I 1126 32.81 42.79 -92.52
C ASP I 1126 32.08 44.08 -92.87
N PRO I 1127 31.74 44.91 -91.88
CA PRO I 1127 30.94 46.11 -92.17
C PRO I 1127 31.74 47.25 -92.77
N LEU I 1128 33.01 47.37 -92.37
CA LEU I 1128 33.83 48.48 -92.81
C LEU I 1128 34.27 48.35 -94.25
N GLN I 1129 34.32 47.12 -94.77
CA GLN I 1129 34.85 46.90 -96.11
C GLN I 1129 34.03 47.58 -97.19
N PRO I 1130 32.70 47.42 -97.26
CA PRO I 1130 31.96 48.15 -98.31
C PRO I 1130 32.08 49.65 -98.19
N GLU I 1131 32.09 50.17 -96.96
CA GLU I 1131 32.14 51.62 -96.77
C GLU I 1131 33.44 52.20 -97.27
N LEU I 1132 34.57 51.54 -96.98
CA LEU I 1132 35.82 52.03 -97.55
C LEU I 1132 35.95 51.68 -99.02
N ASP I 1133 35.23 50.65 -99.48
CA ASP I 1133 35.24 50.33 -100.91
C ASP I 1133 34.61 51.44 -101.72
N SER I 1134 33.50 51.99 -101.24
CA SER I 1134 32.87 53.10 -101.94
C SER I 1134 33.68 54.39 -101.83
N PHE I 1135 34.55 54.50 -100.83
CA PHE I 1135 35.28 55.73 -100.52
C PHE I 1135 36.75 55.43 -100.25
N LYS I 1136 37.35 54.67 -101.15
CA LYS I 1136 38.77 54.29 -101.04
C LYS I 1136 39.69 55.47 -100.79
C1 NAG J . -51.13 -25.73 45.39
C2 NAG J . -50.63 -27.01 46.06
C3 NAG J . -49.12 -27.00 46.12
C4 NAG J . -48.53 -26.83 44.72
C5 NAG J . -49.12 -25.57 44.07
C6 NAG J . -48.70 -25.41 42.63
C7 NAG J . -52.12 -28.07 47.71
C8 NAG J . -52.60 -28.08 49.13
N2 NAG J . -51.20 -27.15 47.40
O3 NAG J . -48.68 -28.23 46.70
O4 NAG J . -47.12 -26.71 44.78
O5 NAG J . -50.56 -25.63 44.08
O6 NAG J . -49.63 -26.01 41.74
O7 NAG J . -52.56 -28.86 46.87
C1 NAG J . -46.51 -27.99 44.53
C2 NAG J . -45.15 -27.81 43.86
C3 NAG J . -44.45 -29.16 43.70
C4 NAG J . -44.38 -29.89 45.03
C5 NAG J . -45.79 -30.01 45.62
C6 NAG J . -45.80 -30.64 47.00
C7 NAG J . -44.28 -26.51 41.96
C8 NAG J . -44.60 -25.89 40.63
N2 NAG J . -45.28 -27.16 42.57
O3 NAG J . -43.14 -28.97 43.19
O4 NAG J . -43.82 -31.19 44.86
O5 NAG J . -46.36 -28.71 45.77
O6 NAG J . -45.14 -29.82 47.96
O7 NAG J . -43.16 -26.44 42.46
C1 BMA J . -42.55 -31.21 45.55
C2 BMA J . -42.25 -32.68 45.95
C3 BMA J . -40.87 -32.74 46.61
C4 BMA J . -39.80 -32.03 45.76
C5 BMA J . -40.26 -30.60 45.43
C6 BMA J . -39.27 -29.85 44.53
O2 BMA J . -42.18 -33.50 44.80
O3 BMA J . -40.47 -34.09 46.87
O4 BMA J . -38.57 -31.98 46.46
O5 BMA J . -41.51 -30.67 44.75
O6 BMA J . -37.98 -29.94 45.12
C1 NAG K . -14.91 -13.19 65.14
C2 NAG K . -16.04 -14.21 65.28
C3 NAG K . -16.41 -14.78 63.91
C4 NAG K . -16.74 -13.65 62.94
C5 NAG K . -15.59 -12.65 62.90
C6 NAG K . -15.90 -11.43 62.05
C7 NAG K . -16.29 -15.48 67.36
C8 NAG K . -15.79 -16.63 68.18
N2 NAG K . -15.67 -15.28 66.19
O3 NAG K . -17.53 -15.64 64.05
O4 NAG K . -16.94 -14.18 61.64
O5 NAG K . -15.30 -12.16 64.22
O6 NAG K . -17.00 -10.71 62.58
O7 NAG K . -17.22 -14.78 67.73
C1 NAG K . -18.35 -14.12 61.32
C2 NAG K . -18.50 -13.98 59.80
C3 NAG K . -19.99 -13.98 59.42
C4 NAG K . -20.67 -15.21 59.99
C5 NAG K . -20.44 -15.29 61.50
C6 NAG K . -21.01 -16.54 62.12
C7 NAG K . -17.45 -12.60 58.06
C8 NAG K . -16.80 -11.27 57.74
N2 NAG K . -17.86 -12.76 59.32
O3 NAG K . -20.12 -13.97 58.00
O4 NAG K . -22.08 -15.14 59.74
O5 NAG K . -19.03 -15.31 61.76
O6 NAG K . -20.95 -17.65 61.23
O7 NAG K . -17.61 -13.46 57.20
C1 BMA K . -22.44 -16.13 58.75
C2 BMA K . -23.95 -16.42 58.90
C3 BMA K . -24.46 -17.29 57.74
C4 BMA K . -23.97 -16.75 56.38
C5 BMA K . -22.45 -16.59 56.40
C6 BMA K . -21.88 -16.07 55.08
O2 BMA K . -24.71 -15.22 58.85
O3 BMA K . -25.87 -17.40 57.74
O4 BMA K . -24.35 -17.63 55.33
O5 BMA K . -22.11 -15.66 57.44
O6 BMA K . -22.28 -16.95 54.04
C1 NAG L . -4.93 -45.38 50.57
C2 NAG L . -5.26 -44.86 51.97
C3 NAG L . -5.85 -43.46 51.87
C4 NAG L . -4.92 -42.54 51.08
C5 NAG L . -4.56 -43.17 49.73
C6 NAG L . -3.53 -42.38 48.96
C7 NAG L . -5.79 -46.84 53.33
C8 NAG L . -6.89 -47.64 53.96
N2 NAG L . -6.19 -45.76 52.65
O3 NAG L . -6.04 -42.94 53.18
O4 NAG L . -5.54 -41.29 50.85
O5 NAG L . -4.02 -44.48 49.93
O6 NAG L . -2.23 -42.92 49.15
O7 NAG L . -4.61 -47.16 53.41
C1 NAG L . -4.92 -40.30 51.69
C2 NAG L . -5.00 -38.94 51.00
C3 NAG L . -4.39 -37.87 51.89
C4 NAG L . -5.02 -37.89 53.27
C5 NAG L . -4.95 -39.30 53.87
C6 NAG L . -5.68 -39.42 55.18
C7 NAG L . -4.67 -38.17 48.70
C8 NAG L . -3.88 -38.34 47.43
N2 NAG L . -4.34 -38.97 49.71
O3 NAG L . -4.59 -36.58 51.30
O4 NAG L . -4.30 -37.00 54.14
O5 NAG L . -5.56 -40.23 52.96
O6 NAG L . -6.91 -38.70 55.16
O7 NAG L . -5.57 -37.33 48.80
C1 BMA L . -5.14 -35.86 54.44
C2 BMA L . -4.68 -35.31 55.82
C3 BMA L . -5.32 -33.95 56.09
C4 BMA L . -5.21 -33.01 54.88
C5 BMA L . -5.79 -33.71 53.65
C6 BMA L . -5.74 -32.84 52.40
O2 BMA L . -3.28 -35.12 55.84
O3 BMA L . -4.76 -33.33 57.25
O4 BMA L . -5.90 -31.80 55.13
O5 BMA L . -5.03 -34.89 53.41
O6 BMA L . -6.28 -31.56 52.72
C1 NAG M . 36.81 23.82 26.74
C2 NAG M . 37.35 25.15 26.26
C3 NAG M . 38.84 25.02 26.02
C4 NAG M . 39.53 24.55 27.30
C5 NAG M . 38.85 23.30 27.86
C6 NAG M . 39.36 22.91 29.23
C7 NAG M . 35.75 26.56 25.07
C8 NAG M . 35.45 27.18 26.40
N2 NAG M . 36.66 25.58 25.07
O3 NAG M . 39.33 26.29 25.60
O4 NAG M . 40.89 24.21 27.00
O5 NAG M . 37.42 23.47 27.99
O6 NAG M . 38.57 21.90 29.84
O7 NAG M . 35.18 26.92 24.04
C1 NAG M . 41.83 25.30 27.15
C2 NAG M . 42.84 25.22 26.00
C3 NAG M . 43.84 26.38 26.08
C4 NAG M . 43.09 27.70 26.11
C5 NAG M . 42.07 27.71 27.25
C6 NAG M . 41.21 28.95 27.26
C7 NAG M . 44.29 23.47 26.94
C8 NAG M . 44.90 22.12 26.71
N2 NAG M . 43.52 23.94 25.96
O3 NAG M . 44.71 26.33 24.97
O4 NAG M . 44.01 28.78 26.30
O5 NAG M . 41.18 26.60 27.13
O6 NAG M . 40.49 29.06 26.03
O7 NAG M . 44.49 24.10 27.98
C1 NAG N . 54.52 59.88 -69.79
C2 NAG N . 55.47 60.13 -68.63
C3 NAG N . 55.40 61.59 -68.19
C4 NAG N . 55.65 62.51 -69.39
C5 NAG N . 54.68 62.18 -70.51
C6 NAG N . 54.94 62.97 -71.77
C7 NAG N . 56.12 58.46 -66.97
C8 NAG N . 57.49 58.52 -67.56
N2 NAG N . 55.19 59.25 -67.52
O3 NAG N . 56.35 61.83 -67.18
O4 NAG N . 55.48 63.87 -68.99
O5 NAG N . 54.80 60.79 -70.86
O6 NAG N . 55.12 62.12 -72.89
O7 NAG N . 55.86 57.71 -66.02
C1 NAG N . 56.78 64.51 -69.07
C2 NAG N . 56.57 66.03 -69.07
C3 NAG N . 57.93 66.73 -69.09
C4 NAG N . 58.80 66.23 -67.94
C5 NAG N . 58.91 64.71 -67.98
C6 NAG N . 59.67 64.15 -66.80
C7 NAG N . 54.43 66.56 -70.12
C8 NAG N . 53.74 67.00 -71.38
N2 NAG N . 55.76 66.44 -70.19
O3 NAG N . 57.73 68.14 -68.98
O4 NAG N . 60.10 66.81 -68.05
O5 NAG N . 57.60 64.13 -67.95
O6 NAG N . 60.27 65.18 -66.04
O7 NAG N . 53.81 66.32 -69.09
C1 NAG O . 58.02 39.30 -73.22
C2 NAG O . 59.48 39.23 -73.60
C3 NAG O . 59.65 39.78 -75.02
C4 NAG O . 58.74 39.04 -75.99
C5 NAG O . 57.30 39.01 -75.48
C6 NAG O . 56.41 38.10 -76.29
C7 NAG O . 61.10 39.37 -71.79
C8 NAG O . 61.11 37.87 -71.81
N2 NAG O . 60.30 39.97 -72.67
O3 NAG O . 61.01 39.62 -75.41
O4 NAG O . 58.78 39.70 -77.24
O5 NAG O . 57.24 38.53 -74.13
O6 NAG O . 56.23 38.59 -77.61
O7 NAG O . 61.80 40.01 -70.99
C1 NAG O . 59.33 38.82 -78.25
C2 NAG O . 59.98 39.68 -79.33
C3 NAG O . 60.61 38.79 -80.39
C4 NAG O . 61.57 37.79 -79.76
C5 NAG O . 60.86 37.02 -78.65
C6 NAG O . 61.78 36.09 -77.89
C7 NAG O . 59.28 41.85 -80.23
C8 NAG O . 58.16 42.64 -80.84
N2 NAG O . 59.00 40.58 -79.93
O3 NAG O . 61.31 39.61 -81.32
O4 NAG O . 62.04 36.88 -80.74
O5 NAG O . 60.30 37.93 -77.69
O6 NAG O . 62.02 34.89 -78.62
O7 NAG O . 60.39 42.35 -80.01
C1 NAG P . 48.81 21.07 -67.55
C2 NAG P . 49.87 21.15 -68.62
C3 NAG P . 49.84 19.89 -69.49
C4 NAG P . 49.90 18.64 -68.63
C5 NAG P . 48.83 18.70 -67.54
C6 NAG P . 48.92 17.56 -66.55
C7 NAG P . 50.70 22.86 -70.17
C8 NAG P . 50.36 24.10 -70.94
N2 NAG P . 49.72 22.34 -69.43
O3 NAG P . 50.94 19.91 -70.39
O4 NAG P . 49.67 17.49 -69.44
O5 NAG P . 48.98 19.91 -66.78
O6 NAG P . 48.12 17.81 -65.40
O7 NAG P . 51.82 22.37 -70.19
C1 NAG P . 50.79 16.60 -69.34
C2 NAG P . 50.26 15.16 -69.48
C3 NAG P . 51.42 14.19 -69.39
C4 NAG P . 52.49 14.53 -70.42
C5 NAG P . 52.91 16.00 -70.29
C6 NAG P . 53.84 16.44 -71.39
C7 NAG P . 48.09 14.29 -68.77
C8 NAG P . 47.17 14.04 -67.62
N2 NAG P . 49.26 14.87 -68.47
O3 NAG P . 50.94 12.87 -69.62
O4 NAG P . 53.63 13.70 -70.23
O5 NAG P . 51.75 16.85 -70.36
O6 NAG P . 53.16 16.53 -72.64
O7 NAG P . 47.80 13.96 -69.91
C1 NAG Q . 54.51 50.81 -54.33
C2 NAG Q . 54.33 52.08 -55.13
C3 NAG Q . 55.69 52.69 -55.47
C4 NAG Q . 56.54 52.84 -54.22
C5 NAG Q . 56.58 51.54 -53.42
C6 NAG Q . 57.26 51.69 -52.07
C7 NAG Q . 52.39 52.41 -56.59
C8 NAG Q . 51.74 52.04 -57.89
N2 NAG Q . 53.57 51.83 -56.34
O3 NAG Q . 55.49 53.95 -56.09
O4 NAG Q . 57.88 53.15 -54.60
O5 NAG Q . 55.24 51.08 -53.15
O6 NAG Q . 57.30 53.05 -51.66
O7 NAG Q . 51.87 53.19 -55.80
C1 NAG Q . 58.16 54.55 -54.43
C2 NAG Q . 59.65 54.70 -54.20
C3 NAG Q . 60.03 56.18 -54.08
C4 NAG Q . 59.51 56.95 -55.28
C5 NAG Q . 58.02 56.70 -55.47
C6 NAG Q . 57.47 57.35 -56.72
C7 NAG Q . 61.10 53.13 -52.99
C8 NAG Q . 61.39 52.47 -51.67
N2 NAG Q . 60.07 53.98 -53.00
O3 NAG Q . 61.44 56.30 -53.99
O4 NAG Q . 59.74 58.34 -55.10
O5 NAG Q . 57.77 55.30 -55.58
O6 NAG Q . 57.12 58.71 -56.50
O7 NAG Q . 61.78 52.91 -53.99
C1 NAG R . 47.37 -40.30 15.22
C2 NAG R . 46.58 -41.05 16.28
C3 NAG R . 45.50 -40.14 16.85
C4 NAG R . 46.12 -38.84 17.36
C5 NAG R . 46.99 -38.20 16.28
C6 NAG R . 47.76 -37.00 16.78
C7 NAG R . 46.64 -43.44 15.74
C8 NAG R . 45.91 -44.59 15.15
N2 NAG R . 46.00 -42.26 15.75
O3 NAG R . 44.82 -40.82 17.90
O4 NAG R . 45.09 -37.92 17.72
O5 NAG R . 47.96 -39.14 15.79
O6 NAG R . 49.09 -37.35 17.13
O7 NAG R . 47.79 -43.55 16.18
C1 NAG R . 44.93 -37.93 19.15
C2 NAG R . 44.38 -36.57 19.59
C3 NAG R . 44.12 -36.57 21.10
C4 NAG R . 43.24 -37.75 21.49
C5 NAG R . 43.84 -39.05 20.97
C6 NAG R . 42.96 -40.25 21.23
C7 NAG R . 46.56 -35.38 19.66
C8 NAG R . 47.31 -34.19 19.15
N2 NAG R . 45.29 -35.49 19.22
O3 NAG R . 43.49 -35.34 21.46
O4 NAG R . 43.11 -37.81 22.90
O5 NAG R . 44.03 -38.97 19.55
O6 NAG R . 43.64 -41.47 20.91
O7 NAG R . 47.07 -36.20 20.42
C1 NAG S . 30.99 10.91 48.09
C2 NAG S . 31.27 10.79 46.59
C3 NAG S . 32.38 9.77 46.34
C4 NAG S . 33.61 10.12 47.17
C5 NAG S . 33.24 10.26 48.64
C6 NAG S . 34.39 10.75 49.49
C7 NAG S . 29.72 10.99 44.70
C8 NAG S . 28.45 10.49 44.08
N2 NAG S . 30.07 10.43 45.87
O3 NAG S . 32.70 9.75 44.95
O4 NAG S . 34.60 9.10 47.03
O5 NAG S . 32.20 11.23 48.77
O6 NAG S . 34.99 11.90 48.94
O7 NAG S . 30.41 11.86 44.17
C1 NAG S . 35.67 9.63 46.22
C2 NAG S . 36.98 8.92 46.57
C3 NAG S . 38.11 9.43 45.68
C4 NAG S . 37.73 9.28 44.22
C5 NAG S . 36.40 9.97 43.94
C6 NAG S . 35.91 9.76 42.54
C7 NAG S . 37.60 10.26 48.57
C8 NAG S . 37.94 10.18 50.03
N2 NAG S . 37.32 9.08 47.99
O3 NAG S . 39.30 8.70 45.98
O4 NAG S . 38.74 9.86 43.39
O5 NAG S . 35.39 9.44 44.81
O6 NAG S . 35.26 10.93 42.03
O7 NAG S . 37.59 11.31 47.96
C1 BMA S . 39.58 8.81 42.86
C2 BMA S . 40.48 9.41 41.76
C3 BMA S . 41.52 8.38 41.31
C4 BMA S . 42.25 7.74 42.52
C5 BMA S . 41.20 7.17 43.49
C6 BMA S . 41.82 6.57 44.74
O2 BMA S . 41.19 10.53 42.24
O3 BMA S . 42.48 8.94 40.43
O4 BMA S . 43.11 6.69 42.08
O5 BMA S . 40.35 8.23 43.90
O6 BMA S . 42.32 5.28 44.42
C1 MAN S . 42.47 8.17 39.21
C2 MAN S . 43.88 8.30 38.57
C3 MAN S . 44.08 9.71 38.01
C4 MAN S . 42.90 10.13 37.11
C5 MAN S . 41.60 10.00 37.91
C6 MAN S . 40.37 10.35 37.08
O2 MAN S . 44.03 7.42 37.45
O3 MAN S . 45.31 9.82 37.28
O4 MAN S . 43.06 11.47 36.68
O5 MAN S . 41.45 8.63 38.34
O6 MAN S . 40.64 11.56 36.38
C1 MAN S . 41.30 4.31 44.74
C2 MAN S . 41.63 3.72 46.15
C3 MAN S . 42.85 2.79 46.07
C4 MAN S . 42.70 1.78 44.93
C5 MAN S . 42.46 2.53 43.62
C6 MAN S . 42.28 1.60 42.43
O2 MAN S . 40.57 2.92 46.64
O3 MAN S . 43.07 2.12 47.30
O4 MAN S . 43.88 1.00 44.82
O5 MAN S . 41.26 3.30 43.74
O6 MAN S . 42.29 2.39 41.24
C1 NAG T . 10.52 61.76 -85.47
C2 NAG T . 9.23 62.56 -85.43
C3 NAG T . 8.20 61.97 -86.39
C4 NAG T . 8.79 61.85 -87.79
C5 NAG T . 10.13 61.10 -87.75
C6 NAG T . 10.85 61.10 -89.07
C7 NAG T . 8.33 61.60 -83.34
C8 NAG T . 7.80 61.91 -81.97
N2 NAG T . 8.69 62.65 -84.08
O3 NAG T . 7.04 62.80 -86.42
O4 NAG T . 7.90 61.14 -88.62
O5 NAG T . 11.02 61.73 -86.81
O6 NAG T . 10.85 62.40 -89.66
O7 NAG T . 8.43 60.44 -83.74
C1 NAG T . 7.42 61.99 -89.69
C2 NAG T . 6.09 61.44 -90.20
C3 NAG T . 5.51 62.34 -91.27
C4 NAG T . 5.43 63.78 -90.77
C5 NAG T . 6.79 64.24 -90.26
C6 NAG T . 6.77 65.62 -89.65
C7 NAG T . 7.01 59.72 -91.71
C8 NAG T . 7.01 58.26 -92.05
N2 NAG T . 6.23 60.07 -90.69
O3 NAG T . 4.21 61.89 -91.63
O4 NAG T . 5.02 64.65 -91.83
O5 NAG T . 7.24 63.34 -89.23
O6 NAG T . 5.81 66.44 -90.29
O7 NAG T . 7.69 60.53 -92.33
C1 NAG U . 22.11 69.74 -70.33
C2 NAG U . 22.07 71.24 -70.08
C3 NAG U . 22.72 71.98 -71.25
C4 NAG U . 24.13 71.46 -71.46
C5 NAG U . 24.12 69.94 -71.61
C6 NAG U . 25.51 69.35 -71.67
C7 NAG U . 20.22 72.10 -68.70
C8 NAG U . 21.19 72.04 -67.56
N2 NAG U . 20.70 71.70 -69.88
O3 NAG U . 22.74 73.37 -70.96
O4 NAG U . 24.69 72.02 -72.64
O5 NAG U . 23.46 69.33 -70.50
O6 NAG U . 26.07 69.48 -72.98
O7 NAG U . 19.07 72.49 -68.56
C1 NAG U . 25.53 73.17 -72.31
C2 NAG U . 26.99 72.73 -72.29
C3 NAG U . 27.45 72.34 -73.68
C4 NAG U . 27.28 73.51 -74.64
C5 NAG U . 25.87 74.12 -74.60
C6 NAG U . 24.85 73.34 -75.39
C7 NAG U . 27.91 74.06 -70.45
C8 NAG U . 28.84 75.18 -70.07
N2 NAG U . 27.84 73.77 -71.75
O3 NAG U . 26.70 71.22 -74.14
O4 NAG U . 28.23 74.53 -74.33
O5 NAG U . 25.36 74.27 -73.26
O6 NAG U . 25.47 72.45 -76.30
O7 NAG U . 27.28 73.44 -69.61
C1 NAG V . 29.85 62.54 -51.94
C2 NAG V . 30.32 63.88 -52.50
C3 NAG V . 31.63 64.29 -51.84
C4 NAG V . 31.50 64.27 -50.33
C5 NAG V . 30.97 62.91 -49.87
C6 NAG V . 30.68 62.84 -48.39
C7 NAG V . 30.28 64.82 -54.76
C8 NAG V . 30.50 64.56 -56.22
N2 NAG V . 30.49 63.78 -53.94
O3 NAG V . 31.97 65.60 -52.28
O4 NAG V . 32.77 64.49 -49.74
O5 NAG V . 29.73 62.63 -50.54
O6 NAG V . 29.80 61.77 -48.09
O7 NAG V . 29.94 65.92 -54.34
C1 NAG V . 32.72 65.61 -48.84
C2 NAG V . 33.90 65.48 -47.88
C3 NAG V . 33.93 66.67 -46.92
C4 NAG V . 33.90 67.98 -47.68
C5 NAG V . 32.73 68.00 -48.66
C6 NAG V . 32.72 69.22 -49.56
C7 NAG V . 34.88 63.37 -47.09
C8 NAG V . 34.66 62.13 -46.28
N2 NAG V . 33.86 64.23 -47.14
O3 NAG V . 35.12 66.60 -46.12
O4 NAG V . 33.78 69.07 -46.78
O5 NAG V . 32.79 66.86 -49.53
O6 NAG V . 34.03 69.52 -50.02
O7 NAG V . 35.94 63.60 -47.67
C1 NAG W . 45.35 53.53 -38.61
C2 NAG W . 46.33 54.70 -38.59
C3 NAG W . 46.99 54.82 -37.23
C4 NAG W . 45.94 54.87 -36.12
C5 NAG W . 44.97 53.71 -36.26
C6 NAG W . 43.81 53.79 -35.28
C7 NAG W . 48.23 53.62 -39.72
C8 NAG W . 49.17 53.69 -40.88
N2 NAG W . 47.32 54.59 -39.64
O3 NAG W . 47.80 55.98 -37.19
O4 NAG W . 46.58 54.78 -34.85
O5 NAG W . 44.39 53.69 -37.56
O6 NAG W . 43.80 52.67 -34.41
O7 NAG W . 48.29 52.71 -38.89
C1 NAG W . 46.57 56.05 -34.18
C2 NAG W . 47.17 55.88 -32.79
C3 NAG W . 47.26 57.22 -32.06
C4 NAG W . 48.00 58.24 -32.92
C5 NAG W . 47.36 58.32 -34.31
C6 NAG W . 48.13 59.23 -35.25
C7 NAG W . 45.13 55.09 -31.62
C8 NAG W . 44.54 53.98 -30.81
N2 NAG W . 46.41 54.91 -32.00
O3 NAG W . 47.94 57.04 -30.82
O4 NAG W . 47.95 59.52 -32.31
O5 NAG W . 47.34 57.02 -34.91
O6 NAG W . 49.21 58.53 -35.84
O7 NAG W . 44.48 56.09 -31.93
C1 NAG X . -44.47 25.66 -8.01
C2 NAG X . -45.17 25.66 -9.38
C3 NAG X . -45.65 27.07 -9.74
C4 NAG X . -46.55 27.59 -8.64
C5 NAG X . -45.76 27.64 -7.34
C6 NAG X . -46.59 28.10 -6.16
C7 NAG X . -44.77 24.44 -11.46
C8 NAG X . -43.74 23.97 -12.44
N2 NAG X . -44.31 25.14 -10.42
O3 NAG X . -46.34 27.05 -10.97
O4 NAG X . -47.14 28.85 -8.96
O5 NAG X . -45.31 26.31 -7.02
O6 NAG X . -46.85 27.02 -5.26
O7 NAG X . -45.96 24.20 -11.61
C1 NAG X . -46.21 29.93 -9.18
C2 NAG X . -46.83 30.85 -10.22
C3 NAG X . -45.92 32.05 -10.46
C4 NAG X . -45.62 32.75 -9.15
C5 NAG X . -45.05 31.75 -8.14
C6 NAG X . -44.84 32.35 -6.77
C7 NAG X . -48.23 29.49 -11.71
C8 NAG X . -48.32 28.82 -13.05
N2 NAG X . -47.08 30.14 -11.46
O3 NAG X . -46.57 32.95 -11.35
O4 NAG X . -44.67 33.79 -9.35
O5 NAG X . -45.95 30.66 -7.98
O6 NAG X . -45.02 31.37 -5.74
O7 NAG X . -49.14 29.45 -10.89
C1 NAG Y . -57.63 17.38 12.26
C2 NAG Y . -56.37 17.92 11.58
C3 NAG Y . -55.92 19.21 12.26
C4 NAG Y . -57.06 20.22 12.31
C5 NAG Y . -58.28 19.57 12.97
C6 NAG Y . -59.50 20.47 12.97
C7 NAG Y . -54.27 16.96 10.75
C8 NAG Y . -53.26 15.86 10.91
N2 NAG Y . -55.30 16.94 11.61
O3 NAG Y . -54.81 19.75 11.56
O4 NAG Y . -56.70 21.37 13.05
O5 NAG Y . -58.65 18.38 12.26
O6 NAG Y . -60.14 20.48 11.71
O7 NAG Y . -54.16 17.81 9.88
C1 NAG Y . -56.23 22.40 12.15
C2 NAG Y . -56.73 23.77 12.61
C3 NAG Y . -56.16 24.88 11.72
C4 NAG Y . -54.64 24.76 11.63
C5 NAG Y . -54.25 23.36 11.20
C6 NAG Y . -52.75 23.14 11.19
C7 NAG Y . -58.97 23.70 11.57
C8 NAG Y . -60.45 23.80 11.83
N2 NAG Y . -58.18 23.84 12.65
O3 NAG Y . -56.53 26.15 12.24
O4 NAG Y . -54.13 25.70 10.70
O5 NAG Y . -54.80 22.39 12.10
O6 NAG Y . -52.13 23.77 10.08
O7 NAG Y . -58.53 23.48 10.45
C1 BMA Y . -53.37 26.70 11.41
C2 BMA Y . -52.59 27.54 10.37
C3 BMA Y . -51.91 28.75 11.05
C4 BMA Y . -52.85 29.48 12.03
C5 BMA Y . -53.53 28.48 12.98
C6 BMA Y . -54.53 29.14 13.91
O2 BMA Y . -53.47 28.07 9.38
O3 BMA Y . -51.43 29.66 10.07
O4 BMA Y . -52.12 30.41 12.80
O5 BMA Y . -54.23 27.51 12.19
O6 BMA Y . -53.85 29.49 15.10
C1 MAN Y . -50.07 30.03 10.36
C2 MAN Y . -49.89 31.49 9.88
C3 MAN Y . -49.91 31.55 8.35
C4 MAN Y . -48.91 30.55 7.76
C5 MAN Y . -49.22 29.14 8.29
C6 MAN Y . -48.24 28.09 7.79
O2 MAN Y . -48.62 32.01 10.27
O3 MAN Y . -49.63 32.86 7.87
O4 MAN Y . -49.01 30.55 6.34
O5 MAN Y . -49.16 29.15 9.72
O6 MAN Y . -48.21 28.15 6.36
C1 MAN Y . -53.89 28.36 16.00
C2 MAN Y . -55.19 28.47 16.85
C3 MAN Y . -55.05 29.54 17.93
C4 MAN Y . -53.75 29.34 18.72
C5 MAN Y . -52.56 29.40 17.76
C6 MAN Y . -51.23 29.23 18.44
O2 MAN Y . -55.47 27.25 17.53
O3 MAN Y . -56.16 29.56 18.81
O4 MAN Y . -53.61 30.37 19.69
O5 MAN Y . -52.71 28.32 16.81
O6 MAN Y . -50.19 29.58 17.53
C1 NAG Z . 10.70 -41.28 -20.88
C2 NAG Z . 9.45 -41.66 -21.68
C3 NAG Z . 9.69 -42.94 -22.47
C4 NAG Z . 10.95 -42.82 -23.32
C5 NAG Z . 12.13 -42.38 -22.46
C6 NAG Z . 13.38 -42.11 -23.26
C7 NAG Z . 8.15 -42.72 -19.86
C8 NAG Z . 6.87 -42.68 -19.09
N2 NAG Z . 8.29 -41.80 -20.83
O3 NAG Z . 8.57 -43.21 -23.30
O4 NAG Z . 11.23 -44.09 -23.90
O5 NAG Z . 11.81 -41.17 -21.76
O6 NAG Z . 13.45 -40.75 -23.64
O7 NAG Z . 9.04 -43.53 -19.60
C1 NAG Z . 11.16 -44.01 -25.35
C2 NAG Z . 12.01 -45.16 -25.88
C3 NAG Z . 12.01 -45.14 -27.40
C4 NAG Z . 10.59 -45.14 -27.94
C5 NAG Z . 9.76 -44.04 -27.27
C6 NAG Z . 8.28 -44.11 -27.64
C7 NAG Z . 14.13 -46.17 -25.18
C8 NAG Z . 15.51 -45.93 -24.64
N2 NAG Z . 13.37 -45.09 -25.37
O3 NAG Z . 12.72 -46.29 -27.87
O4 NAG Z . 10.61 -44.87 -29.34
O5 NAG Z . 9.83 -44.13 -25.85
O6 NAG Z . 7.49 -44.40 -26.49
O7 NAG Z . 13.73 -47.30 -25.43
C1 BMA Z . 10.66 -46.08 -30.14
C2 BMA Z . 10.09 -45.72 -31.54
C3 BMA Z . 10.40 -46.84 -32.56
C4 BMA Z . 11.86 -47.29 -32.48
C5 BMA Z . 12.17 -47.71 -31.05
C6 BMA Z . 13.59 -48.21 -30.89
O2 BMA Z . 10.69 -44.54 -32.04
O3 BMA Z . 10.09 -46.42 -33.88
O4 BMA Z . 12.09 -48.36 -33.37
O5 BMA Z . 11.99 -46.57 -30.21
O6 BMA Z . 13.89 -49.10 -31.96
C1 NAG AA . 37.76 24.96 -95.82
C2 NAG AA . 37.77 23.43 -95.98
C3 NAG AA . 39.19 22.91 -96.04
C4 NAG AA . 39.99 23.65 -97.10
C5 NAG AA . 39.89 25.16 -96.90
C6 NAG AA . 40.54 25.94 -98.01
C7 NAG AA . 35.77 22.35 -95.06
C8 NAG AA . 35.15 21.72 -93.85
N2 NAG AA . 37.02 22.80 -94.91
O3 NAG AA . 39.18 21.52 -96.31
O4 NAG AA . 41.36 23.27 -97.01
O5 NAG AA . 38.51 25.56 -96.87
O6 NAG AA . 40.31 25.35 -99.28
O7 NAG AA . 35.16 22.46 -96.12
C1 NAG AA . 41.73 22.50 -98.17
C2 NAG AA . 43.25 22.48 -98.28
C3 NAG AA . 43.69 21.63 -99.46
C4 NAG AA . 43.07 20.24 -99.38
C5 NAG AA . 41.56 20.35 -99.22
C6 NAG AA . 40.89 19.01 -99.00
C7 NAG AA . 44.11 24.58 -97.34
C8 NAG AA . 44.64 25.94 -97.64
N2 NAG AA . 43.78 23.83 -98.39
O3 NAG AA . 45.11 21.54 -99.48
O4 NAG AA . 43.37 19.50 -100.56
O5 NAG AA . 41.24 21.15 -98.08
O6 NAG AA . 41.78 17.94 -99.29
O7 NAG AA . 43.96 24.18 -96.18
C1 NAG BA . 17.49 29.78 -94.89
C2 NAG BA . 16.49 29.52 -96.00
C3 NAG BA . 16.85 30.35 -97.23
C4 NAG BA . 16.97 31.83 -96.85
C5 NAG BA . 17.92 32.00 -95.67
C6 NAG BA . 17.94 33.42 -95.15
C7 NAG BA . 15.49 27.29 -95.88
C8 NAG BA . 15.58 25.86 -96.33
N2 NAG BA . 16.44 28.11 -96.33
O3 NAG BA . 15.85 30.18 -98.22
O4 NAG BA . 17.47 32.56 -97.97
O5 NAG BA . 17.51 31.17 -94.58
O6 NAG BA . 16.65 33.99 -95.13
O7 NAG BA . 14.60 27.68 -95.13
C1 NAG BA . 16.52 33.57 -98.35
C2 NAG BA . 16.63 33.79 -99.86
C3 NAG BA . 15.61 34.84 -100.32
C4 NAG BA . 14.21 34.44 -99.86
C5 NAG BA . 14.20 34.20 -98.35
C6 NAG BA . 12.87 33.70 -97.84
C7 NAG BA . 18.60 35.29 -99.84
C8 NAG BA . 19.98 35.50 -100.37
N2 NAG BA . 17.97 34.18 -100.25
O3 NAG BA . 15.64 34.94 -101.74
O4 NAG BA . 13.30 35.48 -100.17
O5 NAG BA . 15.18 33.21 -98.02
O6 NAG BA . 12.10 33.15 -98.90
O7 NAG BA . 18.07 36.08 -99.07
C1 NAG CA . 3.46 32.71 -79.02
C2 NAG CA . 3.10 33.13 -80.44
C3 NAG CA . 1.90 34.08 -80.44
C4 NAG CA . 0.74 33.46 -79.65
C5 NAG CA . 1.22 33.03 -78.28
C6 NAG CA . 0.17 32.28 -77.48
C7 NAG CA . 4.37 33.84 -82.43
C8 NAG CA . 5.61 34.53 -82.91
N2 NAG CA . 4.24 33.77 -81.10
O3 NAG CA . 1.49 34.33 -81.77
O4 NAG CA . -0.29 34.42 -79.50
O5 NAG CA . 2.34 32.12 -78.41
O6 NAG CA . 0.73 31.65 -76.34
O7 NAG CA . 3.54 33.37 -83.19
C1 NAG CA . -1.48 33.95 -80.16
C2 NAG CA . -2.67 34.71 -79.57
C3 NAG CA . -3.96 34.24 -80.24
C4 NAG CA . -3.84 34.39 -81.75
C5 NAG CA . -2.58 33.69 -82.27
C6 NAG CA . -2.33 33.93 -83.73
C7 NAG CA . -2.80 35.53 -77.27
C8 NAG CA . -2.88 35.17 -75.81
N2 NAG CA . -2.75 34.51 -78.13
O3 NAG CA . -5.04 35.02 -79.76
O4 NAG CA . -4.98 33.81 -82.38
O5 NAG CA . -1.43 34.17 -81.56
O6 NAG CA . -3.33 33.32 -84.53
O7 NAG CA . -2.78 36.70 -77.64
C1 NAG DA . -8.10 44.90 -64.10
C2 NAG DA . -9.02 45.77 -64.93
C3 NAG DA . -10.38 45.92 -64.25
C4 NAG DA . -10.95 44.55 -63.91
C5 NAG DA . -9.94 43.75 -63.10
C6 NAG DA . -10.40 42.34 -62.80
C7 NAG DA . -8.04 47.49 -66.37
C8 NAG DA . -7.45 48.87 -66.42
N2 NAG DA . -8.42 47.07 -65.17
O3 NAG DA . -11.26 46.61 -65.12
O4 NAG DA . -12.15 44.72 -63.14
O5 NAG DA . -8.72 43.64 -63.84
O6 NAG DA . -9.78 41.40 -63.67
O7 NAG DA . -8.16 46.80 -67.38
C1 NAG DA . -13.23 44.10 -63.88
C2 NAG DA . -14.53 44.29 -63.08
C3 NAG DA . -15.74 43.74 -63.84
C4 NAG DA . -15.76 44.28 -65.26
C5 NAG DA . -14.42 44.06 -65.95
C6 NAG DA . -14.36 44.68 -67.33
C7 NAG DA . -14.27 42.52 -61.29
C8 NAG DA . -14.10 41.44 -62.33
N2 NAG DA . -14.47 43.78 -61.71
O3 NAG DA . -16.93 44.09 -63.16
O4 NAG DA . -16.77 43.62 -66.01
O5 NAG DA . -13.37 44.67 -65.18
O6 NAG DA . -15.58 44.52 -68.02
O7 NAG DA . -14.24 42.25 -60.09
C1 NAG EA . 0.88 -55.73 -2.89
C2 NAG EA . 0.59 -54.41 -3.60
C3 NAG EA . -0.77 -54.48 -4.28
C4 NAG EA . -0.85 -55.69 -5.20
C5 NAG EA . -0.45 -56.96 -4.44
C6 NAG EA . -0.35 -58.18 -5.33
C7 NAG EA . 1.33 -52.18 -2.92
C8 NAG EA . 1.27 -51.12 -1.86
N2 NAG EA . 0.64 -53.29 -2.68
O3 NAG EA . -0.99 -53.29 -5.04
O4 NAG EA . -2.16 -55.84 -5.71
O5 NAG EA . 0.83 -56.80 -3.82
O6 NAG EA . 0.43 -57.91 -6.49
O7 NAG EA . 1.98 -52.02 -3.95
C1 NAG EA . -2.14 -55.55 -7.12
C2 NAG EA . -3.35 -56.19 -7.78
C3 NAG EA . -3.39 -55.87 -9.27
C4 NAG EA . -3.27 -54.37 -9.52
C5 NAG EA . -2.10 -53.78 -8.75
C6 NAG EA . -2.06 -52.28 -8.80
C7 NAG EA . -2.45 -58.49 -7.98
C8 NAG EA . -2.68 -59.93 -7.64
N2 NAG EA . -3.39 -57.63 -7.54
O3 NAG EA . -4.60 -56.38 -9.82
O4 NAG EA . -3.05 -54.13 -10.90
O5 NAG EA . -2.18 -54.13 -7.36
O6 NAG EA . -2.30 -51.81 -10.12
O7 NAG EA . -1.47 -58.12 -8.62
C1 BMA EA . -4.27 -53.91 -11.62
C2 BMA EA . -3.92 -53.02 -12.86
C3 BMA EA . -5.04 -53.05 -13.93
C4 BMA EA . -5.59 -54.47 -14.14
C5 BMA EA . -6.02 -55.05 -12.81
C6 BMA EA . -6.63 -56.44 -12.93
O2 BMA EA . -2.73 -53.47 -13.48
O3 BMA EA . -4.56 -52.53 -15.17
O4 BMA EA . -6.71 -54.43 -15.02
O5 BMA EA . -4.85 -55.15 -12.00
O6 BMA EA . -8.04 -56.31 -12.93
C1 MAN EA . -5.48 -51.52 -15.64
C2 MAN EA . -5.85 -51.91 -17.09
C3 MAN EA . -4.65 -51.69 -18.01
C4 MAN EA . -4.07 -50.28 -17.84
C5 MAN EA . -3.70 -50.06 -16.36
C6 MAN EA . -3.18 -48.67 -16.09
O2 MAN EA . -6.87 -51.05 -17.60
O3 MAN EA . -4.97 -51.92 -19.37
O4 MAN EA . -2.90 -50.13 -18.63
O5 MAN EA . -4.89 -50.24 -15.56
O6 MAN EA . -2.16 -48.37 -17.04
C1 MAN EA . -8.46 -55.94 -11.60
C2 MAN EA . -9.40 -57.07 -11.07
C3 MAN EA . -10.77 -57.01 -11.75
C4 MAN EA . -11.34 -55.58 -11.71
C5 MAN EA . -10.34 -54.63 -12.37
C6 MAN EA . -10.80 -53.18 -12.38
O2 MAN EA . -9.66 -56.90 -9.67
O3 MAN EA . -11.69 -57.92 -11.15
O4 MAN EA . -12.57 -55.53 -12.41
O5 MAN EA . -9.11 -54.68 -11.62
O6 MAN EA . -9.85 -52.41 -13.11
C1 NAG FA . 29.03 -27.24 -35.68
C2 NAG FA . 30.43 -27.11 -36.28
C3 NAG FA . 30.43 -27.56 -37.73
C4 NAG FA . 29.81 -28.94 -37.87
C5 NAG FA . 28.44 -28.97 -37.21
C6 NAG FA . 27.82 -30.36 -37.20
C7 NAG FA . 32.22 -25.44 -36.23
C8 NAG FA . 32.55 -23.99 -36.09
N2 NAG FA . 30.93 -25.75 -36.16
O3 NAG FA . 31.76 -27.58 -38.23
O4 NAG FA . 29.68 -29.29 -39.25
O5 NAG FA . 28.55 -28.57 -35.84
O6 NAG FA . 26.65 -30.40 -36.38
O7 NAG FA . 33.09 -26.29 -36.38
C1 NAG GA . 61.24 20.28 -24.03
C2 NAG GA . 62.47 19.46 -23.65
C3 NAG GA . 62.80 19.66 -22.18
C4 NAG GA . 62.96 21.16 -21.88
C5 NAG GA . 61.74 21.93 -22.36
C6 NAG GA . 61.90 23.43 -22.23
C7 NAG GA . 61.31 17.29 -23.40
C8 NAG GA . 61.27 15.85 -23.85
N2 NAG GA . 62.26 18.05 -23.94
O3 NAG GA . 64.02 18.98 -21.87
O4 NAG GA . 63.12 21.35 -20.48
O5 NAG GA . 61.50 21.66 -23.75
O6 NAG GA . 63.00 23.89 -23.00
O7 NAG GA . 60.50 17.73 -22.58
C1 NAG HA . 48.48 19.92 -7.05
C2 NAG HA . 48.34 21.44 -6.87
C3 NAG HA . 49.66 22.08 -6.45
C4 NAG HA . 50.26 21.36 -5.25
C5 NAG HA . 50.36 19.86 -5.55
C6 NAG HA . 50.86 19.05 -4.38
C7 NAG HA . 48.22 22.21 -9.28
C8 NAG HA . 49.54 21.54 -9.60
N2 NAG HA . 47.75 22.11 -8.03
O3 NAG HA . 49.45 23.45 -6.12
O4 NAG HA . 51.55 21.86 -4.94
O5 NAG HA . 49.06 19.34 -5.87
O6 NAG HA . 52.12 18.45 -4.68
O7 NAG HA . 47.60 22.81 -10.15
C1 NAG IA . 34.89 3.80 -70.37
C2 NAG IA . 35.14 3.11 -71.71
C3 NAG IA . 35.05 1.60 -71.56
C4 NAG IA . 35.96 1.11 -70.44
C5 NAG IA . 35.63 1.86 -69.16
C6 NAG IA . 36.54 1.50 -68.01
C7 NAG IA . 34.41 3.43 -74.02
C8 NAG IA . 33.33 3.98 -74.92
N2 NAG IA . 34.21 3.59 -72.71
O3 NAG IA . 35.44 0.98 -72.79
O4 NAG IA . 35.78 -0.28 -70.23
O5 NAG IA . 35.78 3.27 -69.37
O6 NAG IA . 36.81 0.10 -67.99
O7 NAG IA . 35.40 2.88 -74.48
C1 NAG JA . 58.09 36.87 -59.03
C2 NAG JA . 58.82 38.00 -59.75
C3 NAG JA . 60.34 37.84 -59.59
C4 NAG JA . 60.71 37.73 -58.12
C5 NAG JA . 59.92 36.60 -57.47
C6 NAG JA . 60.13 36.51 -55.98
C7 NAG JA . 58.65 39.14 -61.92
C8 NAG JA . 58.23 39.02 -63.36
N2 NAG JA . 58.47 38.06 -61.16
O3 NAG JA . 61.01 38.95 -60.17
O4 NAG JA . 62.09 37.47 -57.98
O5 NAG JA . 58.50 36.82 -57.66
O6 NAG JA . 59.07 35.83 -55.33
O7 NAG JA . 59.15 40.17 -61.48
C1 NAG KA . 52.00 -14.87 -7.17
C2 NAG KA . 52.00 -13.37 -6.86
C3 NAG KA . 53.33 -12.75 -7.26
C4 NAG KA . 54.49 -13.51 -6.63
C5 NAG KA . 54.38 -15.00 -6.96
C6 NAG KA . 55.42 -15.83 -6.25
C7 NAG KA . 50.68 -12.61 -8.81
C8 NAG KA . 49.47 -11.84 -9.24
N2 NAG KA . 50.88 -12.68 -7.48
O3 NAG KA . 53.36 -11.39 -6.85
O4 NAG KA . 55.72 -13.01 -7.12
O5 NAG KA . 53.10 -15.50 -6.53
O6 NAG KA . 54.96 -16.26 -4.97
O7 NAG KA . 51.44 -13.14 -9.61
C1 NAG LA . 25.20 -23.72 8.70
C2 NAG LA . 24.40 -24.23 9.90
C3 NAG LA . 23.27 -23.26 10.23
C4 NAG LA . 23.82 -21.86 10.43
C5 NAG LA . 24.66 -21.44 9.22
C6 NAG LA . 25.34 -20.10 9.40
C7 NAG LA . 24.31 -26.66 10.30
C8 NAG LA . 23.66 -27.94 9.91
N2 NAG LA . 23.87 -25.56 9.65
O3 NAG LA . 22.61 -23.69 11.41
O4 NAG LA . 22.75 -20.93 10.59
O5 NAG LA . 25.69 -22.41 8.98
O6 NAG LA . 24.53 -19.20 10.14
O7 NAG LA . 25.18 -26.59 11.16
C1 NAG MA . 21.67 -39.82 14.07
C2 NAG MA . 20.64 -38.71 13.85
C3 NAG MA . 20.76 -37.66 14.95
C4 NAG MA . 20.65 -38.32 16.33
C5 NAG MA . 21.69 -39.43 16.45
C6 NAG MA . 21.58 -40.20 17.74
C7 NAG MA . 20.28 -38.58 11.43
C8 NAG MA . 20.56 -37.82 10.17
N2 NAG MA . 20.82 -38.09 12.54
O3 NAG MA . 19.72 -36.69 14.79
O4 NAG MA . 20.87 -37.35 17.35
O5 NAG MA . 21.51 -40.38 15.38
O6 NAG MA . 22.35 -41.39 17.70
O7 NAG MA . 19.61 -39.61 11.43
C1 NAG NA . 45.53 -3.74 -39.01
C2 NAG NA . 44.79 -4.46 -40.13
C3 NAG NA . 45.71 -4.67 -41.32
C4 NAG NA . 46.33 -3.34 -41.76
C5 NAG NA . 47.00 -2.66 -40.56
C6 NAG NA . 47.54 -1.28 -40.89
C7 NAG NA . 43.00 -5.90 -39.27
C8 NAG NA . 42.63 -7.29 -38.82
N2 NAG NA . 44.26 -5.74 -39.67
O3 NAG NA . 44.97 -5.23 -42.40
O4 NAG NA . 47.30 -3.57 -42.77
O5 NAG NA . 46.06 -2.50 -39.50
O6 NAG NA . 47.62 -0.48 -39.72
O7 NAG NA . 42.19 -4.99 -39.27
C1 NAG OA . 46.23 -64.05 -4.56
C2 NAG OA . 47.14 -63.96 -3.34
C3 NAG OA . 46.79 -65.05 -2.33
C4 NAG OA . 45.31 -65.00 -1.99
C5 NAG OA . 44.49 -65.08 -3.26
C6 NAG OA . 43.00 -64.93 -3.01
C7 NAG OA . 49.41 -63.06 -3.54
C8 NAG OA . 50.82 -63.33 -4.00
N2 NAG OA . 48.54 -64.05 -3.73
O3 NAG OA . 47.57 -64.86 -1.15
O4 NAG OA . 44.97 -66.09 -1.13
O5 NAG OA . 44.86 -64.01 -4.15
O6 NAG OA . 42.24 -65.44 -4.10
O7 NAG OA . 49.09 -62.00 -3.01
C1 NAG PA . 34.21 43.70 6.64
C2 NAG PA . 34.05 45.20 6.45
C3 NAG PA . 35.39 45.84 6.10
C4 NAG PA . 36.43 45.48 7.15
C5 NAG PA . 36.51 43.97 7.33
C6 NAG PA . 37.43 43.55 8.44
C7 NAG PA . 31.78 45.74 5.68
C8 NAG PA . 30.90 46.02 4.51
N2 NAG PA . 33.06 45.49 5.42
O3 NAG PA . 35.23 47.25 6.03
O4 NAG PA . 37.70 45.96 6.75
O5 NAG PA . 35.20 43.45 7.65
O6 NAG PA . 38.62 44.33 8.44
O7 NAG PA . 31.35 45.73 6.84
C1 NAG QA . -8.59 62.31 -28.60
C2 NAG QA . -8.83 63.80 -28.34
C3 NAG QA . -10.08 63.99 -27.48
C4 NAG QA . -11.27 63.28 -28.11
C5 NAG QA . -10.92 61.82 -28.40
C6 NAG QA . -12.02 61.09 -29.14
C7 NAG QA . -7.15 64.06 -26.53
C8 NAG QA . -5.95 64.84 -26.07
N2 NAG QA . -7.67 64.43 -27.72
O3 NAG QA . -10.35 65.38 -27.36
O4 NAG QA . -12.39 63.34 -27.23
O5 NAG QA . -9.75 61.74 -29.21
O6 NAG QA . -11.59 60.69 -30.43
O7 NAG QA . -7.63 63.16 -25.86
C1 NAG RA . -18.76 44.83 -19.77
C2 NAG RA . -18.93 44.69 -21.27
C3 NAG RA . -19.88 45.76 -21.81
C4 NAG RA . -21.19 45.75 -21.04
C5 NAG RA . -20.93 45.86 -19.54
C6 NAG RA . -22.17 45.73 -18.70
C7 NAG RA . -17.27 43.90 -22.90
C8 NAG RA . -15.91 44.14 -23.48
N2 NAG RA . -17.64 44.77 -21.95
O3 NAG RA . -20.12 45.54 -23.20
O4 NAG RA . -22.01 46.83 -21.44
O5 NAG RA . -20.05 44.80 -19.14
O6 NAG RA . -22.17 44.53 -17.96
O7 NAG RA . -17.98 42.99 -23.26
C1 NAG SA . 2.75 58.60 -70.47
C2 NAG SA . 2.76 58.37 -71.98
C3 NAG SA . 2.04 59.51 -72.70
C4 NAG SA . 0.65 59.70 -72.11
C5 NAG SA . 0.74 59.89 -70.60
C6 NAG SA . -0.60 60.01 -69.94
C7 NAG SA . 4.60 57.16 -73.08
C8 NAG SA . 6.02 57.22 -73.51
N2 NAG SA . 4.13 58.25 -72.47
O3 NAG SA . 1.95 59.20 -74.08
O4 NAG SA . 0.03 60.84 -72.69
O5 NAG SA . 1.40 58.76 -70.02
O6 NAG SA . -0.68 61.16 -69.12
O7 NAG SA . 3.89 56.17 -73.27
C1 NAG TA . 12.20 65.40 -58.54
C2 NAG TA . 10.82 65.87 -59.02
C3 NAG TA . 9.93 66.18 -57.82
C4 NAG TA . 9.88 64.99 -56.87
C5 NAG TA . 11.29 64.57 -56.49
C6 NAG TA . 11.32 63.33 -55.63
C7 NAG TA . 10.96 66.96 -61.22
C8 NAG TA . 11.09 68.27 -61.94
N2 NAG TA . 10.95 67.04 -59.87
O3 NAG TA . 8.62 66.49 -58.28
O4 NAG TA . 9.16 65.34 -55.69
O5 NAG TA . 12.04 64.27 -57.68
O6 NAG TA . 10.19 63.27 -54.77
O7 NAG TA . 10.87 65.91 -61.81
C1 NAG UA . 19.89 53.12 -15.92
C2 NAG UA . 19.90 54.25 -16.95
C3 NAG UA . 19.41 53.72 -18.29
C4 NAG UA . 20.23 52.51 -18.72
C5 NAG UA . 20.25 51.46 -17.61
C6 NAG UA . 21.20 50.31 -17.92
C7 NAG UA . 19.60 56.37 -15.77
C8 NAG UA . 18.64 57.46 -15.41
N2 NAG UA . 19.10 55.37 -16.51
O3 NAG UA . 19.49 54.75 -19.27
O4 NAG UA . 19.69 51.95 -19.90
O5 NAG UA . 20.70 52.04 -16.38
O6 NAG UA . 22.48 50.53 -17.35
O7 NAG UA . 20.77 56.39 -15.42
C1 NAG VA . -7.23 48.79 43.35
C2 NAG VA . -7.71 47.88 42.22
C3 NAG VA . -8.50 46.70 42.80
C4 NAG VA . -7.68 45.99 43.88
C5 NAG VA . -7.17 46.99 44.92
C6 NAG VA . -6.25 46.37 45.93
C7 NAG VA . -9.66 49.22 41.52
C8 NAG VA . -10.31 49.92 40.35
N2 NAG VA . -8.50 48.61 41.25
O3 NAG VA . -8.82 45.80 41.75
O4 NAG VA . -8.50 45.02 44.52
O5 NAG VA . -6.45 48.04 44.28
O6 NAG VA . -4.90 46.38 45.46
O7 NAG VA . -10.16 49.24 42.63
C1 NAG WA . -35.35 24.23 -34.40
C2 NAG WA . -35.84 23.94 -35.82
C3 NAG WA . -36.20 25.24 -36.53
C4 NAG WA . -37.19 26.04 -35.72
C5 NAG WA . -36.65 26.26 -34.31
C6 NAG WA . -37.64 26.95 -33.40
C7 NAG WA . -35.14 22.42 -37.61
C8 NAG WA . -33.98 21.73 -38.27
N2 NAG WA . -34.84 23.20 -36.57
O3 NAG WA . -36.75 24.94 -37.82
O4 NAG WA . -37.43 27.31 -36.33
O5 NAG WA . -36.35 24.99 -33.71
O6 NAG WA . -38.97 26.52 -33.66
O7 NAG WA . -36.29 22.27 -38.00
C1 NAG XA . -0.90 -10.25 -66.11
C2 NAG XA . -1.43 -11.20 -67.18
C3 NAG XA . -1.25 -12.65 -66.74
C4 NAG XA . 0.20 -12.91 -66.34
C5 NAG XA . 0.65 -11.89 -65.31
C6 NAG XA . 2.11 -12.02 -64.94
C7 NAG XA . -3.83 -11.02 -66.62
C8 NAG XA . -5.20 -10.68 -67.16
N2 NAG XA . -2.82 -10.92 -67.50
O3 NAG XA . -1.63 -13.51 -67.81
O4 NAG XA . 0.32 -14.22 -65.81
O5 NAG XA . 0.46 -10.56 -65.81
O6 NAG XA . 2.91 -12.25 -66.10
O7 NAG XA . -3.66 -11.36 -65.46
C1 NAG YA . 0.98 -19.01 -47.05
C2 NAG YA . 2.31 -19.00 -47.78
C3 NAG YA . 2.26 -19.94 -48.99
C4 NAG YA . 1.80 -21.33 -48.57
C5 NAG YA . 0.49 -21.24 -47.80
C6 NAG YA . 0.05 -22.57 -47.23
C7 NAG YA . 3.92 -17.18 -48.08
C8 NAG YA . 4.13 -15.78 -48.55
N2 NAG YA . 2.67 -17.66 -48.19
O3 NAG YA . 3.54 -20.00 -49.59
O4 NAG YA . 1.61 -22.14 -49.72
O5 NAG YA . 0.63 -20.35 -46.68
O6 NAG YA . 0.70 -23.65 -47.89
O7 NAG YA . 4.83 -17.86 -47.63
C1 NAG ZA . 29.34 13.39 -85.38
C2 NAG ZA . 30.76 13.68 -85.88
C3 NAG ZA . 31.02 12.96 -87.20
C4 NAG ZA . 30.69 11.48 -87.08
C5 NAG ZA . 29.27 11.30 -86.55
C6 NAG ZA . 28.90 9.86 -86.31
C7 NAG ZA . 31.82 15.80 -85.28
C8 NAG ZA . 31.91 17.26 -85.57
N2 NAG ZA . 30.96 15.10 -86.03
O3 NAG ZA . 32.38 13.11 -87.55
O4 NAG ZA . 30.79 10.85 -88.35
O5 NAG ZA . 29.14 11.98 -85.28
O6 NAG ZA . 29.08 9.08 -87.49
O7 NAG ZA . 32.51 15.26 -84.41
C1 NAG AB . 15.74 17.94 -86.39
C2 NAG AB . 14.46 17.10 -86.37
C3 NAG AB . 14.41 16.20 -87.60
C4 NAG AB . 14.60 17.01 -88.87
C5 NAG AB . 15.87 17.87 -88.77
C6 NAG AB . 16.05 18.81 -89.95
C7 NAG AB . 13.28 16.20 -84.41
C8 NAG AB . 12.08 16.98 -84.88
N2 NAG AB . 14.38 16.30 -85.16
O3 NAG AB . 13.16 15.53 -87.65
O4 NAG AB . 14.72 16.15 -89.99
O5 NAG AB . 15.80 18.69 -87.60
O6 NAG AB . 17.03 19.78 -89.67
O7 NAG AB . 13.24 15.51 -83.39
C1 NAG BB . -32.72 -13.32 -41.16
C2 NAG BB . -31.28 -13.27 -41.68
C3 NAG BB . -31.21 -13.80 -43.11
C4 NAG BB . -31.84 -15.19 -43.20
C5 NAG BB . -33.25 -15.15 -42.62
C6 NAG BB . -33.90 -16.53 -42.56
C7 NAG BB . -29.44 -11.65 -41.48
C8 NAG BB . -29.07 -10.20 -41.44
N2 NAG BB . -30.75 -11.92 -41.61
O3 NAG BB . -29.85 -13.86 -43.53
O4 NAG BB . -31.88 -15.62 -44.55
O5 NAG BB . -33.22 -14.66 -41.27
O6 NAG BB . -34.37 -16.81 -41.25
O7 NAG BB . -28.61 -12.54 -41.41
C1 NAG CB . -33.21 -11.94 -8.55
C2 NAG CB . -32.58 -13.32 -8.38
C3 NAG CB . -31.31 -13.23 -7.53
C4 NAG CB . -30.37 -12.18 -8.09
C5 NAG CB . -31.09 -10.85 -8.27
C6 NAG CB . -30.24 -9.79 -8.94
C7 NAG CB . -34.09 -14.14 -6.60
C8 NAG CB . -35.03 -15.23 -6.20
N2 NAG CB . -33.52 -14.27 -7.81
O3 NAG CB . -30.66 -14.50 -7.51
O4 NAG CB . -29.26 -12.00 -7.22
O5 NAG CB . -32.25 -11.03 -9.09
O6 NAG CB . -29.80 -8.82 -7.99
O7 NAG CB . -33.86 -13.18 -5.86
C1 NAG DB . -17.09 14.16 -54.49
C2 NAG DB . -17.46 15.25 -55.48
C3 NAG DB . -16.40 15.31 -56.58
C4 NAG DB . -15.01 15.46 -55.97
C5 NAG DB . -14.77 14.41 -54.90
C6 NAG DB . -13.47 14.62 -54.15
C7 NAG DB . -19.90 15.49 -55.50
C8 NAG DB . -21.17 15.17 -56.23
N2 NAG DB . -18.78 15.03 -56.06
O3 NAG DB . -16.68 16.40 -57.45
O4 NAG DB . -14.02 15.33 -56.98
O5 NAG DB . -15.82 14.43 -53.92
O6 NAG DB . -13.16 15.99 -54.03
O7 NAG DB . -19.89 16.14 -54.46
C1 NAG EB . -47.98 -11.51 0.35
C2 NAG EB . -46.75 -11.26 1.23
C3 NAG EB . -45.90 -12.53 1.34
C4 NAG EB . -46.75 -13.69 1.81
C5 NAG EB . -47.95 -13.87 0.89
C6 NAG EB . -48.90 -14.95 1.36
C7 NAG EB . -45.05 -9.50 1.43
C8 NAG EB . -44.32 -8.39 0.72
N2 NAG EB . -45.95 -10.16 0.70
O3 NAG EB . -44.82 -12.31 2.25
O4 NAG EB . -45.98 -14.89 1.80
O5 NAG EB . -48.70 -12.65 0.85
O6 NAG EB . -50.24 -14.49 1.37
O7 NAG EB . -44.83 -9.77 2.60
C1 NAG FB . -56.87 -25.25 -19.97
C2 NAG FB . -55.54 -25.99 -19.91
C3 NAG FB . -55.34 -26.58 -18.52
C4 NAG FB . -55.50 -25.52 -17.46
C5 NAG FB . -56.83 -24.80 -17.62
C6 NAG FB . -57.00 -23.64 -16.67
C7 NAG FB . -54.75 -26.91 -22.05
C8 NAG FB . -54.00 -25.63 -22.21
N2 NAG FB . -55.47 -27.03 -20.93
O3 NAG FB . -54.03 -27.17 -18.44
O4 NAG FB . -55.44 -26.10 -16.16
O5 NAG FB . -56.92 -24.25 -18.95
O6 NAG FB . -56.78 -24.04 -15.32
O7 NAG FB . -54.71 -27.81 -22.89
#